data_2ML5
#
_entry.id   2ML5
#
_entity_poly.entity_id   1
_entity_poly.type   'polypeptide(L)'
_entity_poly.pdbx_seq_one_letter_code
;GDSELTTQDGEDFKSFLDKFTSSAAFQYTRVKFPLKTPITLLADDGETEKTFPFTKEKWPLLDSETMKEERITQEEGGIY
VSKFTLNEPKHKIFEAGYEESEVDLRVEFELQADGKWYVVDCYTGWYGYDLPIGELKQTIQNVKEENAAFKEIHP
;
_entity_poly.pdbx_strand_id   A
#
# COMPACT_ATOMS: atom_id res chain seq x y z
N GLY A 1 13.48 -11.22 -25.98
CA GLY A 1 12.30 -11.98 -25.56
C GLY A 1 12.59 -13.47 -25.58
N ASP A 2 11.61 -14.26 -25.12
CA ASP A 2 11.76 -15.66 -24.77
C ASP A 2 12.82 -15.89 -23.67
N SER A 3 13.07 -17.15 -23.29
CA SER A 3 13.57 -17.55 -21.98
C SER A 3 12.66 -16.97 -20.88
N GLU A 4 13.09 -17.17 -19.64
CA GLU A 4 12.65 -16.46 -18.46
C GLU A 4 13.86 -16.47 -17.49
N LEU A 5 13.87 -15.62 -16.47
CA LEU A 5 14.74 -15.77 -15.31
C LEU A 5 13.89 -15.47 -14.08
N THR A 6 13.84 -16.40 -13.13
CA THR A 6 13.04 -16.33 -11.91
C THR A 6 13.78 -16.91 -10.70
N THR A 7 15.02 -17.36 -10.94
CA THR A 7 15.85 -18.11 -10.01
C THR A 7 15.01 -19.21 -9.32
N GLN A 8 15.54 -19.77 -8.23
CA GLN A 8 15.08 -21.03 -7.66
C GLN A 8 14.89 -20.94 -6.14
N ASP A 9 14.75 -19.73 -5.60
CA ASP A 9 14.65 -19.47 -4.17
C ASP A 9 13.67 -18.32 -3.84
N GLY A 10 12.86 -17.92 -4.83
CA GLY A 10 11.95 -16.79 -4.77
C GLY A 10 12.55 -15.59 -5.49
N GLU A 11 11.67 -14.82 -6.14
CA GLU A 11 12.01 -13.68 -6.99
C GLU A 11 12.71 -12.56 -6.21
N ASP A 12 13.41 -11.67 -6.91
CA ASP A 12 14.00 -10.46 -6.31
C ASP A 12 12.89 -9.51 -5.89
N PHE A 13 13.18 -8.65 -4.90
CA PHE A 13 12.43 -7.43 -4.63
C PHE A 13 12.26 -6.67 -5.95
N LYS A 14 13.37 -6.29 -6.56
CA LYS A 14 13.37 -5.34 -7.67
C LYS A 14 12.62 -5.92 -8.86
N SER A 15 12.70 -7.22 -9.09
CA SER A 15 12.04 -7.94 -10.18
C SER A 15 10.52 -7.81 -10.08
N PHE A 16 9.91 -8.05 -8.91
CA PHE A 16 8.46 -7.91 -8.82
C PHE A 16 8.06 -6.44 -8.75
N LEU A 17 8.85 -5.63 -8.03
CA LEU A 17 8.54 -4.23 -7.79
C LEU A 17 8.55 -3.45 -9.12
N ASP A 18 9.37 -3.85 -10.08
CA ASP A 18 9.47 -3.20 -11.39
C ASP A 18 8.12 -3.15 -12.11
N LYS A 19 7.43 -4.28 -12.23
CA LYS A 19 6.08 -4.33 -12.78
C LYS A 19 5.06 -3.79 -11.80
N PHE A 20 5.31 -3.82 -10.48
CA PHE A 20 4.39 -3.21 -9.51
C PHE A 20 4.20 -1.74 -9.84
N THR A 21 5.27 -0.96 -10.00
CA THR A 21 5.14 0.47 -10.24
C THR A 21 4.62 0.79 -11.64
N SER A 22 4.76 -0.14 -12.60
CA SER A 22 4.62 0.16 -14.02
C SER A 22 3.59 -0.75 -14.72
N SER A 23 2.70 -1.42 -13.98
CA SER A 23 1.55 -2.07 -14.59
C SER A 23 0.42 -2.15 -13.57
N ALA A 24 -0.63 -1.37 -13.84
CA ALA A 24 -1.89 -1.38 -13.13
C ALA A 24 -2.46 -2.79 -13.15
N ALA A 25 -2.65 -3.36 -14.34
CA ALA A 25 -3.33 -4.64 -14.52
C ALA A 25 -2.66 -5.77 -13.76
N PHE A 26 -1.35 -5.66 -13.52
CA PHE A 26 -0.59 -6.66 -12.81
C PHE A 26 -0.65 -6.47 -11.29
N GLN A 27 -0.88 -5.25 -10.75
CA GLN A 27 -0.95 -5.05 -9.30
C GLN A 27 -1.99 -6.00 -8.68
N TYR A 28 -3.15 -6.12 -9.31
CA TYR A 28 -4.25 -7.03 -8.94
C TYR A 28 -3.84 -8.51 -8.85
N THR A 29 -2.67 -8.92 -9.36
CA THR A 29 -2.26 -10.34 -9.39
C THR A 29 -1.33 -10.73 -8.22
N ARG A 30 -1.04 -9.82 -7.27
CA ARG A 30 -0.04 -10.06 -6.23
C ARG A 30 -0.41 -9.46 -4.87
N VAL A 31 -1.64 -9.65 -4.38
CA VAL A 31 -2.10 -9.00 -3.14
C VAL A 31 -2.89 -10.00 -2.30
N LYS A 32 -2.69 -9.99 -0.97
CA LYS A 32 -3.55 -10.72 -0.04
C LYS A 32 -4.68 -9.79 0.38
N PHE A 33 -5.83 -10.35 0.78
CA PHE A 33 -6.94 -9.59 1.36
C PHE A 33 -7.59 -10.47 2.43
N PRO A 34 -8.02 -9.95 3.59
CA PRO A 34 -8.31 -8.56 3.94
C PRO A 34 -7.12 -7.62 4.18
N LEU A 35 -5.90 -8.15 4.14
CA LEU A 35 -4.60 -7.58 4.54
C LEU A 35 -4.48 -7.60 6.07
N LYS A 36 -3.33 -7.14 6.57
CA LYS A 36 -3.17 -6.93 8.02
C LYS A 36 -4.04 -5.75 8.44
N THR A 37 -4.08 -4.76 7.57
CA THR A 37 -4.72 -3.47 7.70
C THR A 37 -6.12 -3.48 7.07
N PRO A 38 -7.19 -3.90 7.78
CA PRO A 38 -8.54 -3.66 7.29
C PRO A 38 -8.83 -2.16 7.31
N ILE A 39 -9.93 -1.75 6.67
CA ILE A 39 -10.52 -0.44 6.93
C ILE A 39 -11.29 -0.60 8.23
N THR A 40 -11.18 0.39 9.12
CA THR A 40 -11.80 0.45 10.43
C THR A 40 -12.40 1.85 10.55
N LEU A 41 -13.74 1.94 10.48
CA LEU A 41 -14.46 3.21 10.56
C LEU A 41 -15.12 3.25 11.93
N LEU A 42 -14.96 4.36 12.65
CA LEU A 42 -15.75 4.72 13.80
C LEU A 42 -17.20 4.84 13.34
N ALA A 43 -18.05 4.01 13.94
CA ALA A 43 -19.47 3.90 13.67
C ALA A 43 -20.26 5.16 14.00
N ASP A 44 -21.58 5.05 13.90
CA ASP A 44 -22.55 6.02 14.39
C ASP A 44 -22.50 6.17 15.91
N ASP A 45 -21.91 5.23 16.64
CA ASP A 45 -21.80 5.22 18.11
C ASP A 45 -20.77 6.22 18.66
N GLY A 46 -19.91 6.76 17.80
CA GLY A 46 -18.73 7.55 18.16
C GLY A 46 -17.72 6.85 19.08
N GLU A 47 -17.86 5.56 19.41
CA GLU A 47 -16.84 4.75 20.09
C GLU A 47 -16.62 3.37 19.46
N THR A 48 -17.57 2.85 18.68
CA THR A 48 -17.55 1.52 18.09
C THR A 48 -16.69 1.53 16.81
N GLU A 49 -15.50 0.96 16.88
CA GLU A 49 -14.68 0.61 15.73
C GLU A 49 -15.41 -0.52 15.00
N LYS A 50 -15.70 -0.36 13.70
CA LYS A 50 -16.32 -1.40 12.86
C LYS A 50 -15.49 -1.53 11.60
N THR A 51 -14.97 -2.72 11.32
CA THR A 51 -14.19 -2.94 10.11
C THR A 51 -15.10 -3.08 8.90
N PHE A 52 -14.50 -3.01 7.70
CA PHE A 52 -15.14 -3.22 6.41
C PHE A 52 -14.28 -4.11 5.51
N PRO A 53 -14.85 -4.72 4.46
CA PRO A 53 -14.12 -5.55 3.51
C PRO A 53 -13.05 -4.74 2.79
N PHE A 54 -11.79 -5.16 2.92
CA PHE A 54 -10.73 -4.73 2.01
C PHE A 54 -10.79 -5.65 0.78
N THR A 55 -10.93 -5.08 -0.41
CA THR A 55 -10.84 -5.79 -1.69
C THR A 55 -10.38 -4.83 -2.81
N LYS A 56 -10.31 -5.35 -4.03
CA LYS A 56 -9.89 -4.68 -5.26
C LYS A 56 -10.67 -3.41 -5.53
N GLU A 57 -11.93 -3.35 -5.08
CA GLU A 57 -12.82 -2.20 -5.20
C GLU A 57 -12.17 -0.93 -4.62
N LYS A 58 -11.25 -1.13 -3.68
CA LYS A 58 -10.61 -0.10 -2.87
C LYS A 58 -9.10 -0.19 -3.03
N TRP A 59 -8.67 -0.51 -4.25
CA TRP A 59 -7.27 -0.63 -4.63
C TRP A 59 -6.80 0.64 -5.33
N PRO A 60 -6.33 1.69 -4.63
CA PRO A 60 -5.64 2.79 -5.28
C PRO A 60 -4.37 2.26 -5.96
N LEU A 61 -4.18 2.62 -7.23
CA LEU A 61 -3.04 2.29 -8.08
C LEU A 61 -1.87 3.20 -7.71
N LEU A 62 -0.92 2.67 -6.93
CA LEU A 62 0.22 3.44 -6.42
C LEU A 62 1.31 3.57 -7.49
N ASP A 63 2.20 4.56 -7.36
CA ASP A 63 3.25 4.93 -8.32
C ASP A 63 4.65 4.82 -7.73
N SER A 64 5.67 4.99 -8.58
CA SER A 64 7.05 4.78 -8.20
C SER A 64 7.63 5.89 -7.32
N GLU A 65 6.95 7.03 -7.22
CA GLU A 65 7.47 8.15 -6.46
C GLU A 65 7.24 7.99 -4.96
N THR A 66 6.23 7.23 -4.53
CA THR A 66 6.12 6.90 -3.11
C THR A 66 7.28 6.01 -2.65
N MET A 67 7.92 5.27 -3.57
CA MET A 67 9.04 4.36 -3.30
C MET A 67 10.36 5.15 -3.27
N LYS A 68 10.39 6.18 -2.41
CA LYS A 68 11.58 6.94 -2.08
C LYS A 68 11.65 7.06 -0.57
N GLU A 69 12.87 7.13 -0.05
CA GLU A 69 13.14 7.26 1.37
C GLU A 69 13.70 8.64 1.64
N GLU A 70 13.01 9.38 2.51
CA GLU A 70 13.45 10.70 2.91
C GLU A 70 13.13 10.95 4.39
N ARG A 71 13.54 12.12 4.89
CA ARG A 71 13.57 12.46 6.32
C ARG A 71 13.51 13.97 6.42
N ILE A 72 12.34 14.55 6.15
CA ILE A 72 12.13 15.98 6.09
C ILE A 72 12.17 16.54 7.51
N THR A 73 12.92 17.62 7.71
CA THR A 73 13.16 18.29 8.96
C THR A 73 12.45 19.66 8.94
N GLN A 74 11.22 19.69 9.45
CA GLN A 74 10.44 20.91 9.64
C GLN A 74 10.74 21.49 11.02
N GLU A 75 10.21 22.67 11.31
CA GLU A 75 10.27 23.31 12.63
C GLU A 75 8.87 23.76 13.08
N GLU A 76 7.85 23.58 12.24
CA GLU A 76 6.47 24.01 12.41
C GLU A 76 5.52 22.85 12.05
N GLY A 77 5.87 21.60 12.38
CA GLY A 77 5.01 20.45 12.16
C GLY A 77 5.57 19.17 12.77
N GLY A 78 6.68 18.66 12.24
CA GLY A 78 7.38 17.49 12.76
C GLY A 78 8.38 16.96 11.74
N ILE A 79 9.04 15.84 12.04
CA ILE A 79 10.04 15.24 11.17
C ILE A 79 9.37 14.14 10.34
N TYR A 80 9.11 14.38 9.04
CA TYR A 80 8.41 13.41 8.18
C TYR A 80 9.40 12.40 7.62
N VAL A 81 9.28 11.12 7.96
CA VAL A 81 10.25 10.07 7.68
C VAL A 81 9.58 8.96 6.84
N SER A 82 10.27 8.48 5.81
CA SER A 82 9.89 7.38 4.94
C SER A 82 11.13 6.48 4.92
N LYS A 83 11.23 5.47 5.80
CA LYS A 83 12.40 4.60 5.88
C LYS A 83 11.99 3.24 6.44
N PHE A 84 12.70 2.18 6.06
CA PHE A 84 12.35 0.80 6.39
C PHE A 84 12.42 0.55 7.90
N THR A 85 11.62 -0.39 8.40
CA THR A 85 11.47 -0.72 9.82
C THR A 85 11.84 -2.17 10.14
N LEU A 86 11.91 -3.07 9.13
CA LEU A 86 12.37 -4.44 9.29
C LEU A 86 13.00 -4.90 7.97
N ASN A 87 14.05 -5.73 8.06
CA ASN A 87 14.90 -6.22 6.98
C ASN A 87 14.99 -7.75 7.11
N GLU A 88 14.00 -8.48 6.59
CA GLU A 88 13.89 -9.93 6.60
C GLU A 88 14.04 -10.44 5.16
N PRO A 89 14.24 -11.75 4.95
CA PRO A 89 14.48 -12.30 3.63
C PRO A 89 13.18 -12.39 2.82
N LYS A 90 12.14 -12.89 3.47
CA LYS A 90 10.83 -13.21 2.89
C LYS A 90 9.81 -12.13 3.26
N HIS A 91 10.18 -11.01 3.91
CA HIS A 91 9.25 -10.05 4.48
C HIS A 91 9.91 -8.68 4.45
N LYS A 92 9.19 -7.63 4.03
CA LYS A 92 9.79 -6.34 3.72
C LYS A 92 8.75 -5.24 4.00
N ILE A 93 8.97 -4.43 5.04
CA ILE A 93 8.05 -3.37 5.44
C ILE A 93 8.51 -2.05 4.80
N PHE A 94 7.59 -1.11 4.58
CA PHE A 94 7.86 0.25 4.11
C PHE A 94 6.81 1.19 4.74
N GLU A 95 7.15 1.83 5.86
CA GLU A 95 6.28 2.76 6.59
C GLU A 95 6.77 4.19 6.41
N ALA A 96 5.82 5.13 6.18
CA ALA A 96 6.08 6.55 6.13
C ALA A 96 5.05 7.30 6.95
N GLY A 97 5.52 8.29 7.71
CA GLY A 97 4.77 9.05 8.71
C GLY A 97 5.70 10.06 9.34
N TYR A 98 5.25 10.78 10.36
CA TYR A 98 6.16 11.58 11.15
C TYR A 98 7.00 10.68 12.06
N GLU A 99 8.11 11.20 12.58
CA GLU A 99 9.05 10.45 13.40
C GLU A 99 8.31 9.81 14.59
N GLU A 100 7.48 10.61 15.23
CA GLU A 100 6.71 10.27 16.41
C GLU A 100 5.31 10.85 16.21
N SER A 101 4.56 10.32 15.25
CA SER A 101 3.14 10.60 15.05
C SER A 101 2.53 9.39 14.34
N GLU A 102 1.40 9.56 13.64
CA GLU A 102 0.86 8.52 12.77
C GLU A 102 1.72 8.27 11.52
N VAL A 103 1.32 7.25 10.76
CA VAL A 103 1.71 7.00 9.40
C VAL A 103 0.61 7.49 8.47
N ASP A 104 1.01 8.04 7.33
CA ASP A 104 0.15 8.22 6.18
C ASP A 104 0.08 6.88 5.44
N LEU A 105 1.21 6.17 5.34
CA LEU A 105 1.42 5.09 4.38
C LEU A 105 2.11 3.94 5.12
N ARG A 106 1.58 2.73 4.98
CA ARG A 106 2.30 1.49 5.27
C ARG A 106 2.11 0.60 4.05
N VAL A 107 3.19 0.02 3.55
CA VAL A 107 3.13 -0.99 2.52
C VAL A 107 4.04 -2.12 3.00
N GLU A 108 3.53 -3.36 2.96
CA GLU A 108 4.27 -4.51 3.45
C GLU A 108 4.13 -5.61 2.40
N PHE A 109 5.18 -6.40 2.25
CA PHE A 109 5.30 -7.44 1.25
C PHE A 109 5.79 -8.72 1.93
N GLU A 110 5.12 -9.84 1.67
CA GLU A 110 5.57 -11.18 2.05
C GLU A 110 5.81 -11.97 0.77
N LEU A 111 6.95 -12.64 0.69
CA LEU A 111 7.25 -13.63 -0.34
C LEU A 111 6.51 -14.90 0.01
N GLN A 112 5.76 -15.43 -0.95
CA GLN A 112 5.02 -16.66 -0.79
C GLN A 112 5.87 -17.82 -1.34
N ALA A 113 5.54 -19.06 -1.00
CA ALA A 113 6.26 -20.24 -1.48
C ALA A 113 6.16 -20.37 -3.01
N ASP A 114 5.16 -19.75 -3.63
CA ASP A 114 5.02 -19.63 -5.07
C ASP A 114 6.23 -18.90 -5.70
N GLY A 115 7.04 -18.20 -4.91
CA GLY A 115 8.18 -17.42 -5.36
C GLY A 115 7.77 -16.04 -5.87
N LYS A 116 6.46 -15.75 -5.96
CA LYS A 116 6.00 -14.40 -6.23
C LYS A 116 5.85 -13.72 -4.89
N TRP A 117 6.22 -12.46 -4.86
CA TRP A 117 5.94 -11.59 -3.72
C TRP A 117 4.45 -11.25 -3.73
N TYR A 118 3.87 -11.03 -2.56
CA TYR A 118 2.49 -10.60 -2.39
C TYR A 118 2.50 -9.43 -1.42
N VAL A 119 1.74 -8.39 -1.76
CA VAL A 119 1.39 -7.32 -0.85
C VAL A 119 0.54 -7.90 0.28
N VAL A 120 0.74 -7.41 1.51
CA VAL A 120 -0.04 -7.79 2.68
C VAL A 120 -0.54 -6.56 3.45
N ASP A 121 -0.27 -5.33 2.99
CA ASP A 121 -0.70 -4.07 3.61
C ASP A 121 -1.01 -3.08 2.50
N CYS A 122 -2.11 -2.32 2.62
CA CYS A 122 -2.60 -1.34 1.65
C CYS A 122 -3.00 -0.03 2.35
N TYR A 123 -2.29 0.38 3.39
CA TYR A 123 -2.55 1.65 4.07
C TYR A 123 -2.01 2.81 3.24
N THR A 124 -2.72 3.94 3.10
CA THR A 124 -2.28 5.10 2.31
C THR A 124 -3.03 6.39 2.69
N GLY A 125 -3.60 6.45 3.90
CA GLY A 125 -4.46 7.56 4.29
C GLY A 125 -5.85 7.55 3.64
N TRP A 126 -6.00 7.00 2.43
CA TRP A 126 -7.30 6.78 1.78
C TRP A 126 -8.25 5.97 2.66
N TYR A 127 -7.68 5.08 3.49
CA TYR A 127 -8.43 4.23 4.40
C TYR A 127 -7.88 4.45 5.82
N GLY A 128 -7.47 5.68 6.14
CA GLY A 128 -7.00 6.07 7.46
C GLY A 128 -8.14 6.13 8.46
N TYR A 129 -7.84 6.47 9.71
CA TYR A 129 -8.80 6.55 10.81
C TYR A 129 -9.48 7.93 10.87
N ASP A 130 -9.57 8.60 9.73
CA ASP A 130 -9.91 10.01 9.61
C ASP A 130 -11.14 10.25 8.73
N LEU A 131 -11.86 9.20 8.32
CA LEU A 131 -13.07 9.37 7.51
C LEU A 131 -14.19 8.65 8.26
N PRO A 132 -15.43 9.16 8.27
CA PRO A 132 -16.49 8.55 9.09
C PRO A 132 -17.14 7.38 8.35
N ILE A 133 -17.90 6.56 9.08
CA ILE A 133 -18.60 5.40 8.53
C ILE A 133 -19.59 5.78 7.40
N GLY A 134 -20.00 7.04 7.33
CA GLY A 134 -20.89 7.53 6.29
C GLY A 134 -20.17 7.83 4.97
N GLU A 135 -18.96 8.38 5.01
CA GLU A 135 -18.28 8.91 3.83
C GLU A 135 -17.54 7.83 3.03
N LEU A 136 -17.66 6.57 3.44
CA LEU A 136 -17.00 5.44 2.79
C LEU A 136 -17.15 5.49 1.27
N LYS A 137 -18.37 5.39 0.75
CA LYS A 137 -18.62 5.29 -0.69
C LYS A 137 -18.07 6.48 -1.49
N GLN A 138 -18.10 7.69 -0.92
CA GLN A 138 -17.54 8.89 -1.55
C GLN A 138 -16.07 8.64 -1.88
N THR A 139 -15.30 8.15 -0.93
CA THR A 139 -13.89 7.87 -1.15
C THR A 139 -13.72 6.82 -2.26
N ILE A 140 -14.57 5.79 -2.31
CA ILE A 140 -14.38 4.71 -3.26
C ILE A 140 -14.64 5.22 -4.68
N GLN A 141 -15.57 6.16 -4.86
CA GLN A 141 -15.73 6.87 -6.13
C GLN A 141 -14.42 7.54 -6.49
N ASN A 142 -13.91 8.35 -5.60
CA ASN A 142 -12.79 9.21 -5.95
C ASN A 142 -11.47 8.43 -6.09
N VAL A 143 -11.37 7.27 -5.46
CA VAL A 143 -10.25 6.36 -5.67
C VAL A 143 -10.22 5.95 -7.14
N LYS A 144 -11.38 5.75 -7.79
CA LYS A 144 -11.39 5.48 -9.22
C LYS A 144 -10.91 6.70 -10.00
N GLU A 145 -11.05 7.95 -9.55
CA GLU A 145 -10.63 9.09 -10.37
C GLU A 145 -9.12 9.21 -10.37
N GLU A 146 -8.45 9.00 -9.24
CA GLU A 146 -7.00 8.95 -9.12
C GLU A 146 -6.46 7.78 -9.96
N ASN A 147 -7.09 6.61 -9.81
CA ASN A 147 -6.72 5.41 -10.57
C ASN A 147 -6.86 5.57 -12.08
N ALA A 148 -7.58 6.57 -12.57
CA ALA A 148 -7.67 6.83 -14.00
C ALA A 148 -6.37 7.46 -14.49
N ALA A 149 -5.86 8.47 -13.77
CA ALA A 149 -4.63 9.16 -14.14
C ALA A 149 -3.49 8.15 -14.27
N PHE A 150 -3.28 7.32 -13.25
CA PHE A 150 -2.24 6.30 -13.25
C PHE A 150 -2.31 5.46 -14.54
N LYS A 151 -3.50 4.93 -14.84
CA LYS A 151 -3.67 4.01 -15.97
C LYS A 151 -3.69 4.72 -17.32
N GLU A 152 -3.82 6.04 -17.36
CA GLU A 152 -3.72 6.78 -18.61
C GLU A 152 -2.24 7.02 -18.97
N ILE A 153 -1.38 7.10 -17.96
CA ILE A 153 0.05 7.39 -18.08
C ILE A 153 0.81 6.08 -18.26
N HIS A 154 0.73 5.16 -17.30
CA HIS A 154 1.49 3.91 -17.26
C HIS A 154 0.61 2.75 -16.75
N PRO A 155 -0.33 2.25 -17.58
CA PRO A 155 -1.14 1.07 -17.26
C PRO A 155 -0.31 -0.21 -17.29
N GLY A 1 40.53 -17.95 -18.75
CA GLY A 1 39.12 -18.29 -18.88
C GLY A 1 38.39 -18.27 -17.55
N ASP A 2 37.26 -17.58 -17.50
CA ASP A 2 36.47 -17.49 -16.29
C ASP A 2 35.15 -18.23 -16.43
N SER A 3 34.32 -18.19 -15.40
CA SER A 3 33.03 -18.87 -15.41
C SER A 3 31.92 -17.92 -14.99
N GLU A 4 30.69 -18.42 -14.97
CA GLU A 4 29.53 -17.63 -14.59
C GLU A 4 28.28 -18.50 -14.49
N LEU A 5 27.75 -18.64 -13.28
CA LEU A 5 26.56 -19.44 -13.05
C LEU A 5 25.39 -18.56 -12.61
N THR A 6 24.22 -19.18 -12.41
CA THR A 6 23.03 -18.46 -11.99
C THR A 6 21.92 -19.42 -11.62
N THR A 7 20.96 -18.93 -10.83
CA THR A 7 19.82 -19.74 -10.40
C THR A 7 18.73 -18.87 -9.79
N GLN A 8 17.47 -19.23 -10.08
CA GLN A 8 16.34 -18.49 -9.55
C GLN A 8 16.06 -18.87 -8.11
N ASP A 9 15.43 -17.96 -7.36
CA ASP A 9 15.10 -18.20 -5.96
C ASP A 9 14.07 -17.22 -5.46
N GLY A 10 13.19 -16.78 -6.37
CA GLY A 10 12.14 -15.84 -6.00
C GLY A 10 12.30 -14.51 -6.72
N GLU A 11 11.18 -13.97 -7.19
CA GLU A 11 11.19 -12.70 -7.91
C GLU A 11 11.74 -11.58 -7.02
N ASP A 12 12.07 -10.45 -7.63
CA ASP A 12 12.61 -9.31 -6.90
C ASP A 12 11.49 -8.33 -6.54
N PHE A 13 11.58 -7.76 -5.34
CA PHE A 13 10.58 -6.80 -4.88
C PHE A 13 10.46 -5.62 -5.84
N LYS A 14 11.55 -5.32 -6.53
CA LYS A 14 11.57 -4.22 -7.49
C LYS A 14 11.22 -4.71 -8.88
N SER A 15 11.13 -6.03 -9.04
CA SER A 15 10.80 -6.62 -10.34
C SER A 15 9.31 -6.55 -10.61
N PHE A 16 8.51 -6.79 -9.56
CA PHE A 16 7.06 -6.75 -9.68
C PHE A 16 6.52 -5.36 -9.38
N LEU A 17 7.38 -4.51 -8.83
CA LEU A 17 7.00 -3.15 -8.48
C LEU A 17 6.65 -2.35 -9.73
N ASP A 18 7.68 -2.07 -10.54
CA ASP A 18 7.49 -1.32 -11.77
C ASP A 18 6.42 -1.97 -12.66
N LYS A 19 6.17 -3.25 -12.43
CA LYS A 19 5.19 -3.99 -13.21
C LYS A 19 3.77 -3.52 -12.86
N PHE A 20 3.45 -3.52 -11.57
CA PHE A 20 2.14 -3.11 -11.11
C PHE A 20 1.95 -1.60 -11.30
N THR A 21 3.06 -0.86 -11.25
CA THR A 21 3.01 0.59 -11.42
C THR A 21 2.65 0.96 -12.86
N SER A 22 2.99 0.09 -13.80
CA SER A 22 2.70 0.34 -15.21
C SER A 22 1.41 -0.37 -15.63
N SER A 23 0.57 -0.69 -14.65
CA SER A 23 -0.69 -1.36 -14.92
C SER A 23 -1.75 -0.97 -13.89
N ALA A 24 -3.01 -1.00 -14.29
CA ALA A 24 -4.12 -0.64 -13.42
C ALA A 24 -4.91 -1.89 -13.02
N ALA A 25 -5.03 -2.82 -13.94
CA ALA A 25 -5.76 -4.06 -13.67
C ALA A 25 -4.83 -5.15 -13.17
N PHE A 26 -3.55 -4.82 -13.04
CA PHE A 26 -2.55 -5.77 -12.57
C PHE A 26 -2.42 -5.70 -11.05
N GLN A 27 -2.88 -4.60 -10.47
CA GLN A 27 -2.80 -4.41 -9.02
C GLN A 27 -3.78 -5.34 -8.30
N TYR A 28 -4.89 -5.65 -8.96
CA TYR A 28 -5.90 -6.52 -8.38
C TYR A 28 -5.44 -7.97 -8.39
N THR A 29 -4.54 -8.30 -9.31
CA THR A 29 -4.01 -9.65 -9.42
C THR A 29 -2.61 -9.75 -8.83
N ARG A 30 -2.49 -9.34 -7.57
CA ARG A 30 -1.20 -9.38 -6.89
C ARG A 30 -1.37 -9.09 -5.40
N VAL A 31 -2.43 -9.62 -4.81
CA VAL A 31 -2.69 -9.42 -3.39
C VAL A 31 -3.28 -10.68 -2.76
N LYS A 32 -3.02 -10.86 -1.48
CA LYS A 32 -3.52 -12.02 -0.75
C LYS A 32 -4.45 -11.60 0.39
N PHE A 33 -5.75 -11.76 0.17
CA PHE A 33 -6.75 -11.40 1.17
C PHE A 33 -7.17 -12.61 2.00
N PRO A 34 -7.70 -12.36 3.21
CA PRO A 34 -7.86 -11.01 3.72
C PRO A 34 -6.53 -10.34 4.06
N LEU A 35 -6.60 -9.07 4.45
CA LEU A 35 -5.39 -8.32 4.80
C LEU A 35 -5.17 -8.32 6.30
N LYS A 36 -4.18 -7.57 6.75
CA LYS A 36 -3.86 -7.47 8.18
C LYS A 36 -4.36 -6.16 8.76
N THR A 37 -4.27 -5.09 7.97
CA THR A 37 -4.71 -3.78 8.41
C THR A 37 -5.97 -3.35 7.68
N PRO A 38 -7.14 -3.80 8.18
CA PRO A 38 -8.44 -3.47 7.59
C PRO A 38 -8.81 -2.00 7.78
N ILE A 39 -10.05 -1.67 7.46
CA ILE A 39 -10.53 -0.30 7.60
C ILE A 39 -10.75 0.06 9.06
N THR A 40 -10.76 1.36 9.36
CA THR A 40 -10.96 1.83 10.72
C THR A 40 -11.43 3.28 10.72
N LEU A 41 -12.74 3.49 10.63
CA LEU A 41 -13.31 4.83 10.62
C LEU A 41 -14.12 5.07 11.89
N LEU A 42 -14.19 6.33 12.32
CA LEU A 42 -14.93 6.70 13.51
C LEU A 42 -16.44 6.54 13.28
N ALA A 43 -17.10 5.85 14.20
CA ALA A 43 -18.53 5.62 14.11
C ALA A 43 -19.31 6.91 14.37
N ASP A 44 -20.62 6.79 14.51
CA ASP A 44 -21.48 7.94 14.77
C ASP A 44 -21.27 8.45 16.19
N ASP A 45 -20.82 7.58 17.07
CA ASP A 45 -20.58 7.95 18.47
C ASP A 45 -19.46 8.96 18.58
N GLY A 46 -18.32 8.66 17.96
CA GLY A 46 -17.18 9.56 17.99
C GLY A 46 -15.93 8.90 18.54
N GLU A 47 -16.12 7.82 19.29
CA GLU A 47 -15.01 7.09 19.89
C GLU A 47 -15.15 5.59 19.65
N THR A 48 -15.90 5.23 18.62
CA THR A 48 -16.12 3.82 18.29
C THR A 48 -15.48 3.47 16.95
N GLU A 49 -14.35 2.78 17.00
CA GLU A 49 -13.65 2.38 15.79
C GLU A 49 -14.32 1.17 15.15
N LYS A 50 -15.04 1.42 14.05
CA LYS A 50 -15.73 0.35 13.34
C LYS A 50 -14.92 -0.10 12.13
N THR A 51 -14.82 -1.42 11.94
CA THR A 51 -14.08 -1.98 10.81
C THR A 51 -14.99 -2.17 9.61
N PHE A 52 -14.40 -2.13 8.41
CA PHE A 52 -15.15 -2.30 7.17
C PHE A 52 -14.49 -3.33 6.27
N PRO A 53 -15.24 -3.80 5.26
CA PRO A 53 -14.75 -4.79 4.30
C PRO A 53 -13.68 -4.22 3.38
N PHE A 54 -12.48 -4.79 3.43
CA PHE A 54 -11.39 -4.34 2.58
C PHE A 54 -11.52 -4.89 1.17
N THR A 55 -12.62 -4.53 0.50
CA THR A 55 -12.86 -4.99 -0.87
C THR A 55 -12.07 -4.18 -1.87
N LYS A 56 -11.99 -4.68 -3.09
CA LYS A 56 -11.26 -3.99 -4.16
C LYS A 56 -11.73 -2.55 -4.29
N GLU A 57 -12.99 -2.30 -3.94
CA GLU A 57 -13.56 -0.97 -4.03
C GLU A 57 -12.68 0.06 -3.33
N LYS A 58 -12.15 -0.33 -2.16
CA LYS A 58 -11.28 0.54 -1.39
C LYS A 58 -9.81 0.27 -1.71
N TRP A 59 -9.49 0.20 -3.00
CA TRP A 59 -8.12 -0.03 -3.43
C TRP A 59 -7.68 1.03 -4.43
N PRO A 60 -7.24 2.19 -3.92
CA PRO A 60 -6.78 3.30 -4.75
C PRO A 60 -5.45 3.00 -5.42
N LEU A 61 -5.47 2.92 -6.76
CA LEU A 61 -4.27 2.64 -7.52
C LEU A 61 -3.13 3.56 -7.11
N LEU A 62 -1.96 2.98 -6.87
CA LEU A 62 -0.78 3.74 -6.45
C LEU A 62 0.05 4.14 -7.67
N ASP A 63 1.20 4.76 -7.41
CA ASP A 63 2.09 5.18 -8.48
C ASP A 63 3.55 4.92 -8.11
N SER A 64 4.46 5.31 -9.00
CA SER A 64 5.89 5.12 -8.75
C SER A 64 6.45 6.22 -7.85
N GLU A 65 5.85 7.40 -7.93
CA GLU A 65 6.27 8.54 -7.12
C GLU A 65 6.13 8.23 -5.63
N THR A 66 5.11 7.47 -5.29
CA THR A 66 4.86 7.10 -3.90
C THR A 66 5.84 6.04 -3.43
N MET A 67 6.44 5.32 -4.38
CA MET A 67 7.41 4.28 -4.06
C MET A 67 8.83 4.83 -4.05
N LYS A 68 9.00 6.01 -3.44
CA LYS A 68 10.31 6.65 -3.36
C LYS A 68 10.79 6.69 -1.91
N GLU A 69 11.91 6.00 -1.65
CA GLU A 69 12.48 5.97 -0.32
C GLU A 69 13.26 7.26 -0.03
N GLU A 70 13.01 7.83 1.14
CA GLU A 70 13.69 9.06 1.56
C GLU A 70 13.33 9.45 2.98
N ARG A 71 14.19 10.23 3.63
CA ARG A 71 13.96 10.66 5.00
C ARG A 71 13.81 12.18 5.07
N ILE A 72 12.57 12.65 5.01
CA ILE A 72 12.30 14.08 5.07
C ILE A 72 12.34 14.59 6.51
N THR A 73 13.42 15.28 6.85
CA THR A 73 13.58 15.82 8.20
C THR A 73 12.97 17.21 8.31
N GLN A 74 11.95 17.35 9.14
CA GLN A 74 11.29 18.63 9.33
C GLN A 74 11.61 19.21 10.70
N GLU A 75 11.31 20.50 10.88
CA GLU A 75 11.59 21.17 12.15
C GLU A 75 10.31 21.71 12.76
N GLU A 76 9.20 21.61 12.01
CA GLU A 76 7.89 22.05 12.48
C GLU A 76 7.03 20.88 12.92
N GLY A 77 7.35 19.69 12.41
CA GLY A 77 6.59 18.51 12.76
C GLY A 77 7.48 17.35 13.15
N GLY A 78 7.86 16.53 12.17
CA GLY A 78 8.70 15.39 12.44
C GLY A 78 9.52 14.98 11.23
N ILE A 79 10.06 13.77 11.27
CA ILE A 79 10.87 13.25 10.17
C ILE A 79 10.07 12.27 9.31
N TYR A 80 9.38 12.81 8.30
CA TYR A 80 8.58 11.98 7.41
C TYR A 80 9.47 11.14 6.49
N VAL A 81 9.53 9.85 6.77
CA VAL A 81 10.34 8.93 5.97
C VAL A 81 9.52 7.73 5.52
N SER A 82 9.54 7.46 4.22
CA SER A 82 8.81 6.34 3.65
C SER A 82 9.75 5.26 3.16
N LYS A 83 10.11 4.34 4.04
CA LYS A 83 11.02 3.24 3.70
C LYS A 83 10.57 1.94 4.35
N PHE A 84 11.27 0.85 4.04
CA PHE A 84 10.95 -0.44 4.60
C PHE A 84 11.51 -0.59 6.02
N THR A 85 10.72 -1.19 6.91
CA THR A 85 11.13 -1.38 8.29
C THR A 85 11.63 -2.80 8.51
N LEU A 86 11.80 -3.55 7.42
CA LEU A 86 12.27 -4.93 7.51
C LEU A 86 12.92 -5.36 6.20
N ASN A 87 14.23 -5.52 6.21
CA ASN A 87 14.98 -5.94 5.03
C ASN A 87 15.13 -7.45 4.98
N GLU A 88 14.00 -8.16 4.97
CA GLU A 88 14.01 -9.61 4.93
C GLU A 88 13.91 -10.12 3.50
N PRO A 89 14.33 -11.38 3.28
CA PRO A 89 14.29 -12.00 1.96
C PRO A 89 12.86 -12.29 1.49
N LYS A 90 12.07 -12.90 2.36
CA LYS A 90 10.69 -13.23 2.02
C LYS A 90 9.72 -12.44 2.91
N HIS A 91 10.01 -11.16 3.09
CA HIS A 91 9.17 -10.30 3.91
C HIS A 91 9.60 -8.84 3.82
N LYS A 92 8.66 -7.96 3.52
CA LYS A 92 8.94 -6.54 3.38
C LYS A 92 7.80 -5.70 3.97
N ILE A 93 8.16 -4.78 4.87
CA ILE A 93 7.17 -3.92 5.49
C ILE A 93 7.35 -2.46 5.05
N PHE A 94 6.58 -2.06 4.04
CA PHE A 94 6.65 -0.71 3.52
C PHE A 94 5.70 0.21 4.26
N GLU A 95 6.18 0.80 5.35
CA GLU A 95 5.38 1.71 6.16
C GLU A 95 5.99 3.11 6.19
N ALA A 96 5.24 4.09 5.68
CA ALA A 96 5.71 5.47 5.66
C ALA A 96 5.12 6.27 6.81
N GLY A 97 5.65 7.47 7.01
CA GLY A 97 5.15 8.32 8.08
C GLY A 97 6.27 8.85 8.95
N TYR A 98 5.94 9.79 9.83
CA TYR A 98 6.93 10.38 10.73
C TYR A 98 7.71 9.31 11.47
N GLU A 99 9.03 9.48 11.53
CA GLU A 99 9.89 8.51 12.22
C GLU A 99 9.45 8.31 13.66
N GLU A 100 8.77 9.32 14.20
CA GLU A 100 8.28 9.25 15.58
C GLU A 100 6.81 9.63 15.66
N SER A 101 5.96 8.85 14.99
CA SER A 101 4.53 9.10 14.98
C SER A 101 3.79 8.00 14.22
N GLU A 102 2.51 8.25 13.95
CA GLU A 102 1.69 7.28 13.24
C GLU A 102 2.09 7.20 11.76
N VAL A 103 1.40 6.36 11.01
CA VAL A 103 1.68 6.19 9.59
C VAL A 103 0.55 6.75 8.73
N ASP A 104 0.83 6.93 7.45
CA ASP A 104 -0.17 7.46 6.51
C ASP A 104 -0.35 6.53 5.32
N LEU A 105 0.41 5.43 5.32
CA LEU A 105 0.35 4.46 4.23
C LEU A 105 1.23 3.25 4.52
N ARG A 106 0.67 2.06 4.36
CA ARG A 106 1.41 0.83 4.61
C ARG A 106 1.08 -0.22 3.56
N VAL A 107 2.11 -0.77 2.93
CA VAL A 107 1.93 -1.79 1.90
C VAL A 107 3.04 -2.83 1.96
N GLU A 108 2.84 -3.85 2.79
CA GLU A 108 3.83 -4.91 2.94
C GLU A 108 3.72 -5.92 1.78
N PHE A 109 4.87 -6.45 1.37
CA PHE A 109 4.91 -7.42 0.29
C PHE A 109 5.65 -8.69 0.70
N GLU A 110 4.91 -9.78 0.86
CA GLU A 110 5.49 -11.05 1.26
C GLU A 110 5.38 -12.08 0.14
N LEU A 111 6.31 -13.03 0.13
CA LEU A 111 6.33 -14.07 -0.89
C LEU A 111 5.30 -15.16 -0.57
N GLN A 112 4.91 -15.91 -1.59
CA GLN A 112 3.94 -16.98 -1.42
C GLN A 112 4.53 -18.33 -1.85
N ALA A 113 4.50 -18.60 -3.16
CA ALA A 113 5.07 -19.83 -3.70
C ALA A 113 6.57 -19.71 -3.93
N ASP A 114 7.15 -18.59 -3.49
CA ASP A 114 8.58 -18.37 -3.68
C ASP A 114 8.89 -17.99 -5.12
N GLY A 115 7.90 -17.47 -5.83
CA GLY A 115 8.09 -17.07 -7.20
C GLY A 115 7.35 -15.79 -7.55
N LYS A 116 6.18 -15.61 -6.96
CA LYS A 116 5.38 -14.41 -7.21
C LYS A 116 4.98 -13.74 -5.89
N TRP A 117 5.27 -12.45 -5.79
CA TRP A 117 4.95 -11.68 -4.60
C TRP A 117 3.46 -11.32 -4.57
N TYR A 118 2.89 -11.26 -3.36
CA TYR A 118 1.48 -10.92 -3.20
C TYR A 118 1.29 -9.97 -2.03
N VAL A 119 0.77 -8.78 -2.32
CA VAL A 119 0.53 -7.77 -1.30
C VAL A 119 -0.24 -8.35 -0.14
N VAL A 120 0.19 -8.04 1.09
CA VAL A 120 -0.47 -8.53 2.28
C VAL A 120 -0.71 -7.39 3.28
N ASP A 121 -1.07 -6.23 2.77
CA ASP A 121 -1.33 -5.06 3.60
C ASP A 121 -1.76 -3.88 2.77
N CYS A 122 -2.86 -3.24 3.17
CA CYS A 122 -3.38 -2.08 2.45
C CYS A 122 -3.80 -0.98 3.42
N TYR A 123 -2.90 -0.03 3.67
CA TYR A 123 -3.18 1.07 4.58
C TYR A 123 -2.95 2.41 3.89
N THR A 124 -3.77 3.40 4.26
CA THR A 124 -3.62 4.74 3.71
C THR A 124 -4.66 5.66 4.32
N GLY A 125 -4.35 6.97 4.32
CA GLY A 125 -5.23 7.97 4.87
C GLY A 125 -6.62 7.92 4.24
N TRP A 126 -6.70 7.35 3.04
CA TRP A 126 -7.97 7.23 2.33
C TRP A 126 -9.03 6.60 3.22
N TYR A 127 -8.73 5.42 3.74
CA TYR A 127 -9.66 4.70 4.61
C TYR A 127 -9.05 4.45 5.99
N GLY A 128 -9.07 5.47 6.84
CA GLY A 128 -8.51 5.34 8.17
C GLY A 128 -8.93 6.48 9.08
N TYR A 129 -8.02 6.89 9.96
CA TYR A 129 -8.29 7.98 10.90
C TYR A 129 -8.24 9.33 10.20
N ASP A 130 -9.22 9.58 9.34
CA ASP A 130 -9.29 10.84 8.61
C ASP A 130 -10.73 11.28 8.39
N LEU A 131 -11.59 10.33 8.05
CA LEU A 131 -13.00 10.61 7.83
C LEU A 131 -13.88 9.74 8.71
N PRO A 132 -15.12 10.19 8.94
CA PRO A 132 -16.09 9.47 9.78
C PRO A 132 -16.58 8.19 9.11
N ILE A 133 -17.61 7.58 9.69
CA ILE A 133 -18.18 6.36 9.15
C ILE A 133 -19.32 6.65 8.18
N GLY A 134 -19.60 7.94 7.99
CA GLY A 134 -20.68 8.34 7.09
C GLY A 134 -20.15 8.91 5.78
N GLU A 135 -18.99 9.56 5.84
CA GLU A 135 -18.38 10.15 4.67
C GLU A 135 -17.70 9.08 3.82
N LEU A 136 -17.60 7.87 4.35
CA LEU A 136 -16.98 6.76 3.64
C LEU A 136 -17.55 6.61 2.24
N LYS A 137 -18.87 6.40 2.17
CA LYS A 137 -19.55 6.24 0.90
C LYS A 137 -19.20 7.38 -0.05
N GLN A 138 -18.94 8.56 0.50
CA GLN A 138 -18.60 9.73 -0.30
C GLN A 138 -17.14 9.66 -0.74
N THR A 139 -16.28 9.15 0.13
CA THR A 139 -14.86 9.04 -0.16
C THR A 139 -14.60 7.98 -1.24
N ILE A 140 -15.31 6.86 -1.14
CA ILE A 140 -15.16 5.78 -2.11
C ILE A 140 -15.40 6.28 -3.53
N GLN A 141 -16.31 7.22 -3.68
CA GLN A 141 -16.64 7.79 -4.98
C GLN A 141 -15.51 8.69 -5.47
N ASN A 142 -14.68 9.18 -4.54
CA ASN A 142 -13.57 10.05 -4.88
C ASN A 142 -12.37 9.24 -5.34
N VAL A 143 -12.22 8.04 -4.78
CA VAL A 143 -11.10 7.17 -5.11
C VAL A 143 -11.14 6.78 -6.58
N LYS A 144 -12.32 6.43 -7.06
CA LYS A 144 -12.50 6.05 -8.45
C LYS A 144 -11.96 7.11 -9.40
N GLU A 145 -12.22 8.37 -9.06
CA GLU A 145 -11.76 9.48 -9.87
C GLU A 145 -10.24 9.52 -9.93
N GLU A 146 -9.60 9.43 -8.77
CA GLU A 146 -8.15 9.45 -8.69
C GLU A 146 -7.54 8.33 -9.51
N ASN A 147 -8.12 7.13 -9.41
CA ASN A 147 -7.63 5.97 -10.15
C ASN A 147 -7.74 6.21 -11.65
N ALA A 148 -8.84 6.82 -12.07
CA ALA A 148 -9.06 7.11 -13.49
C ALA A 148 -7.86 7.82 -14.10
N ALA A 149 -7.47 8.93 -13.48
CA ALA A 149 -6.33 9.69 -13.98
C ALA A 149 -5.10 8.81 -14.15
N PHE A 150 -4.96 7.82 -13.28
CA PHE A 150 -3.82 6.91 -13.33
C PHE A 150 -3.96 5.94 -14.49
N LYS A 151 -4.99 5.11 -14.43
CA LYS A 151 -5.24 4.13 -15.48
C LYS A 151 -5.26 4.78 -16.85
N GLU A 152 -5.68 6.05 -16.89
CA GLU A 152 -5.75 6.79 -18.14
C GLU A 152 -4.42 6.73 -18.88
N ILE A 153 -3.34 7.07 -18.18
CA ILE A 153 -2.02 7.07 -18.78
C ILE A 153 -1.38 5.69 -18.66
N HIS A 154 -1.46 5.10 -17.48
CA HIS A 154 -0.89 3.77 -17.24
C HIS A 154 -1.99 2.77 -16.88
N PRO A 155 -2.79 2.40 -17.88
CA PRO A 155 -3.89 1.45 -17.70
C PRO A 155 -3.38 0.04 -17.45
N GLY A 1 5.28 -22.49 2.29
CA GLY A 1 6.37 -21.60 1.89
C GLY A 1 6.17 -21.20 0.45
N ASP A 2 6.60 -19.98 0.12
CA ASP A 2 6.51 -19.41 -1.22
C ASP A 2 7.88 -18.83 -1.64
N SER A 3 8.90 -18.97 -0.79
CA SER A 3 10.28 -18.55 -0.97
C SER A 3 11.14 -19.17 0.13
N GLU A 4 12.46 -19.19 -0.06
CA GLU A 4 13.43 -19.53 0.97
C GLU A 4 14.69 -18.71 0.71
N LEU A 5 14.85 -17.61 1.46
CA LEU A 5 16.08 -16.82 1.49
C LEU A 5 16.49 -16.33 0.08
N THR A 6 17.78 -16.09 -0.15
CA THR A 6 18.26 -15.53 -1.41
C THR A 6 18.51 -16.73 -2.33
N THR A 7 17.68 -16.88 -3.36
CA THR A 7 17.63 -18.08 -4.19
C THR A 7 17.33 -17.68 -5.65
N GLN A 8 17.26 -18.69 -6.51
CA GLN A 8 16.81 -18.66 -7.90
C GLN A 8 15.27 -18.82 -7.93
N ASP A 9 14.69 -18.82 -9.13
CA ASP A 9 13.25 -18.88 -9.44
C ASP A 9 12.51 -17.60 -9.04
N GLY A 10 12.44 -16.65 -9.95
CA GLY A 10 11.73 -15.41 -9.71
C GLY A 10 11.95 -14.38 -10.81
N GLU A 11 10.89 -13.63 -11.09
CA GLU A 11 10.89 -12.39 -11.84
C GLU A 11 11.87 -11.40 -11.19
N ASP A 12 12.44 -10.50 -12.00
CA ASP A 12 13.41 -9.50 -11.54
C ASP A 12 12.75 -8.54 -10.57
N PHE A 13 13.52 -8.04 -9.60
CA PHE A 13 13.08 -7.02 -8.66
C PHE A 13 12.65 -5.73 -9.36
N LYS A 14 13.22 -5.40 -10.52
CA LYS A 14 12.79 -4.25 -11.32
C LYS A 14 11.71 -4.65 -12.32
N SER A 15 11.70 -5.88 -12.83
CA SER A 15 10.69 -6.37 -13.75
C SER A 15 9.32 -6.27 -13.11
N PHE A 16 9.12 -6.78 -11.89
CA PHE A 16 7.80 -6.67 -11.29
C PHE A 16 7.43 -5.19 -11.11
N LEU A 17 8.39 -4.38 -10.66
CA LEU A 17 8.21 -2.98 -10.31
C LEU A 17 7.79 -2.17 -11.54
N ASP A 18 8.48 -2.37 -12.67
CA ASP A 18 8.27 -1.65 -13.92
C ASP A 18 6.81 -1.71 -14.36
N LYS A 19 6.21 -2.90 -14.31
CA LYS A 19 4.81 -3.09 -14.68
C LYS A 19 3.88 -2.72 -13.52
N PHE A 20 4.27 -2.96 -12.26
CA PHE A 20 3.50 -2.57 -11.08
C PHE A 20 3.14 -1.08 -11.15
N THR A 21 4.10 -0.23 -11.51
CA THR A 21 3.94 1.21 -11.60
C THR A 21 3.16 1.66 -12.84
N SER A 22 2.96 0.80 -13.83
CA SER A 22 2.63 1.25 -15.19
C SER A 22 1.50 0.46 -15.85
N SER A 23 0.66 -0.22 -15.07
CA SER A 23 -0.66 -0.64 -15.52
C SER A 23 -1.56 -0.75 -14.29
N ALA A 24 -2.75 -0.16 -14.34
CA ALA A 24 -3.74 -0.33 -13.29
C ALA A 24 -4.12 -1.81 -13.20
N ALA A 25 -4.48 -2.41 -14.34
CA ALA A 25 -5.06 -3.74 -14.38
C ALA A 25 -4.13 -4.83 -13.83
N PHE A 26 -2.82 -4.59 -13.81
CA PHE A 26 -1.84 -5.59 -13.36
C PHE A 26 -1.70 -5.63 -11.84
N GLN A 27 -2.12 -4.60 -11.09
CA GLN A 27 -2.02 -4.61 -9.64
C GLN A 27 -2.97 -5.65 -9.05
N TYR A 28 -4.23 -5.64 -9.47
CA TYR A 28 -5.31 -6.49 -8.92
C TYR A 28 -4.99 -7.98 -8.98
N THR A 29 -4.40 -8.44 -10.08
CA THR A 29 -4.08 -9.84 -10.32
C THR A 29 -2.84 -10.32 -9.52
N ARG A 30 -2.33 -9.50 -8.60
CA ARG A 30 -0.97 -9.62 -8.08
C ARG A 30 -0.90 -9.29 -6.61
N VAL A 31 -1.90 -9.68 -5.83
CA VAL A 31 -2.00 -9.32 -4.42
C VAL A 31 -2.73 -10.39 -3.63
N LYS A 32 -2.24 -10.67 -2.43
CA LYS A 32 -2.85 -11.64 -1.51
C LYS A 32 -4.04 -10.98 -0.85
N PHE A 33 -4.93 -11.77 -0.26
CA PHE A 33 -5.87 -11.25 0.73
C PHE A 33 -6.08 -12.31 1.81
N PRO A 34 -6.52 -11.93 3.02
CA PRO A 34 -6.49 -10.56 3.55
C PRO A 34 -5.06 -9.99 3.60
N LEU A 35 -4.99 -8.67 3.74
CA LEU A 35 -3.75 -7.93 3.92
C LEU A 35 -3.46 -7.81 5.40
N LYS A 36 -2.38 -7.11 5.75
CA LYS A 36 -1.99 -6.97 7.16
C LYS A 36 -2.79 -5.88 7.84
N THR A 37 -3.01 -4.78 7.12
CA THR A 37 -3.58 -3.55 7.66
C THR A 37 -5.06 -3.44 7.21
N PRO A 38 -6.06 -4.01 7.91
CA PRO A 38 -7.46 -3.89 7.51
C PRO A 38 -7.94 -2.43 7.49
N ILE A 39 -9.11 -2.18 6.89
CA ILE A 39 -9.80 -0.91 7.04
C ILE A 39 -10.29 -0.90 8.48
N THR A 40 -10.08 0.18 9.23
CA THR A 40 -10.60 0.34 10.58
C THR A 40 -11.27 1.71 10.62
N LEU A 41 -12.48 1.77 11.18
CA LEU A 41 -13.29 2.98 11.26
C LEU A 41 -13.70 3.17 12.72
N LEU A 42 -14.01 4.41 13.09
CA LEU A 42 -14.67 4.66 14.37
C LEU A 42 -16.14 4.30 14.24
N ALA A 43 -16.62 3.49 15.18
CA ALA A 43 -18.04 3.19 15.35
C ALA A 43 -18.87 4.46 15.57
N ASP A 44 -20.19 4.30 15.60
CA ASP A 44 -21.13 5.29 16.13
C ASP A 44 -20.76 5.70 17.56
N ASP A 45 -20.23 4.75 18.34
CA ASP A 45 -19.77 4.95 19.71
C ASP A 45 -18.53 5.85 19.80
N GLY A 46 -17.80 6.05 18.70
CA GLY A 46 -16.63 6.93 18.62
C GLY A 46 -15.43 6.50 19.45
N GLU A 47 -15.47 5.33 20.11
CA GLU A 47 -14.30 4.64 20.62
C GLU A 47 -14.00 3.44 19.73
N THR A 48 -15.01 2.59 19.52
CA THR A 48 -14.83 1.24 19.04
C THR A 48 -14.32 1.23 17.60
N GLU A 49 -13.06 0.84 17.44
CA GLU A 49 -12.34 0.64 16.20
C GLU A 49 -12.97 -0.58 15.50
N LYS A 50 -13.97 -0.38 14.66
CA LYS A 50 -14.65 -1.46 13.94
C LYS A 50 -13.98 -1.66 12.59
N THR A 51 -13.38 -2.81 12.42
CA THR A 51 -12.65 -3.23 11.23
C THR A 51 -13.64 -3.58 10.10
N PHE A 52 -13.22 -3.46 8.84
CA PHE A 52 -14.02 -3.74 7.64
C PHE A 52 -13.14 -4.41 6.56
N PRO A 53 -13.74 -5.16 5.63
CA PRO A 53 -13.02 -5.83 4.54
C PRO A 53 -12.35 -4.84 3.59
N PHE A 54 -11.31 -5.31 2.91
CA PHE A 54 -10.51 -4.54 1.98
C PHE A 54 -10.73 -5.14 0.59
N THR A 55 -11.38 -4.38 -0.28
CA THR A 55 -11.87 -4.81 -1.58
C THR A 55 -11.20 -3.98 -2.70
N LYS A 56 -11.56 -4.15 -3.97
CA LYS A 56 -11.00 -3.34 -5.05
C LYS A 56 -11.52 -1.91 -4.96
N GLU A 57 -12.72 -1.70 -4.39
CA GLU A 57 -13.20 -0.37 -4.08
C GLU A 57 -12.16 0.38 -3.25
N LYS A 58 -11.67 -0.24 -2.16
CA LYS A 58 -10.68 0.38 -1.28
C LYS A 58 -9.23 0.26 -1.77
N TRP A 59 -8.99 -0.18 -3.01
CA TRP A 59 -7.64 -0.36 -3.56
C TRP A 59 -7.24 0.89 -4.36
N PRO A 60 -6.65 1.94 -3.75
CA PRO A 60 -5.99 2.99 -4.52
C PRO A 60 -4.82 2.38 -5.31
N LEU A 61 -4.55 2.93 -6.49
CA LEU A 61 -3.45 2.53 -7.35
C LEU A 61 -2.19 3.29 -6.95
N LEU A 62 -1.18 2.59 -6.41
CA LEU A 62 0.09 3.18 -5.99
C LEU A 62 0.90 3.69 -7.19
N ASP A 63 1.80 4.67 -7.01
CA ASP A 63 2.55 5.32 -8.09
C ASP A 63 4.06 5.07 -7.97
N SER A 64 4.81 5.34 -9.04
CA SER A 64 6.27 5.23 -9.04
C SER A 64 6.94 6.36 -8.23
N GLU A 65 6.30 7.53 -8.10
CA GLU A 65 6.88 8.64 -7.33
C GLU A 65 6.81 8.35 -5.84
N THR A 66 5.76 7.64 -5.40
CA THR A 66 5.59 7.22 -4.02
C THR A 66 6.75 6.30 -3.62
N MET A 67 7.19 5.44 -4.53
CA MET A 67 8.19 4.39 -4.37
C MET A 67 9.62 4.96 -4.37
N LYS A 68 9.86 5.99 -3.55
CA LYS A 68 11.16 6.53 -3.18
C LYS A 68 11.13 6.83 -1.68
N GLU A 69 12.21 6.54 -0.95
CA GLU A 69 12.30 6.96 0.46
C GLU A 69 12.69 8.44 0.49
N GLU A 70 12.22 9.21 1.48
CA GLU A 70 12.73 10.54 1.83
C GLU A 70 12.56 10.75 3.34
N ARG A 71 13.07 11.86 3.88
CA ARG A 71 12.94 12.23 5.28
C ARG A 71 12.89 13.75 5.34
N ILE A 72 11.69 14.31 5.33
CA ILE A 72 11.45 15.75 5.30
C ILE A 72 11.33 16.20 6.75
N THR A 73 12.37 16.83 7.27
CA THR A 73 12.33 17.39 8.61
C THR A 73 11.59 18.73 8.53
N GLN A 74 10.53 18.91 9.34
CA GLN A 74 9.81 20.16 9.49
C GLN A 74 9.97 20.64 10.93
N GLU A 75 9.41 21.81 11.22
CA GLU A 75 9.21 22.34 12.58
C GLU A 75 7.75 22.71 12.82
N GLU A 76 6.89 22.50 11.81
CA GLU A 76 5.51 22.98 11.79
C GLU A 76 4.44 21.88 11.95
N GLY A 77 4.81 20.61 12.11
CA GLY A 77 3.82 19.54 12.25
C GLY A 77 4.45 18.20 12.62
N GLY A 78 5.52 17.82 11.95
CA GLY A 78 6.30 16.64 12.29
C GLY A 78 7.45 16.43 11.32
N ILE A 79 8.30 15.46 11.58
CA ILE A 79 9.36 15.03 10.68
C ILE A 79 8.83 13.87 9.84
N TYR A 80 8.56 14.08 8.56
CA TYR A 80 7.92 13.11 7.67
C TYR A 80 8.96 12.12 7.12
N VAL A 81 9.06 10.93 7.71
CA VAL A 81 10.03 9.90 7.35
C VAL A 81 9.43 8.94 6.30
N SER A 82 10.29 8.30 5.52
CA SER A 82 10.11 7.00 4.88
C SER A 82 11.46 6.31 5.01
N LYS A 83 11.51 5.03 5.36
CA LYS A 83 12.58 4.13 4.95
C LYS A 83 12.14 2.70 5.17
N PHE A 84 12.58 1.83 4.26
CA PHE A 84 12.41 0.39 4.33
C PHE A 84 12.74 -0.11 5.73
N THR A 85 11.84 -0.90 6.31
CA THR A 85 12.11 -1.51 7.60
C THR A 85 13.00 -2.76 7.47
N LEU A 86 12.85 -3.52 6.37
CA LEU A 86 13.46 -4.84 6.14
C LEU A 86 14.27 -4.81 4.85
N ASN A 87 15.41 -5.51 4.83
CA ASN A 87 16.17 -5.79 3.62
C ASN A 87 16.38 -7.29 3.51
N GLU A 88 15.33 -7.99 3.08
CA GLU A 88 15.40 -9.40 2.73
C GLU A 88 15.23 -9.54 1.21
N PRO A 89 15.58 -10.72 0.66
CA PRO A 89 15.72 -10.88 -0.77
C PRO A 89 14.35 -11.01 -1.40
N LYS A 90 13.54 -11.97 -0.93
CA LYS A 90 12.23 -12.29 -1.48
C LYS A 90 11.09 -11.52 -0.80
N HIS A 91 11.32 -10.83 0.33
CA HIS A 91 10.31 -10.12 1.11
C HIS A 91 10.83 -8.71 1.33
N LYS A 92 9.97 -7.70 1.27
CA LYS A 92 10.33 -6.33 1.62
C LYS A 92 9.12 -5.59 2.17
N ILE A 93 9.40 -4.51 2.91
CA ILE A 93 8.42 -3.56 3.42
C ILE A 93 8.88 -2.18 2.95
N PHE A 94 7.91 -1.28 2.78
CA PHE A 94 8.13 0.09 2.36
C PHE A 94 7.08 0.92 3.10
N GLU A 95 7.50 1.75 4.05
CA GLU A 95 6.61 2.56 4.90
C GLU A 95 6.89 4.05 4.73
N ALA A 96 5.95 4.90 5.17
CA ALA A 96 6.15 6.33 5.37
C ALA A 96 5.24 6.89 6.45
N GLY A 97 5.73 7.85 7.20
CA GLY A 97 4.93 8.70 8.07
C GLY A 97 5.75 9.58 8.99
N TYR A 98 5.06 10.43 9.75
CA TYR A 98 5.65 11.36 10.70
C TYR A 98 6.30 10.65 11.89
N GLU A 99 7.42 11.17 12.35
CA GLU A 99 8.16 10.70 13.53
C GLU A 99 7.36 10.97 14.83
N GLU A 100 6.43 11.92 14.79
CA GLU A 100 5.57 12.28 15.91
C GLU A 100 4.21 11.57 15.84
N SER A 101 3.89 10.84 14.77
CA SER A 101 2.51 10.42 14.48
C SER A 101 2.47 8.97 13.96
N GLU A 102 1.28 8.46 13.63
CA GLU A 102 1.12 7.21 12.89
C GLU A 102 1.49 7.43 11.43
N VAL A 103 1.58 6.33 10.67
CA VAL A 103 1.95 6.35 9.26
C VAL A 103 0.95 7.13 8.39
N ASP A 104 1.39 7.47 7.19
CA ASP A 104 0.54 7.87 6.07
C ASP A 104 0.32 6.66 5.17
N LEU A 105 1.35 5.83 4.95
CA LEU A 105 1.39 4.83 3.88
C LEU A 105 2.23 3.65 4.33
N ARG A 106 1.78 2.42 4.06
CA ARG A 106 2.56 1.20 4.26
C ARG A 106 2.15 0.18 3.22
N VAL A 107 3.10 -0.62 2.77
CA VAL A 107 2.89 -1.74 1.86
C VAL A 107 4.01 -2.78 2.13
N GLU A 108 3.79 -4.03 1.75
CA GLU A 108 4.73 -5.15 1.90
C GLU A 108 4.58 -6.02 0.64
N PHE A 109 5.68 -6.50 0.07
CA PHE A 109 5.68 -7.29 -1.16
C PHE A 109 6.45 -8.59 -0.91
N GLU A 110 5.97 -9.70 -1.47
CA GLU A 110 6.66 -11.00 -1.42
C GLU A 110 6.67 -11.64 -2.81
N LEU A 111 7.83 -12.17 -3.19
CA LEU A 111 7.99 -13.08 -4.30
C LEU A 111 7.37 -14.42 -3.92
N GLN A 112 6.51 -14.94 -4.80
CA GLN A 112 5.85 -16.22 -4.61
C GLN A 112 6.69 -17.32 -5.26
N ALA A 113 6.39 -18.59 -4.97
CA ALA A 113 6.96 -19.77 -5.63
C ALA A 113 6.49 -19.88 -7.07
N ASP A 114 5.49 -19.08 -7.42
CA ASP A 114 5.10 -18.82 -8.80
C ASP A 114 6.23 -18.10 -9.56
N GLY A 115 7.17 -17.48 -8.84
CA GLY A 115 8.19 -16.62 -9.39
C GLY A 115 7.60 -15.30 -9.89
N LYS A 116 6.39 -14.93 -9.45
CA LYS A 116 5.81 -13.61 -9.64
C LYS A 116 5.83 -12.91 -8.29
N TRP A 117 6.12 -11.61 -8.27
CA TRP A 117 6.00 -10.83 -7.05
C TRP A 117 4.55 -10.45 -6.85
N TYR A 118 4.04 -10.51 -5.62
CA TYR A 118 2.68 -10.16 -5.22
C TYR A 118 2.76 -9.08 -4.13
N VAL A 119 1.68 -8.31 -3.89
CA VAL A 119 1.63 -7.42 -2.71
C VAL A 119 0.77 -8.06 -1.61
N VAL A 120 1.06 -7.76 -0.34
CA VAL A 120 0.51 -8.46 0.83
C VAL A 120 0.10 -7.48 1.94
N ASP A 121 0.21 -6.18 1.67
CA ASP A 121 -0.22 -5.08 2.53
C ASP A 121 -0.62 -3.88 1.68
N CYS A 122 -1.53 -3.02 2.15
CA CYS A 122 -1.86 -1.75 1.48
C CYS A 122 -2.56 -0.81 2.46
N TYR A 123 -1.81 0.03 3.17
CA TYR A 123 -2.33 1.11 4.01
C TYR A 123 -2.29 2.41 3.21
N THR A 124 -3.06 3.41 3.65
CA THR A 124 -3.07 4.77 3.14
C THR A 124 -3.82 5.66 4.13
N GLY A 125 -3.52 6.96 4.12
CA GLY A 125 -4.23 8.00 4.83
C GLY A 125 -5.66 8.20 4.31
N TRP A 126 -6.02 7.60 3.18
CA TRP A 126 -7.42 7.50 2.77
C TRP A 126 -8.25 6.83 3.86
N TYR A 127 -7.86 5.62 4.29
CA TYR A 127 -8.67 4.81 5.20
C TYR A 127 -7.92 4.66 6.54
N GLY A 128 -7.69 5.79 7.22
CA GLY A 128 -6.90 5.85 8.45
C GLY A 128 -7.72 6.03 9.73
N TYR A 129 -7.03 5.99 10.87
CA TYR A 129 -7.52 5.79 12.23
C TYR A 129 -8.18 7.05 12.83
N ASP A 130 -9.19 7.55 12.14
CA ASP A 130 -10.00 8.69 12.58
C ASP A 130 -11.37 8.68 11.90
N LEU A 131 -11.45 8.17 10.66
CA LEU A 131 -12.62 8.33 9.82
C LEU A 131 -13.77 7.47 10.40
N PRO A 132 -15.03 7.94 10.33
CA PRO A 132 -16.15 7.29 10.98
C PRO A 132 -16.77 6.20 10.10
N ILE A 133 -17.65 5.41 10.70
CA ILE A 133 -18.30 4.29 10.06
C ILE A 133 -19.24 4.68 8.89
N GLY A 134 -19.60 5.96 8.75
CA GLY A 134 -20.44 6.43 7.65
C GLY A 134 -19.61 6.86 6.46
N GLU A 135 -18.65 7.78 6.64
CA GLU A 135 -17.87 8.45 5.58
C GLU A 135 -16.97 7.52 4.77
N LEU A 136 -16.93 6.23 5.12
CA LEU A 136 -16.26 5.18 4.36
C LEU A 136 -16.59 5.31 2.86
N LYS A 137 -17.86 5.44 2.48
CA LYS A 137 -18.20 5.52 1.06
C LYS A 137 -17.61 6.77 0.43
N GLN A 138 -17.70 7.95 1.06
CA GLN A 138 -17.12 9.19 0.52
C GLN A 138 -15.66 8.96 0.14
N THR A 139 -14.88 8.39 1.05
CA THR A 139 -13.49 8.07 0.83
C THR A 139 -13.30 7.12 -0.37
N ILE A 140 -14.19 6.15 -0.59
CA ILE A 140 -14.14 5.26 -1.76
C ILE A 140 -14.44 6.07 -3.02
N GLN A 141 -15.44 6.95 -2.98
CA GLN A 141 -15.85 7.78 -4.10
C GLN A 141 -14.62 8.53 -4.60
N ASN A 142 -13.95 9.19 -3.66
CA ASN A 142 -12.74 9.98 -3.91
C ASN A 142 -11.62 9.13 -4.48
N VAL A 143 -11.34 7.97 -3.87
CA VAL A 143 -10.26 7.07 -4.30
C VAL A 143 -10.41 6.67 -5.76
N LYS A 144 -11.63 6.55 -6.27
CA LYS A 144 -11.82 6.17 -7.66
C LYS A 144 -11.44 7.32 -8.61
N GLU A 145 -11.48 8.58 -8.15
CA GLU A 145 -11.12 9.75 -8.95
C GLU A 145 -9.61 9.89 -9.08
N GLU A 146 -8.86 9.60 -8.01
CA GLU A 146 -7.41 9.46 -8.06
C GLU A 146 -7.05 8.28 -8.97
N ASN A 147 -7.69 7.12 -8.77
CA ASN A 147 -7.42 5.95 -9.59
C ASN A 147 -7.72 6.20 -11.06
N ALA A 148 -8.66 7.10 -11.37
CA ALA A 148 -8.91 7.51 -12.73
C ALA A 148 -7.67 8.24 -13.29
N ALA A 149 -7.10 9.19 -12.55
CA ALA A 149 -5.89 9.89 -12.95
C ALA A 149 -4.71 8.92 -13.16
N PHE A 150 -4.57 7.89 -12.32
CA PHE A 150 -3.57 6.85 -12.54
C PHE A 150 -3.83 6.16 -13.88
N LYS A 151 -5.00 5.52 -14.00
CA LYS A 151 -5.32 4.61 -15.10
C LYS A 151 -5.45 5.33 -16.44
N GLU A 152 -5.63 6.65 -16.42
CA GLU A 152 -5.69 7.49 -17.60
C GLU A 152 -4.39 7.31 -18.39
N ILE A 153 -3.26 7.31 -17.67
CA ILE A 153 -1.91 7.28 -18.22
C ILE A 153 -1.41 5.84 -18.30
N HIS A 154 -1.54 5.10 -17.20
CA HIS A 154 -0.99 3.78 -17.00
C HIS A 154 -2.15 2.78 -16.79
N PRO A 155 -2.86 2.41 -17.87
CA PRO A 155 -4.07 1.61 -17.82
C PRO A 155 -3.78 0.16 -17.45
N GLY A 1 9.77 -28.71 -20.05
CA GLY A 1 10.27 -27.99 -18.87
C GLY A 1 9.14 -28.02 -17.87
N ASP A 2 9.40 -28.58 -16.69
CA ASP A 2 8.36 -29.33 -15.98
C ASP A 2 8.42 -28.90 -14.52
N SER A 3 9.57 -29.12 -13.89
CA SER A 3 10.09 -28.33 -12.78
C SER A 3 11.59 -28.64 -12.66
N GLU A 4 12.28 -27.86 -11.84
CA GLU A 4 13.62 -28.12 -11.35
C GLU A 4 13.71 -27.65 -9.89
N LEU A 5 14.87 -27.80 -9.25
CA LEU A 5 15.09 -27.51 -7.83
C LEU A 5 14.90 -26.01 -7.55
N THR A 6 14.30 -25.61 -6.43
CA THR A 6 13.95 -24.20 -6.16
C THR A 6 14.53 -23.73 -4.82
N THR A 7 14.69 -22.41 -4.68
CA THR A 7 15.49 -21.78 -3.64
C THR A 7 14.78 -20.53 -3.13
N GLN A 8 15.45 -19.62 -2.42
CA GLN A 8 14.94 -18.27 -2.15
C GLN A 8 15.36 -17.37 -3.33
N ASP A 9 14.65 -17.46 -4.46
CA ASP A 9 15.04 -16.83 -5.71
C ASP A 9 13.83 -16.91 -6.64
N GLY A 10 13.11 -15.79 -6.76
CA GLY A 10 12.01 -15.61 -7.68
C GLY A 10 12.36 -14.47 -8.65
N GLU A 11 11.36 -13.69 -9.04
CA GLU A 11 11.52 -12.53 -9.90
C GLU A 11 12.50 -11.53 -9.27
N ASP A 12 13.05 -10.69 -10.13
CA ASP A 12 14.08 -9.71 -9.83
C ASP A 12 13.56 -8.52 -9.02
N PHE A 13 14.40 -8.00 -8.12
CA PHE A 13 14.13 -6.89 -7.22
C PHE A 13 13.72 -5.59 -7.94
N LYS A 14 14.43 -5.20 -8.99
CA LYS A 14 14.14 -3.99 -9.74
C LYS A 14 12.96 -4.26 -10.66
N SER A 15 12.83 -5.47 -11.23
CA SER A 15 11.68 -5.82 -12.06
C SER A 15 10.39 -5.57 -11.29
N PHE A 16 10.27 -6.16 -10.09
CA PHE A 16 8.98 -6.09 -9.42
C PHE A 16 8.63 -4.67 -9.05
N LEU A 17 9.64 -3.84 -8.73
CA LEU A 17 9.42 -2.45 -8.38
C LEU A 17 9.07 -1.63 -9.63
N ASP A 18 9.80 -1.79 -10.74
CA ASP A 18 9.57 -1.10 -12.01
C ASP A 18 8.13 -1.35 -12.48
N LYS A 19 7.78 -2.62 -12.74
CA LYS A 19 6.43 -2.93 -13.24
C LYS A 19 5.35 -2.62 -12.20
N PHE A 20 5.68 -2.45 -10.91
CA PHE A 20 4.74 -1.95 -9.91
C PHE A 20 4.45 -0.48 -10.19
N THR A 21 5.48 0.35 -10.39
CA THR A 21 5.33 1.77 -10.72
C THR A 21 4.86 2.04 -12.17
N SER A 22 4.85 1.02 -13.03
CA SER A 22 4.74 1.16 -14.48
C SER A 22 3.74 0.14 -15.04
N SER A 23 2.76 -0.32 -14.25
CA SER A 23 1.59 -1.05 -14.75
C SER A 23 0.44 -1.00 -13.75
N ALA A 24 -0.46 -0.05 -13.92
CA ALA A 24 -1.72 0.06 -13.20
C ALA A 24 -2.48 -1.26 -13.27
N ALA A 25 -2.81 -1.75 -14.47
CA ALA A 25 -3.61 -2.97 -14.59
C ALA A 25 -2.93 -4.23 -14.04
N PHE A 26 -1.59 -4.21 -13.82
CA PHE A 26 -0.85 -5.34 -13.28
C PHE A 26 -0.88 -5.35 -11.75
N GLN A 27 -1.02 -4.19 -11.12
CA GLN A 27 -0.99 -4.05 -9.67
C GLN A 27 -2.00 -5.00 -9.01
N TYR A 28 -3.23 -5.04 -9.54
CA TYR A 28 -4.34 -5.83 -9.03
C TYR A 28 -4.09 -7.35 -9.06
N THR A 29 -3.33 -7.88 -10.04
CA THR A 29 -3.07 -9.32 -10.16
C THR A 29 -1.92 -9.76 -9.22
N ARG A 30 -1.33 -8.85 -8.42
CA ARG A 30 -0.10 -9.14 -7.67
C ARG A 30 -0.21 -8.72 -6.22
N VAL A 31 -1.27 -9.15 -5.56
CA VAL A 31 -1.53 -8.83 -4.17
C VAL A 31 -2.28 -9.98 -3.48
N LYS A 32 -2.08 -10.14 -2.16
CA LYS A 32 -2.74 -11.14 -1.31
C LYS A 32 -3.84 -10.44 -0.49
N PHE A 33 -4.72 -11.20 0.14
CA PHE A 33 -5.80 -10.71 1.00
C PHE A 33 -6.19 -11.78 2.02
N PRO A 34 -6.80 -11.44 3.17
CA PRO A 34 -7.00 -10.07 3.68
C PRO A 34 -5.65 -9.48 4.12
N LEU A 35 -5.64 -8.21 4.51
CA LEU A 35 -4.42 -7.47 4.77
C LEU A 35 -4.21 -7.22 6.25
N LYS A 36 -2.99 -6.79 6.62
CA LYS A 36 -2.60 -6.61 8.02
C LYS A 36 -3.51 -5.61 8.70
N THR A 37 -3.48 -4.37 8.23
CA THR A 37 -4.28 -3.31 8.80
C THR A 37 -5.38 -2.98 7.78
N PRO A 38 -6.52 -3.70 7.80
CA PRO A 38 -7.65 -3.40 6.93
C PRO A 38 -8.25 -2.03 7.32
N ILE A 39 -9.37 -1.68 6.69
CA ILE A 39 -10.05 -0.38 6.84
C ILE A 39 -10.14 0.03 8.32
N THR A 40 -10.77 -0.79 9.15
CA THR A 40 -11.00 -0.56 10.56
C THR A 40 -11.59 0.83 10.80
N LEU A 41 -12.88 0.95 10.55
CA LEU A 41 -13.65 2.17 10.74
C LEU A 41 -14.58 2.04 11.93
N LEU A 42 -14.96 3.18 12.47
CA LEU A 42 -15.68 3.25 13.73
C LEU A 42 -17.13 2.92 13.46
N ALA A 43 -17.62 1.83 14.05
CA ALA A 43 -18.97 1.33 13.90
C ALA A 43 -20.00 2.37 14.33
N ASP A 44 -21.27 2.07 14.03
CA ASP A 44 -22.45 2.81 14.48
C ASP A 44 -22.54 2.92 16.01
N ASP A 45 -21.72 2.17 16.75
CA ASP A 45 -21.60 2.23 18.20
C ASP A 45 -20.87 3.51 18.65
N GLY A 46 -19.90 3.98 17.87
CA GLY A 46 -19.01 5.09 18.21
C GLY A 46 -17.85 4.72 19.14
N GLU A 47 -17.76 3.47 19.63
CA GLU A 47 -16.65 2.97 20.45
C GLU A 47 -16.11 1.62 19.94
N THR A 48 -16.52 1.19 18.74
CA THR A 48 -16.26 -0.16 18.24
C THR A 48 -15.55 -0.06 16.88
N GLU A 49 -14.24 -0.22 16.88
CA GLU A 49 -13.43 -0.46 15.68
C GLU A 49 -13.95 -1.76 15.04
N LYS A 50 -14.36 -1.73 13.77
CA LYS A 50 -14.73 -2.94 13.02
C LYS A 50 -13.90 -3.02 11.76
N THR A 51 -13.11 -4.09 11.64
CA THR A 51 -12.46 -4.40 10.39
C THR A 51 -13.51 -4.70 9.34
N PHE A 52 -13.18 -4.35 8.10
CA PHE A 52 -14.06 -4.43 6.95
C PHE A 52 -13.29 -5.13 5.81
N PRO A 53 -13.97 -5.70 4.80
CA PRO A 53 -13.34 -6.43 3.72
C PRO A 53 -12.43 -5.52 2.90
N PHE A 54 -11.15 -5.86 2.85
CA PHE A 54 -10.22 -5.25 1.92
C PHE A 54 -10.27 -6.02 0.60
N THR A 55 -10.63 -5.33 -0.48
CA THR A 55 -10.92 -5.85 -1.81
C THR A 55 -10.24 -4.99 -2.88
N LYS A 56 -10.27 -5.39 -4.17
CA LYS A 56 -9.78 -4.55 -5.28
C LYS A 56 -10.55 -3.23 -5.40
N GLU A 57 -11.69 -3.06 -4.73
CA GLU A 57 -12.46 -1.83 -4.78
C GLU A 57 -11.62 -0.68 -4.22
N LYS A 58 -11.04 -0.91 -3.04
CA LYS A 58 -10.27 0.07 -2.28
C LYS A 58 -8.80 -0.09 -2.61
N TRP A 59 -8.50 0.05 -3.90
CA TRP A 59 -7.15 -0.02 -4.42
C TRP A 59 -6.87 1.28 -5.19
N PRO A 60 -6.39 2.35 -4.52
CA PRO A 60 -5.70 3.40 -5.24
C PRO A 60 -4.53 2.79 -5.99
N LEU A 61 -4.36 3.20 -7.25
CA LEU A 61 -3.17 2.93 -8.03
C LEU A 61 -2.00 3.68 -7.41
N LEU A 62 -0.83 3.04 -7.34
CA LEU A 62 0.37 3.63 -6.75
C LEU A 62 1.43 3.93 -7.79
N ASP A 63 2.10 5.05 -7.55
CA ASP A 63 3.04 5.75 -8.41
C ASP A 63 4.47 5.43 -7.99
N SER A 64 5.44 5.82 -8.83
CA SER A 64 6.81 6.02 -8.40
C SER A 64 6.91 7.23 -7.45
N GLU A 65 6.11 8.27 -7.63
CA GLU A 65 6.35 9.57 -6.99
C GLU A 65 6.25 9.52 -5.45
N THR A 66 5.46 8.60 -4.90
CA THR A 66 5.38 8.29 -3.47
C THR A 66 6.55 7.40 -3.02
N MET A 67 7.07 6.54 -3.90
CA MET A 67 8.17 5.59 -3.65
C MET A 67 9.53 6.34 -3.64
N LYS A 68 9.59 7.55 -3.09
CA LYS A 68 10.81 8.33 -2.93
C LYS A 68 10.88 8.78 -1.48
N GLU A 69 11.97 8.45 -0.81
CA GLU A 69 12.22 8.87 0.56
C GLU A 69 12.61 10.33 0.61
N GLU A 70 12.30 10.95 1.75
CA GLU A 70 12.67 12.29 2.15
C GLU A 70 12.53 12.40 3.67
N ARG A 71 12.88 13.54 4.27
CA ARG A 71 12.77 13.79 5.70
C ARG A 71 12.54 15.28 5.87
N ILE A 72 11.28 15.68 5.95
CA ILE A 72 10.87 17.08 5.93
C ILE A 72 10.74 17.53 7.38
N THR A 73 11.75 18.20 7.91
CA THR A 73 11.60 18.89 9.19
C THR A 73 10.73 20.12 8.95
N GLN A 74 9.94 20.50 9.93
CA GLN A 74 9.08 21.67 9.92
C GLN A 74 9.41 22.48 11.18
N GLU A 75 8.63 23.53 11.48
CA GLU A 75 8.78 24.26 12.74
C GLU A 75 7.52 24.10 13.62
N GLU A 76 6.36 24.26 13.01
CA GLU A 76 5.07 24.29 13.68
C GLU A 76 4.42 22.90 13.65
N GLY A 77 4.91 22.00 12.79
CA GLY A 77 4.11 20.88 12.31
C GLY A 77 4.57 19.50 12.78
N GLY A 78 5.85 19.17 12.64
CA GLY A 78 6.38 17.84 12.87
C GLY A 78 7.72 17.64 12.17
N ILE A 79 8.22 16.41 12.11
CA ILE A 79 9.26 15.99 11.18
C ILE A 79 8.72 14.83 10.35
N TYR A 80 8.37 15.06 9.09
CA TYR A 80 7.88 13.99 8.21
C TYR A 80 9.02 13.02 7.93
N VAL A 81 8.76 11.72 8.01
CA VAL A 81 9.72 10.66 7.81
C VAL A 81 9.03 9.58 6.98
N SER A 82 9.48 9.44 5.74
CA SER A 82 8.95 8.53 4.74
C SER A 82 10.11 7.66 4.25
N LYS A 83 10.24 6.46 4.80
CA LYS A 83 11.36 5.56 4.49
C LYS A 83 10.95 4.10 4.59
N PHE A 84 11.90 3.20 4.31
CA PHE A 84 11.79 1.80 4.68
C PHE A 84 12.02 1.68 6.19
N THR A 85 11.27 0.79 6.82
CA THR A 85 11.51 0.40 8.20
C THR A 85 12.32 -0.91 8.25
N LEU A 86 12.03 -1.86 7.36
CA LEU A 86 12.77 -3.11 7.18
C LEU A 86 13.63 -2.99 5.93
N ASN A 87 14.83 -3.57 5.97
CA ASN A 87 15.68 -3.80 4.81
C ASN A 87 16.14 -5.25 4.85
N GLU A 88 15.28 -6.17 4.44
CA GLU A 88 15.58 -7.57 4.16
C GLU A 88 15.70 -7.77 2.64
N PRO A 89 16.25 -8.90 2.18
CA PRO A 89 16.37 -9.15 0.75
C PRO A 89 15.01 -9.53 0.16
N LYS A 90 14.36 -10.57 0.71
CA LYS A 90 13.19 -11.20 0.09
C LYS A 90 11.86 -10.57 0.52
N HIS A 91 11.89 -9.46 1.27
CA HIS A 91 10.77 -8.86 1.98
C HIS A 91 11.08 -7.37 2.18
N LYS A 92 10.09 -6.47 2.06
CA LYS A 92 10.26 -5.04 2.37
C LYS A 92 8.97 -4.43 2.92
N ILE A 93 9.08 -3.40 3.76
CA ILE A 93 7.98 -2.60 4.29
C ILE A 93 8.34 -1.13 4.06
N PHE A 94 7.37 -0.30 3.71
CA PHE A 94 7.54 1.12 3.44
C PHE A 94 6.41 1.83 4.19
N GLU A 95 6.77 2.79 5.05
CA GLU A 95 5.85 3.46 5.97
C GLU A 95 6.04 4.97 5.75
N ALA A 96 4.98 5.75 5.89
CA ALA A 96 5.05 7.21 5.87
C ALA A 96 4.19 7.79 6.99
N GLY A 97 4.64 8.89 7.56
CA GLY A 97 4.03 9.60 8.67
C GLY A 97 5.05 10.56 9.23
N TYR A 98 4.73 11.25 10.32
CA TYR A 98 5.71 12.06 11.03
C TYR A 98 6.60 11.18 11.91
N GLU A 99 7.67 11.76 12.46
CA GLU A 99 8.68 11.04 13.24
C GLU A 99 8.05 10.48 14.52
N GLU A 100 7.07 11.20 15.06
CA GLU A 100 6.48 10.98 16.36
C GLU A 100 4.97 11.20 16.25
N SER A 101 4.31 10.51 15.32
CA SER A 101 2.88 10.62 15.12
C SER A 101 2.30 9.30 14.60
N GLU A 102 1.06 9.39 14.16
CA GLU A 102 0.37 8.46 13.29
C GLU A 102 1.07 8.31 11.93
N VAL A 103 0.61 7.35 11.13
CA VAL A 103 1.03 7.16 9.75
C VAL A 103 -0.08 7.58 8.80
N ASP A 104 0.30 7.76 7.54
CA ASP A 104 -0.50 8.17 6.41
C ASP A 104 -0.31 7.26 5.20
N LEU A 105 0.67 6.36 5.28
CA LEU A 105 0.90 5.27 4.32
C LEU A 105 1.45 4.09 5.10
N ARG A 106 0.97 2.87 4.81
CA ARG A 106 1.67 1.64 5.15
C ARG A 106 1.52 0.70 3.97
N VAL A 107 2.60 0.04 3.57
CA VAL A 107 2.55 -0.98 2.54
C VAL A 107 3.68 -2.00 2.79
N GLU A 108 3.48 -3.25 2.38
CA GLU A 108 4.36 -4.37 2.64
C GLU A 108 4.37 -5.24 1.40
N PHE A 109 5.54 -5.81 1.07
CA PHE A 109 5.79 -6.49 -0.19
C PHE A 109 6.68 -7.70 0.12
N GLU A 110 6.19 -8.91 -0.16
CA GLU A 110 6.94 -10.15 -0.01
C GLU A 110 7.09 -10.84 -1.37
N LEU A 111 8.20 -11.56 -1.55
CA LEU A 111 8.37 -12.52 -2.63
C LEU A 111 7.81 -13.85 -2.16
N GLN A 112 6.95 -14.45 -2.97
CA GLN A 112 6.47 -15.80 -2.74
C GLN A 112 7.39 -16.79 -3.45
N ALA A 113 7.48 -18.00 -2.92
CA ALA A 113 8.11 -19.14 -3.60
C ALA A 113 7.44 -19.47 -4.95
N ASP A 114 6.25 -18.92 -5.19
CA ASP A 114 5.56 -18.91 -6.48
C ASP A 114 6.39 -18.19 -7.55
N GLY A 115 7.44 -17.45 -7.20
CA GLY A 115 8.29 -16.73 -8.13
C GLY A 115 7.86 -15.27 -8.24
N LYS A 116 6.59 -14.95 -7.97
CA LYS A 116 6.13 -13.57 -8.05
C LYS A 116 6.19 -12.88 -6.70
N TRP A 117 6.46 -11.59 -6.78
CA TRP A 117 6.27 -10.62 -5.72
C TRP A 117 4.77 -10.30 -5.63
N TYR A 118 4.23 -10.31 -4.40
CA TYR A 118 2.84 -10.04 -4.08
C TYR A 118 2.76 -8.97 -2.98
N VAL A 119 1.82 -8.02 -3.04
CA VAL A 119 1.62 -7.05 -1.96
C VAL A 119 0.91 -7.77 -0.79
N VAL A 120 1.20 -7.36 0.44
CA VAL A 120 0.67 -7.95 1.68
C VAL A 120 0.26 -6.88 2.70
N ASP A 121 0.16 -5.59 2.29
CA ASP A 121 -0.46 -4.51 3.06
C ASP A 121 -0.97 -3.41 2.12
N CYS A 122 -1.89 -2.57 2.57
CA CYS A 122 -2.42 -1.44 1.81
C CYS A 122 -3.13 -0.54 2.80
N TYR A 123 -2.50 0.56 3.20
CA TYR A 123 -3.04 1.52 4.14
C TYR A 123 -2.69 2.91 3.67
N THR A 124 -3.56 3.87 3.93
CA THR A 124 -3.34 5.24 3.55
C THR A 124 -4.36 6.11 4.30
N GLY A 125 -4.03 7.39 4.48
CA GLY A 125 -4.91 8.36 5.12
C GLY A 125 -6.31 8.43 4.50
N TRP A 126 -6.46 8.05 3.22
CA TRP A 126 -7.75 7.89 2.56
C TRP A 126 -8.72 7.13 3.46
N TYR A 127 -8.35 5.90 3.84
CA TYR A 127 -9.08 5.06 4.75
C TYR A 127 -8.08 4.68 5.85
N GLY A 128 -7.81 5.61 6.75
CA GLY A 128 -7.01 5.43 7.94
C GLY A 128 -7.90 5.46 9.17
N TYR A 129 -7.35 5.19 10.36
CA TYR A 129 -8.09 4.92 11.59
C TYR A 129 -8.61 6.21 12.23
N ASP A 130 -9.54 6.88 11.55
CA ASP A 130 -10.21 8.07 12.05
C ASP A 130 -11.72 7.93 11.82
N LEU A 131 -12.13 7.79 10.55
CA LEU A 131 -13.51 8.08 10.12
C LEU A 131 -14.51 7.02 10.64
N PRO A 132 -15.81 7.38 10.69
CA PRO A 132 -16.88 6.44 10.98
C PRO A 132 -17.22 5.56 9.76
N ILE A 133 -17.92 4.46 10.05
CA ILE A 133 -18.51 3.50 9.13
C ILE A 133 -19.30 4.16 7.99
N GLY A 134 -19.93 5.29 8.31
CA GLY A 134 -20.85 5.99 7.43
C GLY A 134 -20.12 6.67 6.27
N GLU A 135 -18.82 6.99 6.39
CA GLU A 135 -18.08 7.74 5.37
C GLU A 135 -17.35 6.84 4.37
N LEU A 136 -17.54 5.53 4.48
CA LEU A 136 -16.84 4.56 3.64
C LEU A 136 -17.07 4.81 2.15
N LYS A 137 -18.31 4.65 1.68
CA LYS A 137 -18.67 4.75 0.26
C LYS A 137 -18.20 6.08 -0.34
N GLN A 138 -18.43 7.18 0.37
CA GLN A 138 -17.99 8.53 0.04
C GLN A 138 -16.49 8.54 -0.26
N THR A 139 -15.69 7.97 0.62
CA THR A 139 -14.25 7.90 0.44
C THR A 139 -13.88 7.06 -0.81
N ILE A 140 -14.60 5.99 -1.12
CA ILE A 140 -14.31 5.15 -2.29
C ILE A 140 -14.56 5.95 -3.56
N GLN A 141 -15.61 6.79 -3.58
CA GLN A 141 -15.95 7.60 -4.75
C GLN A 141 -14.76 8.45 -5.17
N ASN A 142 -14.07 9.01 -4.17
CA ASN A 142 -12.93 9.90 -4.39
C ASN A 142 -11.77 9.15 -5.02
N VAL A 143 -11.41 7.99 -4.47
CA VAL A 143 -10.21 7.28 -4.92
C VAL A 143 -10.34 6.88 -6.40
N LYS A 144 -11.56 6.65 -6.87
CA LYS A 144 -11.77 6.29 -8.27
C LYS A 144 -11.57 7.49 -9.20
N GLU A 145 -11.79 8.73 -8.75
CA GLU A 145 -11.39 9.93 -9.49
C GLU A 145 -9.88 9.85 -9.74
N GLU A 146 -9.13 9.66 -8.65
CA GLU A 146 -7.67 9.65 -8.64
C GLU A 146 -7.14 8.58 -9.58
N ASN A 147 -7.70 7.37 -9.49
CA ASN A 147 -7.33 6.24 -10.32
C ASN A 147 -7.63 6.48 -11.79
N ALA A 148 -8.69 7.22 -12.12
CA ALA A 148 -9.00 7.52 -13.51
C ALA A 148 -7.95 8.47 -14.07
N ALA A 149 -7.60 9.53 -13.33
CA ALA A 149 -6.56 10.44 -13.72
C ALA A 149 -5.22 9.71 -13.93
N PHE A 150 -4.86 8.81 -13.01
CA PHE A 150 -3.63 8.04 -13.14
C PHE A 150 -3.69 7.16 -14.39
N LYS A 151 -4.71 6.29 -14.48
CA LYS A 151 -4.78 5.30 -15.54
C LYS A 151 -5.02 5.94 -16.91
N GLU A 152 -5.46 7.21 -16.97
CA GLU A 152 -5.54 7.97 -18.20
C GLU A 152 -4.17 7.94 -18.89
N ILE A 153 -3.12 8.25 -18.14
CA ILE A 153 -1.75 8.40 -18.62
C ILE A 153 -1.06 7.03 -18.56
N HIS A 154 -1.14 6.36 -17.41
CA HIS A 154 -0.40 5.14 -17.09
C HIS A 154 -1.38 3.97 -16.84
N PRO A 155 -2.07 3.47 -17.89
CA PRO A 155 -2.96 2.32 -17.80
C PRO A 155 -2.19 1.02 -17.63
N GLY A 1 23.38 -37.71 -6.58
CA GLY A 1 24.18 -37.44 -7.77
C GLY A 1 24.32 -35.95 -7.91
N ASP A 2 25.29 -35.54 -8.71
CA ASP A 2 25.81 -34.19 -8.85
C ASP A 2 24.86 -33.36 -9.71
N SER A 3 25.18 -32.10 -9.96
CA SER A 3 24.40 -31.21 -10.81
C SER A 3 25.23 -29.99 -11.22
N GLU A 4 24.73 -29.28 -12.23
CA GLU A 4 25.28 -28.02 -12.70
C GLU A 4 24.19 -26.96 -12.97
N LEU A 5 22.93 -27.28 -12.72
CA LEU A 5 21.80 -26.40 -13.04
C LEU A 5 21.86 -25.14 -12.19
N THR A 6 21.43 -24.02 -12.76
CA THR A 6 21.27 -22.75 -12.07
C THR A 6 20.01 -22.08 -12.62
N THR A 7 19.34 -21.26 -11.81
CA THR A 7 18.08 -20.59 -12.10
C THR A 7 17.82 -19.61 -10.93
N GLN A 8 16.84 -18.71 -11.06
CA GLN A 8 16.53 -17.68 -10.05
C GLN A 8 15.69 -18.27 -8.90
N ASP A 9 15.56 -17.48 -7.83
CA ASP A 9 14.85 -17.81 -6.58
C ASP A 9 13.79 -16.78 -6.19
N GLY A 10 13.47 -15.90 -7.14
CA GLY A 10 12.47 -14.85 -7.03
C GLY A 10 12.75 -13.84 -8.12
N GLU A 11 11.71 -13.12 -8.52
CA GLU A 11 11.79 -11.89 -9.29
C GLU A 11 12.46 -10.81 -8.44
N ASP A 12 13.16 -9.88 -9.07
CA ASP A 12 13.87 -8.83 -8.32
C ASP A 12 12.91 -7.85 -7.65
N PHE A 13 13.39 -7.18 -6.60
CA PHE A 13 12.66 -6.14 -5.92
C PHE A 13 12.32 -4.96 -6.83
N LYS A 14 13.15 -4.64 -7.81
CA LYS A 14 12.85 -3.59 -8.76
C LYS A 14 12.10 -4.18 -9.95
N SER A 15 12.37 -5.43 -10.34
CA SER A 15 11.65 -6.11 -11.43
C SER A 15 10.14 -5.98 -11.23
N PHE A 16 9.63 -6.27 -10.03
CA PHE A 16 8.19 -6.11 -9.83
C PHE A 16 7.83 -4.62 -9.78
N LEU A 17 8.55 -3.81 -8.99
CA LEU A 17 8.19 -2.42 -8.70
C LEU A 17 8.11 -1.60 -9.99
N ASP A 18 9.03 -1.84 -10.92
CA ASP A 18 9.16 -1.16 -12.19
C ASP A 18 7.85 -1.18 -12.97
N LYS A 19 7.13 -2.31 -12.97
CA LYS A 19 5.83 -2.39 -13.61
C LYS A 19 4.72 -2.01 -12.64
N PHE A 20 4.92 -2.24 -11.34
CA PHE A 20 3.92 -1.98 -10.32
C PHE A 20 3.50 -0.51 -10.35
N THR A 21 4.41 0.43 -10.63
CA THR A 21 4.02 1.84 -10.74
C THR A 21 3.57 2.21 -12.17
N SER A 22 3.63 1.29 -13.13
CA SER A 22 3.32 1.50 -14.55
C SER A 22 2.32 0.44 -15.08
N SER A 23 1.33 0.00 -14.28
CA SER A 23 0.20 -0.80 -14.73
C SER A 23 -0.90 -0.89 -13.66
N ALA A 24 -1.91 -0.02 -13.70
CA ALA A 24 -3.06 0.02 -12.80
C ALA A 24 -3.69 -1.36 -12.64
N ALA A 25 -4.07 -1.97 -13.77
CA ALA A 25 -4.77 -3.26 -13.78
C ALA A 25 -3.97 -4.38 -13.12
N PHE A 26 -2.66 -4.20 -12.94
CA PHE A 26 -1.75 -5.19 -12.41
C PHE A 26 -1.35 -4.89 -10.97
N GLN A 27 -1.60 -3.69 -10.43
CA GLN A 27 -1.50 -3.47 -8.99
C GLN A 27 -2.40 -4.50 -8.30
N TYR A 28 -3.66 -4.57 -8.75
CA TYR A 28 -4.67 -5.49 -8.24
C TYR A 28 -4.21 -6.96 -8.27
N THR A 29 -3.44 -7.39 -9.29
CA THR A 29 -3.10 -8.79 -9.46
C THR A 29 -1.89 -9.22 -8.63
N ARG A 30 -1.24 -8.31 -7.89
CA ARG A 30 -0.04 -8.60 -7.11
C ARG A 30 -0.27 -8.21 -5.67
N VAL A 31 -1.33 -8.70 -5.03
CA VAL A 31 -1.67 -8.40 -3.64
C VAL A 31 -2.48 -9.54 -3.03
N LYS A 32 -2.17 -9.92 -1.79
CA LYS A 32 -2.94 -10.94 -1.06
C LYS A 32 -4.09 -10.26 -0.35
N PHE A 33 -5.11 -11.03 0.01
CA PHE A 33 -6.14 -10.61 0.96
C PHE A 33 -6.44 -11.79 1.90
N PRO A 34 -6.82 -11.57 3.17
CA PRO A 34 -6.90 -10.27 3.84
C PRO A 34 -5.54 -9.60 3.97
N LEU A 35 -5.55 -8.31 4.31
CA LEU A 35 -4.37 -7.51 4.59
C LEU A 35 -4.16 -7.43 6.10
N LYS A 36 -3.02 -6.87 6.51
CA LYS A 36 -2.70 -6.81 7.94
C LYS A 36 -3.52 -5.71 8.62
N THR A 37 -3.73 -4.59 7.94
CA THR A 37 -4.29 -3.39 8.55
C THR A 37 -5.60 -3.02 7.85
N PRO A 38 -6.74 -3.61 8.23
CA PRO A 38 -8.01 -3.36 7.57
C PRO A 38 -8.51 -1.94 7.80
N ILE A 39 -9.53 -1.56 7.05
CA ILE A 39 -10.32 -0.37 7.34
C ILE A 39 -11.09 -0.69 8.61
N THR A 40 -10.80 0.04 9.68
CA THR A 40 -11.58 0.07 10.90
C THR A 40 -12.27 1.44 10.94
N LEU A 41 -13.54 1.45 11.31
CA LEU A 41 -14.38 2.63 11.51
C LEU A 41 -14.94 2.51 12.92
N LEU A 42 -15.15 3.65 13.58
CA LEU A 42 -15.87 3.66 14.84
C LEU A 42 -17.34 3.49 14.53
N ALA A 43 -17.94 2.47 15.14
CA ALA A 43 -19.36 2.17 15.01
C ALA A 43 -20.21 3.33 15.49
N ASP A 44 -21.50 3.24 15.20
CA ASP A 44 -22.49 4.28 15.47
C ASP A 44 -22.61 4.58 16.97
N ASP A 45 -22.31 3.58 17.78
CA ASP A 45 -22.28 3.61 19.24
C ASP A 45 -21.09 4.41 19.81
N GLY A 46 -20.08 4.73 18.99
CA GLY A 46 -19.00 5.64 19.36
C GLY A 46 -17.90 5.02 20.23
N GLU A 47 -18.04 3.78 20.71
CA GLU A 47 -17.02 3.09 21.50
C GLU A 47 -16.68 1.66 21.00
N THR A 48 -17.12 1.29 19.79
CA THR A 48 -16.88 -0.02 19.20
C THR A 48 -16.20 0.16 17.84
N GLU A 49 -14.91 -0.12 17.75
CA GLU A 49 -14.22 -0.26 16.46
C GLU A 49 -14.81 -1.47 15.72
N LYS A 50 -15.09 -1.37 14.42
CA LYS A 50 -15.41 -2.53 13.58
C LYS A 50 -14.59 -2.49 12.30
N THR A 51 -14.07 -3.63 11.87
CA THR A 51 -13.38 -3.80 10.60
C THR A 51 -14.37 -3.92 9.45
N PHE A 52 -13.87 -3.85 8.21
CA PHE A 52 -14.62 -4.15 6.99
C PHE A 52 -13.78 -5.00 6.03
N PRO A 53 -14.40 -5.74 5.10
CA PRO A 53 -13.70 -6.52 4.09
C PRO A 53 -13.01 -5.59 3.09
N PHE A 54 -11.69 -5.58 3.09
CA PHE A 54 -10.88 -4.81 2.16
C PHE A 54 -10.89 -5.54 0.82
N THR A 55 -11.58 -5.00 -0.19
CA THR A 55 -11.47 -5.46 -1.58
C THR A 55 -11.19 -4.28 -2.54
N LYS A 56 -11.08 -4.53 -3.86
CA LYS A 56 -10.57 -3.59 -4.87
C LYS A 56 -11.27 -2.23 -4.93
N GLU A 57 -12.47 -2.08 -4.35
CA GLU A 57 -13.18 -0.80 -4.30
C GLU A 57 -12.25 0.30 -3.78
N LYS A 58 -11.63 0.02 -2.63
CA LYS A 58 -10.94 0.97 -1.76
C LYS A 58 -9.44 0.88 -1.97
N TRP A 59 -9.03 0.69 -3.22
CA TRP A 59 -7.65 0.50 -3.62
C TRP A 59 -7.18 1.75 -4.37
N PRO A 60 -6.68 2.79 -3.66
CA PRO A 60 -6.03 3.91 -4.32
C PRO A 60 -4.82 3.39 -5.11
N LEU A 61 -4.78 3.66 -6.41
CA LEU A 61 -3.72 3.24 -7.31
C LEU A 61 -2.47 4.06 -6.99
N LEU A 62 -1.33 3.40 -6.79
CA LEU A 62 -0.06 4.08 -6.58
C LEU A 62 0.51 4.54 -7.93
N ASP A 63 1.16 5.72 -7.91
CA ASP A 63 1.97 6.25 -9.01
C ASP A 63 3.46 6.11 -8.63
N SER A 64 4.35 6.33 -9.59
CA SER A 64 5.81 6.22 -9.41
C SER A 64 6.37 7.14 -8.33
N GLU A 65 5.68 8.23 -8.04
CA GLU A 65 6.11 9.37 -7.28
C GLU A 65 6.13 9.12 -5.77
N THR A 66 5.04 8.63 -5.17
CA THR A 66 5.03 8.38 -3.73
C THR A 66 5.95 7.19 -3.38
N MET A 67 6.34 6.38 -4.37
CA MET A 67 7.23 5.23 -4.26
C MET A 67 8.71 5.66 -4.35
N LYS A 68 9.12 6.59 -3.49
CA LYS A 68 10.50 7.07 -3.34
C LYS A 68 10.77 7.32 -1.86
N GLU A 69 12.00 7.09 -1.39
CA GLU A 69 12.35 7.38 -0.01
C GLU A 69 12.90 8.80 0.13
N GLU A 70 12.28 9.63 0.96
CA GLU A 70 12.78 10.94 1.33
C GLU A 70 12.41 11.26 2.80
N ARG A 71 12.93 12.35 3.36
CA ARG A 71 12.84 12.74 4.77
C ARG A 71 12.70 14.27 4.84
N ILE A 72 11.49 14.78 5.08
CA ILE A 72 11.11 16.19 5.12
C ILE A 72 10.96 16.62 6.57
N THR A 73 11.96 17.33 7.07
CA THR A 73 12.06 18.01 8.35
C THR A 73 11.07 19.19 8.36
N GLN A 74 9.78 18.95 8.60
CA GLN A 74 8.76 19.98 8.67
C GLN A 74 8.68 20.54 10.07
N GLU A 75 9.11 21.78 10.16
CA GLU A 75 9.03 22.60 11.37
C GLU A 75 7.57 22.87 11.76
N GLU A 76 6.62 22.53 10.87
CA GLU A 76 5.18 22.63 11.04
C GLU A 76 4.51 21.32 11.50
N GLY A 77 5.24 20.23 11.76
CA GLY A 77 4.58 19.01 12.23
C GLY A 77 5.50 17.85 12.64
N GLY A 78 6.74 17.81 12.19
CA GLY A 78 7.68 16.75 12.54
C GLY A 78 8.53 16.39 11.33
N ILE A 79 9.26 15.29 11.43
CA ILE A 79 9.96 14.76 10.28
C ILE A 79 9.01 13.85 9.53
N TYR A 80 8.40 14.30 8.44
CA TYR A 80 7.63 13.43 7.54
C TYR A 80 8.66 12.63 6.75
N VAL A 81 8.66 11.31 6.83
CA VAL A 81 9.64 10.46 6.18
C VAL A 81 9.02 9.16 5.74
N SER A 82 9.53 8.63 4.63
CA SER A 82 8.93 7.57 3.85
C SER A 82 10.03 6.53 3.59
N LYS A 83 10.28 5.59 4.51
CA LYS A 83 11.46 4.73 4.45
C LYS A 83 11.11 3.26 4.23
N PHE A 84 12.15 2.43 4.25
CA PHE A 84 12.15 1.02 4.58
C PHE A 84 12.45 0.91 6.09
N THR A 85 11.47 0.60 6.93
CA THR A 85 11.65 0.35 8.37
C THR A 85 12.22 -1.06 8.59
N LEU A 86 11.93 -1.98 7.67
CA LEU A 86 12.41 -3.35 7.69
C LEU A 86 12.90 -3.68 6.29
N ASN A 87 14.22 -3.61 6.12
CA ASN A 87 15.00 -4.02 4.96
C ASN A 87 15.20 -5.56 4.96
N GLU A 88 14.21 -6.32 5.44
CA GLU A 88 14.27 -7.77 5.31
C GLU A 88 14.07 -8.15 3.84
N PRO A 89 14.65 -9.28 3.42
CA PRO A 89 14.98 -9.50 2.03
C PRO A 89 13.75 -9.80 1.21
N LYS A 90 12.86 -10.63 1.76
CA LYS A 90 11.61 -11.10 1.17
C LYS A 90 10.39 -10.43 1.84
N HIS A 91 10.59 -9.55 2.84
CA HIS A 91 9.57 -8.99 3.72
C HIS A 91 9.81 -7.49 3.76
N LYS A 92 9.54 -6.77 2.67
CA LYS A 92 10.02 -5.38 2.54
C LYS A 92 8.85 -4.43 2.74
N ILE A 93 8.85 -3.76 3.88
CA ILE A 93 7.89 -2.74 4.27
C ILE A 93 8.13 -1.50 3.40
N PHE A 94 7.13 -0.62 3.29
CA PHE A 94 7.30 0.74 2.80
C PHE A 94 6.32 1.59 3.60
N GLU A 95 6.78 2.41 4.53
CA GLU A 95 5.94 3.09 5.50
C GLU A 95 6.29 4.57 5.49
N ALA A 96 5.29 5.42 5.72
CA ALA A 96 5.50 6.85 5.77
C ALA A 96 4.55 7.51 6.74
N GLY A 97 4.96 8.69 7.19
CA GLY A 97 4.31 9.46 8.22
C GLY A 97 5.37 10.26 8.96
N TYR A 98 4.99 10.80 10.10
CA TYR A 98 5.86 11.62 10.93
C TYR A 98 6.68 10.71 11.86
N GLU A 99 8.01 10.91 11.91
CA GLU A 99 8.94 10.00 12.57
C GLU A 99 8.73 9.93 14.09
N GLU A 100 8.02 10.91 14.67
CA GLU A 100 7.73 11.03 16.11
C GLU A 100 6.21 10.94 16.38
N SER A 101 5.45 10.43 15.41
CA SER A 101 4.00 10.26 15.45
C SER A 101 3.63 8.92 14.79
N GLU A 102 2.34 8.61 14.67
CA GLU A 102 1.84 7.48 13.90
C GLU A 102 1.98 7.72 12.40
N VAL A 103 1.92 6.64 11.63
CA VAL A 103 2.00 6.65 10.17
C VAL A 103 0.78 7.28 9.51
N ASP A 104 0.89 7.53 8.21
CA ASP A 104 -0.17 8.09 7.36
C ASP A 104 -0.31 7.34 6.03
N LEU A 105 0.61 6.43 5.75
CA LEU A 105 0.66 5.63 4.53
C LEU A 105 1.49 4.39 4.82
N ARG A 106 0.95 3.18 4.62
CA ARG A 106 1.72 1.96 4.76
C ARG A 106 1.32 0.99 3.66
N VAL A 107 2.33 0.41 3.03
CA VAL A 107 2.22 -0.67 2.06
C VAL A 107 3.30 -1.67 2.48
N GLU A 108 3.09 -2.96 2.24
CA GLU A 108 4.04 -3.98 2.62
C GLU A 108 4.07 -5.00 1.50
N PHE A 109 5.25 -5.48 1.15
CA PHE A 109 5.46 -6.30 -0.03
C PHE A 109 6.19 -7.55 0.40
N GLU A 110 5.50 -8.69 0.33
CA GLU A 110 6.04 -10.00 0.61
C GLU A 110 6.35 -10.71 -0.71
N LEU A 111 7.32 -11.61 -0.70
CA LEU A 111 7.65 -12.44 -1.87
C LEU A 111 7.21 -13.87 -1.62
N GLN A 112 6.25 -14.29 -2.44
CA GLN A 112 5.64 -15.61 -2.37
C GLN A 112 6.63 -16.62 -2.95
N ALA A 113 6.58 -17.88 -2.53
CA ALA A 113 7.30 -18.98 -3.17
C ALA A 113 7.02 -19.06 -4.68
N ASP A 114 5.87 -18.57 -5.16
CA ASP A 114 5.53 -18.56 -6.58
C ASP A 114 6.35 -17.52 -7.36
N GLY A 115 7.20 -16.73 -6.70
CA GLY A 115 8.19 -15.90 -7.36
C GLY A 115 7.63 -14.58 -7.85
N LYS A 116 6.35 -14.26 -7.63
CA LYS A 116 5.85 -12.89 -7.82
C LYS A 116 5.66 -12.28 -6.45
N TRP A 117 6.08 -11.04 -6.32
CA TRP A 117 5.85 -10.18 -5.18
C TRP A 117 4.36 -9.89 -5.09
N TYR A 118 3.84 -9.84 -3.86
CA TYR A 118 2.45 -9.57 -3.54
C TYR A 118 2.45 -8.50 -2.44
N VAL A 119 1.65 -7.44 -2.59
CA VAL A 119 1.36 -6.53 -1.49
C VAL A 119 0.59 -7.31 -0.42
N VAL A 120 0.67 -6.89 0.84
CA VAL A 120 -0.05 -7.48 1.96
C VAL A 120 -0.62 -6.40 2.90
N ASP A 121 -0.56 -5.12 2.50
CA ASP A 121 -1.11 -4.00 3.27
C ASP A 121 -1.48 -2.81 2.37
N CYS A 122 -2.47 -2.01 2.75
CA CYS A 122 -2.99 -0.85 2.03
C CYS A 122 -3.56 0.20 3.00
N TYR A 123 -2.86 0.56 4.08
CA TYR A 123 -3.26 1.70 4.93
C TYR A 123 -2.92 3.02 4.25
N THR A 124 -3.77 4.01 4.42
CA THR A 124 -3.61 5.36 3.91
C THR A 124 -4.47 6.27 4.80
N GLY A 125 -4.12 7.55 4.85
CA GLY A 125 -4.93 8.58 5.45
C GLY A 125 -6.34 8.71 4.84
N TRP A 126 -6.60 8.13 3.65
CA TRP A 126 -7.95 8.05 3.10
C TRP A 126 -8.87 7.38 4.13
N TYR A 127 -8.62 6.09 4.38
CA TYR A 127 -9.46 5.27 5.22
C TYR A 127 -8.80 5.17 6.60
N GLY A 128 -8.66 6.33 7.25
CA GLY A 128 -8.15 6.45 8.62
C GLY A 128 -9.16 5.92 9.65
N TYR A 129 -9.01 6.33 10.91
CA TYR A 129 -9.96 6.00 11.98
C TYR A 129 -10.95 7.15 12.26
N ASP A 130 -10.73 8.33 11.66
CA ASP A 130 -11.39 9.58 12.10
C ASP A 130 -12.76 9.79 11.43
N LEU A 131 -13.03 8.99 10.41
CA LEU A 131 -14.28 9.00 9.67
C LEU A 131 -15.27 8.06 10.37
N PRO A 132 -16.59 8.31 10.27
CA PRO A 132 -17.60 7.46 10.85
C PRO A 132 -17.90 6.23 9.99
N ILE A 133 -18.71 5.32 10.53
CA ILE A 133 -18.98 4.03 9.91
C ILE A 133 -19.76 4.13 8.59
N GLY A 134 -20.52 5.21 8.37
CA GLY A 134 -21.30 5.39 7.15
C GLY A 134 -20.43 5.90 6.00
N GLU A 135 -19.66 6.97 6.23
CA GLU A 135 -19.02 7.76 5.17
C GLU A 135 -17.97 7.01 4.35
N LEU A 136 -17.63 5.78 4.75
CA LEU A 136 -16.76 4.86 4.00
C LEU A 136 -17.14 4.84 2.51
N LYS A 137 -18.44 4.80 2.20
CA LYS A 137 -18.93 4.80 0.83
C LYS A 137 -18.42 6.00 0.04
N GLN A 138 -18.48 7.21 0.61
CA GLN A 138 -17.96 8.41 -0.03
C GLN A 138 -16.43 8.37 -0.08
N THR A 139 -15.75 7.85 0.94
CA THR A 139 -14.30 7.67 0.90
C THR A 139 -13.89 6.71 -0.25
N ILE A 140 -14.81 5.85 -0.72
CA ILE A 140 -14.58 4.99 -1.87
C ILE A 140 -14.91 5.74 -3.16
N GLN A 141 -15.99 6.54 -3.19
CA GLN A 141 -16.30 7.43 -4.31
C GLN A 141 -15.04 8.18 -4.71
N ASN A 142 -14.55 8.99 -3.79
CA ASN A 142 -13.54 10.01 -4.07
C ASN A 142 -12.23 9.38 -4.56
N VAL A 143 -11.86 8.22 -4.00
CA VAL A 143 -10.64 7.51 -4.40
C VAL A 143 -10.73 7.04 -5.86
N LYS A 144 -11.91 6.63 -6.35
CA LYS A 144 -12.03 6.23 -7.74
C LYS A 144 -11.69 7.36 -8.68
N GLU A 145 -11.87 8.60 -8.25
CA GLU A 145 -11.79 9.78 -9.09
C GLU A 145 -10.32 10.14 -9.25
N GLU A 146 -9.53 10.19 -8.17
CA GLU A 146 -8.07 10.32 -8.22
C GLU A 146 -7.44 9.19 -9.05
N ASN A 147 -7.94 7.96 -8.85
CA ASN A 147 -7.48 6.76 -9.55
C ASN A 147 -7.62 6.91 -11.05
N ALA A 148 -8.69 7.57 -11.51
CA ALA A 148 -9.04 7.58 -12.92
C ALA A 148 -8.03 8.35 -13.76
N ALA A 149 -7.44 9.40 -13.19
CA ALA A 149 -6.35 10.13 -13.81
C ALA A 149 -5.16 9.19 -14.02
N PHE A 150 -4.77 8.43 -13.00
CA PHE A 150 -3.67 7.48 -13.13
C PHE A 150 -3.95 6.47 -14.25
N LYS A 151 -5.16 5.90 -14.29
CA LYS A 151 -5.56 4.94 -15.32
C LYS A 151 -5.62 5.53 -16.72
N GLU A 152 -5.64 6.85 -16.86
CA GLU A 152 -5.46 7.49 -18.16
C GLU A 152 -4.08 7.10 -18.70
N ILE A 153 -3.08 7.20 -17.83
CA ILE A 153 -1.66 7.18 -18.17
C ILE A 153 -1.15 5.74 -18.18
N HIS A 154 -1.41 4.97 -17.13
CA HIS A 154 -0.90 3.60 -16.98
C HIS A 154 -2.04 2.62 -16.68
N PRO A 155 -2.91 2.33 -17.65
CA PRO A 155 -4.04 1.41 -17.51
C PRO A 155 -3.61 -0.05 -17.36
N GLY A 1 9.03 -13.16 -22.77
CA GLY A 1 10.32 -13.84 -22.64
C GLY A 1 10.06 -15.24 -22.13
N ASP A 2 10.31 -16.26 -22.96
CA ASP A 2 9.43 -17.42 -23.02
C ASP A 2 10.23 -18.73 -22.94
N SER A 3 11.52 -18.64 -22.57
CA SER A 3 12.41 -19.78 -22.44
C SER A 3 11.91 -20.73 -21.35
N GLU A 4 12.41 -21.96 -21.33
CA GLU A 4 12.20 -22.89 -20.23
C GLU A 4 13.56 -23.52 -19.90
N LEU A 5 14.47 -22.71 -19.34
CA LEU A 5 15.85 -23.12 -19.09
C LEU A 5 16.49 -22.37 -17.91
N THR A 6 15.72 -21.93 -16.90
CA THR A 6 16.32 -21.38 -15.69
C THR A 6 15.52 -21.79 -14.46
N THR A 7 16.19 -21.77 -13.31
CA THR A 7 15.64 -22.01 -12.00
C THR A 7 15.76 -20.70 -11.20
N GLN A 8 15.03 -20.55 -10.09
CA GLN A 8 15.06 -19.36 -9.25
C GLN A 8 14.53 -19.73 -7.86
N ASP A 9 15.33 -19.48 -6.83
CA ASP A 9 15.05 -19.83 -5.44
C ASP A 9 14.03 -18.87 -4.79
N GLY A 10 13.39 -18.04 -5.60
CA GLY A 10 12.46 -16.99 -5.25
C GLY A 10 12.82 -15.75 -6.06
N GLU A 11 11.85 -14.88 -6.27
CA GLU A 11 12.02 -13.58 -6.88
C GLU A 11 12.77 -12.63 -5.94
N ASP A 12 13.24 -11.49 -6.47
CA ASP A 12 13.92 -10.46 -5.68
C ASP A 12 12.96 -9.37 -5.20
N PHE A 13 13.25 -8.71 -4.07
CA PHE A 13 12.40 -7.61 -3.61
C PHE A 13 12.48 -6.36 -4.50
N LYS A 14 13.54 -6.17 -5.26
CA LYS A 14 13.74 -5.01 -6.14
C LYS A 14 13.17 -5.30 -7.52
N SER A 15 13.19 -6.56 -7.94
CA SER A 15 12.61 -7.02 -9.18
C SER A 15 11.13 -6.61 -9.24
N PHE A 16 10.30 -6.99 -8.25
CA PHE A 16 8.86 -6.72 -8.37
C PHE A 16 8.59 -5.21 -8.26
N LEU A 17 9.46 -4.48 -7.56
CA LEU A 17 9.18 -3.08 -7.20
C LEU A 17 9.13 -2.17 -8.44
N ASP A 18 9.86 -2.54 -9.50
CA ASP A 18 9.79 -1.90 -10.81
C ASP A 18 8.34 -1.91 -11.31
N LYS A 19 7.80 -3.10 -11.60
CA LYS A 19 6.47 -3.36 -12.08
C LYS A 19 5.38 -2.99 -11.07
N PHE A 20 5.74 -2.86 -9.80
CA PHE A 20 4.82 -2.36 -8.79
C PHE A 20 4.56 -0.88 -9.06
N THR A 21 5.60 -0.05 -9.13
CA THR A 21 5.48 1.39 -9.40
C THR A 21 5.16 1.67 -10.89
N SER A 22 5.45 0.73 -11.80
CA SER A 22 5.46 0.95 -13.24
C SER A 22 4.81 -0.24 -13.98
N SER A 23 3.77 -0.83 -13.40
CA SER A 23 2.80 -1.63 -14.15
C SER A 23 1.45 -1.58 -13.43
N ALA A 24 0.60 -0.59 -13.75
CA ALA A 24 -0.71 -0.32 -13.16
C ALA A 24 -1.79 -1.38 -13.50
N ALA A 25 -1.41 -2.53 -14.05
CA ALA A 25 -2.24 -3.72 -14.19
C ALA A 25 -1.64 -4.93 -13.47
N PHE A 26 -0.52 -4.77 -12.76
CA PHE A 26 0.18 -5.84 -12.07
C PHE A 26 0.32 -5.59 -10.57
N GLN A 27 0.00 -4.40 -10.04
CA GLN A 27 -0.24 -4.29 -8.60
C GLN A 27 -1.35 -5.28 -8.22
N TYR A 28 -2.49 -5.24 -8.92
CA TYR A 28 -3.65 -6.12 -8.75
C TYR A 28 -3.29 -7.60 -8.64
N THR A 29 -2.25 -8.08 -9.35
CA THR A 29 -1.96 -9.51 -9.48
C THR A 29 -0.96 -10.01 -8.42
N ARG A 30 -0.63 -9.21 -7.39
CA ARG A 30 0.34 -9.59 -6.36
C ARG A 30 -0.12 -9.03 -5.01
N VAL A 31 -1.29 -9.43 -4.52
CA VAL A 31 -1.83 -8.98 -3.23
C VAL A 31 -2.45 -10.21 -2.54
N LYS A 32 -2.19 -10.37 -1.24
CA LYS A 32 -2.83 -11.39 -0.40
C LYS A 32 -3.92 -10.75 0.44
N PHE A 33 -4.81 -11.55 1.02
CA PHE A 33 -5.79 -11.08 2.00
C PHE A 33 -5.95 -12.10 3.13
N PRO A 34 -6.33 -11.68 4.36
CA PRO A 34 -6.51 -10.29 4.78
C PRO A 34 -5.16 -9.56 4.84
N LEU A 35 -5.20 -8.29 5.25
CA LEU A 35 -4.04 -7.43 5.38
C LEU A 35 -3.83 -7.10 6.85
N LYS A 36 -2.75 -6.38 7.18
CA LYS A 36 -2.40 -6.18 8.59
C LYS A 36 -3.30 -5.14 9.21
N THR A 37 -3.37 -3.97 8.57
CA THR A 37 -4.09 -2.79 9.08
C THR A 37 -5.32 -2.54 8.17
N PRO A 38 -6.47 -3.20 8.41
CA PRO A 38 -7.69 -3.08 7.60
C PRO A 38 -8.25 -1.65 7.59
N ILE A 39 -9.27 -1.43 6.75
CA ILE A 39 -10.11 -0.24 6.76
C ILE A 39 -10.61 -0.07 8.18
N THR A 40 -10.41 1.09 8.79
CA THR A 40 -11.01 1.46 10.06
C THR A 40 -11.62 2.84 9.85
N LEU A 41 -12.95 2.94 9.95
CA LEU A 41 -13.69 4.19 9.91
C LEU A 41 -14.20 4.44 11.33
N LEU A 42 -14.56 5.68 11.62
CA LEU A 42 -15.44 5.96 12.74
C LEU A 42 -16.85 5.59 12.30
N ALA A 43 -17.58 4.97 13.23
CA ALA A 43 -19.01 4.79 13.15
C ALA A 43 -19.74 6.13 13.17
N ASP A 44 -21.07 6.03 13.02
CA ASP A 44 -22.03 7.14 13.07
C ASP A 44 -21.83 8.00 14.32
N ASP A 45 -21.57 7.36 15.47
CA ASP A 45 -21.44 8.05 16.76
C ASP A 45 -20.12 8.81 16.90
N GLY A 46 -19.15 8.55 16.02
CA GLY A 46 -17.86 9.23 16.04
C GLY A 46 -16.96 8.80 17.20
N GLU A 47 -17.22 7.63 17.77
CA GLU A 47 -16.43 7.00 18.82
C GLU A 47 -16.02 5.60 18.38
N THR A 48 -16.98 4.74 18.06
CA THR A 48 -16.76 3.33 17.75
C THR A 48 -15.97 3.18 16.43
N GLU A 49 -14.75 2.66 16.51
CA GLU A 49 -13.92 2.25 15.38
C GLU A 49 -14.57 1.01 14.76
N LYS A 50 -15.04 1.06 13.51
CA LYS A 50 -15.62 -0.10 12.82
C LYS A 50 -14.85 -0.40 11.55
N THR A 51 -14.65 -1.69 11.28
CA THR A 51 -13.86 -2.15 10.15
C THR A 51 -14.75 -2.73 9.04
N PHE A 52 -14.12 -3.06 7.92
CA PHE A 52 -14.72 -3.49 6.66
C PHE A 52 -13.79 -4.50 5.97
N PRO A 53 -14.25 -5.25 4.95
CA PRO A 53 -13.36 -6.10 4.15
C PRO A 53 -12.52 -5.25 3.18
N PHE A 54 -11.27 -5.67 2.98
CA PHE A 54 -10.35 -5.11 1.99
C PHE A 54 -10.27 -6.12 0.84
N THR A 55 -10.66 -5.72 -0.38
CA THR A 55 -10.54 -6.51 -1.62
C THR A 55 -10.18 -5.57 -2.78
N LYS A 56 -9.94 -6.11 -3.99
CA LYS A 56 -9.42 -5.39 -5.15
C LYS A 56 -10.20 -4.16 -5.60
N GLU A 57 -11.48 -4.08 -5.22
CA GLU A 57 -12.31 -2.90 -5.43
C GLU A 57 -11.57 -1.71 -4.82
N LYS A 58 -11.20 -1.85 -3.55
CA LYS A 58 -10.42 -0.90 -2.79
C LYS A 58 -8.94 -1.11 -3.08
N TRP A 59 -8.54 -0.91 -4.33
CA TRP A 59 -7.14 -0.79 -4.71
C TRP A 59 -6.88 0.54 -5.40
N PRO A 60 -6.62 1.64 -4.68
CA PRO A 60 -5.93 2.77 -5.28
C PRO A 60 -4.61 2.28 -5.88
N LEU A 61 -4.42 2.56 -7.17
CA LEU A 61 -3.14 2.32 -7.82
C LEU A 61 -2.13 3.32 -7.28
N LEU A 62 -1.06 2.79 -6.67
CA LEU A 62 -0.09 3.56 -5.91
C LEU A 62 1.01 4.01 -6.86
N ASP A 63 1.36 5.30 -6.90
CA ASP A 63 2.46 5.85 -7.71
C ASP A 63 3.79 5.77 -6.95
N SER A 64 4.88 6.25 -7.57
CA SER A 64 6.14 6.47 -6.89
C SER A 64 6.09 7.63 -5.89
N GLU A 65 5.11 8.52 -5.99
CA GLU A 65 5.01 9.71 -5.15
C GLU A 65 4.88 9.37 -3.66
N THR A 66 4.33 8.19 -3.35
CA THR A 66 4.22 7.68 -1.99
C THR A 66 5.37 6.73 -1.61
N MET A 67 6.22 6.37 -2.56
CA MET A 67 7.18 5.27 -2.46
C MET A 67 8.62 5.77 -2.47
N LYS A 68 8.80 7.10 -2.41
CA LYS A 68 10.08 7.74 -2.17
C LYS A 68 10.40 7.68 -0.67
N GLU A 69 11.67 7.55 -0.32
CA GLU A 69 12.16 7.74 1.03
C GLU A 69 12.72 9.16 1.11
N GLU A 70 12.28 9.93 2.09
CA GLU A 70 12.81 11.22 2.47
C GLU A 70 12.59 11.36 3.99
N ARG A 71 13.15 12.39 4.62
CA ARG A 71 13.04 12.64 6.04
C ARG A 71 13.03 14.15 6.23
N ILE A 72 11.86 14.74 6.44
CA ILE A 72 11.62 16.17 6.44
C ILE A 72 11.43 16.58 7.89
N THR A 73 12.44 17.17 8.52
CA THR A 73 12.27 17.84 9.80
C THR A 73 11.44 19.10 9.57
N GLN A 74 10.33 19.26 10.30
CA GLN A 74 9.55 20.48 10.41
C GLN A 74 9.30 20.73 11.89
N GLU A 75 8.90 21.94 12.25
CA GLU A 75 8.86 22.42 13.65
C GLU A 75 7.55 23.12 14.00
N GLU A 76 6.61 23.17 13.06
CA GLU A 76 5.20 23.47 13.30
C GLU A 76 4.32 22.25 12.97
N GLY A 77 4.87 21.04 13.13
CA GLY A 77 4.15 19.80 12.86
C GLY A 77 4.92 18.61 13.40
N GLY A 78 6.03 18.25 12.78
CA GLY A 78 6.86 17.15 13.25
C GLY A 78 7.97 16.81 12.24
N ILE A 79 8.78 15.83 12.58
CA ILE A 79 9.71 15.21 11.64
C ILE A 79 8.94 14.16 10.86
N TYR A 80 8.67 14.39 9.57
CA TYR A 80 8.10 13.37 8.72
C TYR A 80 9.22 12.41 8.28
N VAL A 81 8.93 11.11 8.22
CA VAL A 81 9.89 10.06 7.94
C VAL A 81 9.21 9.02 7.04
N SER A 82 9.87 8.62 5.96
CA SER A 82 9.47 7.53 5.08
C SER A 82 10.69 6.62 4.95
N LYS A 83 10.68 5.43 5.58
CA LYS A 83 11.73 4.43 5.35
C LYS A 83 11.22 3.02 5.68
N PHE A 84 12.07 2.03 5.39
CA PHE A 84 11.82 0.62 5.71
C PHE A 84 12.05 0.34 7.19
N THR A 85 11.16 -0.40 7.84
CA THR A 85 11.34 -0.86 9.24
C THR A 85 12.02 -2.23 9.32
N LEU A 86 12.12 -2.96 8.20
CA LEU A 86 12.59 -4.34 8.20
C LEU A 86 13.34 -4.63 6.90
N ASN A 87 14.65 -4.88 7.03
CA ASN A 87 15.52 -5.39 5.99
C ASN A 87 15.72 -6.89 6.23
N GLU A 88 14.74 -7.70 5.85
CA GLU A 88 14.80 -9.16 5.83
C GLU A 88 14.77 -9.65 4.37
N PRO A 89 15.14 -10.92 4.12
CA PRO A 89 15.28 -11.43 2.76
C PRO A 89 13.95 -11.65 2.07
N LYS A 90 13.00 -12.27 2.76
CA LYS A 90 11.70 -12.69 2.24
C LYS A 90 10.58 -11.73 2.68
N HIS A 91 10.88 -10.69 3.46
CA HIS A 91 9.89 -9.79 4.05
C HIS A 91 10.45 -8.37 3.96
N LYS A 92 9.64 -7.42 3.50
CA LYS A 92 10.01 -6.00 3.50
C LYS A 92 8.80 -5.23 3.99
N ILE A 93 9.05 -4.27 4.88
CA ILE A 93 8.02 -3.45 5.52
C ILE A 93 8.45 -2.02 5.27
N PHE A 94 7.55 -1.22 4.70
CA PHE A 94 7.79 0.14 4.30
C PHE A 94 6.68 0.99 4.92
N GLU A 95 7.05 2.02 5.67
CA GLU A 95 6.08 2.90 6.30
C GLU A 95 6.50 4.36 6.14
N ALA A 96 5.52 5.25 6.26
CA ALA A 96 5.71 6.69 6.26
C ALA A 96 4.76 7.31 7.27
N GLY A 97 5.19 8.37 7.94
CA GLY A 97 4.57 8.85 9.17
C GLY A 97 5.41 9.94 9.80
N TYR A 98 5.05 10.34 11.02
CA TYR A 98 5.76 11.35 11.79
C TYR A 98 6.59 10.69 12.89
N GLU A 99 7.71 11.30 13.26
CA GLU A 99 8.69 10.68 14.17
C GLU A 99 8.18 10.63 15.62
N GLU A 100 7.21 11.49 15.94
CA GLU A 100 6.54 11.57 17.24
C GLU A 100 5.01 11.55 17.06
N SER A 101 4.51 10.84 16.03
CA SER A 101 3.09 10.59 15.81
C SER A 101 2.89 9.31 14.98
N GLU A 102 1.65 9.07 14.56
CA GLU A 102 1.21 7.91 13.78
C GLU A 102 1.86 7.86 12.39
N VAL A 103 1.63 6.73 11.71
CA VAL A 103 1.85 6.58 10.28
C VAL A 103 0.64 7.04 9.47
N ASP A 104 0.84 7.13 8.15
CA ASP A 104 -0.16 7.49 7.14
C ASP A 104 -0.09 6.62 5.89
N LEU A 105 1.00 5.87 5.71
CA LEU A 105 1.15 4.82 4.69
C LEU A 105 1.95 3.66 5.26
N ARG A 106 1.38 2.45 5.31
CA ARG A 106 2.12 1.20 5.47
C ARG A 106 1.86 0.36 4.24
N VAL A 107 2.91 -0.24 3.71
CA VAL A 107 2.81 -1.28 2.70
C VAL A 107 3.83 -2.34 3.10
N GLU A 108 3.44 -3.60 3.04
CA GLU A 108 4.32 -4.71 3.34
C GLU A 108 4.30 -5.69 2.20
N PHE A 109 5.38 -6.45 2.07
CA PHE A 109 5.61 -7.35 0.96
C PHE A 109 6.25 -8.62 1.51
N GLU A 110 5.70 -9.78 1.16
CA GLU A 110 6.31 -11.08 1.46
C GLU A 110 6.50 -11.83 0.15
N LEU A 111 7.61 -12.54 0.04
CA LEU A 111 7.79 -13.58 -0.96
C LEU A 111 6.97 -14.79 -0.51
N GLN A 112 5.91 -15.11 -1.25
CA GLN A 112 5.14 -16.32 -1.02
C GLN A 112 5.99 -17.54 -1.39
N ALA A 113 5.64 -18.71 -0.83
CA ALA A 113 6.35 -19.97 -1.08
C ALA A 113 6.41 -20.32 -2.58
N ASP A 114 5.41 -19.85 -3.32
CA ASP A 114 5.27 -19.90 -4.76
C ASP A 114 6.55 -19.40 -5.44
N GLY A 115 7.23 -18.43 -4.83
CA GLY A 115 8.42 -17.77 -5.35
C GLY A 115 8.10 -16.43 -6.00
N LYS A 116 6.94 -15.81 -5.72
CA LYS A 116 6.61 -14.45 -6.16
C LYS A 116 6.37 -13.57 -4.95
N TRP A 117 6.62 -12.27 -5.09
CA TRP A 117 6.27 -11.30 -4.06
C TRP A 117 4.78 -10.98 -4.12
N TYR A 118 4.16 -10.78 -2.97
CA TYR A 118 2.78 -10.34 -2.80
C TYR A 118 2.79 -9.24 -1.74
N VAL A 119 1.93 -8.25 -1.92
CA VAL A 119 1.61 -7.25 -0.91
C VAL A 119 0.80 -7.95 0.19
N VAL A 120 1.06 -7.61 1.45
CA VAL A 120 0.41 -8.17 2.64
C VAL A 120 -0.05 -7.08 3.61
N ASP A 121 0.02 -5.80 3.19
CA ASP A 121 -0.53 -4.67 3.94
C ASP A 121 -0.88 -3.53 2.98
N CYS A 122 -1.89 -2.73 3.31
CA CYS A 122 -2.28 -1.55 2.58
C CYS A 122 -3.09 -0.62 3.52
N TYR A 123 -2.45 -0.01 4.53
CA TYR A 123 -3.03 1.11 5.28
C TYR A 123 -2.54 2.41 4.67
N THR A 124 -3.48 3.20 4.16
CA THR A 124 -3.28 4.55 3.68
C THR A 124 -4.43 5.38 4.26
N GLY A 125 -4.25 6.69 4.35
CA GLY A 125 -5.30 7.64 4.70
C GLY A 125 -6.62 7.37 3.96
N TRP A 126 -6.60 6.86 2.73
CA TRP A 126 -7.77 6.52 1.89
C TRP A 126 -8.88 5.77 2.62
N TYR A 127 -8.54 4.91 3.57
CA TYR A 127 -9.48 4.03 4.25
C TYR A 127 -9.32 4.10 5.77
N GLY A 128 -8.61 5.12 6.26
CA GLY A 128 -8.22 5.27 7.66
C GLY A 128 -9.11 6.26 8.40
N TYR A 129 -8.56 6.80 9.47
CA TYR A 129 -9.20 7.63 10.46
C TYR A 129 -9.27 9.06 9.94
N ASP A 130 -10.29 9.33 9.13
CA ASP A 130 -10.85 10.68 8.94
C ASP A 130 -12.33 10.63 8.52
N LEU A 131 -12.70 9.86 7.49
CA LEU A 131 -14.04 9.92 6.90
C LEU A 131 -15.02 8.99 7.62
N PRO A 132 -16.30 9.38 7.76
CA PRO A 132 -17.30 8.56 8.45
C PRO A 132 -17.77 7.37 7.62
N ILE A 133 -18.55 6.51 8.28
CA ILE A 133 -19.01 5.21 7.80
C ILE A 133 -19.98 5.27 6.61
N GLY A 134 -20.51 6.43 6.26
CA GLY A 134 -21.35 6.64 5.08
C GLY A 134 -20.50 7.07 3.89
N GLU A 135 -19.77 8.19 4.04
CA GLU A 135 -18.95 8.81 2.99
C GLU A 135 -17.86 7.91 2.42
N LEU A 136 -17.65 6.76 3.05
CA LEU A 136 -16.95 5.61 2.52
C LEU A 136 -17.42 5.37 1.07
N LYS A 137 -18.72 5.30 0.83
CA LYS A 137 -19.29 5.05 -0.50
C LYS A 137 -18.74 6.02 -1.53
N GLN A 138 -18.75 7.32 -1.21
CA GLN A 138 -18.25 8.37 -2.08
C GLN A 138 -16.78 8.14 -2.38
N THR A 139 -15.98 7.87 -1.35
CA THR A 139 -14.54 7.61 -1.46
C THR A 139 -14.24 6.41 -2.37
N ILE A 140 -15.03 5.33 -2.37
CA ILE A 140 -14.78 4.18 -3.24
C ILE A 140 -14.95 4.63 -4.71
N GLN A 141 -15.92 5.52 -4.99
CA GLN A 141 -16.10 6.05 -6.34
C GLN A 141 -14.84 6.80 -6.73
N ASN A 142 -14.43 7.70 -5.85
CA ASN A 142 -13.31 8.62 -6.11
C ASN A 142 -12.02 7.87 -6.40
N VAL A 143 -11.74 6.79 -5.67
CA VAL A 143 -10.53 5.99 -5.83
C VAL A 143 -10.46 5.40 -7.23
N LYS A 144 -11.59 5.04 -7.85
CA LYS A 144 -11.48 4.57 -9.22
C LYS A 144 -11.10 5.72 -10.15
N GLU A 145 -11.56 6.93 -9.92
CA GLU A 145 -11.31 8.03 -10.86
C GLU A 145 -9.87 8.53 -10.74
N GLU A 146 -9.29 8.58 -9.54
CA GLU A 146 -7.87 8.78 -9.38
C GLU A 146 -7.09 7.63 -10.00
N ASN A 147 -7.39 6.41 -9.56
CA ASN A 147 -6.64 5.23 -9.97
C ASN A 147 -6.68 4.97 -11.48
N ALA A 148 -7.75 5.36 -12.16
CA ALA A 148 -7.94 5.14 -13.58
C ALA A 148 -7.37 6.29 -14.41
N ALA A 149 -7.21 7.48 -13.84
CA ALA A 149 -6.40 8.53 -14.44
C ALA A 149 -4.93 8.13 -14.35
N PHE A 150 -4.46 7.63 -13.19
CA PHE A 150 -3.07 7.28 -12.99
C PHE A 150 -2.61 6.27 -14.05
N LYS A 151 -3.34 5.16 -14.23
CA LYS A 151 -2.99 4.15 -15.24
C LYS A 151 -3.07 4.66 -16.68
N GLU A 152 -3.64 5.83 -16.95
CA GLU A 152 -3.61 6.42 -18.28
C GLU A 152 -2.21 7.00 -18.53
N ILE A 153 -1.57 7.53 -17.48
CA ILE A 153 -0.28 8.22 -17.55
C ILE A 153 0.86 7.22 -17.37
N HIS A 154 0.82 6.40 -16.32
CA HIS A 154 1.86 5.43 -16.00
C HIS A 154 1.21 4.05 -15.78
N PRO A 155 0.82 3.38 -16.88
CA PRO A 155 0.36 2.00 -16.83
C PRO A 155 1.48 1.01 -16.53
N GLY A 1 10.88 -8.70 -23.94
CA GLY A 1 10.31 -9.94 -24.48
C GLY A 1 8.86 -10.07 -24.06
N ASP A 2 8.43 -11.26 -23.65
CA ASP A 2 7.04 -11.51 -23.27
C ASP A 2 6.96 -12.37 -21.99
N SER A 3 7.17 -13.69 -22.07
CA SER A 3 7.12 -14.57 -20.90
C SER A 3 8.26 -14.23 -19.91
N GLU A 4 9.49 -14.35 -20.41
CA GLU A 4 10.73 -13.93 -19.75
C GLU A 4 10.93 -14.53 -18.36
N LEU A 5 11.84 -13.94 -17.58
CA LEU A 5 12.18 -14.26 -16.18
C LEU A 5 13.02 -15.54 -16.10
N THR A 6 13.33 -15.94 -14.87
CA THR A 6 13.81 -17.26 -14.45
C THR A 6 13.76 -17.21 -12.92
N THR A 7 13.60 -18.35 -12.25
CA THR A 7 13.26 -18.41 -10.83
C THR A 7 13.96 -19.62 -10.20
N GLN A 8 14.75 -19.42 -9.14
CA GLN A 8 15.58 -20.44 -8.51
C GLN A 8 15.15 -20.60 -7.04
N ASP A 9 15.45 -19.64 -6.17
CA ASP A 9 15.14 -19.70 -4.73
C ASP A 9 14.68 -18.33 -4.22
N GLY A 10 13.37 -18.10 -4.36
CA GLY A 10 12.68 -16.87 -4.03
C GLY A 10 12.89 -15.84 -5.13
N GLU A 11 11.81 -15.20 -5.57
CA GLU A 11 11.88 -14.14 -6.56
C GLU A 11 12.63 -12.95 -5.96
N ASP A 12 13.22 -12.11 -6.80
CA ASP A 12 14.04 -11.01 -6.31
C ASP A 12 13.21 -9.88 -5.71
N PHE A 13 13.83 -9.08 -4.84
CA PHE A 13 13.22 -7.85 -4.33
C PHE A 13 12.91 -6.88 -5.49
N LYS A 14 13.88 -6.61 -6.37
CA LYS A 14 13.69 -5.63 -7.43
C LYS A 14 12.74 -6.19 -8.48
N SER A 15 12.74 -7.52 -8.70
CA SER A 15 11.80 -8.18 -9.59
C SER A 15 10.38 -7.70 -9.27
N PHE A 16 9.95 -7.84 -8.01
CA PHE A 16 8.60 -7.47 -7.65
C PHE A 16 8.43 -5.97 -7.59
N LEU A 17 9.36 -5.26 -6.93
CA LEU A 17 9.16 -3.84 -6.62
C LEU A 17 9.09 -3.03 -7.91
N ASP A 18 9.83 -3.45 -8.96
CA ASP A 18 9.75 -2.86 -10.28
C ASP A 18 8.32 -2.89 -10.79
N LYS A 19 7.75 -4.07 -11.08
CA LYS A 19 6.40 -4.14 -11.64
C LYS A 19 5.34 -3.61 -10.68
N PHE A 20 5.57 -3.65 -9.36
CA PHE A 20 4.71 -2.97 -8.40
C PHE A 20 4.62 -1.48 -8.79
N THR A 21 5.74 -0.79 -9.00
CA THR A 21 5.74 0.61 -9.45
C THR A 21 5.40 0.78 -10.95
N SER A 22 5.37 -0.30 -11.74
CA SER A 22 5.64 -0.21 -13.19
C SER A 22 4.71 -1.11 -14.03
N SER A 23 3.61 -1.63 -13.49
CA SER A 23 2.37 -1.79 -14.26
C SER A 23 1.19 -1.88 -13.30
N ALA A 24 0.30 -0.88 -13.36
CA ALA A 24 -0.96 -0.83 -12.62
C ALA A 24 -1.72 -2.15 -12.75
N ALA A 25 -1.92 -2.65 -13.97
CA ALA A 25 -2.68 -3.87 -14.22
C ALA A 25 -2.07 -5.10 -13.55
N PHE A 26 -0.77 -5.09 -13.26
CA PHE A 26 -0.09 -6.19 -12.59
C PHE A 26 -0.12 -6.05 -11.08
N GLN A 27 -0.29 -4.85 -10.53
CA GLN A 27 -0.43 -4.65 -9.09
C GLN A 27 -1.56 -5.54 -8.54
N TYR A 28 -2.67 -5.68 -9.27
CA TYR A 28 -3.80 -6.52 -8.92
C TYR A 28 -3.48 -8.03 -8.81
N THR A 29 -2.37 -8.53 -9.38
CA THR A 29 -2.02 -9.96 -9.41
C THR A 29 -0.89 -10.28 -8.40
N ARG A 30 -0.52 -9.36 -7.50
CA ARG A 30 0.59 -9.54 -6.56
C ARG A 30 0.23 -9.16 -5.12
N VAL A 31 -0.94 -9.52 -4.61
CA VAL A 31 -1.38 -9.09 -3.29
C VAL A 31 -2.31 -10.11 -2.66
N LYS A 32 -2.18 -10.33 -1.34
CA LYS A 32 -3.10 -11.19 -0.60
C LYS A 32 -4.31 -10.36 -0.21
N PHE A 33 -5.37 -11.02 0.23
CA PHE A 33 -6.41 -10.41 1.05
C PHE A 33 -6.86 -11.44 2.08
N PRO A 34 -7.53 -11.04 3.17
CA PRO A 34 -7.59 -9.67 3.68
C PRO A 34 -6.19 -9.18 4.11
N LEU A 35 -6.12 -7.94 4.58
CA LEU A 35 -4.88 -7.25 4.89
C LEU A 35 -4.90 -6.75 6.35
N LYS A 36 -3.75 -6.30 6.86
CA LYS A 36 -3.52 -6.19 8.31
C LYS A 36 -4.10 -4.93 8.89
N THR A 37 -3.92 -3.82 8.19
CA THR A 37 -4.62 -2.56 8.43
C THR A 37 -5.81 -2.44 7.46
N PRO A 38 -6.95 -3.09 7.74
CA PRO A 38 -8.15 -2.89 6.93
C PRO A 38 -8.71 -1.48 7.12
N ILE A 39 -9.86 -1.20 6.50
CA ILE A 39 -10.32 0.17 6.28
C ILE A 39 -10.55 0.95 7.59
N THR A 40 -11.01 0.28 8.65
CA THR A 40 -10.99 0.75 10.04
C THR A 40 -11.38 2.23 10.17
N LEU A 41 -12.67 2.52 9.95
CA LEU A 41 -13.22 3.87 9.96
C LEU A 41 -13.99 4.09 11.26
N LEU A 42 -14.45 5.34 11.46
CA LEU A 42 -15.26 5.69 12.60
C LEU A 42 -16.72 5.34 12.37
N ALA A 43 -17.27 4.49 13.23
CA ALA A 43 -18.67 4.15 13.24
C ALA A 43 -19.56 5.37 13.48
N ASP A 44 -20.86 5.13 13.30
CA ASP A 44 -21.96 6.05 13.50
C ASP A 44 -22.01 6.59 14.94
N ASP A 45 -21.65 5.79 15.93
CA ASP A 45 -21.63 6.20 17.35
C ASP A 45 -20.36 7.02 17.71
N GLY A 46 -19.39 7.15 16.79
CA GLY A 46 -18.33 8.14 16.91
C GLY A 46 -17.12 7.68 17.72
N GLU A 47 -17.05 6.41 18.12
CA GLU A 47 -15.97 5.82 18.86
C GLU A 47 -15.39 4.63 18.09
N THR A 48 -16.26 3.71 17.68
CA THR A 48 -15.93 2.35 17.32
C THR A 48 -15.24 2.32 15.97
N GLU A 49 -14.03 1.77 15.99
CA GLU A 49 -13.24 1.40 14.84
C GLU A 49 -13.91 0.24 14.10
N LYS A 50 -14.84 0.55 13.18
CA LYS A 50 -15.52 -0.44 12.37
C LYS A 50 -14.77 -0.58 11.06
N THR A 51 -14.21 -1.75 10.86
CA THR A 51 -13.54 -2.13 9.64
C THR A 51 -14.58 -2.74 8.67
N PHE A 52 -14.12 -3.03 7.46
CA PHE A 52 -14.78 -3.68 6.35
C PHE A 52 -13.67 -4.46 5.60
N PRO A 53 -13.99 -5.41 4.70
CA PRO A 53 -12.96 -6.12 3.96
C PRO A 53 -12.22 -5.15 3.04
N PHE A 54 -10.89 -5.26 2.98
CA PHE A 54 -10.17 -4.75 1.83
C PHE A 54 -10.23 -5.81 0.74
N THR A 55 -10.39 -5.35 -0.49
CA THR A 55 -10.62 -6.11 -1.71
C THR A 55 -9.70 -5.61 -2.84
N LYS A 56 -9.60 -6.38 -3.93
CA LYS A 56 -8.97 -5.95 -5.17
C LYS A 56 -9.79 -4.89 -5.92
N GLU A 57 -11.04 -4.63 -5.53
CA GLU A 57 -11.93 -3.79 -6.33
C GLU A 57 -11.44 -2.34 -6.39
N LYS A 58 -11.15 -1.76 -5.23
CA LYS A 58 -10.83 -0.33 -5.11
C LYS A 58 -9.37 -0.17 -5.47
N TRP A 59 -8.51 -0.71 -4.61
CA TRP A 59 -7.08 -0.82 -4.79
C TRP A 59 -6.48 0.49 -5.33
N PRO A 60 -6.26 1.50 -4.47
CA PRO A 60 -5.56 2.72 -4.86
C PRO A 60 -4.17 2.36 -5.35
N LEU A 61 -3.88 2.66 -6.61
CA LEU A 61 -2.67 2.32 -7.33
C LEU A 61 -1.47 2.99 -6.67
N LEU A 62 -0.62 2.19 -6.02
CA LEU A 62 0.54 2.69 -5.28
C LEU A 62 1.52 3.26 -6.28
N ASP A 63 2.26 4.30 -5.92
CA ASP A 63 3.15 5.06 -6.80
C ASP A 63 4.55 5.09 -6.21
N SER A 64 5.45 5.84 -6.85
CA SER A 64 6.85 5.97 -6.47
C SER A 64 7.13 7.32 -5.82
N GLU A 65 6.15 8.23 -5.82
CA GLU A 65 6.30 9.53 -5.18
C GLU A 65 6.05 9.46 -3.69
N THR A 66 5.38 8.40 -3.21
CA THR A 66 5.35 8.07 -1.77
C THR A 66 6.32 6.91 -1.46
N MET A 67 6.59 6.00 -2.39
CA MET A 67 7.36 4.77 -2.15
C MET A 67 8.86 5.00 -2.41
N LYS A 68 9.43 5.99 -1.75
CA LYS A 68 10.86 6.28 -1.73
C LYS A 68 11.35 6.22 -0.29
N GLU A 69 12.66 6.18 -0.05
CA GLU A 69 13.21 6.27 1.28
C GLU A 69 13.89 7.62 1.41
N GLU A 70 13.26 8.55 2.11
CA GLU A 70 13.83 9.88 2.39
C GLU A 70 13.47 10.23 3.83
N ARG A 71 14.27 11.08 4.46
CA ARG A 71 14.03 11.68 5.77
C ARG A 71 14.01 13.19 5.52
N ILE A 72 12.98 13.88 5.97
CA ILE A 72 12.71 15.28 5.74
C ILE A 72 12.47 15.94 7.10
N THR A 73 13.50 16.61 7.60
CA THR A 73 13.57 17.38 8.80
C THR A 73 12.76 18.68 8.67
N GLN A 74 11.43 18.55 8.59
CA GLN A 74 10.52 19.68 8.56
C GLN A 74 10.56 20.40 9.92
N GLU A 75 9.98 21.58 9.96
CA GLU A 75 9.88 22.44 11.14
C GLU A 75 8.41 22.67 11.51
N GLU A 76 7.50 22.19 10.67
CA GLU A 76 6.06 22.42 10.73
C GLU A 76 5.30 21.20 11.23
N GLY A 77 6.01 20.18 11.72
CA GLY A 77 5.39 19.05 12.41
C GLY A 77 6.40 18.04 12.92
N GLY A 78 7.58 17.92 12.31
CA GLY A 78 8.55 16.94 12.77
C GLY A 78 9.44 16.46 11.64
N ILE A 79 9.97 15.26 11.82
CA ILE A 79 10.71 14.55 10.82
C ILE A 79 9.73 13.74 10.00
N TYR A 80 9.27 14.27 8.87
CA TYR A 80 8.53 13.49 7.91
C TYR A 80 9.54 12.52 7.29
N VAL A 81 9.33 11.21 7.30
CA VAL A 81 10.28 10.25 6.75
C VAL A 81 9.52 9.10 6.11
N SER A 82 10.22 8.30 5.32
CA SER A 82 9.75 7.03 4.81
C SER A 82 10.95 6.10 4.83
N LYS A 83 10.81 4.93 5.46
CA LYS A 83 11.82 3.89 5.42
C LYS A 83 11.15 2.53 5.53
N PHE A 84 11.95 1.47 5.45
CA PHE A 84 11.51 0.18 5.93
C PHE A 84 11.59 0.22 7.45
N THR A 85 10.61 -0.33 8.18
CA THR A 85 10.85 -0.69 9.56
C THR A 85 11.66 -2.00 9.61
N LEU A 86 11.29 -2.98 8.78
CA LEU A 86 11.78 -4.34 8.88
C LEU A 86 12.61 -4.70 7.66
N ASN A 87 13.73 -5.36 7.90
CA ASN A 87 14.66 -5.89 6.91
C ASN A 87 14.92 -7.38 7.17
N GLU A 88 13.91 -8.09 7.66
CA GLU A 88 13.88 -9.55 7.57
C GLU A 88 13.92 -9.91 6.09
N PRO A 89 14.55 -11.04 5.71
CA PRO A 89 14.89 -11.28 4.32
C PRO A 89 13.64 -11.43 3.46
N LYS A 90 12.68 -12.21 3.96
CA LYS A 90 11.48 -12.64 3.24
C LYS A 90 10.25 -11.78 3.57
N HIS A 91 10.38 -10.76 4.44
CA HIS A 91 9.32 -10.10 5.18
C HIS A 91 9.69 -8.62 5.25
N LYS A 92 9.14 -7.81 4.34
CA LYS A 92 9.44 -6.40 4.19
C LYS A 92 8.27 -5.59 4.73
N ILE A 93 8.55 -4.51 5.43
CA ILE A 93 7.54 -3.59 5.98
C ILE A 93 8.07 -2.20 5.65
N PHE A 94 7.34 -1.44 4.84
CA PHE A 94 7.65 -0.08 4.42
C PHE A 94 6.59 0.85 5.02
N GLU A 95 7.03 2.00 5.51
CA GLU A 95 6.14 3.03 6.04
C GLU A 95 6.53 4.40 5.53
N ALA A 96 5.58 5.34 5.60
CA ALA A 96 5.79 6.76 5.39
C ALA A 96 4.98 7.53 6.42
N GLY A 97 5.64 8.31 7.26
CA GLY A 97 5.00 9.14 8.27
C GLY A 97 6.00 10.04 8.99
N TYR A 98 5.46 10.99 9.74
CA TYR A 98 6.21 11.74 10.74
C TYR A 98 6.78 10.76 11.77
N GLU A 99 8.07 10.87 12.07
CA GLU A 99 8.77 9.94 12.95
C GLU A 99 8.28 10.02 14.42
N GLU A 100 7.51 11.07 14.79
CA GLU A 100 6.90 11.22 16.12
C GLU A 100 5.36 11.30 16.05
N SER A 101 4.73 11.05 14.89
CA SER A 101 3.27 11.05 14.73
C SER A 101 2.84 9.82 13.91
N GLU A 102 1.57 9.74 13.52
CA GLU A 102 1.03 8.63 12.76
C GLU A 102 1.67 8.54 11.37
N VAL A 103 1.67 7.35 10.80
CA VAL A 103 1.87 7.15 9.36
C VAL A 103 0.69 7.73 8.57
N ASP A 104 0.92 7.91 7.28
CA ASP A 104 -0.11 8.28 6.29
C ASP A 104 -0.14 7.27 5.13
N LEU A 105 0.85 6.38 5.05
CA LEU A 105 0.90 5.22 4.17
C LEU A 105 1.75 4.14 4.85
N ARG A 106 1.37 2.86 4.75
CA ARG A 106 2.28 1.72 4.90
C ARG A 106 1.98 0.70 3.82
N VAL A 107 2.95 -0.16 3.51
CA VAL A 107 2.78 -1.33 2.66
C VAL A 107 3.70 -2.40 3.23
N GLU A 108 3.29 -3.66 3.18
CA GLU A 108 4.10 -4.79 3.62
C GLU A 108 4.14 -5.80 2.48
N PHE A 109 5.21 -6.58 2.40
CA PHE A 109 5.43 -7.57 1.35
C PHE A 109 5.96 -8.83 2.01
N GLU A 110 5.34 -9.97 1.71
CA GLU A 110 5.80 -11.28 2.11
C GLU A 110 5.93 -12.12 0.85
N LEU A 111 7.07 -12.79 0.70
CA LEU A 111 7.21 -13.82 -0.32
C LEU A 111 6.23 -14.94 0.03
N GLN A 112 5.46 -15.41 -0.95
CA GLN A 112 4.60 -16.55 -0.78
C GLN A 112 5.42 -17.82 -0.98
N ALA A 113 5.00 -18.89 -0.31
CA ALA A 113 5.38 -20.27 -0.55
C ALA A 113 4.96 -20.76 -1.95
N ASP A 114 4.29 -19.92 -2.73
CA ASP A 114 3.98 -20.15 -4.14
C ASP A 114 5.13 -19.68 -5.03
N GLY A 115 6.00 -18.82 -4.49
CA GLY A 115 7.29 -18.46 -5.05
C GLY A 115 7.47 -16.98 -5.38
N LYS A 116 6.39 -16.19 -5.36
CA LYS A 116 6.37 -14.78 -5.78
C LYS A 116 6.12 -13.89 -4.58
N TRP A 117 6.52 -12.62 -4.67
CA TRP A 117 6.21 -11.62 -3.65
C TRP A 117 4.77 -11.17 -3.79
N TYR A 118 4.10 -10.98 -2.66
CA TYR A 118 2.73 -10.49 -2.59
C TYR A 118 2.69 -9.33 -1.60
N VAL A 119 1.89 -8.29 -1.85
CA VAL A 119 1.56 -7.27 -0.86
C VAL A 119 0.72 -7.96 0.21
N VAL A 120 0.90 -7.56 1.46
CA VAL A 120 0.18 -8.10 2.61
C VAL A 120 -0.26 -6.99 3.57
N ASP A 121 -0.18 -5.71 3.17
CA ASP A 121 -0.74 -4.55 3.90
C ASP A 121 -1.02 -3.38 2.95
N CYS A 122 -2.05 -2.58 3.25
CA CYS A 122 -2.49 -1.40 2.48
C CYS A 122 -2.84 -0.14 3.33
N TYR A 123 -2.13 0.21 4.41
CA TYR A 123 -2.50 1.42 5.17
C TYR A 123 -2.41 2.66 4.26
N THR A 124 -3.48 3.45 4.15
CA THR A 124 -3.55 4.73 3.42
C THR A 124 -4.69 5.57 3.99
N GLY A 125 -4.51 6.90 4.00
CA GLY A 125 -5.54 7.87 4.39
C GLY A 125 -6.90 7.65 3.70
N TRP A 126 -6.93 7.09 2.49
CA TRP A 126 -8.18 6.75 1.81
C TRP A 126 -9.06 5.82 2.65
N TYR A 127 -8.44 4.89 3.37
CA TYR A 127 -9.13 3.80 4.02
C TYR A 127 -8.48 3.63 5.40
N GLY A 128 -8.55 4.69 6.22
CA GLY A 128 -7.84 4.78 7.49
C GLY A 128 -7.88 6.22 7.99
N TYR A 129 -8.67 6.49 9.03
CA TYR A 129 -8.45 7.61 9.95
C TYR A 129 -8.48 9.01 9.30
N ASP A 130 -9.31 9.19 8.27
CA ASP A 130 -9.65 10.49 7.67
C ASP A 130 -11.17 10.69 7.63
N LEU A 131 -11.97 9.62 7.65
CA LEU A 131 -13.34 9.64 7.14
C LEU A 131 -14.29 8.74 7.96
N PRO A 132 -15.59 9.06 8.08
CA PRO A 132 -16.56 8.28 8.87
C PRO A 132 -17.23 7.17 8.04
N ILE A 133 -18.01 6.30 8.71
CA ILE A 133 -18.76 5.20 8.10
C ILE A 133 -19.64 5.64 6.93
N GLY A 134 -20.07 6.90 6.91
CA GLY A 134 -20.89 7.42 5.86
C GLY A 134 -20.09 7.67 4.59
N GLU A 135 -19.02 8.47 4.66
CA GLU A 135 -18.31 8.92 3.46
C GLU A 135 -17.59 7.77 2.73
N LEU A 136 -17.49 6.59 3.35
CA LEU A 136 -16.82 5.43 2.78
C LEU A 136 -17.23 5.26 1.31
N LYS A 137 -18.54 5.26 1.00
CA LYS A 137 -19.00 5.07 -0.38
C LYS A 137 -18.39 6.11 -1.34
N GLN A 138 -18.33 7.38 -0.94
CA GLN A 138 -17.70 8.44 -1.73
C GLN A 138 -16.24 8.06 -2.02
N THR A 139 -15.51 7.62 -1.01
CA THR A 139 -14.14 7.18 -1.16
C THR A 139 -13.99 5.94 -2.05
N ILE A 140 -15.05 5.16 -2.27
CA ILE A 140 -14.96 4.05 -3.21
C ILE A 140 -14.84 4.65 -4.61
N GLN A 141 -15.74 5.58 -4.97
CA GLN A 141 -15.75 6.23 -6.27
C GLN A 141 -14.41 6.84 -6.56
N ASN A 142 -14.01 7.74 -5.67
CA ASN A 142 -12.84 8.59 -5.83
C ASN A 142 -11.62 7.78 -6.24
N VAL A 143 -11.43 6.63 -5.59
CA VAL A 143 -10.22 5.83 -5.81
C VAL A 143 -10.19 5.30 -7.25
N LYS A 144 -11.33 4.94 -7.83
CA LYS A 144 -11.37 4.55 -9.24
C LYS A 144 -10.95 5.68 -10.17
N GLU A 145 -11.18 6.94 -9.80
CA GLU A 145 -10.86 8.12 -10.60
C GLU A 145 -9.37 8.44 -10.49
N GLU A 146 -8.85 8.42 -9.27
CA GLU A 146 -7.44 8.67 -8.97
C GLU A 146 -6.59 7.66 -9.75
N ASN A 147 -7.00 6.39 -9.69
CA ASN A 147 -6.39 5.28 -10.42
C ASN A 147 -6.41 5.48 -11.93
N ALA A 148 -7.32 6.31 -12.47
CA ALA A 148 -7.38 6.57 -13.90
C ALA A 148 -6.24 7.49 -14.34
N ALA A 149 -5.88 8.47 -13.52
CA ALA A 149 -4.73 9.32 -13.77
C ALA A 149 -3.45 8.50 -13.67
N PHE A 150 -3.26 7.70 -12.61
CA PHE A 150 -2.05 6.88 -12.52
C PHE A 150 -1.87 6.00 -13.77
N LYS A 151 -2.92 5.28 -14.19
CA LYS A 151 -2.88 4.38 -15.33
C LYS A 151 -2.87 5.11 -16.67
N GLU A 152 -2.94 6.44 -16.69
CA GLU A 152 -2.74 7.24 -17.89
C GLU A 152 -1.29 7.07 -18.33
N ILE A 153 -0.36 7.36 -17.43
CA ILE A 153 1.07 7.34 -17.69
C ILE A 153 1.60 5.92 -17.51
N HIS A 154 1.11 5.18 -16.51
CA HIS A 154 1.74 3.95 -16.05
C HIS A 154 0.72 2.79 -15.91
N PRO A 155 0.03 2.38 -17.01
CA PRO A 155 -0.93 1.28 -16.98
C PRO A 155 -0.30 -0.11 -16.76
N GLY A 1 9.38 -6.39 -21.28
CA GLY A 1 8.07 -7.04 -21.11
C GLY A 1 8.21 -8.54 -21.24
N ASP A 2 8.81 -9.17 -20.23
CA ASP A 2 9.46 -10.47 -20.31
C ASP A 2 9.13 -11.26 -19.05
N SER A 3 9.55 -12.52 -19.02
CA SER A 3 9.30 -13.46 -17.95
C SER A 3 10.48 -14.42 -17.88
N GLU A 4 10.66 -15.08 -16.74
CA GLU A 4 11.65 -16.13 -16.52
C GLU A 4 11.02 -17.25 -15.68
N LEU A 5 11.62 -18.44 -15.64
CA LEU A 5 11.22 -19.57 -14.81
C LEU A 5 12.37 -20.57 -14.76
N THR A 6 12.21 -21.68 -14.02
CA THR A 6 13.16 -22.69 -13.66
C THR A 6 14.26 -22.09 -12.79
N THR A 7 14.84 -22.91 -11.90
CA THR A 7 16.18 -22.72 -11.36
C THR A 7 16.39 -21.32 -10.77
N GLN A 8 15.33 -20.69 -10.27
CA GLN A 8 15.27 -19.34 -9.76
C GLN A 8 15.08 -19.47 -8.26
N ASP A 9 16.12 -19.24 -7.46
CA ASP A 9 16.07 -19.35 -5.99
C ASP A 9 15.39 -18.14 -5.34
N GLY A 10 14.42 -17.53 -6.03
CA GLY A 10 13.55 -16.43 -5.62
C GLY A 10 13.67 -15.28 -6.63
N GLU A 11 12.54 -14.67 -6.98
CA GLU A 11 12.48 -13.49 -7.85
C GLU A 11 13.18 -12.31 -7.15
N ASP A 12 13.58 -11.27 -7.88
CA ASP A 12 14.20 -10.07 -7.29
C ASP A 12 13.17 -9.06 -6.81
N PHE A 13 13.62 -8.05 -6.05
CA PHE A 13 12.81 -6.96 -5.56
C PHE A 13 12.27 -6.14 -6.73
N LYS A 14 13.10 -5.35 -7.43
CA LYS A 14 12.60 -4.58 -8.57
C LYS A 14 12.05 -5.45 -9.69
N SER A 15 12.39 -6.75 -9.75
CA SER A 15 11.77 -7.64 -10.73
C SER A 15 10.25 -7.68 -10.50
N PHE A 16 9.77 -7.59 -9.26
CA PHE A 16 8.34 -7.45 -8.97
C PHE A 16 7.95 -5.97 -8.91
N LEU A 17 8.70 -5.19 -8.13
CA LEU A 17 8.36 -3.84 -7.73
C LEU A 17 8.29 -2.90 -8.94
N ASP A 18 9.24 -2.99 -9.88
CA ASP A 18 9.30 -2.02 -10.97
C ASP A 18 8.04 -2.05 -11.82
N LYS A 19 7.56 -3.24 -12.16
CA LYS A 19 6.33 -3.42 -12.91
C LYS A 19 5.14 -2.93 -12.09
N PHE A 20 5.16 -3.13 -10.78
CA PHE A 20 4.11 -2.66 -9.89
C PHE A 20 4.03 -1.13 -9.94
N THR A 21 5.14 -0.40 -9.83
CA THR A 21 5.13 1.06 -9.89
C THR A 21 4.95 1.57 -11.33
N SER A 22 5.38 0.81 -12.35
CA SER A 22 5.30 1.25 -13.73
C SER A 22 3.90 1.04 -14.32
N SER A 23 3.07 0.16 -13.73
CA SER A 23 1.85 -0.31 -14.34
C SER A 23 0.80 -0.64 -13.28
N ALA A 24 -0.26 0.18 -13.24
CA ALA A 24 -1.45 -0.02 -12.44
C ALA A 24 -1.99 -1.45 -12.53
N ALA A 25 -2.11 -2.00 -13.75
CA ALA A 25 -2.70 -3.32 -13.97
C ALA A 25 -1.99 -4.44 -13.19
N PHE A 26 -0.69 -4.27 -12.93
CA PHE A 26 0.14 -5.24 -12.21
C PHE A 26 -0.17 -5.24 -10.71
N GLN A 27 -0.53 -4.08 -10.15
CA GLN A 27 -0.75 -3.95 -8.71
C GLN A 27 -1.89 -4.85 -8.24
N TYR A 28 -2.86 -5.12 -9.11
CA TYR A 28 -4.00 -5.96 -8.79
C TYR A 28 -3.67 -7.46 -8.80
N THR A 29 -2.47 -7.87 -9.23
CA THR A 29 -2.13 -9.28 -9.48
C THR A 29 -0.84 -9.71 -8.76
N ARG A 30 -0.45 -9.00 -7.70
CA ARG A 30 0.72 -9.32 -6.89
C ARG A 30 0.45 -9.11 -5.40
N VAL A 31 -0.77 -9.29 -4.90
CA VAL A 31 -1.13 -9.02 -3.51
C VAL A 31 -2.05 -10.11 -2.96
N LYS A 32 -1.66 -10.61 -1.79
CA LYS A 32 -2.30 -11.68 -1.05
C LYS A 32 -3.29 -11.07 -0.08
N PHE A 33 -4.17 -11.90 0.47
CA PHE A 33 -5.18 -11.51 1.44
C PHE A 33 -5.36 -12.65 2.45
N PRO A 34 -5.94 -12.40 3.64
CA PRO A 34 -6.26 -11.08 4.19
C PRO A 34 -4.99 -10.26 4.44
N LEU A 35 -5.11 -8.93 4.42
CA LEU A 35 -4.02 -8.03 4.79
C LEU A 35 -4.00 -7.86 6.31
N LYS A 36 -2.97 -7.21 6.83
CA LYS A 36 -2.79 -7.08 8.29
C LYS A 36 -3.58 -5.93 8.86
N THR A 37 -3.55 -4.77 8.21
CA THR A 37 -4.11 -3.51 8.72
C THR A 37 -5.49 -3.28 8.09
N PRO A 38 -6.60 -3.79 8.64
CA PRO A 38 -7.90 -3.61 8.01
C PRO A 38 -8.35 -2.14 8.08
N ILE A 39 -9.43 -1.85 7.34
CA ILE A 39 -9.92 -0.51 7.10
C ILE A 39 -10.19 0.26 8.40
N THR A 40 -10.88 -0.34 9.36
CA THR A 40 -11.19 0.19 10.68
C THR A 40 -11.66 1.65 10.65
N LEU A 41 -12.94 1.86 10.35
CA LEU A 41 -13.55 3.17 10.32
C LEU A 41 -14.44 3.38 11.52
N LEU A 42 -14.74 4.65 11.79
CA LEU A 42 -15.69 5.04 12.83
C LEU A 42 -17.09 4.66 12.38
N ALA A 43 -17.82 3.95 13.24
CA ALA A 43 -19.23 3.72 13.03
C ALA A 43 -20.00 5.04 13.07
N ASP A 44 -21.24 4.96 12.61
CA ASP A 44 -22.21 6.07 12.72
C ASP A 44 -22.62 6.24 14.18
N ASP A 45 -22.44 5.18 14.98
CA ASP A 45 -22.56 5.18 16.43
C ASP A 45 -21.53 6.09 17.13
N GLY A 46 -20.48 6.53 16.42
CA GLY A 46 -19.55 7.56 16.88
C GLY A 46 -18.48 7.05 17.85
N GLU A 47 -18.53 5.79 18.26
CA GLU A 47 -17.59 5.17 19.20
C GLU A 47 -17.09 3.82 18.71
N THR A 48 -17.90 3.04 17.99
CA THR A 48 -17.48 1.72 17.53
C THR A 48 -16.42 1.87 16.43
N GLU A 49 -15.26 1.26 16.62
CA GLU A 49 -14.24 1.03 15.62
C GLU A 49 -14.68 -0.22 14.85
N LYS A 50 -15.20 -0.07 13.63
CA LYS A 50 -15.72 -1.18 12.84
C LYS A 50 -14.79 -1.48 11.67
N THR A 51 -14.26 -2.70 11.65
CA THR A 51 -13.49 -3.21 10.53
C THR A 51 -14.36 -3.26 9.27
N PHE A 52 -13.74 -3.10 8.10
CA PHE A 52 -14.41 -2.98 6.81
C PHE A 52 -13.55 -3.70 5.75
N PRO A 53 -14.11 -4.10 4.60
CA PRO A 53 -13.40 -4.93 3.64
C PRO A 53 -12.33 -4.14 2.89
N PHE A 54 -11.19 -4.79 2.71
CA PHE A 54 -9.99 -4.34 2.03
C PHE A 54 -9.94 -4.97 0.63
N THR A 55 -11.06 -4.97 -0.09
CA THR A 55 -11.17 -5.46 -1.46
C THR A 55 -10.64 -4.44 -2.47
N LYS A 56 -10.45 -4.84 -3.73
CA LYS A 56 -9.75 -4.08 -4.77
C LYS A 56 -10.36 -2.70 -5.03
N GLU A 57 -11.64 -2.51 -4.69
CA GLU A 57 -12.31 -1.23 -4.84
C GLU A 57 -11.64 -0.19 -3.94
N LYS A 58 -11.11 -0.61 -2.79
CA LYS A 58 -10.29 0.18 -1.88
C LYS A 58 -8.81 -0.13 -2.07
N TRP A 59 -8.39 -0.58 -3.24
CA TRP A 59 -7.00 -0.52 -3.68
C TRP A 59 -6.86 0.76 -4.50
N PRO A 60 -6.58 1.93 -3.89
CA PRO A 60 -5.96 3.02 -4.61
C PRO A 60 -4.61 2.51 -5.12
N LEU A 61 -4.18 3.05 -6.25
CA LEU A 61 -2.85 2.77 -6.77
C LEU A 61 -1.81 3.42 -5.86
N LEU A 62 -0.56 2.99 -6.00
CA LEU A 62 0.60 3.50 -5.27
C LEU A 62 1.72 3.72 -6.29
N ASP A 63 2.69 4.57 -5.95
CA ASP A 63 3.64 5.17 -6.88
C ASP A 63 5.06 4.71 -6.56
N SER A 64 6.04 5.08 -7.40
CA SER A 64 7.45 4.85 -7.09
C SER A 64 7.83 5.56 -5.78
N GLU A 65 7.28 6.75 -5.57
CA GLU A 65 7.52 7.63 -4.43
C GLU A 65 7.09 6.94 -3.13
N THR A 66 6.04 6.13 -3.20
CA THR A 66 5.48 5.34 -2.11
C THR A 66 6.37 4.14 -1.74
N MET A 67 7.56 4.01 -2.35
CA MET A 67 8.53 2.95 -2.04
C MET A 67 9.92 3.52 -1.72
N LYS A 68 10.06 4.84 -1.62
CA LYS A 68 11.36 5.49 -1.42
C LYS A 68 11.49 5.91 0.02
N GLU A 69 12.30 5.17 0.77
CA GLU A 69 12.63 5.47 2.15
C GLU A 69 13.36 6.81 2.13
N GLU A 70 12.78 7.86 2.70
CA GLU A 70 13.35 9.19 2.68
C GLU A 70 13.12 9.87 4.03
N ARG A 71 13.69 11.05 4.21
CA ARG A 71 13.52 11.83 5.43
C ARG A 71 13.48 13.31 5.05
N ILE A 72 12.29 13.82 4.80
CA ILE A 72 12.08 15.24 4.53
C ILE A 72 12.05 15.92 5.90
N THR A 73 12.72 17.07 6.01
CA THR A 73 12.89 17.82 7.24
C THR A 73 12.41 19.24 6.94
N GLN A 74 11.15 19.54 7.24
CA GLN A 74 10.55 20.84 6.98
C GLN A 74 10.53 21.67 8.27
N GLU A 75 10.10 22.92 8.14
CA GLU A 75 9.85 23.86 9.23
C GLU A 75 8.46 24.50 9.07
N GLU A 76 7.71 24.13 8.04
CA GLU A 76 6.34 24.59 7.79
C GLU A 76 5.37 23.43 7.47
N GLY A 77 5.81 22.18 7.68
CA GLY A 77 5.07 20.98 7.31
C GLY A 77 5.18 19.94 8.42
N GLY A 78 6.31 19.24 8.47
CA GLY A 78 6.71 18.34 9.54
C GLY A 78 7.93 17.56 9.08
N ILE A 79 8.46 16.66 9.92
CA ILE A 79 9.51 15.75 9.52
C ILE A 79 8.85 14.49 8.99
N TYR A 80 8.71 14.35 7.67
CA TYR A 80 8.23 13.10 7.08
C TYR A 80 9.36 12.07 7.15
N VAL A 81 9.09 10.87 7.66
CA VAL A 81 10.06 9.78 7.78
C VAL A 81 9.45 8.54 7.11
N SER A 82 10.11 8.01 6.10
CA SER A 82 9.79 6.74 5.46
C SER A 82 11.04 5.88 5.56
N LYS A 83 10.96 4.76 6.28
CA LYS A 83 11.94 3.69 6.24
C LYS A 83 11.20 2.39 6.56
N PHE A 84 11.77 1.26 6.15
CA PHE A 84 11.43 -0.08 6.59
C PHE A 84 11.43 -0.18 8.11
N THR A 85 10.73 -1.17 8.65
CA THR A 85 10.83 -1.55 10.06
C THR A 85 11.47 -2.94 10.23
N LEU A 86 11.66 -3.72 9.15
CA LEU A 86 12.25 -5.06 9.20
C LEU A 86 13.17 -5.24 8.00
N ASN A 87 14.12 -6.16 8.09
CA ASN A 87 15.01 -6.53 7.00
C ASN A 87 15.28 -8.03 7.11
N GLU A 88 14.25 -8.82 6.84
CA GLU A 88 14.31 -10.28 6.75
C GLU A 88 14.77 -10.66 5.34
N PRO A 89 15.22 -11.90 5.12
CA PRO A 89 15.66 -12.35 3.81
C PRO A 89 14.51 -12.38 2.81
N LYS A 90 13.33 -12.81 3.28
CA LYS A 90 12.13 -13.05 2.47
C LYS A 90 10.92 -12.23 2.91
N HIS A 91 11.06 -11.29 3.86
CA HIS A 91 9.97 -10.45 4.34
C HIS A 91 10.53 -9.02 4.44
N LYS A 92 9.73 -8.00 4.17
CA LYS A 92 10.04 -6.62 4.53
C LYS A 92 8.72 -5.91 4.82
N ILE A 93 8.76 -4.93 5.71
CA ILE A 93 7.63 -4.11 6.10
C ILE A 93 8.09 -2.67 5.92
N PHE A 94 7.21 -1.83 5.37
CA PHE A 94 7.52 -0.51 4.87
C PHE A 94 6.46 0.44 5.47
N GLU A 95 6.89 1.33 6.37
CA GLU A 95 6.00 2.20 7.14
C GLU A 95 6.45 3.66 6.95
N ALA A 96 5.53 4.56 6.60
CA ALA A 96 5.84 5.95 6.24
C ALA A 96 4.87 6.90 6.93
N GLY A 97 5.38 7.79 7.78
CA GLY A 97 4.58 8.74 8.56
C GLY A 97 5.39 9.93 9.02
N TYR A 98 4.72 10.92 9.60
CA TYR A 98 5.37 12.13 10.06
C TYR A 98 5.81 11.99 11.50
N GLU A 99 6.91 12.66 11.86
CA GLU A 99 7.54 12.45 13.15
C GLU A 99 6.65 12.99 14.28
N GLU A 100 5.81 13.99 13.99
CA GLU A 100 4.84 14.56 14.93
C GLU A 100 3.47 13.86 14.84
N SER A 101 3.29 12.85 13.99
CA SER A 101 2.01 12.20 13.68
C SER A 101 2.16 10.68 13.69
N GLU A 102 1.18 9.95 13.16
CA GLU A 102 1.31 8.54 12.80
C GLU A 102 1.62 8.36 11.31
N VAL A 103 1.67 7.10 10.88
CA VAL A 103 1.72 6.68 9.49
C VAL A 103 0.52 7.17 8.69
N ASP A 104 0.75 7.38 7.39
CA ASP A 104 -0.30 7.57 6.40
C ASP A 104 -0.27 6.43 5.38
N LEU A 105 0.71 5.53 5.50
CA LEU A 105 0.92 4.35 4.67
C LEU A 105 1.66 3.31 5.51
N ARG A 106 1.16 2.08 5.50
CA ARG A 106 1.86 0.87 5.92
C ARG A 106 1.66 -0.12 4.79
N VAL A 107 2.68 -0.89 4.39
CA VAL A 107 2.52 -2.03 3.52
C VAL A 107 3.53 -3.12 3.97
N GLU A 108 3.39 -4.37 3.49
CA GLU A 108 4.35 -5.44 3.73
C GLU A 108 4.48 -6.31 2.48
N PHE A 109 5.59 -7.04 2.35
CA PHE A 109 5.91 -7.87 1.18
C PHE A 109 6.58 -9.17 1.64
N GLU A 110 5.97 -10.32 1.37
CA GLU A 110 6.56 -11.64 1.61
C GLU A 110 6.83 -12.33 0.27
N LEU A 111 7.91 -13.10 0.19
CA LEU A 111 8.06 -14.09 -0.87
C LEU A 111 7.20 -15.29 -0.52
N GLN A 112 6.26 -15.63 -1.40
CA GLN A 112 5.45 -16.82 -1.28
C GLN A 112 6.30 -18.05 -1.62
N ALA A 113 5.87 -19.23 -1.19
CA ALA A 113 6.36 -20.54 -1.64
C ALA A 113 6.27 -20.68 -3.17
N ASP A 114 5.44 -19.86 -3.79
CA ASP A 114 5.20 -19.75 -5.22
C ASP A 114 6.44 -19.24 -5.97
N GLY A 115 7.48 -18.82 -5.23
CA GLY A 115 8.74 -18.28 -5.75
C GLY A 115 8.62 -16.82 -6.16
N LYS A 116 7.47 -16.18 -5.87
CA LYS A 116 7.09 -14.84 -6.26
C LYS A 116 6.78 -14.04 -5.01
N TRP A 117 7.04 -12.74 -5.04
CA TRP A 117 6.65 -11.82 -3.98
C TRP A 117 5.17 -11.51 -4.17
N TYR A 118 4.45 -11.31 -3.06
CA TYR A 118 3.09 -10.79 -3.02
C TYR A 118 3.06 -9.71 -1.93
N VAL A 119 2.24 -8.66 -2.08
CA VAL A 119 2.02 -7.72 -0.99
C VAL A 119 1.16 -8.45 0.03
N VAL A 120 1.38 -8.20 1.32
CA VAL A 120 0.67 -8.83 2.44
C VAL A 120 0.22 -7.80 3.46
N ASP A 121 0.35 -6.51 3.13
CA ASP A 121 -0.31 -5.46 3.89
C ASP A 121 -0.58 -4.24 3.04
N CYS A 122 -1.53 -3.42 3.46
CA CYS A 122 -1.76 -2.12 2.87
C CYS A 122 -2.72 -1.34 3.77
N TYR A 123 -2.27 -0.18 4.24
CA TYR A 123 -2.96 0.85 5.01
C TYR A 123 -2.79 2.14 4.19
N THR A 124 -3.74 3.06 4.19
CA THR A 124 -3.58 4.35 3.54
C THR A 124 -4.50 5.34 4.22
N GLY A 125 -4.05 6.58 4.36
CA GLY A 125 -4.83 7.66 4.94
C GLY A 125 -6.23 7.81 4.34
N TRP A 126 -6.41 7.45 3.06
CA TRP A 126 -7.71 7.44 2.40
C TRP A 126 -8.80 6.76 3.22
N TYR A 127 -8.44 5.68 3.93
CA TYR A 127 -9.38 4.85 4.67
C TYR A 127 -9.03 4.82 6.16
N GLY A 128 -8.28 5.81 6.66
CA GLY A 128 -7.86 5.87 8.04
C GLY A 128 -8.99 6.17 9.02
N TYR A 129 -8.61 6.31 10.29
CA TYR A 129 -9.41 6.87 11.37
C TYR A 129 -9.66 8.36 11.08
N ASP A 130 -10.47 8.68 10.07
CA ASP A 130 -10.81 10.05 9.68
C ASP A 130 -12.27 10.15 9.29
N LEU A 131 -12.77 9.23 8.44
CA LEU A 131 -14.11 9.35 7.91
C LEU A 131 -14.98 8.22 8.44
N PRO A 132 -16.27 8.48 8.70
CA PRO A 132 -17.15 7.47 9.25
C PRO A 132 -17.67 6.55 8.15
N ILE A 133 -18.33 5.49 8.61
CA ILE A 133 -19.08 4.49 7.83
C ILE A 133 -20.05 5.12 6.82
N GLY A 134 -20.43 6.38 7.02
CA GLY A 134 -21.35 7.11 6.16
C GLY A 134 -20.61 7.74 5.00
N GLU A 135 -19.53 8.48 5.28
CA GLU A 135 -18.79 9.25 4.30
C GLU A 135 -17.86 8.38 3.44
N LEU A 136 -17.52 7.16 3.90
CA LEU A 136 -16.55 6.25 3.28
C LEU A 136 -16.76 6.18 1.77
N LYS A 137 -18.00 5.85 1.38
CA LYS A 137 -18.41 5.66 0.01
C LYS A 137 -18.01 6.81 -0.90
N GLN A 138 -18.17 8.05 -0.44
CA GLN A 138 -17.84 9.23 -1.21
C GLN A 138 -16.36 9.21 -1.62
N THR A 139 -15.46 8.82 -0.71
CA THR A 139 -14.03 8.73 -0.98
C THR A 139 -13.77 7.73 -2.12
N ILE A 140 -14.52 6.62 -2.15
CA ILE A 140 -14.34 5.57 -3.15
C ILE A 140 -14.62 6.14 -4.55
N GLN A 141 -15.65 6.98 -4.71
CA GLN A 141 -15.91 7.63 -5.98
C GLN A 141 -14.72 8.43 -6.48
N ASN A 142 -14.10 9.18 -5.59
CA ASN A 142 -13.00 10.08 -5.92
C ASN A 142 -11.74 9.27 -6.24
N VAL A 143 -11.49 8.19 -5.52
CA VAL A 143 -10.28 7.38 -5.68
C VAL A 143 -10.25 6.75 -7.07
N LYS A 144 -11.42 6.47 -7.67
CA LYS A 144 -11.47 5.96 -9.03
C LYS A 144 -10.87 6.97 -10.02
N GLU A 145 -11.02 8.28 -9.76
CA GLU A 145 -10.53 9.38 -10.58
C GLU A 145 -9.03 9.58 -10.35
N GLU A 146 -8.56 9.48 -9.11
CA GLU A 146 -7.14 9.46 -8.77
C GLU A 146 -6.42 8.36 -9.56
N ASN A 147 -6.96 7.14 -9.49
CA ASN A 147 -6.37 5.99 -10.14
C ASN A 147 -6.32 6.16 -11.66
N ALA A 148 -7.19 6.98 -12.24
CA ALA A 148 -7.19 7.23 -13.68
C ALA A 148 -6.03 8.14 -14.06
N ALA A 149 -5.80 9.19 -13.26
CA ALA A 149 -4.65 10.08 -13.42
C ALA A 149 -3.34 9.32 -13.26
N PHE A 150 -3.27 8.35 -12.34
CA PHE A 150 -2.12 7.46 -12.25
C PHE A 150 -1.94 6.72 -13.58
N LYS A 151 -2.95 5.94 -13.98
CA LYS A 151 -2.84 5.00 -15.08
C LYS A 151 -2.89 5.65 -16.46
N GLU A 152 -3.07 6.97 -16.53
CA GLU A 152 -2.87 7.79 -17.72
C GLU A 152 -1.41 7.70 -18.20
N ILE A 153 -0.49 7.45 -17.27
CA ILE A 153 0.95 7.50 -17.50
C ILE A 153 1.63 6.20 -17.01
N HIS A 154 1.04 5.51 -16.03
CA HIS A 154 1.51 4.22 -15.55
C HIS A 154 0.38 3.16 -15.61
N PRO A 155 -0.11 2.80 -16.81
CA PRO A 155 -1.09 1.74 -16.98
C PRO A 155 -0.49 0.34 -16.80
N GLY A 1 9.00 -13.04 -29.87
CA GLY A 1 10.33 -13.50 -29.49
C GLY A 1 10.91 -12.57 -28.44
N ASP A 2 11.89 -11.75 -28.81
CA ASP A 2 12.72 -10.97 -27.89
C ASP A 2 13.31 -11.87 -26.78
N SER A 3 13.67 -11.31 -25.62
CA SER A 3 14.46 -11.94 -24.57
C SER A 3 13.54 -12.32 -23.39
N GLU A 4 14.06 -13.12 -22.46
CA GLU A 4 13.38 -13.47 -21.23
C GLU A 4 14.39 -13.57 -20.08
N LEU A 5 13.91 -13.98 -18.89
CA LEU A 5 14.66 -14.10 -17.63
C LEU A 5 14.19 -15.38 -16.95
N THR A 6 14.90 -15.83 -15.92
CA THR A 6 14.52 -16.97 -15.09
C THR A 6 14.11 -16.47 -13.69
N THR A 7 13.47 -17.33 -12.91
CA THR A 7 12.92 -17.06 -11.59
C THR A 7 13.11 -18.35 -10.77
N GLN A 8 13.73 -18.29 -9.59
CA GLN A 8 14.05 -19.49 -8.83
C GLN A 8 14.28 -19.16 -7.35
N ASP A 9 13.77 -20.00 -6.45
CA ASP A 9 13.79 -19.80 -4.99
C ASP A 9 13.12 -18.48 -4.58
N GLY A 10 12.28 -17.95 -5.47
CA GLY A 10 11.63 -16.66 -5.45
C GLY A 10 11.82 -15.99 -6.81
N GLU A 11 10.89 -15.13 -7.19
CA GLU A 11 11.19 -14.01 -8.07
C GLU A 11 12.08 -13.05 -7.28
N ASP A 12 12.77 -12.14 -7.96
CA ASP A 12 13.55 -11.10 -7.29
C ASP A 12 12.62 -10.11 -6.59
N PHE A 13 13.04 -9.59 -5.43
CA PHE A 13 12.38 -8.47 -4.76
C PHE A 13 12.39 -7.20 -5.60
N LYS A 14 13.33 -7.09 -6.53
CA LYS A 14 13.42 -6.00 -7.49
C LYS A 14 12.48 -6.25 -8.64
N SER A 15 12.50 -7.46 -9.23
CA SER A 15 11.67 -7.87 -10.35
C SER A 15 10.23 -7.43 -10.11
N PHE A 16 9.60 -7.90 -9.03
CA PHE A 16 8.19 -7.63 -8.82
C PHE A 16 7.92 -6.16 -8.46
N LEU A 17 8.93 -5.42 -7.98
CA LEU A 17 8.81 -4.00 -7.68
C LEU A 17 8.76 -3.26 -9.00
N ASP A 18 9.82 -3.38 -9.79
CA ASP A 18 9.96 -2.71 -11.08
C ASP A 18 8.83 -3.12 -12.03
N LYS A 19 8.28 -4.35 -11.90
CA LYS A 19 7.11 -4.77 -12.67
C LYS A 19 5.82 -4.10 -12.20
N PHE A 20 5.52 -4.02 -10.89
CA PHE A 20 4.17 -3.54 -10.53
C PHE A 20 4.17 -2.01 -10.58
N THR A 21 5.34 -1.35 -10.48
CA THR A 21 5.45 0.05 -10.83
C THR A 21 5.18 0.21 -12.33
N SER A 22 5.81 -0.62 -13.19
CA SER A 22 5.64 -0.64 -14.64
C SER A 22 4.21 -0.96 -15.09
N SER A 23 3.34 -1.47 -14.21
CA SER A 23 2.09 -2.07 -14.64
C SER A 23 1.03 -1.96 -13.55
N ALA A 24 0.23 -0.89 -13.63
CA ALA A 24 -1.03 -0.73 -12.92
C ALA A 24 -1.88 -2.00 -13.04
N ALA A 25 -2.04 -2.53 -14.25
CA ALA A 25 -2.84 -3.72 -14.51
C ALA A 25 -2.34 -4.98 -13.77
N PHE A 26 -1.10 -4.99 -13.29
CA PHE A 26 -0.51 -6.13 -12.60
C PHE A 26 -0.75 -6.06 -11.08
N GLN A 27 -0.89 -4.87 -10.50
CA GLN A 27 -0.81 -4.69 -9.04
C GLN A 27 -1.83 -5.56 -8.28
N TYR A 28 -3.02 -5.75 -8.86
CA TYR A 28 -4.12 -6.56 -8.35
C TYR A 28 -3.70 -8.02 -8.10
N THR A 29 -3.06 -8.66 -9.09
CA THR A 29 -2.74 -10.10 -9.06
C THR A 29 -1.45 -10.34 -8.25
N ARG A 30 -1.29 -9.65 -7.13
CA ARG A 30 -0.10 -9.62 -6.28
C ARG A 30 -0.51 -9.20 -4.85
N VAL A 31 -1.70 -9.57 -4.39
CA VAL A 31 -2.22 -9.20 -3.06
C VAL A 31 -2.90 -10.45 -2.45
N LYS A 32 -2.50 -10.79 -1.22
CA LYS A 32 -3.05 -11.85 -0.37
C LYS A 32 -4.33 -11.35 0.29
N PHE A 33 -5.00 -12.21 1.05
CA PHE A 33 -6.12 -11.82 1.90
C PHE A 33 -6.31 -12.82 3.04
N PRO A 34 -6.84 -12.43 4.22
CA PRO A 34 -7.10 -11.06 4.65
C PRO A 34 -5.80 -10.26 4.79
N LEU A 35 -5.90 -8.93 4.83
CA LEU A 35 -4.76 -8.04 5.10
C LEU A 35 -4.64 -7.84 6.61
N LYS A 36 -3.64 -7.08 7.07
CA LYS A 36 -3.41 -6.94 8.52
C LYS A 36 -4.28 -5.83 9.09
N THR A 37 -4.24 -4.67 8.47
CA THR A 37 -4.90 -3.45 8.91
C THR A 37 -5.98 -3.06 7.89
N PRO A 38 -7.23 -3.58 8.01
CA PRO A 38 -8.32 -3.22 7.11
C PRO A 38 -8.67 -1.73 7.19
N ILE A 39 -9.67 -1.31 6.40
CA ILE A 39 -10.34 -0.03 6.57
C ILE A 39 -10.99 -0.08 7.95
N THR A 40 -10.68 0.91 8.78
CA THR A 40 -11.21 1.15 10.11
C THR A 40 -11.68 2.59 10.09
N LEU A 41 -12.97 2.80 10.35
CA LEU A 41 -13.64 4.08 10.38
C LEU A 41 -14.02 4.24 11.84
N LEU A 42 -13.57 5.31 12.45
CA LEU A 42 -14.11 5.81 13.70
C LEU A 42 -15.57 6.11 13.39
N ALA A 43 -16.50 5.42 14.04
CA ALA A 43 -17.93 5.49 13.81
C ALA A 43 -18.45 6.91 14.03
N ASP A 44 -19.73 7.07 13.77
CA ASP A 44 -20.45 8.33 13.92
C ASP A 44 -20.33 8.82 15.37
N ASP A 45 -20.21 7.89 16.31
CA ASP A 45 -20.08 8.04 17.76
C ASP A 45 -18.72 8.58 18.21
N GLY A 46 -17.72 8.57 17.32
CA GLY A 46 -16.42 9.17 17.55
C GLY A 46 -15.45 8.35 18.40
N GLU A 47 -15.79 7.15 18.86
CA GLU A 47 -14.86 6.27 19.55
C GLU A 47 -14.87 4.84 19.00
N THR A 48 -16.04 4.31 18.66
CA THR A 48 -16.20 2.94 18.17
C THR A 48 -15.53 2.76 16.80
N GLU A 49 -14.42 2.04 16.77
CA GLU A 49 -13.66 1.68 15.58
C GLU A 49 -14.36 0.48 14.92
N LYS A 50 -15.09 0.68 13.83
CA LYS A 50 -15.71 -0.42 13.07
C LYS A 50 -14.93 -0.61 11.77
N THR A 51 -14.61 -1.85 11.42
CA THR A 51 -13.89 -2.16 10.19
C THR A 51 -14.86 -2.28 9.00
N PHE A 52 -14.30 -2.34 7.79
CA PHE A 52 -15.01 -2.66 6.55
C PHE A 52 -14.19 -3.60 5.65
N PRO A 53 -14.84 -4.30 4.70
CA PRO A 53 -14.15 -5.15 3.74
C PRO A 53 -13.25 -4.34 2.84
N PHE A 54 -12.05 -4.88 2.61
CA PHE A 54 -11.12 -4.42 1.60
C PHE A 54 -11.38 -5.24 0.34
N THR A 55 -11.70 -4.57 -0.75
CA THR A 55 -11.99 -5.14 -2.06
C THR A 55 -11.12 -4.43 -3.12
N LYS A 56 -10.97 -5.01 -4.32
CA LYS A 56 -10.08 -4.48 -5.35
C LYS A 56 -10.44 -3.08 -5.83
N GLU A 57 -11.71 -2.72 -5.71
CA GLU A 57 -12.20 -1.38 -6.03
C GLU A 57 -11.59 -0.32 -5.10
N LYS A 58 -11.06 -0.76 -3.95
CA LYS A 58 -10.43 0.09 -2.94
C LYS A 58 -8.91 0.07 -3.06
N TRP A 59 -8.38 -0.33 -4.22
CA TRP A 59 -6.96 -0.40 -4.49
C TRP A 59 -6.47 0.92 -5.12
N PRO A 60 -6.09 1.96 -4.36
CA PRO A 60 -5.32 3.04 -4.96
C PRO A 60 -4.07 2.43 -5.58
N LEU A 61 -3.94 2.54 -6.90
CA LEU A 61 -2.71 2.17 -7.60
C LEU A 61 -1.63 3.15 -7.14
N LEU A 62 -0.52 2.64 -6.58
CA LEU A 62 0.59 3.45 -6.09
C LEU A 62 1.76 3.38 -7.06
N ASP A 63 2.68 4.33 -6.93
CA ASP A 63 3.93 4.46 -7.69
C ASP A 63 5.12 4.22 -6.76
N SER A 64 6.30 4.39 -7.32
CA SER A 64 7.60 4.12 -6.77
C SER A 64 8.14 5.31 -5.97
N GLU A 65 7.66 6.53 -6.21
CA GLU A 65 8.11 7.74 -5.52
C GLU A 65 7.94 7.62 -4.00
N THR A 66 6.93 6.87 -3.54
CA THR A 66 6.63 6.68 -2.13
C THR A 66 7.68 5.75 -1.48
N MET A 67 8.33 4.87 -2.24
CA MET A 67 9.19 3.79 -1.76
C MET A 67 10.61 4.31 -1.50
N LYS A 68 10.73 5.40 -0.74
CA LYS A 68 11.99 6.10 -0.56
C LYS A 68 12.18 6.44 0.90
N GLU A 69 13.18 5.79 1.47
CA GLU A 69 13.65 5.98 2.81
C GLU A 69 14.27 7.38 2.91
N GLU A 70 13.50 8.32 3.42
CA GLU A 70 13.83 9.73 3.57
C GLU A 70 13.05 10.24 4.78
N ARG A 71 13.56 11.30 5.42
CA ARG A 71 13.02 11.93 6.62
C ARG A 71 12.94 13.42 6.32
N ILE A 72 11.77 14.03 6.44
CA ILE A 72 11.47 15.39 5.99
C ILE A 72 10.97 16.17 7.19
N THR A 73 11.78 17.09 7.72
CA THR A 73 11.31 18.04 8.71
C THR A 73 10.47 19.10 8.00
N GLN A 74 9.23 19.26 8.44
CA GLN A 74 8.34 20.39 8.15
C GLN A 74 8.06 21.09 9.48
N GLU A 75 7.45 22.26 9.39
CA GLU A 75 7.15 23.06 10.57
C GLU A 75 5.68 23.50 10.52
N GLU A 76 5.11 23.48 9.31
CA GLU A 76 3.64 23.54 9.14
C GLU A 76 3.05 22.24 9.70
N GLY A 77 3.85 21.17 9.81
CA GLY A 77 3.52 19.93 10.49
C GLY A 77 4.75 19.47 11.25
N GLY A 78 5.36 18.39 10.79
CA GLY A 78 6.22 17.55 11.61
C GLY A 78 7.27 16.84 10.77
N ILE A 79 7.87 15.81 11.33
CA ILE A 79 8.86 15.00 10.63
C ILE A 79 8.15 13.89 9.86
N TYR A 80 7.88 14.08 8.58
CA TYR A 80 7.35 13.04 7.70
C TYR A 80 8.49 12.08 7.39
N VAL A 81 8.42 10.80 7.79
CA VAL A 81 9.50 9.85 7.56
C VAL A 81 8.95 8.45 7.23
N SER A 82 9.10 8.07 5.96
CA SER A 82 9.01 6.69 5.55
C SER A 82 10.28 5.97 6.00
N LYS A 83 10.14 4.85 6.71
CA LYS A 83 11.24 3.94 7.00
C LYS A 83 10.74 2.51 6.84
N PHE A 84 11.64 1.55 6.72
CA PHE A 84 11.26 0.16 6.95
C PHE A 84 11.35 -0.07 8.45
N THR A 85 10.54 -1.00 8.95
CA THR A 85 10.53 -1.38 10.37
C THR A 85 10.93 -2.86 10.54
N LEU A 86 10.67 -3.73 9.56
CA LEU A 86 11.13 -5.11 9.57
C LEU A 86 12.10 -5.31 8.41
N ASN A 87 13.26 -5.88 8.71
CA ASN A 87 14.36 -6.10 7.78
C ASN A 87 14.60 -7.60 7.54
N GLU A 88 13.54 -8.41 7.63
CA GLU A 88 13.57 -9.83 7.34
C GLU A 88 13.77 -10.07 5.83
N PRO A 89 14.31 -11.22 5.43
CA PRO A 89 14.61 -11.51 4.03
C PRO A 89 13.36 -11.66 3.17
N LYS A 90 12.45 -12.55 3.56
CA LYS A 90 11.24 -12.87 2.80
C LYS A 90 10.02 -12.07 3.28
N HIS A 91 10.16 -11.19 4.28
CA HIS A 91 9.07 -10.47 4.91
C HIS A 91 9.52 -9.01 5.12
N LYS A 92 9.32 -8.13 4.13
CA LYS A 92 9.83 -6.75 4.22
C LYS A 92 8.68 -5.80 4.51
N ILE A 93 8.82 -4.95 5.52
CA ILE A 93 7.74 -4.11 6.03
C ILE A 93 8.19 -2.66 5.92
N PHE A 94 7.43 -1.87 5.16
CA PHE A 94 7.69 -0.46 4.90
C PHE A 94 6.52 0.32 5.47
N GLU A 95 6.82 1.30 6.32
CA GLU A 95 5.81 2.10 7.00
C GLU A 95 6.20 3.59 6.88
N ALA A 96 5.19 4.45 6.78
CA ALA A 96 5.43 5.88 6.64
C ALA A 96 4.33 6.67 7.31
N GLY A 97 4.68 7.85 7.81
CA GLY A 97 3.86 8.71 8.62
C GLY A 97 4.73 9.78 9.26
N TYR A 98 4.12 10.63 10.07
CA TYR A 98 4.86 11.55 10.90
C TYR A 98 5.55 10.80 12.02
N GLU A 99 6.77 11.21 12.37
CA GLU A 99 7.49 10.66 13.51
C GLU A 99 6.73 10.96 14.80
N GLU A 100 5.84 11.96 14.79
CA GLU A 100 5.01 12.33 15.93
C GLU A 100 3.54 12.46 15.52
N SER A 101 3.06 11.63 14.59
CA SER A 101 1.63 11.45 14.37
C SER A 101 1.35 10.03 13.86
N GLU A 102 0.11 9.78 13.47
CA GLU A 102 -0.32 8.51 12.88
C GLU A 102 0.43 8.19 11.57
N VAL A 103 0.39 6.91 11.19
CA VAL A 103 0.85 6.49 9.88
C VAL A 103 -0.08 7.03 8.79
N ASP A 104 0.49 7.16 7.60
CA ASP A 104 -0.20 7.45 6.37
C ASP A 104 -0.15 6.24 5.44
N LEU A 105 0.77 5.30 5.65
CA LEU A 105 1.02 4.19 4.74
C LEU A 105 1.63 3.06 5.56
N ARG A 106 1.09 1.84 5.45
CA ARG A 106 1.80 0.64 5.86
C ARG A 106 1.59 -0.43 4.81
N VAL A 107 2.57 -1.31 4.68
CA VAL A 107 2.53 -2.45 3.78
C VAL A 107 3.50 -3.50 4.35
N GLU A 108 3.17 -4.77 4.16
CA GLU A 108 3.95 -5.91 4.56
C GLU A 108 3.98 -6.81 3.33
N PHE A 109 5.17 -7.09 2.81
CA PHE A 109 5.40 -7.88 1.60
C PHE A 109 5.92 -9.24 2.04
N GLU A 110 5.25 -10.32 1.66
CA GLU A 110 5.67 -11.69 1.95
C GLU A 110 5.81 -12.46 0.64
N LEU A 111 6.95 -13.12 0.47
CA LEU A 111 7.13 -14.10 -0.60
C LEU A 111 6.22 -15.29 -0.33
N GLN A 112 5.57 -15.81 -1.36
CA GLN A 112 4.82 -17.06 -1.31
C GLN A 112 5.67 -18.18 -1.89
N ALA A 113 5.34 -19.43 -1.56
CA ALA A 113 6.07 -20.60 -2.02
C ALA A 113 6.05 -20.72 -3.55
N ASP A 114 4.99 -20.22 -4.17
CA ASP A 114 4.84 -20.14 -5.62
C ASP A 114 5.91 -19.24 -6.27
N GLY A 115 6.64 -18.43 -5.48
CA GLY A 115 7.74 -17.63 -5.98
C GLY A 115 7.29 -16.27 -6.48
N LYS A 116 6.00 -15.94 -6.45
CA LYS A 116 5.61 -14.52 -6.50
C LYS A 116 5.66 -13.97 -5.10
N TRP A 117 6.05 -12.72 -5.00
CA TRP A 117 5.87 -11.93 -3.81
C TRP A 117 4.45 -11.40 -3.82
N TYR A 118 3.77 -11.49 -2.68
CA TYR A 118 2.42 -10.99 -2.49
C TYR A 118 2.49 -9.88 -1.43
N VAL A 119 1.45 -9.06 -1.41
CA VAL A 119 1.24 -8.01 -0.43
C VAL A 119 0.21 -8.53 0.57
N VAL A 120 0.57 -8.59 1.85
CA VAL A 120 -0.26 -9.05 2.94
C VAL A 120 -0.72 -7.87 3.81
N ASP A 121 -0.44 -6.62 3.42
CA ASP A 121 -0.97 -5.44 4.11
C ASP A 121 -1.22 -4.31 3.15
N CYS A 122 -2.22 -3.47 3.41
CA CYS A 122 -2.42 -2.23 2.69
C CYS A 122 -3.12 -1.26 3.62
N TYR A 123 -2.36 -0.44 4.33
CA TYR A 123 -2.87 0.79 4.92
C TYR A 123 -2.45 1.95 4.01
N THR A 124 -3.29 2.97 3.94
CA THR A 124 -3.09 4.22 3.22
C THR A 124 -4.06 5.24 3.82
N GLY A 125 -3.68 6.52 3.85
CA GLY A 125 -4.48 7.63 4.36
C GLY A 125 -5.83 7.74 3.64
N TRP A 126 -5.89 7.28 2.39
CA TRP A 126 -7.12 7.10 1.62
C TRP A 126 -8.23 6.43 2.41
N TYR A 127 -7.86 5.43 3.22
CA TYR A 127 -8.78 4.67 4.04
C TYR A 127 -8.26 4.69 5.48
N GLY A 128 -7.79 5.85 5.93
CA GLY A 128 -7.20 6.10 7.24
C GLY A 128 -8.22 6.62 8.24
N TYR A 129 -7.75 7.01 9.43
CA TYR A 129 -8.51 7.58 10.55
C TYR A 129 -8.94 9.04 10.28
N ASP A 130 -9.30 9.32 9.04
CA ASP A 130 -9.21 10.65 8.42
C ASP A 130 -10.56 11.07 7.83
N LEU A 131 -11.51 10.13 7.66
CA LEU A 131 -12.82 10.39 7.06
C LEU A 131 -13.89 9.51 7.75
N PRO A 132 -15.14 9.95 7.80
CA PRO A 132 -16.19 9.30 8.59
C PRO A 132 -16.74 8.05 7.92
N ILE A 133 -17.49 7.26 8.68
CA ILE A 133 -18.08 6.00 8.27
C ILE A 133 -18.90 6.13 6.98
N GLY A 134 -19.54 7.28 6.80
CA GLY A 134 -20.40 7.54 5.67
C GLY A 134 -19.66 7.96 4.40
N GLU A 135 -18.40 8.40 4.46
CA GLU A 135 -17.68 8.86 3.28
C GLU A 135 -17.02 7.69 2.54
N LEU A 136 -16.88 6.53 3.17
CA LEU A 136 -16.22 5.37 2.60
C LEU A 136 -16.66 5.11 1.16
N LYS A 137 -17.98 4.96 0.94
CA LYS A 137 -18.60 4.86 -0.40
C LYS A 137 -18.07 5.88 -1.39
N GLN A 138 -18.11 7.16 -1.01
CA GLN A 138 -17.66 8.29 -1.80
C GLN A 138 -16.18 8.12 -2.14
N THR A 139 -15.35 7.82 -1.15
CA THR A 139 -13.93 7.66 -1.30
C THR A 139 -13.58 6.52 -2.26
N ILE A 140 -14.33 5.42 -2.29
CA ILE A 140 -14.08 4.34 -3.25
C ILE A 140 -14.18 4.91 -4.67
N GLN A 141 -15.17 5.76 -4.90
CA GLN A 141 -15.42 6.34 -6.22
C GLN A 141 -14.27 7.28 -6.58
N ASN A 142 -13.84 8.09 -5.61
CA ASN A 142 -12.72 9.05 -5.73
C ASN A 142 -11.38 8.36 -5.97
N VAL A 143 -11.13 7.22 -5.33
CA VAL A 143 -9.87 6.50 -5.47
C VAL A 143 -9.65 6.10 -6.93
N LYS A 144 -10.72 5.72 -7.62
CA LYS A 144 -10.63 5.32 -9.01
C LYS A 144 -10.37 6.48 -9.96
N GLU A 145 -10.37 7.73 -9.49
CA GLU A 145 -10.08 8.90 -10.30
C GLU A 145 -8.57 9.12 -10.28
N GLU A 146 -7.99 9.31 -9.09
CA GLU A 146 -6.55 9.48 -8.93
C GLU A 146 -5.80 8.26 -9.50
N ASN A 147 -6.26 7.05 -9.16
CA ASN A 147 -5.58 5.82 -9.60
C ASN A 147 -5.59 5.62 -11.10
N ALA A 148 -6.53 6.27 -11.77
CA ALA A 148 -6.62 6.16 -13.21
C ALA A 148 -5.67 7.13 -13.94
N ALA A 149 -5.19 8.18 -13.27
CA ALA A 149 -4.09 8.98 -13.78
C ALA A 149 -2.77 8.21 -13.68
N PHE A 150 -2.52 7.49 -12.57
CA PHE A 150 -1.29 6.71 -12.42
C PHE A 150 -1.11 5.74 -13.60
N LYS A 151 -2.16 4.98 -13.93
CA LYS A 151 -2.08 3.96 -14.97
C LYS A 151 -1.84 4.55 -16.35
N GLU A 152 -2.06 5.86 -16.53
CA GLU A 152 -1.73 6.52 -17.78
C GLU A 152 -0.23 6.42 -18.06
N ILE A 153 0.59 6.54 -17.01
CA ILE A 153 2.04 6.50 -17.10
C ILE A 153 2.48 5.03 -17.18
N HIS A 154 1.94 4.17 -16.34
CA HIS A 154 2.34 2.77 -16.26
C HIS A 154 1.13 1.84 -16.40
N PRO A 155 0.59 1.69 -17.62
CA PRO A 155 -0.62 0.91 -17.85
C PRO A 155 -0.39 -0.59 -17.67
N GLY A 1 17.73 -17.91 -24.48
CA GLY A 1 18.20 -17.04 -23.38
C GLY A 1 17.15 -16.95 -22.28
N ASP A 2 16.43 -18.04 -22.14
CA ASP A 2 15.08 -18.23 -21.65
C ASP A 2 14.87 -19.71 -21.94
N SER A 3 14.13 -20.44 -21.12
CA SER A 3 14.46 -21.86 -20.93
C SER A 3 15.94 -21.98 -20.51
N GLU A 4 16.53 -23.17 -20.68
CA GLU A 4 17.96 -23.40 -20.55
C GLU A 4 18.44 -23.24 -19.08
N LEU A 5 18.16 -24.24 -18.23
CA LEU A 5 18.65 -24.35 -16.85
C LEU A 5 18.36 -23.08 -16.02
N THR A 6 17.09 -22.66 -15.99
CA THR A 6 16.69 -21.46 -15.28
C THR A 6 16.67 -21.71 -13.79
N THR A 7 16.86 -20.64 -13.02
CA THR A 7 16.88 -20.68 -11.56
C THR A 7 16.07 -19.47 -11.05
N GLN A 8 15.73 -19.40 -9.76
CA GLN A 8 15.10 -18.22 -9.16
C GLN A 8 15.41 -18.20 -7.67
N ASP A 9 15.12 -19.29 -6.93
CA ASP A 9 15.29 -19.37 -5.46
C ASP A 9 14.52 -18.26 -4.72
N GLY A 10 13.39 -17.89 -5.31
CA GLY A 10 12.50 -16.83 -4.85
C GLY A 10 12.87 -15.50 -5.52
N GLU A 11 11.86 -14.73 -5.92
CA GLU A 11 12.02 -13.52 -6.72
C GLU A 11 12.78 -12.41 -5.97
N ASP A 12 13.36 -11.46 -6.69
CA ASP A 12 14.15 -10.35 -6.12
C ASP A 12 13.24 -9.24 -5.60
N PHE A 13 13.76 -8.42 -4.68
CA PHE A 13 13.10 -7.22 -4.19
C PHE A 13 13.06 -6.10 -5.23
N LYS A 14 14.07 -5.98 -6.10
CA LYS A 14 14.05 -4.99 -7.17
C LYS A 14 13.21 -5.51 -8.33
N SER A 15 13.46 -6.76 -8.75
CA SER A 15 12.75 -7.47 -9.79
C SER A 15 11.24 -7.30 -9.66
N PHE A 16 10.64 -7.58 -8.50
CA PHE A 16 9.18 -7.43 -8.39
C PHE A 16 8.76 -5.96 -8.34
N LEU A 17 9.48 -5.10 -7.61
CA LEU A 17 8.96 -3.77 -7.32
C LEU A 17 8.85 -2.93 -8.59
N ASP A 18 9.69 -3.20 -9.60
CA ASP A 18 9.62 -2.60 -10.92
C ASP A 18 8.18 -2.61 -11.46
N LYS A 19 7.51 -3.76 -11.52
CA LYS A 19 6.15 -3.88 -12.03
C LYS A 19 5.09 -3.30 -11.09
N PHE A 20 5.45 -2.85 -9.90
CA PHE A 20 4.53 -2.17 -9.00
C PHE A 20 4.62 -0.68 -9.26
N THR A 21 5.81 -0.09 -9.26
CA THR A 21 5.93 1.34 -9.54
C THR A 21 5.73 1.68 -11.03
N SER A 22 5.80 0.71 -11.93
CA SER A 22 5.75 0.89 -13.38
C SER A 22 4.54 0.16 -13.99
N SER A 23 3.44 -0.04 -13.26
CA SER A 23 2.20 -0.56 -13.82
C SER A 23 1.00 -0.19 -12.97
N ALA A 24 -0.03 0.40 -13.58
CA ALA A 24 -1.26 0.83 -12.90
C ALA A 24 -2.42 -0.16 -13.10
N ALA A 25 -2.35 -1.11 -14.03
CA ALA A 25 -3.33 -2.19 -14.18
C ALA A 25 -2.81 -3.52 -13.66
N PHE A 26 -1.54 -3.60 -13.26
CA PHE A 26 -0.87 -4.86 -12.93
C PHE A 26 -0.70 -5.04 -11.42
N GLN A 27 -0.80 -3.98 -10.61
CA GLN A 27 -0.74 -4.12 -9.16
C GLN A 27 -1.89 -5.00 -8.62
N TYR A 28 -2.99 -5.14 -9.35
CA TYR A 28 -4.06 -6.10 -9.00
C TYR A 28 -3.62 -7.57 -9.01
N THR A 29 -2.47 -7.97 -9.58
CA THR A 29 -2.12 -9.37 -9.79
C THR A 29 -1.16 -9.92 -8.72
N ARG A 30 -0.98 -9.21 -7.60
CA ARG A 30 0.05 -9.51 -6.60
C ARG A 30 -0.49 -9.35 -5.20
N VAL A 31 -1.76 -9.67 -4.94
CA VAL A 31 -2.43 -9.25 -3.72
C VAL A 31 -2.89 -10.49 -2.97
N LYS A 32 -2.48 -10.62 -1.71
CA LYS A 32 -3.02 -11.63 -0.80
C LYS A 32 -4.39 -11.16 -0.31
N PHE A 33 -5.20 -12.06 0.22
CA PHE A 33 -6.34 -11.65 1.02
C PHE A 33 -6.70 -12.73 2.06
N PRO A 34 -7.01 -12.37 3.34
CA PRO A 34 -7.08 -11.03 3.92
C PRO A 34 -5.74 -10.29 3.92
N LEU A 35 -5.77 -8.98 4.18
CA LEU A 35 -4.60 -8.18 4.47
C LEU A 35 -4.52 -7.95 5.97
N LYS A 36 -3.39 -7.40 6.43
CA LYS A 36 -3.08 -7.22 7.85
C LYS A 36 -3.49 -5.83 8.37
N THR A 37 -3.52 -4.80 7.52
CA THR A 37 -4.03 -3.45 7.78
C THR A 37 -5.31 -3.25 6.97
N PRO A 38 -6.49 -3.62 7.51
CA PRO A 38 -7.77 -3.49 6.82
C PRO A 38 -8.14 -2.01 6.59
N ILE A 39 -9.40 -1.78 6.19
CA ILE A 39 -10.03 -0.47 6.35
C ILE A 39 -10.55 -0.45 7.78
N THR A 40 -10.44 0.70 8.44
CA THR A 40 -10.86 0.91 9.82
C THR A 40 -11.61 2.25 9.80
N LEU A 41 -12.93 2.20 10.05
CA LEU A 41 -13.84 3.34 10.05
C LEU A 41 -14.29 3.50 11.49
N LEU A 42 -14.23 4.71 12.01
CA LEU A 42 -14.68 5.02 13.34
C LEU A 42 -16.20 4.88 13.35
N ALA A 43 -16.72 4.12 14.31
CA ALA A 43 -18.14 4.06 14.54
C ALA A 43 -18.67 5.45 14.84
N ASP A 44 -19.98 5.60 14.70
CA ASP A 44 -20.69 6.78 15.20
C ASP A 44 -20.67 6.85 16.72
N ASP A 45 -20.19 5.80 17.40
CA ASP A 45 -19.86 5.79 18.83
C ASP A 45 -18.60 6.62 19.15
N GLY A 46 -17.79 6.94 18.14
CA GLY A 46 -16.62 7.82 18.25
C GLY A 46 -15.43 7.20 18.98
N GLU A 47 -15.60 6.07 19.68
CA GLU A 47 -14.54 5.38 20.42
C GLU A 47 -14.62 3.86 20.19
N THR A 48 -15.22 3.44 19.08
CA THR A 48 -15.29 2.08 18.60
C THR A 48 -14.73 2.09 17.18
N GLU A 49 -13.58 1.45 16.95
CA GLU A 49 -13.11 1.14 15.60
C GLU A 49 -14.03 0.06 15.04
N LYS A 50 -14.34 0.06 13.73
CA LYS A 50 -14.94 -1.09 13.06
C LYS A 50 -14.20 -1.33 11.76
N THR A 51 -13.66 -2.53 11.56
CA THR A 51 -12.98 -2.86 10.33
C THR A 51 -13.98 -3.31 9.25
N PHE A 52 -13.54 -3.32 7.99
CA PHE A 52 -14.36 -3.67 6.83
C PHE A 52 -13.59 -4.53 5.82
N PRO A 53 -14.29 -5.29 4.96
CA PRO A 53 -13.67 -6.06 3.89
C PRO A 53 -13.10 -5.13 2.83
N PHE A 54 -11.90 -5.45 2.35
CA PHE A 54 -11.18 -4.74 1.30
C PHE A 54 -11.42 -5.46 -0.03
N THR A 55 -12.41 -5.01 -0.81
CA THR A 55 -12.75 -5.53 -2.13
C THR A 55 -11.78 -4.98 -3.19
N LYS A 56 -11.71 -5.59 -4.38
CA LYS A 56 -10.87 -5.13 -5.50
C LYS A 56 -11.26 -3.74 -6.02
N GLU A 57 -12.41 -3.19 -5.60
CA GLU A 57 -12.75 -1.80 -5.83
C GLU A 57 -11.77 -0.90 -5.11
N LYS A 58 -11.41 -1.21 -3.86
CA LYS A 58 -10.71 -0.33 -2.93
C LYS A 58 -9.21 -0.30 -3.19
N TRP A 59 -8.81 -0.33 -4.45
CA TRP A 59 -7.44 -0.46 -4.88
C TRP A 59 -6.91 0.87 -5.45
N PRO A 60 -6.42 1.81 -4.61
CA PRO A 60 -5.66 2.95 -5.09
C PRO A 60 -4.37 2.47 -5.76
N LEU A 61 -4.11 2.97 -6.96
CA LEU A 61 -2.86 2.86 -7.71
C LEU A 61 -1.76 3.67 -7.03
N LEU A 62 -0.85 3.00 -6.33
CA LEU A 62 0.37 3.65 -5.84
C LEU A 62 1.29 3.89 -7.04
N ASP A 63 2.16 4.89 -6.93
CA ASP A 63 3.00 5.46 -7.98
C ASP A 63 4.47 5.36 -7.58
N SER A 64 5.35 5.81 -8.47
CA SER A 64 6.81 5.74 -8.28
C SER A 64 7.34 6.88 -7.44
N GLU A 65 6.47 7.71 -6.91
CA GLU A 65 6.83 8.79 -5.99
C GLU A 65 6.56 8.44 -4.52
N THR A 66 5.54 7.64 -4.21
CA THR A 66 5.25 7.21 -2.86
C THR A 66 6.38 6.32 -2.31
N MET A 67 7.07 5.58 -3.17
CA MET A 67 8.16 4.69 -2.82
C MET A 67 9.49 5.44 -2.89
N LYS A 68 9.63 6.48 -2.08
CA LYS A 68 10.91 7.11 -1.77
C LYS A 68 11.07 7.20 -0.27
N GLU A 69 12.22 6.77 0.23
CA GLU A 69 12.59 6.91 1.63
C GLU A 69 13.55 8.07 1.75
N GLU A 70 13.05 9.16 2.32
CA GLU A 70 13.83 10.27 2.81
C GLU A 70 13.25 10.73 4.15
N ARG A 71 13.74 11.84 4.72
CA ARG A 71 13.30 12.34 6.01
C ARG A 71 13.22 13.85 5.91
N ILE A 72 12.03 14.42 6.03
CA ILE A 72 11.80 15.83 5.74
C ILE A 72 11.51 16.53 7.04
N THR A 73 12.51 17.25 7.54
CA THR A 73 12.47 18.19 8.62
C THR A 73 11.64 19.41 8.16
N GLN A 74 10.38 19.48 8.56
CA GLN A 74 9.50 20.62 8.38
C GLN A 74 9.43 21.36 9.71
N GLU A 75 9.84 22.61 9.71
CA GLU A 75 9.73 23.47 10.88
C GLU A 75 8.28 23.53 11.34
N GLU A 76 7.39 23.66 10.36
CA GLU A 76 5.95 23.85 10.50
C GLU A 76 5.19 22.52 10.67
N GLY A 77 5.88 21.38 10.80
CA GLY A 77 5.21 20.07 10.78
C GLY A 77 5.83 19.07 11.75
N GLY A 78 7.16 18.97 11.80
CA GLY A 78 7.86 17.91 12.50
C GLY A 78 8.81 17.22 11.55
N ILE A 79 9.30 16.05 11.95
CA ILE A 79 10.10 15.19 11.12
C ILE A 79 9.13 14.30 10.39
N TYR A 80 8.77 14.67 9.15
CA TYR A 80 8.09 13.74 8.26
C TYR A 80 9.08 12.62 7.99
N VAL A 81 8.63 11.39 8.13
CA VAL A 81 9.40 10.18 7.96
C VAL A 81 8.58 9.29 7.03
N SER A 82 9.28 8.42 6.32
CA SER A 82 8.78 7.29 5.57
C SER A 82 9.99 6.39 5.34
N LYS A 83 10.08 5.24 6.00
CA LYS A 83 11.12 4.25 5.72
C LYS A 83 10.60 2.85 5.99
N PHE A 84 11.47 1.85 5.83
CA PHE A 84 11.15 0.51 6.28
C PHE A 84 11.22 0.48 7.81
N THR A 85 10.23 -0.14 8.46
CA THR A 85 10.30 -0.51 9.87
C THR A 85 10.91 -1.90 10.07
N LEU A 86 10.95 -2.76 9.04
CA LEU A 86 11.56 -4.09 9.13
C LEU A 86 12.27 -4.43 7.82
N ASN A 87 13.49 -4.94 7.93
CA ASN A 87 14.35 -5.36 6.83
C ASN A 87 14.71 -6.84 6.99
N GLU A 88 13.68 -7.68 6.92
CA GLU A 88 13.78 -9.14 6.91
C GLU A 88 14.09 -9.61 5.48
N PRO A 89 14.51 -10.87 5.31
CA PRO A 89 14.88 -11.41 4.01
C PRO A 89 13.67 -11.70 3.15
N LYS A 90 12.62 -12.22 3.78
CA LYS A 90 11.39 -12.73 3.22
C LYS A 90 10.27 -12.06 4.00
N HIS A 91 10.30 -10.73 4.11
CA HIS A 91 9.22 -9.84 4.58
C HIS A 91 9.77 -8.42 4.50
N LYS A 92 8.93 -7.39 4.34
CA LYS A 92 9.38 -6.01 4.34
C LYS A 92 8.22 -5.09 4.66
N ILE A 93 8.31 -4.32 5.74
CA ILE A 93 7.29 -3.35 6.13
C ILE A 93 7.84 -1.96 5.83
N PHE A 94 7.05 -1.13 5.16
CA PHE A 94 7.32 0.25 4.79
C PHE A 94 6.17 1.11 5.30
N GLU A 95 6.48 2.27 5.87
CA GLU A 95 5.49 3.17 6.45
C GLU A 95 5.74 4.62 6.03
N ALA A 96 4.77 5.50 6.29
CA ALA A 96 4.92 6.95 6.27
C ALA A 96 3.91 7.57 7.24
N GLY A 97 4.40 8.25 8.26
CA GLY A 97 3.59 8.85 9.32
C GLY A 97 4.44 9.40 10.44
N TYR A 98 5.19 10.46 10.11
CA TYR A 98 6.11 11.27 10.90
C TYR A 98 7.05 10.51 11.83
N GLU A 99 7.94 11.23 12.52
CA GLU A 99 8.57 10.66 13.71
C GLU A 99 7.58 10.56 14.88
N GLU A 100 6.57 11.44 14.90
CA GLU A 100 5.78 11.76 16.09
C GLU A 100 4.28 11.64 15.84
N SER A 101 3.81 11.49 14.59
CA SER A 101 2.40 11.37 14.24
C SER A 101 2.04 9.90 13.97
N GLU A 102 0.91 9.70 13.29
CA GLU A 102 0.37 8.41 12.86
C GLU A 102 0.54 8.29 11.34
N VAL A 103 0.38 7.08 10.82
CA VAL A 103 0.51 6.77 9.41
C VAL A 103 -0.64 7.32 8.58
N ASP A 104 -0.29 7.68 7.35
CA ASP A 104 -1.24 8.01 6.28
C ASP A 104 -0.90 7.22 5.01
N LEU A 105 0.07 6.30 5.12
CA LEU A 105 0.45 5.28 4.15
C LEU A 105 1.10 4.13 4.93
N ARG A 106 0.74 2.88 4.61
CA ARG A 106 1.42 1.68 5.09
C ARG A 106 1.39 0.69 3.95
N VAL A 107 2.50 0.00 3.71
CA VAL A 107 2.67 -1.01 2.67
C VAL A 107 3.56 -2.10 3.24
N GLU A 108 3.22 -3.37 3.04
CA GLU A 108 4.08 -4.50 3.39
C GLU A 108 4.12 -5.42 2.19
N PHE A 109 5.31 -5.96 1.92
CA PHE A 109 5.55 -6.91 0.86
C PHE A 109 6.08 -8.16 1.53
N GLU A 110 5.41 -9.28 1.33
CA GLU A 110 5.78 -10.55 1.93
C GLU A 110 5.68 -11.57 0.81
N LEU A 111 6.70 -12.41 0.69
CA LEU A 111 6.72 -13.53 -0.24
C LEU A 111 5.66 -14.51 0.22
N GLN A 112 5.15 -15.28 -0.73
CA GLN A 112 4.23 -16.35 -0.47
C GLN A 112 4.89 -17.65 -0.93
N ALA A 113 4.27 -18.78 -0.60
CA ALA A 113 4.81 -20.12 -0.82
C ALA A 113 5.29 -20.32 -2.26
N ASP A 114 4.58 -19.71 -3.20
CA ASP A 114 4.76 -19.86 -4.64
C ASP A 114 6.08 -19.26 -5.12
N GLY A 115 6.75 -18.42 -4.31
CA GLY A 115 8.09 -17.89 -4.57
C GLY A 115 8.13 -16.40 -4.96
N LYS A 116 6.99 -15.71 -4.97
CA LYS A 116 6.86 -14.35 -5.46
C LYS A 116 6.35 -13.44 -4.36
N TRP A 117 6.70 -12.18 -4.47
CA TRP A 117 6.33 -11.14 -3.52
C TRP A 117 4.89 -10.74 -3.78
N TYR A 118 4.06 -10.67 -2.74
CA TYR A 118 2.70 -10.16 -2.84
C TYR A 118 2.62 -8.96 -1.91
N VAL A 119 1.73 -8.04 -2.24
CA VAL A 119 1.14 -7.08 -1.35
C VAL A 119 0.41 -7.88 -0.28
N VAL A 120 0.80 -7.68 0.97
CA VAL A 120 0.13 -8.23 2.14
C VAL A 120 -0.54 -7.11 2.95
N ASP A 121 -0.45 -5.86 2.48
CA ASP A 121 -0.91 -4.67 3.18
C ASP A 121 -1.18 -3.55 2.20
N CYS A 122 -2.29 -2.84 2.34
CA CYS A 122 -2.66 -1.72 1.50
C CYS A 122 -3.48 -0.74 2.35
N TYR A 123 -2.84 0.29 2.90
CA TYR A 123 -3.49 1.34 3.68
C TYR A 123 -2.97 2.70 3.24
N THR A 124 -3.79 3.74 3.41
CA THR A 124 -3.60 5.11 2.97
C THR A 124 -4.74 5.92 3.61
N GLY A 125 -4.62 7.25 3.69
CA GLY A 125 -5.62 8.16 4.22
C GLY A 125 -7.00 7.98 3.61
N TRP A 126 -7.05 7.59 2.33
CA TRP A 126 -8.28 7.19 1.63
C TRP A 126 -9.14 6.26 2.48
N TYR A 127 -8.51 5.35 3.23
CA TYR A 127 -9.16 4.35 4.05
C TYR A 127 -8.75 4.42 5.53
N GLY A 128 -7.98 5.45 5.90
CA GLY A 128 -7.27 5.57 7.16
C GLY A 128 -7.69 6.83 7.90
N TYR A 129 -8.66 6.65 8.80
CA TYR A 129 -9.25 7.68 9.64
C TYR A 129 -9.57 8.96 8.84
N ASP A 130 -10.56 8.89 7.94
CA ASP A 130 -11.09 10.09 7.31
C ASP A 130 -12.62 10.03 7.39
N LEU A 131 -13.26 9.03 6.78
CA LEU A 131 -14.69 9.16 6.49
C LEU A 131 -15.49 8.31 7.47
N PRO A 132 -16.70 8.75 7.88
CA PRO A 132 -17.50 8.00 8.83
C PRO A 132 -18.02 6.70 8.22
N ILE A 133 -18.51 5.82 9.10
CA ILE A 133 -18.83 4.44 8.80
C ILE A 133 -19.94 4.28 7.73
N GLY A 134 -20.71 5.33 7.45
CA GLY A 134 -21.73 5.34 6.42
C GLY A 134 -21.19 5.73 5.03
N GLU A 135 -20.19 6.62 4.98
CA GLU A 135 -19.72 7.23 3.72
C GLU A 135 -18.66 6.39 3.01
N LEU A 136 -18.38 5.18 3.49
CA LEU A 136 -17.46 4.24 2.87
C LEU A 136 -17.72 4.14 1.37
N LYS A 137 -18.95 3.84 0.98
CA LYS A 137 -19.37 3.80 -0.43
C LYS A 137 -18.91 5.00 -1.25
N GLN A 138 -19.18 6.22 -0.78
CA GLN A 138 -18.79 7.47 -1.42
C GLN A 138 -17.27 7.53 -1.60
N THR A 139 -16.53 7.17 -0.54
CA THR A 139 -15.08 7.11 -0.50
C THR A 139 -14.55 6.18 -1.59
N ILE A 140 -15.11 4.98 -1.70
CA ILE A 140 -14.69 3.97 -2.67
C ILE A 140 -14.86 4.52 -4.08
N GLN A 141 -15.97 5.19 -4.34
CA GLN A 141 -16.22 5.79 -5.63
C GLN A 141 -15.13 6.81 -5.96
N ASN A 142 -14.73 7.61 -4.98
CA ASN A 142 -13.76 8.70 -5.17
C ASN A 142 -12.36 8.20 -5.49
N VAL A 143 -11.90 7.11 -4.85
CA VAL A 143 -10.51 6.66 -5.07
C VAL A 143 -10.30 6.31 -6.54
N LYS A 144 -11.29 5.64 -7.15
CA LYS A 144 -11.25 5.23 -8.55
C LYS A 144 -11.09 6.41 -9.51
N GLU A 145 -11.51 7.62 -9.12
CA GLU A 145 -11.47 8.79 -9.97
C GLU A 145 -10.04 9.28 -10.06
N GLU A 146 -9.41 9.53 -8.91
CA GLU A 146 -8.01 9.97 -8.89
C GLU A 146 -7.11 8.90 -9.49
N ASN A 147 -7.37 7.63 -9.19
CA ASN A 147 -6.53 6.55 -9.72
C ASN A 147 -6.60 6.41 -11.24
N ALA A 148 -7.70 6.87 -11.82
CA ALA A 148 -7.90 6.85 -13.25
C ALA A 148 -7.29 8.08 -13.95
N ALA A 149 -6.91 9.10 -13.19
CA ALA A 149 -6.00 10.14 -13.66
C ALA A 149 -4.57 9.61 -13.69
N PHE A 150 -4.08 8.98 -12.61
CA PHE A 150 -2.72 8.44 -12.57
C PHE A 150 -2.47 7.50 -13.77
N LYS A 151 -3.31 6.47 -13.90
CA LYS A 151 -3.14 5.50 -14.98
C LYS A 151 -3.35 6.10 -16.37
N GLU A 152 -3.84 7.34 -16.51
CA GLU A 152 -3.89 7.96 -17.82
C GLU A 152 -2.44 8.15 -18.32
N ILE A 153 -1.62 8.72 -17.44
CA ILE A 153 -0.31 9.28 -17.72
C ILE A 153 0.75 8.18 -17.58
N HIS A 154 0.66 7.37 -16.51
CA HIS A 154 1.55 6.24 -16.24
C HIS A 154 0.69 4.97 -16.06
N PRO A 155 0.10 4.42 -17.15
CA PRO A 155 -0.66 3.17 -17.12
C PRO A 155 0.18 1.95 -16.75
N GLY A 1 9.33 -12.59 -18.47
CA GLY A 1 9.69 -13.01 -17.11
C GLY A 1 11.12 -13.49 -17.12
N ASP A 2 11.97 -12.98 -16.22
CA ASP A 2 13.37 -13.39 -16.18
C ASP A 2 13.44 -14.87 -15.83
N SER A 3 14.35 -15.64 -16.44
CA SER A 3 14.53 -17.07 -16.19
C SER A 3 15.87 -17.53 -16.74
N GLU A 4 16.46 -18.55 -16.11
CA GLU A 4 17.66 -19.21 -16.58
C GLU A 4 17.59 -20.70 -16.27
N LEU A 5 18.69 -21.42 -16.51
CA LEU A 5 18.97 -22.75 -15.98
C LEU A 5 19.02 -22.68 -14.44
N THR A 6 19.10 -23.84 -13.78
CA THR A 6 19.13 -24.04 -12.33
C THR A 6 17.92 -23.40 -11.60
N THR A 7 16.86 -23.08 -12.35
CA THR A 7 15.61 -22.51 -11.87
C THR A 7 15.89 -21.25 -11.01
N GLN A 8 14.91 -20.78 -10.23
CA GLN A 8 14.98 -19.49 -9.55
C GLN A 8 14.44 -19.63 -8.14
N ASP A 9 15.10 -19.01 -7.18
CA ASP A 9 14.73 -19.04 -5.76
C ASP A 9 13.61 -18.05 -5.42
N GLY A 10 13.04 -17.43 -6.44
CA GLY A 10 12.04 -16.38 -6.41
C GLY A 10 12.32 -15.39 -7.53
N GLU A 11 11.27 -14.70 -7.95
CA GLU A 11 11.32 -13.46 -8.69
C GLU A 11 12.16 -12.45 -7.89
N ASP A 12 12.89 -11.57 -8.56
CA ASP A 12 13.64 -10.52 -7.88
C ASP A 12 12.69 -9.50 -7.28
N PHE A 13 13.19 -8.69 -6.33
CA PHE A 13 12.54 -7.48 -5.88
C PHE A 13 12.19 -6.62 -7.09
N LYS A 14 13.18 -6.23 -7.89
CA LYS A 14 12.97 -5.29 -8.98
C LYS A 14 12.16 -5.93 -10.10
N SER A 15 12.30 -7.24 -10.31
CA SER A 15 11.54 -7.97 -11.31
C SER A 15 10.04 -7.74 -11.09
N PHE A 16 9.56 -7.83 -9.85
CA PHE A 16 8.15 -7.60 -9.57
C PHE A 16 7.83 -6.10 -9.47
N LEU A 17 8.67 -5.32 -8.78
CA LEU A 17 8.40 -3.93 -8.42
C LEU A 17 8.34 -3.03 -9.66
N ASP A 18 9.07 -3.40 -10.72
CA ASP A 18 8.98 -2.83 -12.06
C ASP A 18 7.53 -2.80 -12.54
N LYS A 19 6.90 -3.96 -12.77
CA LYS A 19 5.52 -4.02 -13.18
C LYS A 19 4.61 -3.37 -12.16
N PHE A 20 4.91 -3.48 -10.85
CA PHE A 20 4.10 -2.82 -9.83
C PHE A 20 3.96 -1.33 -10.17
N THR A 21 5.04 -0.66 -10.55
CA THR A 21 5.03 0.75 -10.96
C THR A 21 4.93 0.92 -12.48
N SER A 22 4.45 -0.07 -13.25
CA SER A 22 4.39 0.05 -14.72
C SER A 22 3.08 -0.48 -15.33
N SER A 23 2.15 -1.02 -14.54
CA SER A 23 1.04 -1.79 -15.08
C SER A 23 -0.16 -1.75 -14.12
N ALA A 24 -1.14 -0.88 -14.40
CA ALA A 24 -2.41 -0.75 -13.68
C ALA A 24 -3.05 -2.12 -13.41
N ALA A 25 -3.41 -2.85 -14.47
CA ALA A 25 -4.16 -4.08 -14.33
C ALA A 25 -3.33 -5.21 -13.69
N PHE A 26 -2.01 -5.08 -13.57
CA PHE A 26 -1.17 -6.13 -13.01
C PHE A 26 -1.05 -6.01 -11.47
N GLN A 27 -1.31 -4.85 -10.87
CA GLN A 27 -1.24 -4.68 -9.41
C GLN A 27 -2.26 -5.58 -8.68
N TYR A 28 -3.48 -5.72 -9.21
CA TYR A 28 -4.54 -6.55 -8.64
C TYR A 28 -4.09 -8.01 -8.43
N THR A 29 -3.37 -8.59 -9.39
CA THR A 29 -3.05 -10.02 -9.43
C THR A 29 -1.75 -10.33 -8.66
N ARG A 30 -1.49 -9.60 -7.56
CA ARG A 30 -0.36 -9.86 -6.66
C ARG A 30 -0.70 -9.43 -5.23
N VAL A 31 -1.89 -9.73 -4.73
CA VAL A 31 -2.34 -9.29 -3.41
C VAL A 31 -2.87 -10.52 -2.68
N LYS A 32 -2.50 -10.69 -1.40
CA LYS A 32 -3.06 -11.74 -0.54
C LYS A 32 -4.49 -11.39 -0.15
N PHE A 33 -5.18 -12.31 0.53
CA PHE A 33 -6.26 -11.95 1.42
C PHE A 33 -6.36 -12.96 2.58
N PRO A 34 -6.92 -12.61 3.76
CA PRO A 34 -7.16 -11.25 4.25
C PRO A 34 -5.88 -10.39 4.27
N LEU A 35 -6.02 -9.08 4.49
CA LEU A 35 -4.87 -8.21 4.73
C LEU A 35 -4.84 -7.81 6.20
N LYS A 36 -3.65 -7.38 6.62
CA LYS A 36 -3.37 -7.10 8.02
C LYS A 36 -4.08 -5.83 8.47
N THR A 37 -4.21 -4.91 7.53
CA THR A 37 -4.62 -3.54 7.72
C THR A 37 -6.02 -3.31 7.10
N PRO A 38 -7.13 -3.60 7.83
CA PRO A 38 -8.49 -3.38 7.33
C PRO A 38 -8.91 -1.89 7.47
N ILE A 39 -10.13 -1.54 6.99
CA ILE A 39 -10.56 -0.15 6.83
C ILE A 39 -10.55 0.58 8.18
N THR A 40 -11.25 0.03 9.17
CA THR A 40 -11.34 0.55 10.52
C THR A 40 -11.71 2.04 10.57
N LEU A 41 -12.99 2.35 10.32
CA LEU A 41 -13.54 3.68 10.45
C LEU A 41 -14.10 3.81 11.85
N LEU A 42 -13.72 4.90 12.51
CA LEU A 42 -14.28 5.31 13.76
C LEU A 42 -15.75 5.64 13.53
N ALA A 43 -16.61 4.92 14.25
CA ALA A 43 -18.04 5.13 14.32
C ALA A 43 -18.37 6.47 14.97
N ASP A 44 -19.66 6.69 15.21
CA ASP A 44 -20.18 7.98 15.67
C ASP A 44 -19.57 8.45 16.99
N ASP A 45 -19.41 7.52 17.93
CA ASP A 45 -19.05 7.75 19.33
C ASP A 45 -17.63 8.27 19.51
N GLY A 46 -16.82 8.23 18.45
CA GLY A 46 -15.44 8.63 18.47
C GLY A 46 -14.55 7.69 19.28
N GLU A 47 -14.94 6.43 19.41
CA GLU A 47 -14.20 5.40 20.13
C GLU A 47 -14.39 4.00 19.52
N THR A 48 -15.60 3.64 19.11
CA THR A 48 -15.90 2.38 18.46
C THR A 48 -15.30 2.37 17.06
N GLU A 49 -14.28 1.55 16.87
CA GLU A 49 -13.52 1.38 15.62
C GLU A 49 -14.20 0.24 14.85
N LYS A 50 -14.84 0.49 13.71
CA LYS A 50 -15.60 -0.53 12.98
C LYS A 50 -14.90 -0.92 11.68
N THR A 51 -14.55 -2.19 11.57
CA THR A 51 -13.93 -2.79 10.40
C THR A 51 -14.97 -3.12 9.31
N PHE A 52 -14.50 -3.36 8.09
CA PHE A 52 -15.28 -3.59 6.87
C PHE A 52 -14.39 -4.35 5.88
N PRO A 53 -14.95 -4.98 4.82
CA PRO A 53 -14.12 -5.69 3.84
C PRO A 53 -13.19 -4.72 3.13
N PHE A 54 -12.01 -5.20 2.76
CA PHE A 54 -11.30 -4.66 1.62
C PHE A 54 -11.70 -5.44 0.36
N THR A 55 -11.78 -4.75 -0.77
CA THR A 55 -12.08 -5.26 -2.10
C THR A 55 -11.14 -4.59 -3.10
N LYS A 56 -10.98 -5.16 -4.31
CA LYS A 56 -10.17 -4.55 -5.37
C LYS A 56 -10.81 -3.27 -5.92
N GLU A 57 -12.05 -2.95 -5.54
CA GLU A 57 -12.68 -1.67 -5.88
C GLU A 57 -11.87 -0.56 -5.21
N LYS A 58 -11.46 -0.79 -3.96
CA LYS A 58 -10.83 0.19 -3.10
C LYS A 58 -9.30 0.19 -3.22
N TRP A 59 -8.79 -0.31 -4.34
CA TRP A 59 -7.37 -0.49 -4.62
C TRP A 59 -6.82 0.75 -5.37
N PRO A 60 -6.34 1.81 -4.69
CA PRO A 60 -5.61 2.87 -5.39
C PRO A 60 -4.41 2.30 -6.16
N LEU A 61 -4.23 2.76 -7.39
CA LEU A 61 -3.10 2.49 -8.27
C LEU A 61 -1.91 3.28 -7.76
N LEU A 62 -1.15 2.66 -6.88
CA LEU A 62 0.07 3.25 -6.31
C LEU A 62 1.15 3.26 -7.38
N ASP A 63 2.19 4.08 -7.19
CA ASP A 63 3.30 4.18 -8.13
C ASP A 63 4.59 4.39 -7.37
N SER A 64 5.66 4.65 -8.10
CA SER A 64 6.99 4.95 -7.58
C SER A 64 6.96 6.17 -6.66
N GLU A 65 5.97 7.07 -6.78
CA GLU A 65 5.78 8.20 -5.87
C GLU A 65 5.61 7.77 -4.42
N THR A 66 5.09 6.56 -4.18
CA THR A 66 4.80 6.03 -2.87
C THR A 66 6.01 5.38 -2.23
N MET A 67 7.12 5.19 -2.98
CA MET A 67 8.30 4.49 -2.52
C MET A 67 9.48 5.46 -2.52
N LYS A 68 9.32 6.66 -1.95
CA LYS A 68 10.45 7.54 -1.67
C LYS A 68 10.68 7.56 -0.15
N GLU A 69 11.89 7.92 0.29
CA GLU A 69 12.26 7.95 1.69
C GLU A 69 12.95 9.26 1.99
N GLU A 70 12.62 9.85 3.13
CA GLU A 70 13.24 11.05 3.64
C GLU A 70 12.93 11.22 5.13
N ARG A 71 13.39 12.31 5.71
CA ARG A 71 12.99 12.76 7.04
C ARG A 71 12.84 14.27 6.98
N ILE A 72 11.64 14.80 7.15
CA ILE A 72 11.40 16.23 7.19
C ILE A 72 11.33 16.62 8.67
N THR A 73 12.41 17.19 9.19
CA THR A 73 12.37 17.84 10.49
C THR A 73 11.83 19.27 10.29
N GLN A 74 11.08 19.76 11.26
CA GLN A 74 10.29 20.99 11.28
C GLN A 74 10.51 21.70 12.63
N GLU A 75 9.68 22.67 12.98
CA GLU A 75 9.67 23.21 14.35
C GLU A 75 8.25 23.23 14.93
N GLU A 76 7.28 23.62 14.11
CA GLU A 76 5.88 23.89 14.49
C GLU A 76 4.91 22.80 13.97
N GLY A 77 5.36 21.56 13.79
CA GLY A 77 4.51 20.48 13.31
C GLY A 77 4.93 19.13 13.89
N GLY A 78 5.93 18.49 13.31
CA GLY A 78 6.44 17.21 13.79
C GLY A 78 7.58 16.75 12.89
N ILE A 79 8.23 15.64 13.23
CA ILE A 79 9.30 15.09 12.41
C ILE A 79 8.69 14.08 11.45
N TYR A 80 8.49 14.39 10.17
CA TYR A 80 7.97 13.39 9.24
C TYR A 80 9.09 12.44 8.83
N VAL A 81 8.80 11.15 8.65
CA VAL A 81 9.77 10.10 8.37
C VAL A 81 9.11 9.08 7.44
N SER A 82 9.73 8.81 6.29
CA SER A 82 9.33 7.76 5.36
C SER A 82 10.54 6.86 5.12
N LYS A 83 10.43 5.53 5.32
CA LYS A 83 11.50 4.56 5.05
C LYS A 83 11.02 3.13 5.26
N PHE A 84 11.85 2.17 4.85
CA PHE A 84 11.69 0.78 5.24
C PHE A 84 11.97 0.67 6.73
N THR A 85 11.12 -0.05 7.48
CA THR A 85 11.45 -0.41 8.85
C THR A 85 12.36 -1.64 8.88
N LEU A 86 12.32 -2.51 7.85
CA LEU A 86 12.88 -3.85 7.91
C LEU A 86 13.62 -4.15 6.61
N ASN A 87 14.75 -4.84 6.75
CA ASN A 87 15.69 -5.17 5.68
C ASN A 87 15.83 -6.69 5.54
N GLU A 88 14.83 -7.46 5.98
CA GLU A 88 14.79 -8.91 5.82
C GLU A 88 14.75 -9.28 4.33
N PRO A 89 15.17 -10.49 3.97
CA PRO A 89 15.32 -10.87 2.57
C PRO A 89 14.00 -10.97 1.84
N LYS A 90 12.99 -11.53 2.50
CA LYS A 90 11.71 -11.88 1.86
C LYS A 90 10.51 -11.12 2.45
N HIS A 91 10.72 -10.20 3.39
CA HIS A 91 9.71 -9.48 4.16
C HIS A 91 10.17 -8.02 4.18
N LYS A 92 9.64 -7.14 3.33
CA LYS A 92 10.26 -5.83 3.07
C LYS A 92 9.35 -4.66 3.44
N ILE A 93 9.16 -4.46 4.74
CA ILE A 93 8.21 -3.50 5.31
C ILE A 93 8.64 -2.08 4.94
N PHE A 94 7.69 -1.26 4.47
CA PHE A 94 7.85 0.16 4.23
C PHE A 94 6.69 0.91 4.88
N GLU A 95 6.97 2.02 5.55
CA GLU A 95 5.95 2.85 6.18
C GLU A 95 6.38 4.32 6.10
N ALA A 96 5.39 5.22 6.25
CA ALA A 96 5.64 6.64 6.24
C ALA A 96 4.63 7.38 7.10
N GLY A 97 5.11 8.27 7.98
CA GLY A 97 4.35 8.88 9.06
C GLY A 97 5.17 9.92 9.81
N TYR A 98 4.58 10.53 10.84
CA TYR A 98 5.25 11.46 11.74
C TYR A 98 5.86 10.72 12.92
N GLU A 99 7.02 11.17 13.42
CA GLU A 99 7.75 10.58 14.55
C GLU A 99 6.99 10.78 15.88
N GLU A 100 5.90 11.55 15.83
CA GLU A 100 5.12 12.05 16.95
C GLU A 100 3.61 11.87 16.70
N SER A 101 3.21 11.22 15.59
CA SER A 101 1.83 11.09 15.14
C SER A 101 1.65 9.68 14.53
N GLU A 102 0.69 9.47 13.62
CA GLU A 102 0.51 8.20 12.94
C GLU A 102 1.19 8.15 11.56
N VAL A 103 1.09 6.98 10.93
CA VAL A 103 1.39 6.72 9.54
C VAL A 103 0.19 7.02 8.64
N ASP A 104 0.47 7.44 7.42
CA ASP A 104 -0.52 7.72 6.38
C ASP A 104 -0.38 6.74 5.22
N LEU A 105 0.60 5.83 5.34
CA LEU A 105 0.91 4.76 4.39
C LEU A 105 1.64 3.63 5.11
N ARG A 106 1.14 2.37 4.98
CA ARG A 106 1.90 1.14 5.25
C ARG A 106 1.63 0.18 4.08
N VAL A 107 2.68 -0.25 3.39
CA VAL A 107 2.64 -1.24 2.29
C VAL A 107 3.89 -2.13 2.41
N GLU A 108 3.75 -3.41 2.14
CA GLU A 108 4.78 -4.43 2.25
C GLU A 108 4.51 -5.48 1.16
N PHE A 109 5.45 -6.41 0.95
CA PHE A 109 5.33 -7.44 -0.05
C PHE A 109 6.12 -8.64 0.46
N GLU A 110 5.43 -9.68 0.92
CA GLU A 110 6.10 -10.91 1.32
C GLU A 110 6.31 -11.77 0.07
N LEU A 111 7.53 -12.28 -0.08
CA LEU A 111 7.83 -13.27 -1.11
C LEU A 111 7.24 -14.60 -0.70
N GLN A 112 6.29 -15.08 -1.49
CA GLN A 112 5.64 -16.34 -1.20
C GLN A 112 6.50 -17.47 -1.73
N ALA A 113 6.34 -18.66 -1.16
CA ALA A 113 7.04 -19.88 -1.54
C ALA A 113 6.80 -20.24 -3.01
N ASP A 114 5.70 -19.76 -3.59
CA ASP A 114 5.41 -19.78 -5.04
C ASP A 114 6.53 -19.13 -5.87
N GLY A 115 7.45 -18.36 -5.26
CA GLY A 115 8.51 -17.63 -5.95
C GLY A 115 8.01 -16.25 -6.39
N LYS A 116 6.77 -15.89 -6.05
CA LYS A 116 6.11 -14.67 -6.47
C LYS A 116 5.85 -13.81 -5.24
N TRP A 117 6.03 -12.49 -5.37
CA TRP A 117 5.78 -11.53 -4.30
C TRP A 117 4.31 -11.16 -4.30
N TYR A 118 3.72 -11.01 -3.11
CA TYR A 118 2.30 -10.67 -2.92
C TYR A 118 2.23 -9.57 -1.85
N VAL A 119 1.44 -8.52 -2.11
CA VAL A 119 1.14 -7.47 -1.14
C VAL A 119 0.28 -8.06 -0.02
N VAL A 120 0.39 -7.51 1.19
CA VAL A 120 -0.21 -8.03 2.41
C VAL A 120 -0.90 -6.90 3.20
N ASP A 121 -0.94 -5.70 2.64
CA ASP A 121 -1.25 -4.46 3.34
C ASP A 121 -1.72 -3.42 2.32
N CYS A 122 -2.84 -2.76 2.62
CA CYS A 122 -3.36 -1.62 1.87
C CYS A 122 -3.63 -0.40 2.77
N TYR A 123 -2.73 -0.08 3.71
CA TYR A 123 -2.96 1.03 4.61
C TYR A 123 -2.67 2.35 3.89
N THR A 124 -3.66 3.24 3.79
CA THR A 124 -3.55 4.55 3.19
C THR A 124 -4.56 5.47 3.88
N GLY A 125 -4.24 6.75 3.99
CA GLY A 125 -5.12 7.78 4.53
C GLY A 125 -6.52 7.74 3.94
N TRP A 126 -6.64 7.35 2.67
CA TRP A 126 -7.89 7.23 1.93
C TRP A 126 -8.96 6.53 2.78
N TYR A 127 -8.58 5.42 3.42
CA TYR A 127 -9.50 4.47 4.02
C TYR A 127 -9.08 4.19 5.46
N GLY A 128 -8.66 5.23 6.19
CA GLY A 128 -8.10 5.13 7.53
C GLY A 128 -8.86 5.98 8.55
N TYR A 129 -8.24 6.14 9.72
CA TYR A 129 -8.81 6.69 10.94
C TYR A 129 -9.23 8.17 10.80
N ASP A 130 -8.75 8.91 9.80
CA ASP A 130 -9.01 10.36 9.67
C ASP A 130 -10.41 10.59 9.12
N LEU A 131 -11.05 9.58 8.53
CA LEU A 131 -12.26 9.72 7.75
C LEU A 131 -13.41 9.03 8.46
N PRO A 132 -14.65 9.56 8.42
CA PRO A 132 -15.75 8.97 9.18
C PRO A 132 -16.35 7.75 8.50
N ILE A 133 -17.10 7.01 9.30
CA ILE A 133 -17.83 5.82 8.89
C ILE A 133 -18.84 6.09 7.75
N GLY A 134 -19.25 7.35 7.53
CA GLY A 134 -20.19 7.73 6.48
C GLY A 134 -19.54 8.40 5.27
N GLU A 135 -18.21 8.41 5.13
CA GLU A 135 -17.55 8.94 3.93
C GLU A 135 -17.00 7.83 3.04
N LEU A 136 -16.87 6.60 3.55
CA LEU A 136 -16.26 5.47 2.85
C LEU A 136 -16.83 5.36 1.42
N LYS A 137 -18.17 5.29 1.31
CA LYS A 137 -18.91 5.30 0.05
C LYS A 137 -18.42 6.34 -0.95
N GLN A 138 -18.23 7.57 -0.47
CA GLN A 138 -17.74 8.71 -1.22
C GLN A 138 -16.29 8.47 -1.67
N THR A 139 -15.39 8.07 -0.78
CA THR A 139 -14.00 7.74 -1.11
C THR A 139 -13.89 6.73 -2.27
N ILE A 140 -14.80 5.76 -2.36
CA ILE A 140 -14.72 4.71 -3.36
C ILE A 140 -14.93 5.31 -4.76
N GLN A 141 -15.70 6.41 -4.90
CA GLN A 141 -15.79 7.16 -6.13
C GLN A 141 -14.41 7.69 -6.50
N ASN A 142 -13.79 8.35 -5.54
CA ASN A 142 -12.58 9.13 -5.76
C ASN A 142 -11.43 8.25 -6.23
N VAL A 143 -11.32 7.04 -5.65
CA VAL A 143 -10.19 6.18 -5.94
C VAL A 143 -10.23 5.71 -7.39
N LYS A 144 -11.41 5.49 -7.98
CA LYS A 144 -11.51 5.17 -9.41
C LYS A 144 -10.88 6.23 -10.30
N GLU A 145 -10.92 7.50 -9.90
CA GLU A 145 -10.68 8.66 -10.74
C GLU A 145 -9.18 8.94 -10.79
N GLU A 146 -8.53 8.91 -9.63
CA GLU A 146 -7.08 8.83 -9.50
C GLU A 146 -6.54 7.68 -10.37
N ASN A 147 -7.15 6.50 -10.23
CA ASN A 147 -6.77 5.31 -10.97
C ASN A 147 -7.01 5.45 -12.47
N ALA A 148 -7.90 6.36 -12.89
CA ALA A 148 -8.17 6.63 -14.29
C ALA A 148 -7.05 7.50 -14.84
N ALA A 149 -6.60 8.51 -14.09
CA ALA A 149 -5.44 9.32 -14.45
C ALA A 149 -4.20 8.43 -14.62
N PHE A 150 -3.99 7.46 -13.73
CA PHE A 150 -2.91 6.48 -13.87
C PHE A 150 -3.05 5.71 -15.19
N LYS A 151 -4.18 5.02 -15.41
CA LYS A 151 -4.29 4.10 -16.55
C LYS A 151 -4.38 4.82 -17.90
N GLU A 152 -4.60 6.14 -17.90
CA GLU A 152 -4.49 6.99 -19.09
C GLU A 152 -3.06 6.93 -19.66
N ILE A 153 -2.09 6.54 -18.81
CA ILE A 153 -0.69 6.43 -19.13
C ILE A 153 -0.28 4.95 -19.11
N HIS A 154 -0.48 4.26 -17.97
CA HIS A 154 0.05 2.91 -17.74
C HIS A 154 -1.06 1.88 -17.45
N PRO A 155 -1.87 1.52 -18.45
CA PRO A 155 -2.89 0.49 -18.31
C PRO A 155 -2.28 -0.90 -18.00
N GLY A 1 4.79 -34.54 -19.78
CA GLY A 1 5.08 -33.53 -18.75
C GLY A 1 6.58 -33.32 -18.69
N ASP A 2 7.27 -34.10 -17.86
CA ASP A 2 8.60 -34.68 -18.14
C ASP A 2 9.60 -33.63 -18.63
N SER A 3 9.97 -32.73 -17.72
CA SER A 3 11.05 -31.76 -17.86
C SER A 3 11.48 -31.34 -16.46
N GLU A 4 12.67 -30.74 -16.35
CA GLU A 4 13.11 -29.99 -15.19
C GLU A 4 13.88 -28.78 -15.71
N LEU A 5 13.85 -27.67 -14.98
CA LEU A 5 14.52 -26.42 -15.28
C LEU A 5 14.90 -25.78 -13.95
N THR A 6 15.89 -24.88 -13.94
CA THR A 6 16.32 -24.17 -12.75
C THR A 6 15.79 -22.73 -12.76
N THR A 7 15.89 -22.01 -11.64
CA THR A 7 15.31 -20.69 -11.45
C THR A 7 16.19 -19.82 -10.54
N GLN A 8 15.86 -18.53 -10.45
CA GLN A 8 16.51 -17.53 -9.61
C GLN A 8 16.08 -17.69 -8.15
N ASP A 9 16.77 -16.99 -7.26
CA ASP A 9 16.68 -17.05 -5.80
C ASP A 9 15.48 -16.31 -5.20
N GLY A 10 14.54 -15.90 -6.05
CA GLY A 10 13.44 -14.99 -5.79
C GLY A 10 13.44 -13.97 -6.92
N GLU A 11 12.29 -13.35 -7.20
CA GLU A 11 12.24 -12.09 -7.93
C GLU A 11 12.89 -11.01 -7.06
N ASP A 12 13.20 -9.86 -7.65
CA ASP A 12 13.84 -8.75 -6.95
C ASP A 12 12.82 -7.68 -6.57
N PHE A 13 13.24 -6.75 -5.71
CA PHE A 13 12.50 -5.55 -5.37
C PHE A 13 12.21 -4.74 -6.64
N LYS A 14 13.25 -4.27 -7.35
CA LYS A 14 13.10 -3.51 -8.59
C LYS A 14 12.19 -4.22 -9.59
N SER A 15 12.40 -5.52 -9.78
CA SER A 15 11.62 -6.36 -10.69
C SER A 15 10.11 -6.25 -10.43
N PHE A 16 9.66 -5.95 -9.20
CA PHE A 16 8.25 -5.70 -8.92
C PHE A 16 7.93 -4.21 -8.91
N LEU A 17 8.76 -3.41 -8.25
CA LEU A 17 8.52 -2.01 -7.92
C LEU A 17 8.39 -1.18 -9.20
N ASP A 18 9.30 -1.40 -10.15
CA ASP A 18 9.34 -0.68 -11.42
C ASP A 18 8.03 -0.87 -12.18
N LYS A 19 7.60 -2.12 -12.34
CA LYS A 19 6.35 -2.44 -13.01
C LYS A 19 5.17 -1.90 -12.23
N PHE A 20 5.24 -1.88 -10.90
CA PHE A 20 4.22 -1.31 -10.05
C PHE A 20 4.06 0.19 -10.36
N THR A 21 5.16 0.95 -10.50
CA THR A 21 5.10 2.37 -10.84
C THR A 21 4.67 2.65 -12.28
N SER A 22 4.73 1.65 -13.17
CA SER A 22 4.68 1.89 -14.61
C SER A 22 3.67 0.98 -15.33
N SER A 23 2.76 0.33 -14.60
CA SER A 23 1.70 -0.51 -15.15
C SER A 23 0.62 -0.70 -14.08
N ALA A 24 -0.46 0.08 -14.15
CA ALA A 24 -1.54 0.04 -13.16
C ALA A 24 -2.10 -1.37 -13.00
N ALA A 25 -2.45 -2.07 -14.09
CA ALA A 25 -3.08 -3.39 -14.01
C ALA A 25 -2.19 -4.43 -13.34
N PHE A 26 -0.87 -4.22 -13.37
CA PHE A 26 0.14 -5.15 -12.85
C PHE A 26 0.10 -5.19 -11.32
N GLN A 27 -0.19 -4.05 -10.68
CA GLN A 27 -0.19 -3.95 -9.23
C GLN A 27 -1.20 -4.95 -8.63
N TYR A 28 -2.42 -4.98 -9.19
CA TYR A 28 -3.55 -5.82 -8.76
C TYR A 28 -3.16 -7.29 -8.58
N THR A 29 -2.36 -7.83 -9.51
CA THR A 29 -2.12 -9.25 -9.67
C THR A 29 -0.79 -9.62 -8.99
N ARG A 30 -0.47 -8.97 -7.86
CA ARG A 30 0.72 -9.18 -7.04
C ARG A 30 0.40 -8.81 -5.59
N VAL A 31 -0.81 -9.09 -5.11
CA VAL A 31 -1.26 -8.69 -3.77
C VAL A 31 -1.59 -9.97 -2.99
N LYS A 32 -1.05 -10.10 -1.80
CA LYS A 32 -1.26 -11.16 -0.81
C LYS A 32 -2.64 -11.00 -0.19
N PHE A 33 -3.13 -12.02 0.51
CA PHE A 33 -4.29 -11.86 1.36
C PHE A 33 -4.30 -12.83 2.54
N PRO A 34 -4.95 -12.49 3.67
CA PRO A 34 -5.42 -11.16 4.05
C PRO A 34 -4.25 -10.16 4.19
N LEU A 35 -4.54 -8.89 4.40
CA LEU A 35 -3.54 -7.85 4.65
C LEU A 35 -3.39 -7.62 6.14
N LYS A 36 -2.46 -6.74 6.55
CA LYS A 36 -2.19 -6.53 7.97
C LYS A 36 -3.32 -5.69 8.54
N THR A 37 -3.45 -4.47 8.05
CA THR A 37 -4.38 -3.45 8.53
C THR A 37 -5.56 -3.37 7.55
N PRO A 38 -6.62 -4.19 7.70
CA PRO A 38 -7.80 -4.06 6.85
C PRO A 38 -8.40 -2.66 7.01
N ILE A 39 -9.36 -2.34 6.14
CA ILE A 39 -10.17 -1.14 6.24
C ILE A 39 -10.74 -1.11 7.65
N THR A 40 -10.45 -0.07 8.44
CA THR A 40 -10.92 0.03 9.82
C THR A 40 -11.59 1.38 9.98
N LEU A 41 -12.91 1.37 10.11
CA LEU A 41 -13.74 2.57 10.20
C LEU A 41 -14.15 2.71 11.66
N LEU A 42 -14.11 3.92 12.20
CA LEU A 42 -14.36 4.15 13.62
C LEU A 42 -15.86 4.17 13.94
N ALA A 43 -16.57 3.11 13.55
CA ALA A 43 -18.01 2.99 13.59
C ALA A 43 -18.67 4.16 12.86
N ASP A 44 -19.98 4.34 13.04
CA ASP A 44 -20.66 5.57 12.62
C ASP A 44 -20.47 6.67 13.68
N ASP A 45 -19.60 6.42 14.68
CA ASP A 45 -19.71 6.92 16.05
C ASP A 45 -18.41 7.56 16.50
N GLY A 46 -17.34 6.77 16.67
CA GLY A 46 -16.06 7.19 17.21
C GLY A 46 -15.53 6.30 18.34
N GLU A 47 -16.20 5.17 18.66
CA GLU A 47 -15.86 4.32 19.80
C GLU A 47 -15.85 2.83 19.43
N THR A 48 -15.68 2.48 18.16
CA THR A 48 -15.57 1.09 17.76
C THR A 48 -14.77 1.01 16.46
N GLU A 49 -13.64 0.35 16.50
CA GLU A 49 -12.79 0.09 15.34
C GLU A 49 -13.40 -1.10 14.58
N LYS A 50 -14.24 -0.82 13.57
CA LYS A 50 -15.04 -1.80 12.87
C LYS A 50 -14.37 -2.08 11.52
N THR A 51 -13.90 -3.31 11.32
CA THR A 51 -13.12 -3.67 10.14
C THR A 51 -14.04 -4.02 8.96
N PHE A 52 -13.53 -3.97 7.73
CA PHE A 52 -14.27 -4.34 6.52
C PHE A 52 -13.38 -5.17 5.58
N PRO A 53 -14.01 -5.95 4.68
CA PRO A 53 -13.30 -6.69 3.65
C PRO A 53 -12.56 -5.73 2.71
N PHE A 54 -11.37 -6.13 2.31
CA PHE A 54 -10.51 -5.44 1.37
C PHE A 54 -10.67 -6.15 0.03
N THR A 55 -11.32 -5.49 -0.93
CA THR A 55 -11.68 -6.06 -2.23
C THR A 55 -11.08 -5.19 -3.34
N LYS A 56 -10.91 -5.72 -4.55
CA LYS A 56 -10.10 -5.12 -5.62
C LYS A 56 -10.57 -3.73 -6.04
N GLU A 57 -11.83 -3.40 -5.79
CA GLU A 57 -12.38 -2.07 -6.03
C GLU A 57 -11.60 -1.05 -5.20
N LYS A 58 -11.33 -1.37 -3.93
CA LYS A 58 -10.51 -0.55 -3.02
C LYS A 58 -9.02 -0.72 -3.32
N TRP A 59 -8.61 -0.57 -4.57
CA TRP A 59 -7.21 -0.51 -4.97
C TRP A 59 -6.91 0.84 -5.65
N PRO A 60 -6.58 1.89 -4.88
CA PRO A 60 -6.07 3.13 -5.44
C PRO A 60 -4.72 2.89 -6.14
N LEU A 61 -4.52 3.49 -7.31
CA LEU A 61 -3.27 3.59 -8.05
C LEU A 61 -2.37 4.62 -7.36
N LEU A 62 -1.25 4.16 -6.83
CA LEU A 62 -0.13 5.06 -6.52
C LEU A 62 0.60 5.45 -7.79
N ASP A 63 1.52 6.39 -7.65
CA ASP A 63 2.46 6.88 -8.66
C ASP A 63 3.88 6.75 -8.12
N SER A 64 4.84 6.91 -9.03
CA SER A 64 6.26 7.01 -8.77
C SER A 64 6.60 8.05 -7.70
N GLU A 65 5.77 9.08 -7.53
CA GLU A 65 6.11 10.26 -6.76
C GLU A 65 5.72 10.09 -5.29
N THR A 66 4.75 9.23 -4.99
CA THR A 66 4.45 8.77 -3.64
C THR A 66 5.50 7.76 -3.13
N MET A 67 6.35 7.20 -4.02
CA MET A 67 7.37 6.23 -3.64
C MET A 67 8.62 6.86 -2.99
N LYS A 68 8.67 8.19 -2.85
CA LYS A 68 9.88 8.89 -2.45
C LYS A 68 10.11 8.71 -0.96
N GLU A 69 11.39 8.61 -0.60
CA GLU A 69 11.85 8.50 0.77
C GLU A 69 12.51 9.83 1.11
N GLU A 70 11.93 10.56 2.06
CA GLU A 70 12.38 11.87 2.50
C GLU A 70 12.13 12.04 4.00
N ARG A 71 12.54 13.17 4.57
CA ARG A 71 12.40 13.49 5.98
C ARG A 71 12.18 14.98 6.09
N ILE A 72 11.00 15.41 6.50
CA ILE A 72 10.64 16.79 6.69
C ILE A 72 10.54 17.02 8.19
N THR A 73 11.59 17.63 8.72
CA THR A 73 11.64 18.26 10.01
C THR A 73 10.59 19.38 10.02
N GLN A 74 9.56 19.29 10.88
CA GLN A 74 8.57 20.33 11.07
C GLN A 74 8.44 20.65 12.56
N GLU A 75 7.63 21.66 12.84
CA GLU A 75 7.36 22.18 14.16
C GLU A 75 5.86 22.33 14.40
N GLU A 76 5.08 22.40 13.31
CA GLU A 76 3.63 22.42 13.40
C GLU A 76 3.10 21.06 13.93
N GLY A 77 3.85 19.97 13.71
CA GLY A 77 3.33 18.62 13.89
C GLY A 77 4.36 17.55 14.24
N GLY A 78 5.68 17.75 14.01
CA GLY A 78 6.70 16.76 14.36
C GLY A 78 7.74 16.60 13.26
N ILE A 79 8.54 15.54 13.31
CA ILE A 79 9.48 15.17 12.26
C ILE A 79 8.76 14.17 11.36
N TYR A 80 8.26 14.62 10.21
CA TYR A 80 7.64 13.73 9.22
C TYR A 80 8.75 12.97 8.52
N VAL A 81 8.58 11.68 8.27
CA VAL A 81 9.58 10.81 7.65
C VAL A 81 8.86 9.87 6.68
N SER A 82 9.58 9.35 5.69
CA SER A 82 9.13 8.31 4.77
C SER A 82 10.33 7.41 4.48
N LYS A 83 10.41 6.21 5.07
CA LYS A 83 11.47 5.26 4.68
C LYS A 83 11.13 3.83 5.06
N PHE A 84 12.00 2.91 4.63
CA PHE A 84 12.04 1.56 5.17
C PHE A 84 12.38 1.58 6.65
N THR A 85 11.43 1.20 7.49
CA THR A 85 11.64 1.00 8.92
C THR A 85 12.36 -0.31 9.23
N LEU A 86 12.48 -1.23 8.25
CA LEU A 86 12.98 -2.59 8.42
C LEU A 86 14.04 -2.92 7.38
N ASN A 87 15.01 -3.76 7.74
CA ASN A 87 16.13 -4.20 6.90
C ASN A 87 16.22 -5.73 6.83
N GLU A 88 15.11 -6.44 7.00
CA GLU A 88 15.04 -7.87 6.76
C GLU A 88 15.29 -8.14 5.28
N PRO A 89 15.68 -9.36 4.89
CA PRO A 89 16.12 -9.65 3.54
C PRO A 89 14.97 -9.77 2.55
N LYS A 90 13.89 -10.41 2.97
CA LYS A 90 12.72 -10.73 2.15
C LYS A 90 11.45 -10.07 2.72
N HIS A 91 11.51 -9.31 3.81
CA HIS A 91 10.38 -8.63 4.43
C HIS A 91 10.75 -7.17 4.50
N LYS A 92 9.86 -6.27 4.09
CA LYS A 92 10.11 -4.84 4.06
C LYS A 92 8.81 -4.12 4.43
N ILE A 93 8.93 -2.94 5.01
CA ILE A 93 7.85 -2.00 5.23
C ILE A 93 8.30 -0.73 4.52
N PHE A 94 7.35 0.01 3.96
CA PHE A 94 7.40 1.43 3.75
C PHE A 94 6.37 2.00 4.71
N GLU A 95 6.82 2.98 5.48
CA GLU A 95 6.05 3.73 6.44
C GLU A 95 6.31 5.19 6.05
N ALA A 96 5.26 6.03 6.11
CA ALA A 96 5.40 7.47 5.92
C ALA A 96 4.46 8.30 6.82
N GLY A 97 5.02 8.90 7.89
CA GLY A 97 4.31 9.60 8.96
C GLY A 97 5.30 10.28 9.93
N TYR A 98 4.82 10.87 11.02
CA TYR A 98 5.62 11.54 12.03
C TYR A 98 6.45 10.55 12.86
N GLU A 99 7.61 11.00 13.32
CA GLU A 99 8.53 10.20 14.14
C GLU A 99 7.99 10.01 15.58
N GLU A 100 6.92 10.72 15.97
CA GLU A 100 6.16 10.51 17.20
C GLU A 100 4.67 10.85 16.99
N SER A 101 4.06 10.18 16.01
CA SER A 101 2.60 10.07 15.90
C SER A 101 2.27 8.72 15.26
N GLU A 102 1.04 8.53 14.78
CA GLU A 102 0.60 7.33 14.07
C GLU A 102 0.76 7.51 12.57
N VAL A 103 0.85 6.38 11.88
CA VAL A 103 1.19 6.33 10.47
C VAL A 103 0.06 6.82 9.56
N ASP A 104 0.39 7.08 8.29
CA ASP A 104 -0.59 7.33 7.24
C ASP A 104 -0.48 6.37 6.06
N LEU A 105 0.68 5.73 5.89
CA LEU A 105 0.98 4.99 4.66
C LEU A 105 1.82 3.79 5.03
N ARG A 106 1.19 2.66 5.31
CA ARG A 106 1.84 1.36 5.49
C ARG A 106 1.69 0.68 4.15
N VAL A 107 2.82 0.32 3.58
CA VAL A 107 2.84 -0.63 2.48
C VAL A 107 3.91 -1.62 2.81
N GLU A 108 3.52 -2.89 2.89
CA GLU A 108 4.44 -3.92 3.34
C GLU A 108 4.59 -4.93 2.22
N PHE A 109 5.79 -5.48 2.12
CA PHE A 109 6.18 -6.43 1.09
C PHE A 109 6.82 -7.59 1.82
N GLU A 110 6.43 -8.80 1.45
CA GLU A 110 7.15 -10.01 1.78
C GLU A 110 7.54 -10.62 0.44
N LEU A 111 8.42 -11.62 0.47
CA LEU A 111 8.54 -12.58 -0.61
C LEU A 111 7.74 -13.81 -0.22
N GLN A 112 6.82 -14.21 -1.08
CA GLN A 112 5.98 -15.38 -0.96
C GLN A 112 6.66 -16.57 -1.62
N ALA A 113 6.21 -17.75 -1.25
CA ALA A 113 6.63 -19.03 -1.82
C ALA A 113 6.30 -19.18 -3.31
N ASP A 114 5.67 -18.20 -3.95
CA ASP A 114 5.57 -18.14 -5.42
C ASP A 114 6.88 -17.63 -6.04
N GLY A 115 7.86 -17.24 -5.23
CA GLY A 115 9.11 -16.63 -5.68
C GLY A 115 8.91 -15.18 -6.09
N LYS A 116 7.77 -14.56 -5.76
CA LYS A 116 7.42 -13.20 -6.10
C LYS A 116 7.04 -12.46 -4.81
N TRP A 117 7.17 -11.14 -4.85
CA TRP A 117 6.92 -10.24 -3.75
C TRP A 117 5.45 -9.86 -3.77
N TYR A 118 4.58 -10.52 -2.99
CA TYR A 118 3.16 -10.15 -2.97
C TYR A 118 3.03 -9.02 -1.94
N VAL A 119 2.24 -8.01 -2.26
CA VAL A 119 1.99 -6.88 -1.36
C VAL A 119 1.15 -7.38 -0.18
N VAL A 120 1.68 -7.30 1.03
CA VAL A 120 1.08 -7.83 2.26
C VAL A 120 0.36 -6.77 3.10
N ASP A 121 0.34 -5.49 2.67
CA ASP A 121 -0.45 -4.42 3.30
C ASP A 121 -0.93 -3.38 2.29
N CYS A 122 -2.02 -2.66 2.58
CA CYS A 122 -2.52 -1.54 1.81
C CYS A 122 -3.18 -0.53 2.75
N TYR A 123 -2.43 0.49 3.19
CA TYR A 123 -2.90 1.56 4.04
C TYR A 123 -2.39 2.89 3.49
N THR A 124 -3.21 3.94 3.44
CA THR A 124 -2.90 5.15 2.66
C THR A 124 -3.76 6.36 3.06
N GLY A 125 -4.29 6.38 4.29
CA GLY A 125 -5.24 7.42 4.70
C GLY A 125 -6.65 7.24 4.15
N TRP A 126 -6.79 6.73 2.91
CA TRP A 126 -8.09 6.46 2.29
C TRP A 126 -8.97 5.58 3.18
N TYR A 127 -8.40 4.53 3.79
CA TYR A 127 -9.15 3.42 4.38
C TYR A 127 -8.92 3.25 5.88
N GLY A 128 -8.32 4.26 6.53
CA GLY A 128 -8.09 4.25 7.96
C GLY A 128 -9.20 4.98 8.70
N TYR A 129 -8.92 5.28 9.96
CA TYR A 129 -9.87 5.68 10.99
C TYR A 129 -10.58 7.02 10.73
N ASP A 130 -10.25 7.72 9.65
CA ASP A 130 -10.54 9.14 9.43
C ASP A 130 -11.94 9.32 8.84
N LEU A 131 -12.70 8.22 8.68
CA LEU A 131 -14.00 8.22 8.05
C LEU A 131 -14.96 7.23 8.74
N PRO A 132 -16.25 7.56 8.80
CA PRO A 132 -17.25 6.69 9.43
C PRO A 132 -17.60 5.47 8.60
N ILE A 133 -18.27 4.52 9.25
CA ILE A 133 -18.71 3.23 8.74
C ILE A 133 -19.60 3.35 7.49
N GLY A 134 -20.18 4.52 7.24
CA GLY A 134 -21.11 4.76 6.14
C GLY A 134 -20.47 5.50 4.97
N GLU A 135 -19.20 5.92 5.05
CA GLU A 135 -18.58 6.70 3.98
C GLU A 135 -17.70 5.83 3.08
N LEU A 136 -17.43 4.58 3.50
CA LEU A 136 -16.63 3.61 2.76
C LEU A 136 -17.05 3.55 1.30
N LYS A 137 -18.36 3.38 1.06
CA LYS A 137 -18.97 3.41 -0.27
C LYS A 137 -18.46 4.57 -1.12
N GLN A 138 -18.55 5.79 -0.60
CA GLN A 138 -18.17 7.03 -1.25
C GLN A 138 -16.68 6.96 -1.56
N THR A 139 -15.85 6.55 -0.61
CA THR A 139 -14.42 6.37 -0.76
C THR A 139 -14.10 5.46 -1.95
N ILE A 140 -14.84 4.36 -2.13
CA ILE A 140 -14.63 3.45 -3.25
C ILE A 140 -14.88 4.20 -4.56
N GLN A 141 -15.96 4.99 -4.60
CA GLN A 141 -16.38 5.69 -5.80
C GLN A 141 -15.33 6.72 -6.15
N ASN A 142 -14.89 7.50 -5.15
CA ASN A 142 -13.90 8.55 -5.27
C ASN A 142 -12.59 7.98 -5.82
N VAL A 143 -12.15 6.84 -5.29
CA VAL A 143 -10.87 6.23 -5.66
C VAL A 143 -10.82 5.86 -7.13
N LYS A 144 -11.95 5.48 -7.74
CA LYS A 144 -11.95 5.18 -9.17
C LYS A 144 -11.77 6.45 -10.00
N GLU A 145 -12.29 7.59 -9.53
CA GLU A 145 -12.13 8.90 -10.19
C GLU A 145 -10.65 9.32 -10.14
N GLU A 146 -10.00 9.14 -8.99
CA GLU A 146 -8.56 9.34 -8.85
C GLU A 146 -7.79 8.41 -9.81
N ASN A 147 -8.11 7.11 -9.77
CA ASN A 147 -7.45 6.10 -10.59
C ASN A 147 -7.54 6.46 -12.07
N ALA A 148 -8.66 7.05 -12.49
CA ALA A 148 -8.90 7.44 -13.86
C ALA A 148 -7.94 8.52 -14.33
N ALA A 149 -7.38 9.35 -13.43
CA ALA A 149 -6.41 10.38 -13.79
C ALA A 149 -5.05 9.76 -14.11
N PHE A 150 -4.55 8.88 -13.24
CA PHE A 150 -3.25 8.24 -13.41
C PHE A 150 -3.25 7.38 -14.68
N LYS A 151 -4.27 6.52 -14.83
CA LYS A 151 -4.35 5.57 -15.93
C LYS A 151 -4.51 6.23 -17.30
N GLU A 152 -4.83 7.53 -17.36
CA GLU A 152 -4.98 8.30 -18.58
C GLU A 152 -3.60 8.64 -19.18
N ILE A 153 -2.56 8.57 -18.35
CA ILE A 153 -1.18 8.93 -18.69
C ILE A 153 -0.32 7.67 -18.68
N HIS A 154 -0.32 6.93 -17.57
CA HIS A 154 0.50 5.75 -17.38
C HIS A 154 -0.41 4.56 -17.04
N PRO A 155 -1.15 4.03 -18.03
CA PRO A 155 -2.05 2.92 -17.83
C PRO A 155 -1.32 1.68 -17.35
N GLY A 1 24.78 -5.30 -17.99
CA GLY A 1 24.47 -6.41 -17.08
C GLY A 1 23.09 -6.21 -16.50
N ASP A 2 23.00 -6.10 -15.17
CA ASP A 2 21.82 -5.70 -14.39
C ASP A 2 20.55 -6.45 -14.84
N SER A 3 20.70 -7.73 -15.18
CA SER A 3 19.72 -8.56 -15.86
C SER A 3 19.24 -9.70 -14.96
N GLU A 4 18.07 -10.24 -15.30
CA GLU A 4 17.42 -11.34 -14.60
C GLU A 4 16.69 -12.25 -15.60
N LEU A 5 16.30 -13.45 -15.16
CA LEU A 5 15.38 -14.39 -15.82
C LEU A 5 15.06 -15.53 -14.86
N THR A 6 14.00 -16.31 -15.15
CA THR A 6 13.51 -17.51 -14.46
C THR A 6 13.38 -17.28 -12.95
N THR A 7 13.11 -18.32 -12.16
CA THR A 7 12.98 -18.26 -10.72
C THR A 7 13.63 -19.52 -10.12
N GLN A 8 14.81 -19.40 -9.52
CA GLN A 8 15.49 -20.51 -8.85
C GLN A 8 14.65 -21.00 -7.68
N ASP A 9 14.35 -20.12 -6.73
CA ASP A 9 13.65 -20.46 -5.49
C ASP A 9 12.57 -19.44 -5.14
N GLY A 10 12.29 -18.50 -6.04
CA GLY A 10 11.39 -17.38 -5.85
C GLY A 10 11.55 -16.42 -7.01
N GLU A 11 10.47 -15.74 -7.34
CA GLU A 11 10.47 -14.52 -8.12
C GLU A 11 11.25 -13.45 -7.34
N ASP A 12 11.97 -12.56 -8.02
CA ASP A 12 12.72 -11.50 -7.35
C ASP A 12 11.78 -10.40 -6.86
N PHE A 13 12.15 -9.71 -5.79
CA PHE A 13 11.40 -8.55 -5.31
C PHE A 13 11.43 -7.42 -6.34
N LYS A 14 12.47 -7.32 -7.16
CA LYS A 14 12.51 -6.39 -8.29
C LYS A 14 11.68 -6.90 -9.47
N SER A 15 11.69 -8.21 -9.72
CA SER A 15 10.96 -8.88 -10.80
C SER A 15 9.43 -8.77 -10.66
N PHE A 16 8.90 -8.19 -9.57
CA PHE A 16 7.49 -7.85 -9.49
C PHE A 16 7.23 -6.35 -9.27
N LEU A 17 8.24 -5.58 -8.81
CA LEU A 17 8.10 -4.16 -8.49
C LEU A 17 7.76 -3.33 -9.72
N ASP A 18 8.70 -3.19 -10.65
CA ASP A 18 8.55 -2.29 -11.79
C ASP A 18 7.31 -2.66 -12.59
N LYS A 19 7.03 -3.96 -12.69
CA LYS A 19 5.80 -4.52 -13.21
C LYS A 19 4.57 -3.91 -12.54
N PHE A 20 4.40 -3.99 -11.21
CA PHE A 20 3.13 -3.55 -10.64
C PHE A 20 3.03 -2.02 -10.85
N THR A 21 4.16 -1.30 -10.76
CA THR A 21 4.14 0.14 -11.04
C THR A 21 3.91 0.46 -12.52
N SER A 22 3.92 -0.53 -13.42
CA SER A 22 3.79 -0.35 -14.84
C SER A 22 2.50 -0.98 -15.38
N SER A 23 1.68 -1.63 -14.54
CA SER A 23 0.52 -2.38 -15.01
C SER A 23 -0.62 -2.31 -14.00
N ALA A 24 -1.42 -1.24 -14.10
CA ALA A 24 -2.58 -0.96 -13.26
C ALA A 24 -3.50 -2.17 -13.16
N ALA A 25 -3.99 -2.67 -14.30
CA ALA A 25 -4.93 -3.79 -14.33
C ALA A 25 -4.32 -5.09 -13.83
N PHE A 26 -3.03 -5.13 -13.53
CA PHE A 26 -2.32 -6.32 -13.08
C PHE A 26 -2.11 -6.34 -11.58
N GLN A 27 -2.20 -5.20 -10.88
CA GLN A 27 -1.99 -5.15 -9.44
C GLN A 27 -2.93 -6.13 -8.71
N TYR A 28 -4.16 -6.27 -9.22
CA TYR A 28 -5.23 -7.09 -8.68
C TYR A 28 -4.95 -8.59 -8.70
N THR A 29 -3.92 -9.09 -9.40
CA THR A 29 -3.64 -10.52 -9.49
C THR A 29 -2.57 -10.96 -8.47
N ARG A 30 -2.11 -10.05 -7.60
CA ARG A 30 -0.83 -10.11 -6.90
C ARG A 30 -1.02 -9.68 -5.45
N VAL A 31 -2.12 -10.07 -4.81
CA VAL A 31 -2.49 -9.63 -3.46
C VAL A 31 -2.84 -10.86 -2.64
N LYS A 32 -2.50 -10.85 -1.35
CA LYS A 32 -2.88 -11.88 -0.38
C LYS A 32 -3.90 -11.28 0.56
N PHE A 33 -4.82 -12.10 1.07
CA PHE A 33 -5.79 -11.68 2.06
C PHE A 33 -5.96 -12.75 3.13
N PRO A 34 -6.26 -12.40 4.40
CA PRO A 34 -6.51 -11.03 4.90
C PRO A 34 -5.24 -10.18 4.88
N LEU A 35 -5.38 -8.86 4.93
CA LEU A 35 -4.25 -7.97 5.18
C LEU A 35 -4.11 -7.74 6.67
N LYS A 36 -3.02 -7.08 7.06
CA LYS A 36 -2.76 -6.82 8.47
C LYS A 36 -3.41 -5.52 8.95
N THR A 37 -3.42 -4.46 8.15
CA THR A 37 -3.86 -3.11 8.52
C THR A 37 -5.21 -2.80 7.84
N PRO A 38 -6.35 -3.14 8.46
CA PRO A 38 -7.66 -2.97 7.87
C PRO A 38 -8.05 -1.49 7.74
N ILE A 39 -9.21 -1.28 7.13
CA ILE A 39 -9.92 -0.02 7.14
C ILE A 39 -10.42 0.18 8.57
N THR A 40 -10.06 1.27 9.24
CA THR A 40 -10.68 1.69 10.48
C THR A 40 -11.18 3.11 10.26
N LEU A 41 -12.50 3.31 10.31
CA LEU A 41 -13.16 4.62 10.27
C LEU A 41 -13.74 4.89 11.64
N LEU A 42 -13.85 6.15 12.05
CA LEU A 42 -14.62 6.52 13.21
C LEU A 42 -16.11 6.55 12.85
N ALA A 43 -16.92 5.91 13.67
CA ALA A 43 -18.38 5.87 13.58
C ALA A 43 -19.02 7.25 13.72
N ASP A 44 -20.33 7.31 13.55
CA ASP A 44 -21.15 8.51 13.79
C ASP A 44 -21.05 8.91 15.27
N ASP A 45 -20.93 7.89 16.12
CA ASP A 45 -20.87 7.92 17.57
C ASP A 45 -19.63 8.66 18.09
N GLY A 46 -18.62 8.82 17.23
CA GLY A 46 -17.44 9.61 17.49
C GLY A 46 -16.42 8.95 18.43
N GLU A 47 -16.71 7.77 18.98
CA GLU A 47 -15.81 6.91 19.74
C GLU A 47 -16.21 5.46 19.47
N THR A 48 -16.14 5.04 18.22
CA THR A 48 -16.28 3.65 17.81
C THR A 48 -15.50 3.48 16.52
N GLU A 49 -14.36 2.79 16.60
CA GLU A 49 -13.56 2.36 15.45
C GLU A 49 -14.33 1.25 14.73
N LYS A 50 -14.95 1.52 13.58
CA LYS A 50 -15.58 0.48 12.78
C LYS A 50 -14.58 -0.04 11.76
N THR A 51 -14.26 -1.33 11.88
CA THR A 51 -13.39 -2.00 10.93
C THR A 51 -14.19 -2.43 9.70
N PHE A 52 -13.95 -1.78 8.56
CA PHE A 52 -14.58 -2.11 7.28
C PHE A 52 -13.69 -3.10 6.51
N PRO A 53 -14.21 -3.88 5.55
CA PRO A 53 -13.45 -4.95 4.90
C PRO A 53 -12.55 -4.41 3.77
N PHE A 54 -11.29 -4.85 3.73
CA PHE A 54 -10.26 -4.52 2.73
C PHE A 54 -10.51 -5.20 1.37
N THR A 55 -11.68 -5.01 0.77
CA THR A 55 -12.03 -5.67 -0.50
C THR A 55 -11.33 -5.01 -1.70
N LYS A 56 -11.42 -5.61 -2.90
CA LYS A 56 -10.89 -5.07 -4.16
C LYS A 56 -11.46 -3.69 -4.51
N GLU A 57 -12.53 -3.25 -3.84
CA GLU A 57 -13.16 -1.95 -3.97
C GLU A 57 -12.15 -0.85 -3.60
N LYS A 58 -11.54 -0.97 -2.43
CA LYS A 58 -10.54 -0.02 -1.94
C LYS A 58 -9.18 -0.51 -2.41
N TRP A 59 -9.00 -0.48 -3.72
CA TRP A 59 -7.68 -0.61 -4.32
C TRP A 59 -7.35 0.69 -5.07
N PRO A 60 -6.81 1.71 -4.39
CA PRO A 60 -6.04 2.74 -5.07
C PRO A 60 -4.85 2.06 -5.76
N LEU A 61 -4.57 2.44 -7.00
CA LEU A 61 -3.41 1.98 -7.74
C LEU A 61 -2.18 2.71 -7.19
N LEU A 62 -1.34 2.01 -6.42
CA LEU A 62 -0.09 2.59 -5.96
C LEU A 62 0.90 2.66 -7.11
N ASP A 63 1.95 3.47 -6.93
CA ASP A 63 2.83 3.98 -7.99
C ASP A 63 4.29 3.98 -7.55
N SER A 64 5.18 4.44 -8.43
CA SER A 64 6.62 4.51 -8.19
C SER A 64 7.02 5.71 -7.36
N GLU A 65 6.21 6.77 -7.35
CA GLU A 65 6.62 8.09 -6.86
C GLU A 65 6.40 8.16 -5.35
N THR A 66 5.49 7.31 -4.84
CA THR A 66 5.38 6.93 -3.44
C THR A 66 6.61 6.14 -2.95
N MET A 67 7.30 5.38 -3.82
CA MET A 67 8.37 4.46 -3.44
C MET A 67 9.69 5.21 -3.33
N LYS A 68 9.71 6.24 -2.50
CA LYS A 68 10.84 7.10 -2.23
C LYS A 68 11.09 7.13 -0.73
N GLU A 69 12.34 6.89 -0.35
CA GLU A 69 12.82 6.87 1.02
C GLU A 69 13.47 8.23 1.32
N GLU A 70 12.95 8.98 2.29
CA GLU A 70 13.52 10.23 2.81
C GLU A 70 13.12 10.36 4.30
N ARG A 71 13.80 11.21 5.06
CA ARG A 71 13.62 11.45 6.49
C ARG A 71 13.50 12.96 6.72
N ILE A 72 12.36 13.54 6.36
CA ILE A 72 12.06 14.96 6.46
C ILE A 72 11.92 15.33 7.94
N THR A 73 12.97 15.89 8.54
CA THR A 73 12.88 16.48 9.86
C THR A 73 12.02 17.76 9.76
N GLN A 74 11.00 17.92 10.60
CA GLN A 74 10.15 19.10 10.67
C GLN A 74 10.05 19.61 12.09
N GLU A 75 9.57 20.85 12.21
CA GLU A 75 9.49 21.57 13.48
C GLU A 75 8.04 21.79 13.92
N GLU A 76 7.08 21.39 13.08
CA GLU A 76 5.63 21.57 13.27
C GLU A 76 4.89 20.25 13.08
N GLY A 77 5.51 19.12 13.45
CA GLY A 77 4.86 17.83 13.36
C GLY A 77 5.70 16.74 13.97
N GLY A 78 6.90 16.54 13.43
CA GLY A 78 7.78 15.46 13.81
C GLY A 78 8.86 15.28 12.76
N ILE A 79 9.52 14.12 12.79
CA ILE A 79 10.36 13.65 11.69
C ILE A 79 9.46 12.82 10.79
N TYR A 80 8.96 13.38 9.69
CA TYR A 80 8.23 12.60 8.71
C TYR A 80 9.25 11.76 7.98
N VAL A 81 9.18 10.44 8.08
CA VAL A 81 10.11 9.55 7.41
C VAL A 81 9.36 8.42 6.73
N SER A 82 9.93 7.99 5.61
CA SER A 82 9.49 6.87 4.84
C SER A 82 10.70 5.96 4.75
N LYS A 83 10.67 4.82 5.44
CA LYS A 83 11.76 3.84 5.42
C LYS A 83 11.13 2.46 5.46
N PHE A 84 11.98 1.43 5.41
CA PHE A 84 11.52 0.08 5.72
C PHE A 84 11.75 -0.16 7.22
N THR A 85 10.86 -0.88 7.89
CA THR A 85 11.19 -1.49 9.18
C THR A 85 12.17 -2.65 8.96
N LEU A 86 12.02 -3.36 7.82
CA LEU A 86 12.53 -4.71 7.62
C LEU A 86 13.15 -4.83 6.23
N ASN A 87 14.34 -5.42 6.18
CA ASN A 87 15.14 -5.57 4.98
C ASN A 87 15.46 -7.06 4.85
N GLU A 88 14.43 -7.90 4.80
CA GLU A 88 14.54 -9.35 4.86
C GLU A 88 14.45 -9.96 3.45
N PRO A 89 14.85 -11.24 3.29
CA PRO A 89 14.95 -11.88 1.98
C PRO A 89 13.59 -11.99 1.30
N LYS A 90 12.59 -12.54 2.00
CA LYS A 90 11.26 -12.84 1.46
C LYS A 90 10.16 -11.98 2.06
N HIS A 91 10.49 -11.03 2.95
CA HIS A 91 9.55 -10.14 3.61
C HIS A 91 10.12 -8.73 3.52
N LYS A 92 9.30 -7.75 3.15
CA LYS A 92 9.71 -6.38 2.98
C LYS A 92 8.59 -5.50 3.52
N ILE A 93 8.91 -4.61 4.45
CA ILE A 93 7.93 -3.83 5.18
C ILE A 93 8.30 -2.37 5.02
N PHE A 94 7.54 -1.62 4.22
CA PHE A 94 7.72 -0.21 3.92
C PHE A 94 6.62 0.52 4.66
N GLU A 95 6.99 1.52 5.46
CA GLU A 95 6.04 2.34 6.19
C GLU A 95 6.41 3.81 6.01
N ALA A 96 5.46 4.71 6.23
CA ALA A 96 5.76 6.13 6.34
C ALA A 96 4.79 6.81 7.30
N GLY A 97 5.32 7.81 8.00
CA GLY A 97 4.60 8.60 9.01
C GLY A 97 5.60 9.47 9.76
N TYR A 98 5.13 10.21 10.77
CA TYR A 98 6.01 10.80 11.75
C TYR A 98 6.65 9.70 12.57
N GLU A 99 7.96 9.82 12.83
CA GLU A 99 8.75 8.78 13.48
C GLU A 99 8.23 8.45 14.89
N GLU A 100 7.56 9.41 15.52
CA GLU A 100 7.00 9.31 16.87
C GLU A 100 5.49 9.63 16.82
N SER A 101 4.80 9.26 15.74
CA SER A 101 3.34 9.32 15.64
C SER A 101 2.83 8.16 14.80
N GLU A 102 1.54 8.17 14.49
CA GLU A 102 0.90 7.16 13.66
C GLU A 102 1.35 7.30 12.20
N VAL A 103 1.03 6.32 11.36
CA VAL A 103 1.38 6.28 9.95
C VAL A 103 0.44 7.11 9.08
N ASP A 104 0.80 7.25 7.80
CA ASP A 104 -0.15 7.49 6.72
C ASP A 104 -0.10 6.39 5.66
N LEU A 105 0.89 5.50 5.74
CA LEU A 105 1.23 4.59 4.65
C LEU A 105 1.79 3.28 5.24
N ARG A 106 1.21 2.14 4.86
CA ARG A 106 1.75 0.80 5.14
C ARG A 106 1.50 -0.01 3.88
N VAL A 107 2.56 -0.48 3.22
CA VAL A 107 2.42 -1.39 2.08
C VAL A 107 3.51 -2.44 2.24
N GLU A 108 3.11 -3.68 2.53
CA GLU A 108 4.03 -4.72 2.94
C GLU A 108 3.94 -5.88 1.96
N PHE A 109 5.02 -6.65 1.84
CA PHE A 109 5.28 -7.56 0.73
C PHE A 109 5.88 -8.86 1.27
N GLU A 110 5.20 -9.98 1.03
CA GLU A 110 5.69 -11.31 1.37
C GLU A 110 5.65 -12.15 0.10
N LEU A 111 6.77 -12.80 -0.20
CA LEU A 111 6.76 -13.98 -1.04
C LEU A 111 5.98 -15.05 -0.27
N GLN A 112 5.04 -15.71 -0.92
CA GLN A 112 4.38 -16.88 -0.36
C GLN A 112 5.08 -18.14 -0.86
N ALA A 113 4.82 -19.27 -0.24
CA ALA A 113 5.14 -20.60 -0.77
C ALA A 113 4.39 -20.89 -2.09
N ASP A 114 3.52 -19.98 -2.53
CA ASP A 114 2.86 -19.91 -3.83
C ASP A 114 3.88 -19.53 -4.93
N GLY A 115 5.02 -18.95 -4.54
CA GLY A 115 6.12 -18.60 -5.42
C GLY A 115 5.96 -17.23 -6.08
N LYS A 116 4.84 -16.52 -5.89
CA LYS A 116 4.73 -15.12 -6.27
C LYS A 116 4.96 -14.27 -5.02
N TRP A 117 5.40 -13.04 -5.25
CA TRP A 117 5.32 -11.98 -4.27
C TRP A 117 3.88 -11.47 -4.32
N TYR A 118 3.22 -11.42 -3.18
CA TYR A 118 1.85 -10.96 -3.06
C TYR A 118 1.81 -9.85 -2.01
N VAL A 119 1.09 -8.77 -2.31
CA VAL A 119 0.93 -7.63 -1.41
C VAL A 119 0.15 -8.13 -0.19
N VAL A 120 0.57 -7.75 1.02
CA VAL A 120 0.02 -8.26 2.29
C VAL A 120 -0.39 -7.11 3.22
N ASP A 121 -0.34 -5.88 2.71
CA ASP A 121 -0.93 -4.75 3.41
C ASP A 121 -1.34 -3.66 2.42
N CYS A 122 -2.34 -2.84 2.78
CA CYS A 122 -2.92 -1.83 1.91
C CYS A 122 -3.45 -0.69 2.78
N TYR A 123 -2.64 0.33 3.08
CA TYR A 123 -3.00 1.46 3.91
C TYR A 123 -2.28 2.71 3.37
N THR A 124 -2.98 3.82 3.14
CA THR A 124 -2.46 4.93 2.33
C THR A 124 -3.13 6.28 2.63
N GLY A 125 -3.82 6.43 3.77
CA GLY A 125 -4.56 7.65 4.06
C GLY A 125 -5.96 7.65 3.46
N TRP A 126 -6.08 7.25 2.18
CA TRP A 126 -7.36 7.12 1.47
C TRP A 126 -8.43 6.38 2.26
N TYR A 127 -8.02 5.41 3.09
CA TYR A 127 -8.94 4.62 3.88
C TYR A 127 -8.44 4.55 5.33
N GLY A 128 -7.61 5.52 5.74
CA GLY A 128 -6.75 5.44 6.89
C GLY A 128 -6.67 6.78 7.61
N TYR A 129 -7.56 6.97 8.55
CA TYR A 129 -7.51 8.06 9.53
C TYR A 129 -7.69 9.46 8.95
N ASP A 130 -8.14 9.61 7.69
CA ASP A 130 -8.62 10.89 7.19
C ASP A 130 -10.08 11.07 7.62
N LEU A 131 -10.92 10.06 7.35
CA LEU A 131 -12.28 10.32 6.91
C LEU A 131 -13.29 9.51 7.74
N PRO A 132 -14.53 10.01 7.95
CA PRO A 132 -15.51 9.38 8.83
C PRO A 132 -16.25 8.24 8.14
N ILE A 133 -16.99 7.45 8.93
CA ILE A 133 -17.83 6.35 8.46
C ILE A 133 -18.73 6.72 7.27
N GLY A 134 -19.20 7.97 7.23
CA GLY A 134 -20.15 8.49 6.26
C GLY A 134 -19.50 8.67 4.89
N GLU A 135 -18.37 9.38 4.82
CA GLU A 135 -17.78 9.73 3.53
C GLU A 135 -17.13 8.55 2.82
N LEU A 136 -17.05 7.37 3.45
CA LEU A 136 -16.42 6.18 2.87
C LEU A 136 -16.87 5.96 1.43
N LYS A 137 -18.19 5.88 1.26
CA LYS A 137 -18.86 5.72 -0.03
C LYS A 137 -18.36 6.68 -1.12
N GLN A 138 -18.27 7.97 -0.81
CA GLN A 138 -17.76 8.99 -1.71
C GLN A 138 -16.25 8.82 -1.93
N THR A 139 -15.50 8.55 -0.87
CA THR A 139 -14.05 8.32 -0.89
C THR A 139 -13.69 7.16 -1.84
N ILE A 140 -14.57 6.18 -1.95
CA ILE A 140 -14.41 5.05 -2.85
C ILE A 140 -14.49 5.55 -4.31
N GLN A 141 -15.41 6.47 -4.62
CA GLN A 141 -15.56 7.03 -5.96
C GLN A 141 -14.31 7.79 -6.32
N ASN A 142 -13.86 8.62 -5.40
CA ASN A 142 -12.68 9.45 -5.60
C ASN A 142 -11.48 8.62 -6.07
N VAL A 143 -11.31 7.41 -5.52
CA VAL A 143 -10.20 6.53 -5.86
C VAL A 143 -10.35 5.97 -7.28
N LYS A 144 -11.58 5.71 -7.76
CA LYS A 144 -11.78 5.24 -9.13
C LYS A 144 -11.25 6.28 -10.12
N GLU A 145 -11.48 7.55 -9.83
CA GLU A 145 -11.15 8.70 -10.64
C GLU A 145 -9.63 8.91 -10.64
N GLU A 146 -8.95 8.83 -9.48
CA GLU A 146 -7.47 8.82 -9.42
C GLU A 146 -6.91 7.63 -10.20
N ASN A 147 -7.51 6.44 -10.04
CA ASN A 147 -7.07 5.23 -10.73
C ASN A 147 -7.15 5.39 -12.25
N ALA A 148 -7.96 6.30 -12.75
CA ALA A 148 -8.07 6.57 -14.18
C ALA A 148 -6.90 7.42 -14.68
N ALA A 149 -6.30 8.26 -13.83
CA ALA A 149 -5.10 9.03 -14.19
C ALA A 149 -3.92 8.07 -14.31
N PHE A 150 -3.59 7.34 -13.24
CA PHE A 150 -2.43 6.45 -13.21
C PHE A 150 -2.46 5.44 -14.38
N LYS A 151 -3.61 4.81 -14.63
CA LYS A 151 -3.72 3.83 -15.71
C LYS A 151 -3.48 4.45 -17.09
N GLU A 152 -3.61 5.76 -17.26
CA GLU A 152 -3.40 6.41 -18.55
C GLU A 152 -1.93 6.24 -18.97
N ILE A 153 -1.02 6.16 -18.00
CA ILE A 153 0.42 6.03 -18.17
C ILE A 153 0.82 4.56 -18.06
N HIS A 154 0.27 3.83 -17.08
CA HIS A 154 0.68 2.48 -16.72
C HIS A 154 -0.55 1.54 -16.68
N PRO A 155 -1.18 1.25 -17.84
CA PRO A 155 -2.48 0.56 -17.92
C PRO A 155 -2.44 -0.91 -17.51
N GLY A 1 12.11 -27.67 -26.25
CA GLY A 1 13.02 -28.06 -25.17
C GLY A 1 12.31 -27.76 -23.87
N ASP A 2 12.65 -26.63 -23.24
CA ASP A 2 11.69 -25.76 -22.55
C ASP A 2 11.19 -26.33 -21.22
N SER A 3 11.77 -27.45 -20.79
CA SER A 3 11.47 -28.19 -19.58
C SER A 3 11.77 -27.37 -18.32
N GLU A 4 11.44 -27.99 -17.18
CA GLU A 4 11.84 -27.58 -15.85
C GLU A 4 11.24 -26.23 -15.46
N LEU A 5 11.57 -25.76 -14.25
CA LEU A 5 10.84 -24.74 -13.52
C LEU A 5 11.64 -23.44 -13.46
N THR A 6 12.15 -23.03 -14.61
CA THR A 6 13.09 -21.92 -14.79
C THR A 6 14.33 -22.11 -13.90
N THR A 7 15.14 -21.06 -13.74
CA THR A 7 16.43 -21.09 -13.05
C THR A 7 16.54 -19.98 -12.00
N GLN A 8 15.41 -19.34 -11.67
CA GLN A 8 15.34 -18.08 -10.95
C GLN A 8 15.40 -18.30 -9.43
N ASP A 9 16.03 -17.37 -8.72
CA ASP A 9 16.07 -17.27 -7.25
C ASP A 9 14.92 -16.44 -6.67
N GLY A 10 13.99 -16.06 -7.53
CA GLY A 10 13.01 -15.02 -7.33
C GLY A 10 13.32 -13.89 -8.31
N GLU A 11 12.30 -13.13 -8.63
CA GLU A 11 12.37 -11.85 -9.33
C GLU A 11 13.30 -10.92 -8.54
N ASP A 12 14.11 -10.14 -9.24
CA ASP A 12 15.03 -9.18 -8.63
C ASP A 12 14.24 -8.16 -7.81
N PHE A 13 14.87 -7.55 -6.81
CA PHE A 13 14.22 -6.49 -6.04
C PHE A 13 13.84 -5.31 -6.94
N LYS A 14 14.70 -4.96 -7.90
CA LYS A 14 14.44 -3.85 -8.81
C LYS A 14 13.42 -4.30 -9.84
N SER A 15 13.48 -5.55 -10.33
CA SER A 15 12.53 -6.11 -11.28
C SER A 15 11.09 -5.83 -10.82
N PHE A 16 10.77 -6.27 -9.60
CA PHE A 16 9.41 -6.14 -9.12
C PHE A 16 9.05 -4.68 -8.86
N LEU A 17 9.97 -3.87 -8.33
CA LEU A 17 9.69 -2.49 -7.94
C LEU A 17 9.42 -1.67 -9.19
N ASP A 18 10.24 -1.87 -10.23
CA ASP A 18 10.04 -1.38 -11.58
C ASP A 18 8.62 -1.72 -12.05
N LYS A 19 8.27 -2.99 -12.26
CA LYS A 19 6.96 -3.34 -12.80
C LYS A 19 5.80 -2.87 -11.94
N PHE A 20 5.93 -2.91 -10.61
CA PHE A 20 5.00 -2.29 -9.67
C PHE A 20 4.71 -0.85 -10.11
N THR A 21 5.74 -0.03 -10.24
CA THR A 21 5.60 1.38 -10.60
C THR A 21 5.27 1.61 -12.09
N SER A 22 5.26 0.58 -12.93
CA SER A 22 5.30 0.70 -14.38
C SER A 22 4.12 -0.02 -15.05
N SER A 23 3.12 -0.45 -14.28
CA SER A 23 1.85 -0.92 -14.82
C SER A 23 0.78 -0.73 -13.75
N ALA A 24 -0.49 -0.61 -14.16
CA ALA A 24 -1.66 -0.54 -13.31
C ALA A 24 -2.21 -1.95 -13.15
N ALA A 25 -2.55 -2.61 -14.26
CA ALA A 25 -3.28 -3.87 -14.22
C ALA A 25 -2.50 -4.96 -13.48
N PHE A 26 -1.17 -4.88 -13.43
CA PHE A 26 -0.34 -5.89 -12.78
C PHE A 26 -0.35 -5.78 -11.25
N GLN A 27 -0.62 -4.60 -10.69
CA GLN A 27 -0.46 -4.33 -9.28
C GLN A 27 -1.37 -5.21 -8.40
N TYR A 28 -2.42 -5.80 -8.97
CA TYR A 28 -3.43 -6.62 -8.32
C TYR A 28 -2.90 -8.05 -8.14
N THR A 29 -2.35 -8.64 -9.19
CA THR A 29 -1.87 -10.03 -9.24
C THR A 29 -0.51 -10.20 -8.54
N ARG A 30 -0.22 -9.42 -7.49
CA ARG A 30 1.06 -9.43 -6.78
C ARG A 30 0.87 -9.06 -5.31
N VAL A 31 -0.31 -9.33 -4.74
CA VAL A 31 -0.62 -9.07 -3.35
C VAL A 31 -1.45 -10.22 -2.80
N LYS A 32 -1.03 -10.74 -1.65
CA LYS A 32 -1.71 -11.84 -1.00
C LYS A 32 -2.90 -11.27 -0.25
N PHE A 33 -3.87 -12.13 0.09
CA PHE A 33 -4.97 -11.77 0.97
C PHE A 33 -5.24 -12.99 1.86
N PRO A 34 -5.64 -12.79 3.14
CA PRO A 34 -5.92 -11.49 3.79
C PRO A 34 -4.68 -10.64 4.06
N LEU A 35 -4.88 -9.40 4.52
CA LEU A 35 -3.80 -8.52 4.97
C LEU A 35 -3.84 -8.37 6.49
N LYS A 36 -2.80 -7.71 7.01
CA LYS A 36 -2.61 -7.49 8.45
C LYS A 36 -3.42 -6.29 8.97
N THR A 37 -3.26 -5.14 8.32
CA THR A 37 -3.75 -3.83 8.73
C THR A 37 -5.04 -3.52 7.97
N PRO A 38 -6.23 -3.90 8.48
CA PRO A 38 -7.49 -3.74 7.75
C PRO A 38 -7.81 -2.26 7.49
N ILE A 39 -9.00 -2.01 6.92
CA ILE A 39 -9.58 -0.66 6.93
C ILE A 39 -9.82 -0.31 8.39
N THR A 40 -9.63 0.96 8.76
CA THR A 40 -10.11 1.50 10.03
C THR A 40 -10.84 2.79 9.67
N LEU A 41 -12.05 2.97 10.19
CA LEU A 41 -12.72 4.27 10.14
C LEU A 41 -13.40 4.50 11.48
N LEU A 42 -13.63 5.77 11.80
CA LEU A 42 -14.42 6.15 12.96
C LEU A 42 -15.90 5.94 12.64
N ALA A 43 -16.56 5.21 13.52
CA ALA A 43 -17.99 5.05 13.56
C ALA A 43 -18.70 6.38 13.77
N ASP A 44 -20.03 6.35 13.65
CA ASP A 44 -20.91 7.48 13.91
C ASP A 44 -20.82 7.95 15.36
N ASP A 45 -20.45 7.07 16.31
CA ASP A 45 -20.24 7.40 17.73
C ASP A 45 -18.93 8.15 17.99
N GLY A 46 -18.04 8.23 17.00
CA GLY A 46 -16.86 9.08 17.04
C GLY A 46 -15.73 8.60 17.96
N GLU A 47 -15.88 7.44 18.62
CA GLU A 47 -14.87 6.82 19.48
C GLU A 47 -14.61 5.35 19.11
N THR A 48 -15.15 4.86 18.00
CA THR A 48 -15.21 3.44 17.68
C THR A 48 -14.55 3.21 16.33
N GLU A 49 -13.35 2.63 16.36
CA GLU A 49 -12.63 2.11 15.21
C GLU A 49 -13.43 0.91 14.69
N LYS A 50 -14.27 1.07 13.65
CA LYS A 50 -14.86 -0.09 12.98
C LYS A 50 -13.96 -0.48 11.82
N THR A 51 -13.87 -1.78 11.56
CA THR A 51 -13.11 -2.32 10.44
C THR A 51 -14.06 -2.58 9.27
N PHE A 52 -13.52 -2.68 8.05
CA PHE A 52 -14.24 -2.95 6.81
C PHE A 52 -13.38 -3.91 5.95
N PRO A 53 -13.93 -4.53 4.90
CA PRO A 53 -13.22 -5.52 4.09
C PRO A 53 -12.17 -4.85 3.18
N PHE A 54 -10.94 -5.36 3.18
CA PHE A 54 -9.80 -4.99 2.33
C PHE A 54 -9.89 -5.61 0.93
N THR A 55 -11.09 -5.59 0.35
CA THR A 55 -11.41 -6.05 -0.99
C THR A 55 -10.69 -5.20 -2.06
N LYS A 56 -10.57 -5.74 -3.29
CA LYS A 56 -10.08 -5.07 -4.50
C LYS A 56 -10.74 -3.71 -4.76
N GLU A 57 -11.96 -3.51 -4.22
CA GLU A 57 -12.66 -2.24 -4.18
C GLU A 57 -11.69 -1.12 -3.79
N LYS A 58 -11.19 -1.15 -2.53
CA LYS A 58 -10.31 -0.12 -2.01
C LYS A 58 -8.86 -0.56 -2.17
N TRP A 59 -8.47 -0.78 -3.41
CA TRP A 59 -7.09 -0.88 -3.86
C TRP A 59 -6.84 0.32 -4.79
N PRO A 60 -6.44 1.49 -4.28
CA PRO A 60 -5.97 2.57 -5.12
C PRO A 60 -4.67 2.12 -5.80
N LEU A 61 -4.37 2.66 -6.98
CA LEU A 61 -3.10 2.40 -7.66
C LEU A 61 -2.04 3.25 -6.97
N LEU A 62 -1.03 2.62 -6.38
CA LEU A 62 0.14 3.31 -5.81
C LEU A 62 1.04 3.82 -6.93
N ASP A 63 2.08 4.59 -6.59
CA ASP A 63 2.97 5.28 -7.53
C ASP A 63 4.43 5.11 -7.12
N SER A 64 5.37 5.48 -7.99
CA SER A 64 6.80 5.47 -7.71
C SER A 64 7.16 6.56 -6.70
N GLU A 65 6.65 7.77 -6.90
CA GLU A 65 7.04 8.95 -6.13
C GLU A 65 6.60 8.88 -4.66
N THR A 66 5.71 7.94 -4.34
CA THR A 66 5.20 7.60 -3.01
C THR A 66 6.05 6.51 -2.34
N MET A 67 7.13 6.06 -2.97
CA MET A 67 7.89 4.89 -2.50
C MET A 67 9.38 5.24 -2.38
N LYS A 68 9.70 6.48 -2.01
CA LYS A 68 11.09 7.02 -2.11
C LYS A 68 11.56 7.63 -0.80
N GLU A 69 10.93 7.16 0.25
CA GLU A 69 10.86 7.64 1.62
C GLU A 69 10.66 9.16 1.72
N GLU A 70 10.10 9.65 2.84
CA GLU A 70 10.01 11.07 3.10
C GLU A 70 10.14 11.33 4.61
N ARG A 71 10.41 12.56 5.00
CA ARG A 71 10.33 13.07 6.35
C ARG A 71 9.95 14.54 6.20
N ILE A 72 8.66 14.85 6.27
CA ILE A 72 8.23 16.25 6.35
C ILE A 72 8.36 16.61 7.83
N THR A 73 8.90 17.79 8.14
CA THR A 73 9.08 18.22 9.52
C THR A 73 8.25 19.49 9.68
N GLN A 74 7.27 19.46 10.58
CA GLN A 74 6.39 20.56 10.89
C GLN A 74 6.43 20.76 12.39
N GLU A 75 6.10 21.98 12.79
CA GLU A 75 5.99 22.42 14.17
C GLU A 75 4.55 22.89 14.45
N GLU A 76 3.75 23.05 13.39
CA GLU A 76 2.31 23.32 13.41
C GLU A 76 1.48 22.02 13.25
N GLY A 77 2.10 20.87 13.06
CA GLY A 77 1.41 19.62 12.74
C GLY A 77 2.10 18.46 13.44
N GLY A 78 3.13 17.92 12.80
CA GLY A 78 3.98 16.89 13.36
C GLY A 78 5.11 16.58 12.40
N ILE A 79 5.89 15.55 12.72
CA ILE A 79 6.93 15.03 11.85
C ILE A 79 6.29 13.85 11.11
N TYR A 80 5.87 14.06 9.86
CA TYR A 80 5.36 12.99 9.01
C TYR A 80 6.58 12.20 8.51
N VAL A 81 6.97 11.17 9.25
CA VAL A 81 8.07 10.29 8.89
C VAL A 81 7.51 9.21 7.95
N SER A 82 8.31 8.69 7.00
CA SER A 82 7.85 7.73 5.99
C SER A 82 9.08 6.94 5.51
N LYS A 83 9.32 5.75 6.08
CA LYS A 83 10.58 5.02 5.89
C LYS A 83 10.38 3.50 6.06
N PHE A 84 11.40 2.70 5.75
CA PHE A 84 11.37 1.29 6.13
C PHE A 84 11.57 1.17 7.65
N THR A 85 10.98 0.14 8.25
CA THR A 85 11.16 -0.23 9.67
C THR A 85 11.89 -1.57 9.82
N LEU A 86 12.15 -2.29 8.72
CA LEU A 86 12.97 -3.50 8.66
C LEU A 86 13.55 -3.57 7.25
N ASN A 87 14.76 -4.12 7.12
CA ASN A 87 15.46 -4.33 5.87
C ASN A 87 16.10 -5.71 5.83
N GLU A 88 15.42 -6.70 5.25
CA GLU A 88 15.87 -8.08 5.06
C GLU A 88 16.02 -8.38 3.54
N PRO A 89 16.71 -9.47 3.17
CA PRO A 89 16.95 -9.85 1.78
C PRO A 89 15.69 -10.27 1.02
N LYS A 90 14.78 -10.93 1.72
CA LYS A 90 13.50 -11.43 1.18
C LYS A 90 12.26 -10.73 1.75
N HIS A 91 12.39 -9.78 2.68
CA HIS A 91 11.32 -9.13 3.43
C HIS A 91 11.62 -7.62 3.55
N LYS A 92 10.65 -6.75 3.24
CA LYS A 92 10.97 -5.33 3.01
C LYS A 92 9.75 -4.45 3.29
N ILE A 93 9.80 -3.61 4.34
CA ILE A 93 8.65 -2.81 4.81
C ILE A 93 8.66 -1.40 4.19
N PHE A 94 7.55 -0.65 4.34
CA PHE A 94 7.43 0.78 4.16
C PHE A 94 6.33 1.28 5.10
N GLU A 95 6.68 1.99 6.19
CA GLU A 95 5.70 2.51 7.16
C GLU A 95 5.88 4.01 7.31
N ALA A 96 4.78 4.71 7.55
CA ALA A 96 4.75 6.14 7.72
C ALA A 96 3.67 6.48 8.73
N GLY A 97 3.91 7.54 9.50
CA GLY A 97 2.95 8.24 10.31
C GLY A 97 3.58 9.50 10.87
N TYR A 98 2.76 10.30 11.55
CA TYR A 98 3.28 11.36 12.39
C TYR A 98 4.03 10.71 13.56
N GLU A 99 5.18 11.28 13.94
CA GLU A 99 6.01 10.73 15.01
C GLU A 99 5.28 10.77 16.38
N GLU A 100 4.18 11.53 16.46
CA GLU A 100 3.32 11.67 17.62
C GLU A 100 1.85 11.38 17.28
N SER A 101 1.56 10.57 16.25
CA SER A 101 0.21 10.06 16.01
C SER A 101 0.28 8.63 15.47
N GLU A 102 -0.86 8.11 15.03
CA GLU A 102 -0.90 6.85 14.30
C GLU A 102 -0.33 7.01 12.89
N VAL A 103 -0.08 5.86 12.24
CA VAL A 103 0.36 5.75 10.86
C VAL A 103 -0.63 6.40 9.88
N ASP A 104 -0.18 6.62 8.64
CA ASP A 104 -0.98 7.18 7.56
C ASP A 104 -0.65 6.54 6.20
N LEU A 105 0.24 5.56 6.19
CA LEU A 105 0.67 4.79 5.00
C LEU A 105 1.45 3.60 5.54
N ARG A 106 0.99 2.38 5.31
CA ARG A 106 1.75 1.16 5.62
C ARG A 106 1.60 0.19 4.46
N VAL A 107 2.73 -0.33 3.99
CA VAL A 107 2.82 -1.33 2.95
C VAL A 107 4.03 -2.20 3.32
N GLU A 108 4.14 -3.41 2.80
CA GLU A 108 5.31 -4.26 2.93
C GLU A 108 5.22 -5.37 1.90
N PHE A 109 6.38 -5.96 1.60
CA PHE A 109 6.58 -6.93 0.55
C PHE A 109 7.42 -8.07 1.12
N GLU A 110 7.12 -9.29 0.71
CA GLU A 110 7.91 -10.47 1.09
C GLU A 110 7.93 -11.42 -0.09
N LEU A 111 8.80 -12.42 -0.05
CA LEU A 111 8.91 -13.43 -1.09
C LEU A 111 8.15 -14.71 -0.75
N GLN A 112 7.21 -15.12 -1.60
CA GLN A 112 6.56 -16.44 -1.53
C GLN A 112 7.50 -17.52 -2.08
N ALA A 113 6.99 -18.73 -2.31
CA ALA A 113 7.69 -19.83 -2.98
C ALA A 113 7.43 -19.85 -4.51
N ASP A 114 6.58 -18.97 -5.05
CA ASP A 114 6.18 -18.97 -6.46
C ASP A 114 7.26 -18.38 -7.37
N GLY A 115 8.18 -17.58 -6.84
CA GLY A 115 9.27 -16.95 -7.56
C GLY A 115 9.09 -15.46 -7.86
N LYS A 116 8.13 -14.75 -7.25
CA LYS A 116 8.00 -13.29 -7.39
C LYS A 116 7.74 -12.64 -6.03
N TRP A 117 7.67 -11.31 -5.95
CA TRP A 117 7.36 -10.60 -4.71
C TRP A 117 5.86 -10.37 -4.60
N TYR A 118 5.30 -10.51 -3.40
CA TYR A 118 3.89 -10.23 -3.13
C TYR A 118 3.77 -9.18 -2.02
N VAL A 119 2.77 -8.29 -2.10
CA VAL A 119 2.45 -7.40 -0.97
C VAL A 119 1.67 -8.22 0.07
N VAL A 120 1.74 -7.83 1.34
CA VAL A 120 1.04 -8.45 2.47
C VAL A 120 0.43 -7.40 3.42
N ASP A 121 0.35 -6.14 2.99
CA ASP A 121 -0.20 -5.03 3.77
C ASP A 121 -0.69 -3.90 2.87
N CYS A 122 -1.78 -3.21 3.24
CA CYS A 122 -2.32 -2.06 2.52
C CYS A 122 -3.01 -1.13 3.53
N TYR A 123 -2.36 -0.04 3.92
CA TYR A 123 -2.88 1.03 4.78
C TYR A 123 -2.46 2.37 4.17
N THR A 124 -3.30 3.41 4.25
CA THR A 124 -3.12 4.74 3.68
C THR A 124 -4.19 5.66 4.27
N GLY A 125 -3.93 6.96 4.32
CA GLY A 125 -4.91 7.97 4.71
C GLY A 125 -6.23 7.88 3.93
N TRP A 126 -6.24 7.25 2.73
CA TRP A 126 -7.48 6.99 2.03
C TRP A 126 -8.49 6.19 2.85
N TYR A 127 -8.04 5.21 3.65
CA TYR A 127 -8.93 4.27 4.34
C TYR A 127 -8.53 4.06 5.81
N GLY A 128 -7.82 5.00 6.42
CA GLY A 128 -7.52 5.05 7.84
C GLY A 128 -7.61 6.50 8.30
N TYR A 129 -8.24 6.75 9.46
CA TYR A 129 -8.12 7.95 10.29
C TYR A 129 -8.16 9.29 9.53
N ASP A 130 -9.10 9.45 8.59
CA ASP A 130 -9.38 10.76 7.96
C ASP A 130 -10.86 10.93 7.62
N LEU A 131 -11.56 9.88 7.21
CA LEU A 131 -12.99 9.99 6.87
C LEU A 131 -13.84 9.16 7.82
N PRO A 132 -15.12 9.52 8.02
CA PRO A 132 -16.06 8.77 8.84
C PRO A 132 -16.69 7.59 8.06
N ILE A 133 -17.36 6.73 8.82
CA ILE A 133 -18.10 5.55 8.36
C ILE A 133 -19.14 5.81 7.26
N GLY A 134 -19.55 7.05 7.02
CA GLY A 134 -20.52 7.39 5.98
C GLY A 134 -19.85 7.75 4.66
N GLU A 135 -18.60 8.23 4.70
CA GLU A 135 -17.92 8.77 3.52
C GLU A 135 -17.00 7.75 2.87
N LEU A 136 -16.76 6.59 3.48
CA LEU A 136 -15.99 5.48 2.90
C LEU A 136 -16.39 5.24 1.45
N LYS A 137 -17.69 5.05 1.24
CA LYS A 137 -18.31 4.85 -0.06
C LYS A 137 -17.93 5.98 -1.02
N GLN A 138 -17.99 7.24 -0.57
CA GLN A 138 -17.72 8.40 -1.40
C GLN A 138 -16.24 8.55 -1.72
N THR A 139 -15.34 8.28 -0.78
CA THR A 139 -13.92 8.31 -1.07
C THR A 139 -13.56 7.16 -2.03
N ILE A 140 -14.22 6.00 -1.96
CA ILE A 140 -14.03 4.95 -2.94
C ILE A 140 -14.53 5.44 -4.32
N GLN A 141 -15.61 6.23 -4.38
CA GLN A 141 -16.04 6.90 -5.61
C GLN A 141 -14.92 7.76 -6.18
N ASN A 142 -14.34 8.59 -5.33
CA ASN A 142 -13.26 9.51 -5.71
C ASN A 142 -12.01 8.76 -6.17
N VAL A 143 -11.62 7.69 -5.50
CA VAL A 143 -10.42 6.91 -5.83
C VAL A 143 -10.48 6.34 -7.25
N LYS A 144 -11.67 6.00 -7.74
CA LYS A 144 -11.82 5.49 -9.09
C LYS A 144 -11.35 6.52 -10.12
N GLU A 145 -11.51 7.80 -9.81
CA GLU A 145 -11.16 8.93 -10.66
C GLU A 145 -9.63 9.08 -10.63
N GLU A 146 -9.01 9.09 -9.45
CA GLU A 146 -7.55 9.10 -9.31
C GLU A 146 -6.92 7.93 -10.11
N ASN A 147 -7.40 6.71 -9.86
CA ASN A 147 -6.89 5.50 -10.51
C ASN A 147 -7.02 5.57 -12.03
N ALA A 148 -8.02 6.31 -12.52
CA ALA A 148 -8.28 6.40 -13.95
C ALA A 148 -7.37 7.43 -14.63
N ALA A 149 -6.72 8.32 -13.87
CA ALA A 149 -5.57 9.09 -14.33
C ALA A 149 -4.37 8.14 -14.42
N PHE A 150 -4.05 7.43 -13.33
CA PHE A 150 -2.90 6.51 -13.27
C PHE A 150 -2.80 5.64 -14.53
N LYS A 151 -3.90 4.97 -14.86
CA LYS A 151 -3.94 4.01 -15.96
C LYS A 151 -3.65 4.63 -17.33
N GLU A 152 -3.84 5.94 -17.47
CA GLU A 152 -3.64 6.63 -18.74
C GLU A 152 -2.14 6.72 -19.03
N ILE A 153 -1.35 6.94 -17.98
CA ILE A 153 0.09 7.17 -18.02
C ILE A 153 0.81 5.81 -18.13
N HIS A 154 0.47 4.88 -17.25
CA HIS A 154 1.21 3.63 -17.05
C HIS A 154 0.24 2.47 -16.74
N PRO A 155 -0.49 1.97 -17.76
CA PRO A 155 -1.46 0.89 -17.61
C PRO A 155 -0.80 -0.47 -17.33
N GLY A 1 20.78 -7.17 -20.52
CA GLY A 1 20.64 -8.48 -19.86
C GLY A 1 19.17 -8.77 -19.61
N ASP A 2 18.93 -9.70 -18.69
CA ASP A 2 17.76 -9.88 -17.83
C ASP A 2 16.39 -9.83 -18.54
N SER A 3 15.68 -10.96 -18.57
CA SER A 3 14.24 -10.99 -18.80
C SER A 3 13.64 -12.02 -17.85
N GLU A 4 13.64 -13.28 -18.28
CA GLU A 4 12.90 -14.32 -17.64
C GLU A 4 13.82 -15.06 -16.66
N LEU A 5 13.22 -15.79 -15.72
CA LEU A 5 13.96 -16.45 -14.66
C LEU A 5 14.53 -17.74 -15.22
N THR A 6 15.66 -18.20 -14.71
CA THR A 6 16.21 -19.50 -15.01
C THR A 6 16.14 -20.25 -13.69
N THR A 7 15.10 -21.07 -13.52
CA THR A 7 14.88 -22.05 -12.45
C THR A 7 15.02 -21.48 -11.01
N GLN A 8 15.03 -20.16 -10.86
CA GLN A 8 15.62 -19.49 -9.71
C GLN A 8 14.80 -19.70 -8.44
N ASP A 9 15.41 -19.42 -7.29
CA ASP A 9 14.88 -19.59 -5.94
C ASP A 9 13.83 -18.52 -5.56
N GLY A 10 13.36 -17.77 -6.55
CA GLY A 10 12.38 -16.72 -6.47
C GLY A 10 12.63 -15.69 -7.56
N GLU A 11 11.58 -14.97 -7.93
CA GLU A 11 11.66 -13.67 -8.55
C GLU A 11 12.44 -12.77 -7.58
N ASP A 12 13.18 -11.79 -8.10
CA ASP A 12 13.77 -10.78 -7.22
C ASP A 12 12.64 -9.92 -6.66
N PHE A 13 12.84 -9.37 -5.46
CA PHE A 13 11.97 -8.33 -4.94
C PHE A 13 11.98 -7.16 -5.93
N LYS A 14 13.15 -6.74 -6.46
CA LYS A 14 13.17 -5.62 -7.39
C LYS A 14 12.43 -5.96 -8.68
N SER A 15 12.59 -7.21 -9.15
CA SER A 15 12.01 -7.68 -10.40
C SER A 15 10.49 -7.49 -10.39
N PHE A 16 9.78 -7.97 -9.35
CA PHE A 16 8.34 -7.78 -9.30
C PHE A 16 7.95 -6.34 -8.94
N LEU A 17 8.81 -5.62 -8.21
CA LEU A 17 8.52 -4.26 -7.75
C LEU A 17 8.36 -3.36 -8.96
N ASP A 18 9.40 -3.30 -9.78
CA ASP A 18 9.43 -2.42 -10.96
C ASP A 18 8.29 -2.78 -11.90
N LYS A 19 7.98 -4.08 -12.02
CA LYS A 19 6.83 -4.57 -12.73
C LYS A 19 5.54 -4.01 -12.15
N PHE A 20 5.29 -4.05 -10.82
CA PHE A 20 4.00 -3.59 -10.34
C PHE A 20 3.91 -2.08 -10.65
N THR A 21 5.01 -1.34 -10.49
CA THR A 21 5.01 0.09 -10.79
C THR A 21 4.90 0.38 -12.31
N SER A 22 4.88 -0.66 -13.15
CA SER A 22 4.56 -0.60 -14.56
C SER A 22 3.43 -1.61 -14.80
N SER A 23 2.36 -1.52 -14.00
CA SER A 23 1.19 -2.38 -14.05
C SER A 23 0.01 -1.76 -13.29
N ALA A 24 -0.99 -1.21 -14.00
CA ALA A 24 -2.29 -0.91 -13.40
C ALA A 24 -3.09 -2.20 -13.26
N ALA A 25 -3.61 -2.75 -14.36
CA ALA A 25 -4.39 -3.99 -14.31
C ALA A 25 -3.59 -5.18 -13.77
N PHE A 26 -2.26 -5.14 -13.79
CA PHE A 26 -1.43 -6.23 -13.26
C PHE A 26 -1.11 -6.07 -11.77
N GLN A 27 -1.42 -4.92 -11.14
CA GLN A 27 -1.21 -4.72 -9.70
C GLN A 27 -2.03 -5.78 -8.93
N TYR A 28 -3.32 -5.89 -9.28
CA TYR A 28 -4.35 -6.73 -8.67
C TYR A 28 -4.02 -8.22 -8.55
N THR A 29 -3.11 -8.76 -9.37
CA THR A 29 -3.01 -10.19 -9.65
C THR A 29 -1.72 -10.81 -9.09
N ARG A 30 -1.15 -10.17 -8.06
CA ARG A 30 -0.06 -10.66 -7.23
C ARG A 30 -0.37 -10.24 -5.79
N VAL A 31 -1.50 -10.70 -5.26
CA VAL A 31 -2.04 -10.27 -3.97
C VAL A 31 -2.59 -11.49 -3.23
N LYS A 32 -2.18 -11.65 -1.96
CA LYS A 32 -2.64 -12.66 -0.99
C LYS A 32 -3.94 -12.14 -0.36
N PHE A 33 -4.63 -12.96 0.42
CA PHE A 33 -5.81 -12.51 1.15
C PHE A 33 -6.03 -13.44 2.35
N PRO A 34 -6.50 -12.95 3.53
CA PRO A 34 -6.81 -11.55 3.82
C PRO A 34 -5.52 -10.75 4.01
N LEU A 35 -5.64 -9.42 4.03
CA LEU A 35 -4.50 -8.53 4.24
C LEU A 35 -4.22 -8.37 5.74
N LYS A 36 -3.20 -7.57 6.09
CA LYS A 36 -2.76 -7.39 7.49
C LYS A 36 -3.49 -6.24 8.15
N THR A 37 -3.28 -5.05 7.59
CA THR A 37 -3.54 -3.76 8.17
C THR A 37 -4.88 -3.27 7.61
N PRO A 38 -6.02 -3.61 8.22
CA PRO A 38 -7.33 -3.31 7.64
C PRO A 38 -7.52 -1.80 7.51
N ILE A 39 -8.55 -1.43 6.77
CA ILE A 39 -9.14 -0.11 6.91
C ILE A 39 -9.61 -0.03 8.35
N THR A 40 -9.23 1.02 9.07
CA THR A 40 -9.91 1.46 10.26
C THR A 40 -10.36 2.89 9.94
N LEU A 41 -11.57 3.24 10.36
CA LEU A 41 -12.07 4.59 10.38
C LEU A 41 -12.80 4.81 11.70
N LEU A 42 -13.17 6.06 11.99
CA LEU A 42 -13.95 6.39 13.16
C LEU A 42 -15.43 6.22 12.83
N ALA A 43 -16.16 5.53 13.71
CA ALA A 43 -17.60 5.38 13.67
C ALA A 43 -18.29 6.75 13.71
N ASP A 44 -19.60 6.74 13.49
CA ASP A 44 -20.41 7.96 13.48
C ASP A 44 -20.41 8.65 14.84
N ASP A 45 -20.19 7.87 15.91
CA ASP A 45 -20.11 8.29 17.30
C ASP A 45 -18.85 9.10 17.61
N GLY A 46 -17.81 8.96 16.78
CA GLY A 46 -16.56 9.67 16.92
C GLY A 46 -15.61 9.17 18.01
N GLU A 47 -15.99 8.19 18.83
CA GLU A 47 -15.08 7.44 19.66
C GLU A 47 -15.45 5.96 19.61
N THR A 48 -15.37 5.38 18.41
CA THR A 48 -15.35 3.94 18.20
C THR A 48 -14.59 3.67 16.91
N GLU A 49 -13.41 3.10 17.02
CA GLU A 49 -12.60 2.66 15.89
C GLU A 49 -13.28 1.42 15.29
N LYS A 50 -13.47 1.39 13.97
CA LYS A 50 -14.24 0.32 13.31
C LYS A 50 -13.46 -0.13 12.10
N THR A 51 -13.11 -1.42 12.08
CA THR A 51 -12.42 -2.04 10.96
C THR A 51 -13.39 -2.25 9.80
N PHE A 52 -12.91 -2.22 8.56
CA PHE A 52 -13.72 -2.21 7.34
C PHE A 52 -13.13 -3.17 6.27
N PRO A 53 -13.97 -3.67 5.32
CA PRO A 53 -13.62 -4.80 4.46
C PRO A 53 -12.77 -4.40 3.26
N PHE A 54 -11.51 -4.82 3.28
CA PHE A 54 -10.43 -4.51 2.34
C PHE A 54 -10.53 -5.25 0.98
N THR A 55 -11.68 -5.25 0.31
CA THR A 55 -11.88 -5.93 -0.97
C THR A 55 -11.24 -5.17 -2.17
N LYS A 56 -11.13 -5.81 -3.35
CA LYS A 56 -10.55 -5.24 -4.57
C LYS A 56 -11.21 -3.93 -5.01
N GLU A 57 -12.44 -3.66 -4.58
CA GLU A 57 -13.18 -2.45 -4.95
C GLU A 57 -12.45 -1.18 -4.49
N LYS A 58 -11.81 -1.26 -3.32
CA LYS A 58 -11.11 -0.15 -2.68
C LYS A 58 -9.62 -0.45 -2.64
N TRP A 59 -9.09 -0.67 -3.84
CA TRP A 59 -7.70 -1.01 -4.07
C TRP A 59 -7.04 0.11 -4.90
N PRO A 60 -6.53 1.21 -4.28
CA PRO A 60 -5.95 2.34 -5.00
C PRO A 60 -4.63 1.95 -5.68
N LEU A 61 -4.47 2.31 -6.95
CA LEU A 61 -3.26 2.08 -7.76
C LEU A 61 -2.11 2.87 -7.15
N LEU A 62 -1.11 2.14 -6.65
CA LEU A 62 0.11 2.68 -6.07
C LEU A 62 1.10 2.98 -7.20
N ASP A 63 1.97 3.97 -6.96
CA ASP A 63 3.02 4.43 -7.86
C ASP A 63 4.41 4.09 -7.31
N SER A 64 5.45 4.42 -8.08
CA SER A 64 6.85 4.44 -7.66
C SER A 64 7.14 5.59 -6.70
N GLU A 65 6.44 6.70 -6.87
CA GLU A 65 6.84 7.98 -6.33
C GLU A 65 6.76 8.01 -4.80
N THR A 66 5.88 7.20 -4.22
CA THR A 66 5.69 7.08 -2.78
C THR A 66 6.69 6.06 -2.19
N MET A 67 7.27 5.19 -3.02
CA MET A 67 8.35 4.27 -2.65
C MET A 67 9.70 4.99 -2.76
N LYS A 68 9.81 6.11 -2.06
CA LYS A 68 11.03 6.89 -1.93
C LYS A 68 11.28 7.06 -0.45
N GLU A 69 12.37 6.48 0.03
CA GLU A 69 12.79 6.58 1.41
C GLU A 69 13.47 7.91 1.59
N GLU A 70 12.87 8.70 2.47
CA GLU A 70 13.42 9.94 2.97
C GLU A 70 12.85 10.24 4.35
N ARG A 71 13.19 11.37 4.97
CA ARG A 71 12.65 11.88 6.23
C ARG A 71 12.49 13.39 6.02
N ILE A 72 11.39 13.98 6.48
CA ILE A 72 11.02 15.36 6.29
C ILE A 72 10.67 15.91 7.66
N THR A 73 11.56 16.72 8.24
CA THR A 73 11.21 17.55 9.37
C THR A 73 10.27 18.66 8.91
N GLN A 74 9.29 18.96 9.73
CA GLN A 74 8.34 20.05 9.64
C GLN A 74 8.26 20.70 11.02
N GLU A 75 7.53 21.81 11.13
CA GLU A 75 7.34 22.55 12.39
C GLU A 75 5.86 22.86 12.64
N GLU A 76 5.02 22.70 11.63
CA GLU A 76 3.58 22.86 11.64
C GLU A 76 2.91 21.54 11.21
N GLY A 77 3.66 20.43 11.24
CA GLY A 77 3.19 19.08 10.93
C GLY A 77 3.77 18.14 11.97
N GLY A 78 4.99 17.64 11.72
CA GLY A 78 5.74 16.73 12.59
C GLY A 78 6.96 16.23 11.82
N ILE A 79 7.39 14.98 12.00
CA ILE A 79 8.44 14.40 11.17
C ILE A 79 7.85 13.34 10.26
N TYR A 80 7.52 13.70 9.02
CA TYR A 80 7.01 12.75 8.04
C TYR A 80 8.19 11.91 7.54
N VAL A 81 8.13 10.58 7.67
CA VAL A 81 9.16 9.65 7.23
C VAL A 81 8.58 8.30 6.86
N SER A 82 8.72 7.93 5.59
CA SER A 82 8.77 6.56 5.13
C SER A 82 10.18 5.98 5.34
N LYS A 83 10.32 5.02 6.26
CA LYS A 83 11.28 3.93 6.11
C LYS A 83 10.58 2.63 6.44
N PHE A 84 11.12 1.52 5.95
CA PHE A 84 10.71 0.22 6.43
C PHE A 84 11.05 0.10 7.90
N THR A 85 10.27 -0.71 8.61
CA THR A 85 10.35 -0.88 10.06
C THR A 85 10.97 -2.24 10.41
N LEU A 86 10.96 -3.18 9.46
CA LEU A 86 11.53 -4.51 9.55
C LEU A 86 12.16 -4.82 8.19
N ASN A 87 13.30 -5.51 8.23
CA ASN A 87 14.26 -5.64 7.12
C ASN A 87 14.69 -7.10 6.94
N GLU A 88 13.75 -8.02 7.11
CA GLU A 88 13.88 -9.43 6.73
C GLU A 88 14.12 -9.54 5.22
N PRO A 89 14.57 -10.70 4.74
CA PRO A 89 14.77 -10.94 3.31
C PRO A 89 13.45 -10.99 2.55
N LYS A 90 12.49 -11.79 3.05
CA LYS A 90 11.25 -12.13 2.34
C LYS A 90 10.02 -11.36 2.84
N HIS A 91 10.19 -10.42 3.77
CA HIS A 91 9.15 -9.76 4.56
C HIS A 91 9.62 -8.32 4.74
N LYS A 92 8.93 -7.33 4.17
CA LYS A 92 9.34 -5.93 4.19
C LYS A 92 8.13 -5.06 4.42
N ILE A 93 8.07 -4.56 5.65
CA ILE A 93 6.99 -3.74 6.16
C ILE A 93 7.45 -2.32 5.83
N PHE A 94 7.02 -1.81 4.68
CA PHE A 94 7.31 -0.46 4.22
C PHE A 94 6.15 0.37 4.73
N GLU A 95 6.44 1.31 5.64
CA GLU A 95 5.44 2.15 6.28
C GLU A 95 5.73 3.59 5.84
N ALA A 96 4.74 4.47 5.85
CA ALA A 96 4.93 5.90 5.68
C ALA A 96 3.97 6.62 6.60
N GLY A 97 4.37 7.82 7.02
CA GLY A 97 3.62 8.66 7.92
C GLY A 97 4.59 9.24 8.92
N TYR A 98 4.09 9.69 10.06
CA TYR A 98 4.89 10.43 11.00
C TYR A 98 5.85 9.51 11.78
N GLU A 99 6.93 10.10 12.29
CA GLU A 99 7.87 9.44 13.20
C GLU A 99 7.30 9.37 14.62
N GLU A 100 6.25 10.16 14.90
CA GLU A 100 5.77 10.45 16.24
C GLU A 100 4.24 10.42 16.32
N SER A 101 3.55 10.26 15.20
CA SER A 101 2.11 10.32 15.05
C SER A 101 1.70 9.15 14.15
N GLU A 102 0.48 9.13 13.60
CA GLU A 102 0.03 7.94 12.88
C GLU A 102 0.71 7.75 11.52
N VAL A 103 0.65 6.51 11.08
CA VAL A 103 0.98 6.12 9.71
C VAL A 103 -0.13 6.59 8.77
N ASP A 104 0.17 6.57 7.48
CA ASP A 104 -0.71 6.99 6.40
C ASP A 104 -0.51 6.15 5.14
N LEU A 105 0.34 5.13 5.20
CA LEU A 105 0.54 4.10 4.19
C LEU A 105 1.17 2.91 4.92
N ARG A 106 0.55 1.72 4.91
CA ARG A 106 1.20 0.49 5.38
C ARG A 106 1.03 -0.51 4.25
N VAL A 107 2.13 -1.12 3.80
CA VAL A 107 2.10 -2.17 2.81
C VAL A 107 3.17 -3.21 3.16
N GLU A 108 3.00 -4.43 2.66
CA GLU A 108 3.84 -5.58 2.96
C GLU A 108 3.79 -6.48 1.74
N PHE A 109 4.93 -7.03 1.33
CA PHE A 109 5.07 -7.87 0.16
C PHE A 109 5.85 -9.11 0.59
N GLU A 110 5.23 -10.29 0.61
CA GLU A 110 5.89 -11.51 1.04
C GLU A 110 6.13 -12.42 -0.15
N LEU A 111 7.35 -12.94 -0.25
CA LEU A 111 7.68 -13.93 -1.26
C LEU A 111 6.97 -15.24 -0.90
N GLN A 112 6.27 -15.82 -1.87
CA GLN A 112 5.68 -17.14 -1.74
C GLN A 112 6.69 -18.18 -2.21
N ALA A 113 6.56 -19.42 -1.72
CA ALA A 113 7.32 -20.56 -2.22
C ALA A 113 7.06 -20.79 -3.72
N ASP A 114 5.93 -20.30 -4.24
CA ASP A 114 5.62 -20.23 -5.67
C ASP A 114 6.70 -19.49 -6.45
N GLY A 115 7.51 -18.64 -5.80
CA GLY A 115 8.57 -17.88 -6.42
C GLY A 115 8.10 -16.48 -6.83
N LYS A 116 6.79 -16.22 -6.79
CA LYS A 116 6.28 -14.85 -6.96
C LYS A 116 6.16 -14.20 -5.60
N TRP A 117 6.42 -12.90 -5.59
CA TRP A 117 6.02 -12.07 -4.47
C TRP A 117 4.52 -11.86 -4.60
N TYR A 118 3.84 -11.83 -3.47
CA TYR A 118 2.45 -11.53 -3.35
C TYR A 118 2.40 -10.37 -2.36
N VAL A 119 1.67 -9.31 -2.70
CA VAL A 119 1.33 -8.27 -1.75
C VAL A 119 0.45 -8.89 -0.68
N VAL A 120 0.67 -8.56 0.59
CA VAL A 120 -0.09 -9.08 1.72
C VAL A 120 -0.73 -7.95 2.51
N ASP A 121 -0.66 -6.69 2.07
CA ASP A 121 -1.22 -5.56 2.82
C ASP A 121 -1.67 -4.41 1.93
N CYS A 122 -2.61 -3.59 2.42
CA CYS A 122 -3.06 -2.32 1.86
C CYS A 122 -3.69 -1.48 2.98
N TYR A 123 -2.95 -0.53 3.56
CA TYR A 123 -3.49 0.60 4.34
C TYR A 123 -3.03 1.90 3.68
N THR A 124 -3.84 2.95 3.80
CA THR A 124 -3.63 4.23 3.13
C THR A 124 -4.42 5.30 3.89
N GLY A 125 -3.94 6.55 3.81
CA GLY A 125 -4.61 7.73 4.32
C GLY A 125 -5.97 7.95 3.67
N TRP A 126 -6.19 7.47 2.43
CA TRP A 126 -7.49 7.45 1.76
C TRP A 126 -8.56 6.85 2.67
N TYR A 127 -8.17 5.84 3.44
CA TYR A 127 -9.07 5.07 4.27
C TYR A 127 -8.40 4.90 5.63
N GLY A 128 -7.85 6.00 6.14
CA GLY A 128 -7.13 6.09 7.39
C GLY A 128 -7.92 6.94 8.38
N TYR A 129 -7.27 7.36 9.47
CA TYR A 129 -7.89 8.08 10.57
C TYR A 129 -8.20 9.56 10.22
N ASP A 130 -8.44 9.88 8.95
CA ASP A 130 -8.62 11.25 8.46
C ASP A 130 -10.09 11.55 8.14
N LEU A 131 -10.89 10.52 7.85
CA LEU A 131 -12.33 10.67 7.60
C LEU A 131 -13.13 9.72 8.49
N PRO A 132 -14.36 10.11 8.90
CA PRO A 132 -15.32 9.23 9.56
C PRO A 132 -15.96 8.20 8.60
N ILE A 133 -16.79 7.33 9.19
CA ILE A 133 -17.59 6.29 8.54
C ILE A 133 -18.50 6.84 7.43
N GLY A 134 -18.93 8.08 7.53
CA GLY A 134 -19.93 8.64 6.62
C GLY A 134 -19.25 9.03 5.31
N GLU A 135 -18.17 9.79 5.37
CA GLU A 135 -17.51 10.32 4.17
C GLU A 135 -16.76 9.24 3.39
N LEU A 136 -16.59 8.03 3.93
CA LEU A 136 -15.87 6.93 3.29
C LEU A 136 -16.26 6.78 1.82
N LYS A 137 -17.56 6.72 1.59
CA LYS A 137 -18.18 6.69 0.28
C LYS A 137 -17.61 7.72 -0.69
N GLN A 138 -17.54 8.97 -0.26
CA GLN A 138 -16.95 10.07 -1.01
C GLN A 138 -15.47 9.78 -1.27
N THR A 139 -14.70 9.34 -0.29
CA THR A 139 -13.29 9.01 -0.54
C THR A 139 -13.15 7.82 -1.53
N ILE A 140 -14.11 6.90 -1.59
CA ILE A 140 -14.15 5.84 -2.59
C ILE A 140 -14.44 6.45 -3.97
N GLN A 141 -15.26 7.50 -4.08
CA GLN A 141 -15.41 8.27 -5.32
C GLN A 141 -14.04 8.74 -5.76
N ASN A 142 -13.35 9.46 -4.89
CA ASN A 142 -12.10 10.13 -5.19
C ASN A 142 -11.03 9.15 -5.66
N VAL A 143 -10.92 7.99 -5.00
CA VAL A 143 -9.94 6.98 -5.36
C VAL A 143 -10.11 6.52 -6.82
N LYS A 144 -11.35 6.44 -7.33
CA LYS A 144 -11.57 6.05 -8.72
C LYS A 144 -11.06 7.09 -9.71
N GLU A 145 -11.04 8.37 -9.34
CA GLU A 145 -10.67 9.50 -10.18
C GLU A 145 -9.15 9.47 -10.38
N GLU A 146 -8.38 9.26 -9.30
CA GLU A 146 -6.94 9.00 -9.40
C GLU A 146 -6.66 7.71 -10.17
N ASN A 147 -7.40 6.64 -9.86
CA ASN A 147 -7.19 5.33 -10.47
C ASN A 147 -7.51 5.33 -11.96
N ALA A 148 -8.12 6.39 -12.48
CA ALA A 148 -8.26 6.60 -13.91
C ALA A 148 -6.95 7.17 -14.47
N ALA A 149 -6.46 8.27 -13.90
CA ALA A 149 -5.22 8.92 -14.32
C ALA A 149 -4.02 7.96 -14.26
N PHE A 150 -3.96 7.09 -13.24
CA PHE A 150 -2.90 6.08 -13.19
C PHE A 150 -2.90 5.22 -14.45
N LYS A 151 -4.05 4.67 -14.83
CA LYS A 151 -4.11 3.68 -15.91
C LYS A 151 -3.77 4.32 -17.25
N GLU A 152 -3.90 5.65 -17.36
CA GLU A 152 -3.59 6.43 -18.55
C GLU A 152 -2.14 6.21 -18.96
N ILE A 153 -1.22 6.45 -18.01
CA ILE A 153 0.23 6.49 -18.26
C ILE A 153 0.89 5.18 -17.85
N HIS A 154 0.32 4.44 -16.91
CA HIS A 154 0.86 3.17 -16.45
C HIS A 154 -0.13 2.02 -16.75
N PRO A 155 -0.58 1.81 -18.00
CA PRO A 155 -1.54 0.77 -18.35
C PRO A 155 -0.98 -0.64 -18.13
N GLY A 1 0.37 -15.05 -25.19
CA GLY A 1 1.24 -16.22 -25.10
C GLY A 1 2.28 -15.98 -24.02
N ASP A 2 3.57 -15.97 -24.38
CA ASP A 2 4.69 -15.56 -23.53
C ASP A 2 4.81 -16.43 -22.27
N SER A 3 4.47 -17.71 -22.35
CA SER A 3 4.78 -18.61 -21.26
C SER A 3 6.29 -18.71 -21.10
N GLU A 4 6.71 -18.87 -19.84
CA GLU A 4 8.07 -19.28 -19.51
C GLU A 4 7.98 -20.54 -18.65
N LEU A 5 8.96 -21.45 -18.75
CA LEU A 5 9.16 -22.46 -17.71
C LEU A 5 9.79 -21.74 -16.51
N THR A 6 9.62 -22.26 -15.30
CA THR A 6 10.24 -21.69 -14.11
C THR A 6 10.75 -22.78 -13.17
N THR A 7 11.78 -22.43 -12.41
CA THR A 7 12.37 -23.13 -11.29
C THR A 7 13.41 -22.15 -10.74
N GLN A 8 13.21 -21.67 -9.51
CA GLN A 8 14.13 -20.77 -8.81
C GLN A 8 13.78 -20.76 -7.32
N ASP A 9 14.56 -20.06 -6.53
CA ASP A 9 14.44 -20.03 -5.07
C ASP A 9 13.67 -18.81 -4.58
N GLY A 10 12.89 -18.19 -5.46
CA GLY A 10 12.08 -17.01 -5.27
C GLY A 10 12.39 -16.06 -6.44
N GLU A 11 11.45 -15.19 -6.76
CA GLU A 11 11.68 -14.09 -7.68
C GLU A 11 12.75 -13.19 -7.08
N ASP A 12 13.46 -12.47 -7.93
CA ASP A 12 14.38 -11.42 -7.52
C ASP A 12 13.57 -10.32 -6.82
N PHE A 13 14.15 -9.71 -5.78
CA PHE A 13 13.61 -8.53 -5.15
C PHE A 13 13.49 -7.40 -6.19
N LYS A 14 14.49 -7.24 -7.06
CA LYS A 14 14.47 -6.19 -8.06
C LYS A 14 13.44 -6.48 -9.15
N SER A 15 13.26 -7.75 -9.55
CA SER A 15 12.29 -8.11 -10.57
C SER A 15 10.91 -7.63 -10.15
N PHE A 16 10.48 -7.97 -8.92
CA PHE A 16 9.16 -7.57 -8.49
C PHE A 16 9.06 -6.05 -8.45
N LEU A 17 10.11 -5.36 -7.97
CA LEU A 17 10.08 -3.92 -7.72
C LEU A 17 9.82 -3.19 -9.02
N ASP A 18 10.52 -3.61 -10.07
CA ASP A 18 10.47 -3.07 -11.41
C ASP A 18 9.03 -2.96 -11.89
N LYS A 19 8.31 -4.09 -11.98
CA LYS A 19 6.90 -4.08 -12.36
C LYS A 19 6.00 -3.46 -11.30
N PHE A 20 6.36 -3.50 -10.02
CA PHE A 20 5.51 -2.99 -8.96
C PHE A 20 5.32 -1.47 -9.11
N THR A 21 6.38 -0.72 -9.47
CA THR A 21 6.23 0.72 -9.69
C THR A 21 5.71 1.06 -11.08
N SER A 22 5.80 0.12 -12.04
CA SER A 22 5.78 0.44 -13.46
C SER A 22 4.85 -0.50 -14.25
N SER A 23 3.84 -1.08 -13.58
CA SER A 23 2.88 -2.00 -14.17
C SER A 23 1.59 -1.98 -13.31
N ALA A 24 0.74 -0.97 -13.50
CA ALA A 24 -0.54 -0.80 -12.80
C ALA A 24 -1.37 -2.08 -12.89
N ALA A 25 -1.60 -2.59 -14.11
CA ALA A 25 -2.41 -3.78 -14.35
C ALA A 25 -1.84 -5.03 -13.66
N PHE A 26 -0.53 -5.10 -13.41
CA PHE A 26 0.11 -6.23 -12.75
C PHE A 26 0.30 -5.99 -11.24
N GLN A 27 0.08 -4.79 -10.73
CA GLN A 27 0.10 -4.55 -9.29
C GLN A 27 -1.02 -5.35 -8.58
N TYR A 28 -2.14 -5.58 -9.27
CA TYR A 28 -3.23 -6.44 -8.80
C TYR A 28 -2.77 -7.88 -8.56
N THR A 29 -1.80 -8.38 -9.33
CA THR A 29 -1.30 -9.75 -9.23
C THR A 29 -0.10 -9.83 -8.28
N ARG A 30 0.10 -8.82 -7.42
CA ARG A 30 1.29 -8.62 -6.60
C ARG A 30 0.90 -8.37 -5.15
N VAL A 31 -0.29 -8.77 -4.69
CA VAL A 31 -0.86 -8.52 -3.37
C VAL A 31 -1.61 -9.75 -2.82
N LYS A 32 -1.39 -10.08 -1.55
CA LYS A 32 -2.04 -11.20 -0.84
C LYS A 32 -3.48 -10.81 -0.50
N PHE A 33 -4.27 -11.70 0.09
CA PHE A 33 -5.45 -11.27 0.82
C PHE A 33 -5.76 -12.29 1.93
N PRO A 34 -6.44 -11.91 3.02
CA PRO A 34 -6.64 -10.53 3.50
C PRO A 34 -5.32 -9.85 3.86
N LEU A 35 -5.39 -8.57 4.21
CA LEU A 35 -4.24 -7.78 4.66
C LEU A 35 -4.36 -7.50 6.15
N LYS A 36 -3.26 -7.03 6.74
CA LYS A 36 -3.17 -7.02 8.21
C LYS A 36 -3.99 -5.87 8.78
N THR A 37 -3.91 -4.69 8.17
CA THR A 37 -4.66 -3.51 8.59
C THR A 37 -5.73 -3.26 7.51
N PRO A 38 -6.93 -3.87 7.61
CA PRO A 38 -8.03 -3.59 6.68
C PRO A 38 -8.51 -2.13 6.86
N ILE A 39 -9.47 -1.72 6.02
CA ILE A 39 -10.20 -0.47 6.21
C ILE A 39 -10.77 -0.54 7.63
N THR A 40 -10.42 0.41 8.48
CA THR A 40 -10.97 0.56 9.81
C THR A 40 -11.51 1.99 9.88
N LEU A 41 -12.82 2.12 10.12
CA LEU A 41 -13.51 3.39 10.25
C LEU A 41 -14.26 3.36 11.56
N LEU A 42 -14.52 4.55 12.12
CA LEU A 42 -15.45 4.74 13.21
C LEU A 42 -16.85 4.62 12.61
N ALA A 43 -17.57 3.57 12.97
CA ALA A 43 -18.98 3.34 12.65
C ALA A 43 -19.88 4.35 13.37
N ASP A 44 -21.21 4.21 13.23
CA ASP A 44 -22.22 5.19 13.70
C ASP A 44 -22.09 5.52 15.20
N ASP A 45 -21.60 4.60 16.04
CA ASP A 45 -21.71 4.72 17.50
C ASP A 45 -20.84 5.85 18.04
N GLY A 46 -19.57 5.86 17.65
CA GLY A 46 -18.55 6.83 17.99
C GLY A 46 -17.38 6.22 18.75
N GLU A 47 -17.38 4.92 19.04
CA GLU A 47 -16.26 4.17 19.53
C GLU A 47 -16.21 2.77 18.85
N THR A 48 -17.29 2.29 18.22
CA THR A 48 -17.27 1.03 17.50
C THR A 48 -16.44 1.25 16.22
N GLU A 49 -15.20 0.77 16.18
CA GLU A 49 -14.50 0.54 14.94
C GLU A 49 -15.17 -0.64 14.26
N LYS A 50 -15.37 -0.56 12.95
CA LYS A 50 -15.78 -1.70 12.14
C LYS A 50 -14.89 -1.78 10.93
N THR A 51 -14.46 -3.00 10.60
CA THR A 51 -13.62 -3.21 9.44
C THR A 51 -14.45 -3.27 8.16
N PHE A 52 -13.83 -3.01 7.01
CA PHE A 52 -14.41 -3.28 5.71
C PHE A 52 -13.37 -4.03 4.86
N PRO A 53 -13.82 -4.97 4.00
CA PRO A 53 -12.94 -5.74 3.14
C PRO A 53 -12.35 -4.81 2.07
N PHE A 54 -11.03 -4.84 1.96
CA PHE A 54 -10.24 -4.03 1.03
C PHE A 54 -10.21 -4.72 -0.34
N THR A 55 -11.22 -4.48 -1.18
CA THR A 55 -11.37 -5.13 -2.48
C THR A 55 -10.67 -4.31 -3.59
N LYS A 56 -10.63 -4.81 -4.84
CA LYS A 56 -9.96 -4.12 -5.95
C LYS A 56 -10.48 -2.70 -6.16
N GLU A 57 -11.79 -2.51 -5.95
CA GLU A 57 -12.48 -1.23 -6.06
C GLU A 57 -11.86 -0.15 -5.16
N LYS A 58 -11.13 -0.59 -4.13
CA LYS A 58 -10.63 0.19 -3.02
C LYS A 58 -9.10 0.16 -2.98
N TRP A 59 -8.44 -0.44 -3.98
CA TRP A 59 -7.00 -0.57 -4.12
C TRP A 59 -6.43 0.65 -4.84
N PRO A 60 -6.06 1.77 -4.19
CA PRO A 60 -5.34 2.83 -4.88
C PRO A 60 -4.03 2.27 -5.47
N LEU A 61 -3.69 2.73 -6.68
CA LEU A 61 -2.40 2.51 -7.32
C LEU A 61 -1.39 3.48 -6.68
N LEU A 62 -0.12 3.09 -6.56
CA LEU A 62 0.95 3.93 -5.98
C LEU A 62 2.07 4.10 -7.00
N ASP A 63 2.69 5.27 -7.05
CA ASP A 63 3.97 5.47 -7.76
C ASP A 63 5.10 5.17 -6.77
N SER A 64 6.31 5.47 -7.20
CA SER A 64 7.58 5.30 -6.49
C SER A 64 7.64 6.13 -5.20
N GLU A 65 6.65 6.98 -4.87
CA GLU A 65 6.55 7.74 -3.62
C GLU A 65 6.67 6.86 -2.37
N THR A 66 6.15 5.63 -2.44
CA THR A 66 6.20 4.61 -1.41
C THR A 66 7.61 3.97 -1.30
N MET A 67 8.57 4.48 -2.06
CA MET A 67 9.93 4.00 -2.22
C MET A 67 10.90 5.20 -2.24
N LYS A 68 10.55 6.31 -1.56
CA LYS A 68 11.41 7.47 -1.37
C LYS A 68 11.80 7.56 0.10
N GLU A 69 13.06 7.87 0.38
CA GLU A 69 13.59 7.93 1.73
C GLU A 69 14.12 9.33 1.99
N GLU A 70 13.23 10.16 2.54
CA GLU A 70 13.46 11.57 2.84
C GLU A 70 12.84 11.90 4.21
N ARG A 71 13.33 12.96 4.83
CA ARG A 71 13.02 13.42 6.18
C ARG A 71 12.74 14.92 6.16
N ILE A 72 11.49 15.30 5.97
CA ILE A 72 11.01 16.66 5.94
C ILE A 72 10.85 17.13 7.39
N THR A 73 11.04 18.42 7.66
CA THR A 73 11.00 19.00 9.00
C THR A 73 10.14 20.27 8.90
N GLN A 74 8.97 20.26 9.54
CA GLN A 74 7.95 21.29 9.48
C GLN A 74 7.55 21.69 10.89
N GLU A 75 7.53 22.98 11.11
CA GLU A 75 7.19 23.59 12.40
C GLU A 75 5.66 23.68 12.60
N GLU A 76 4.87 23.33 11.59
CA GLU A 76 3.40 23.34 11.60
C GLU A 76 2.81 21.94 11.77
N GLY A 77 3.62 20.91 11.97
CA GLY A 77 3.10 19.58 12.29
C GLY A 77 4.13 18.56 12.77
N GLY A 78 5.43 18.73 12.47
CA GLY A 78 6.46 17.83 12.97
C GLY A 78 7.45 17.43 11.87
N ILE A 79 8.29 16.44 12.16
CA ILE A 79 9.18 15.84 11.17
C ILE A 79 8.39 14.81 10.37
N TYR A 80 7.96 15.13 9.15
CA TYR A 80 7.31 14.17 8.27
C TYR A 80 8.41 13.37 7.59
N VAL A 81 8.45 12.05 7.75
CA VAL A 81 9.55 11.25 7.23
C VAL A 81 9.07 9.88 6.77
N SER A 82 9.74 9.36 5.75
CA SER A 82 9.45 8.08 5.11
C SER A 82 10.73 7.27 5.15
N LYS A 83 10.85 6.26 6.02
CA LYS A 83 11.97 5.32 6.00
C LYS A 83 11.52 3.96 6.51
N PHE A 84 12.19 2.91 6.06
CA PHE A 84 12.06 1.55 6.56
C PHE A 84 12.18 1.50 8.09
N THR A 85 11.56 0.47 8.66
CA THR A 85 11.80 0.05 10.03
C THR A 85 12.15 -1.45 10.15
N LEU A 86 12.35 -2.18 9.04
CA LEU A 86 12.78 -3.57 9.06
C LEU A 86 13.69 -3.84 7.86
N ASN A 87 14.71 -4.66 8.08
CA ASN A 87 15.83 -4.92 7.18
C ASN A 87 16.15 -6.42 7.19
N GLU A 88 15.28 -7.20 6.57
CA GLU A 88 15.42 -8.65 6.37
C GLU A 88 15.84 -8.92 4.92
N PRO A 89 16.30 -10.13 4.60
CA PRO A 89 16.49 -10.58 3.23
C PRO A 89 15.15 -10.68 2.48
N LYS A 90 14.17 -11.37 3.06
CA LYS A 90 12.98 -11.84 2.36
C LYS A 90 11.73 -10.97 2.59
N HIS A 91 11.86 -9.92 3.40
CA HIS A 91 10.77 -9.12 3.92
C HIS A 91 11.26 -7.68 3.95
N LYS A 92 10.36 -6.71 3.76
CA LYS A 92 10.67 -5.30 3.94
C LYS A 92 9.41 -4.54 4.27
N ILE A 93 9.55 -3.58 5.18
CA ILE A 93 8.45 -2.78 5.70
C ILE A 93 8.84 -1.34 5.43
N PHE A 94 7.85 -0.55 5.02
CA PHE A 94 7.95 0.88 4.77
C PHE A 94 6.88 1.49 5.65
N GLU A 95 7.27 2.39 6.53
CA GLU A 95 6.42 3.19 7.40
C GLU A 95 6.77 4.65 7.03
N ALA A 96 5.76 5.49 6.81
CA ALA A 96 5.93 6.93 6.71
C ALA A 96 4.85 7.65 7.53
N GLY A 97 5.19 8.84 8.04
CA GLY A 97 4.34 9.62 8.91
C GLY A 97 5.16 10.65 9.67
N TYR A 98 4.53 11.28 10.66
CA TYR A 98 5.23 12.22 11.54
C TYR A 98 6.07 11.44 12.56
N GLU A 99 7.34 11.84 12.71
CA GLU A 99 8.34 11.13 13.50
C GLU A 99 8.03 11.16 15.01
N GLU A 100 7.09 12.01 15.41
CA GLU A 100 6.57 12.08 16.77
C GLU A 100 5.05 12.20 16.78
N SER A 101 4.37 11.54 15.83
CA SER A 101 2.92 11.36 15.83
C SER A 101 2.52 10.07 15.10
N GLU A 102 1.22 9.92 14.82
CA GLU A 102 0.61 8.78 14.15
C GLU A 102 1.13 8.65 12.72
N VAL A 103 1.05 7.44 12.20
CA VAL A 103 1.45 7.12 10.83
C VAL A 103 0.34 7.45 9.84
N ASP A 104 0.68 7.41 8.55
CA ASP A 104 -0.20 7.78 7.45
C ASP A 104 -0.09 6.81 6.27
N LEU A 105 1.02 6.04 6.21
CA LEU A 105 1.27 5.02 5.20
C LEU A 105 2.06 3.92 5.89
N ARG A 106 1.57 2.68 5.78
CA ARG A 106 2.25 1.45 6.18
C ARG A 106 2.11 0.50 5.00
N VAL A 107 3.20 -0.16 4.62
CA VAL A 107 3.21 -1.15 3.55
C VAL A 107 4.19 -2.25 3.96
N GLU A 108 3.83 -3.49 3.66
CA GLU A 108 4.62 -4.67 3.98
C GLU A 108 4.74 -5.50 2.70
N PHE A 109 5.97 -5.84 2.30
CA PHE A 109 6.25 -6.61 1.10
C PHE A 109 6.99 -7.86 1.55
N GLU A 110 6.37 -9.03 1.35
CA GLU A 110 6.97 -10.32 1.67
C GLU A 110 7.03 -11.15 0.42
N LEU A 111 8.11 -11.92 0.30
CA LEU A 111 8.13 -13.08 -0.57
C LEU A 111 7.25 -14.14 0.07
N GLN A 112 6.46 -14.83 -0.74
CA GLN A 112 5.74 -16.01 -0.33
C GLN A 112 6.53 -17.22 -0.81
N ALA A 113 6.50 -18.30 -0.04
CA ALA A 113 7.11 -19.60 -0.34
C ALA A 113 6.74 -20.12 -1.73
N ASP A 114 5.57 -19.70 -2.24
CA ASP A 114 5.06 -19.93 -3.58
C ASP A 114 6.04 -19.42 -4.66
N GLY A 115 6.96 -18.50 -4.34
CA GLY A 115 8.05 -18.04 -5.18
C GLY A 115 7.84 -16.61 -5.68
N LYS A 116 6.66 -16.02 -5.48
CA LYS A 116 6.33 -14.66 -5.92
C LYS A 116 6.19 -13.76 -4.70
N TRP A 117 6.50 -12.49 -4.87
CA TRP A 117 6.35 -11.49 -3.82
C TRP A 117 4.92 -10.97 -3.85
N TYR A 118 4.44 -10.53 -2.69
CA TYR A 118 3.08 -10.06 -2.51
C TYR A 118 3.10 -8.89 -1.51
N VAL A 119 2.23 -7.88 -1.66
CA VAL A 119 2.03 -6.90 -0.58
C VAL A 119 0.99 -7.50 0.36
N VAL A 120 1.25 -7.40 1.65
CA VAL A 120 0.52 -8.11 2.71
C VAL A 120 -0.06 -7.12 3.71
N ASP A 121 0.10 -5.81 3.44
CA ASP A 121 -0.34 -4.69 4.28
C ASP A 121 -0.54 -3.48 3.38
N CYS A 122 -1.72 -2.85 3.44
CA CYS A 122 -1.93 -1.54 2.89
C CYS A 122 -2.73 -0.66 3.86
N TYR A 123 -2.02 0.24 4.53
CA TYR A 123 -2.54 1.36 5.29
C TYR A 123 -2.28 2.63 4.49
N THR A 124 -3.28 3.46 4.25
CA THR A 124 -3.14 4.79 3.66
C THR A 124 -4.25 5.65 4.28
N GLY A 125 -4.00 6.96 4.43
CA GLY A 125 -4.97 7.94 4.88
C GLY A 125 -6.35 7.77 4.23
N TRP A 126 -6.37 7.39 2.95
CA TRP A 126 -7.56 7.14 2.13
C TRP A 126 -8.63 6.34 2.87
N TYR A 127 -8.23 5.30 3.61
CA TYR A 127 -9.13 4.40 4.30
C TYR A 127 -8.68 4.21 5.77
N GLY A 128 -7.93 5.17 6.33
CA GLY A 128 -7.36 5.11 7.67
C GLY A 128 -7.78 6.35 8.45
N TYR A 129 -8.88 6.24 9.20
CA TYR A 129 -9.48 7.33 9.96
C TYR A 129 -9.56 8.61 9.11
N ASP A 130 -10.42 8.62 8.10
CA ASP A 130 -10.74 9.83 7.37
C ASP A 130 -12.24 10.03 7.41
N LEU A 131 -13.00 9.00 7.09
CA LEU A 131 -14.42 9.16 6.80
C LEU A 131 -15.23 8.11 7.55
N PRO A 132 -16.47 8.44 7.93
CA PRO A 132 -17.34 7.50 8.60
C PRO A 132 -17.85 6.44 7.63
N ILE A 133 -18.56 5.46 8.17
CA ILE A 133 -19.10 4.32 7.45
C ILE A 133 -19.96 4.75 6.25
N GLY A 134 -20.57 5.94 6.34
CA GLY A 134 -21.50 6.42 5.34
C GLY A 134 -20.81 7.04 4.15
N GLU A 135 -19.77 7.87 4.36
CA GLU A 135 -19.05 8.52 3.26
C GLU A 135 -18.01 7.61 2.62
N LEU A 136 -17.76 6.43 3.19
CA LEU A 136 -16.92 5.39 2.59
C LEU A 136 -17.29 5.17 1.12
N LYS A 137 -18.59 5.27 0.79
CA LYS A 137 -19.08 5.24 -0.59
C LYS A 137 -18.32 6.24 -1.48
N GLN A 138 -18.28 7.52 -1.13
CA GLN A 138 -17.62 8.55 -1.92
C GLN A 138 -16.17 8.16 -2.14
N THR A 139 -15.42 7.81 -1.08
CA THR A 139 -14.02 7.42 -1.15
C THR A 139 -13.75 6.40 -2.25
N ILE A 140 -14.61 5.40 -2.38
CA ILE A 140 -14.41 4.31 -3.32
C ILE A 140 -14.63 4.83 -4.75
N GLN A 141 -15.53 5.80 -4.97
CA GLN A 141 -15.71 6.46 -6.26
C GLN A 141 -14.46 7.20 -6.65
N ASN A 142 -13.95 7.98 -5.71
CA ASN A 142 -12.81 8.87 -5.93
C ASN A 142 -11.58 8.08 -6.34
N VAL A 143 -11.32 6.99 -5.60
CA VAL A 143 -10.12 6.17 -5.76
C VAL A 143 -10.04 5.62 -7.20
N LYS A 144 -11.17 5.26 -7.81
CA LYS A 144 -11.16 4.84 -9.21
C LYS A 144 -10.61 5.92 -10.15
N GLU A 145 -10.86 7.20 -9.89
CA GLU A 145 -10.47 8.28 -10.78
C GLU A 145 -8.98 8.48 -10.71
N GLU A 146 -8.42 8.51 -9.50
CA GLU A 146 -6.98 8.55 -9.26
C GLU A 146 -6.33 7.37 -9.99
N ASN A 147 -6.85 6.16 -9.77
CA ASN A 147 -6.31 4.94 -10.38
C ASN A 147 -6.46 4.90 -11.89
N ALA A 148 -7.32 5.72 -12.46
CA ALA A 148 -7.49 5.82 -13.90
C ALA A 148 -6.50 6.83 -14.46
N ALA A 149 -6.34 7.99 -13.82
CA ALA A 149 -5.32 8.94 -14.20
C ALA A 149 -3.94 8.28 -14.13
N PHE A 150 -3.69 7.50 -13.07
CA PHE A 150 -2.46 6.75 -12.89
C PHE A 150 -2.12 5.94 -14.12
N LYS A 151 -3.04 5.08 -14.60
CA LYS A 151 -2.79 4.20 -15.73
C LYS A 151 -2.57 4.97 -17.03
N GLU A 152 -2.98 6.23 -17.11
CA GLU A 152 -2.81 7.02 -18.30
C GLU A 152 -1.41 7.61 -18.27
N ILE A 153 -1.04 8.22 -17.14
CA ILE A 153 0.19 8.98 -16.96
C ILE A 153 1.40 8.03 -16.85
N HIS A 154 1.29 6.93 -16.11
CA HIS A 154 2.40 6.02 -15.78
C HIS A 154 1.89 4.60 -15.47
N PRO A 155 1.36 3.86 -16.45
CA PRO A 155 0.86 2.49 -16.28
C PRO A 155 1.91 1.41 -16.11
N GLY A 1 13.76 -2.24 -23.32
CA GLY A 1 12.85 -2.92 -22.39
C GLY A 1 12.73 -4.37 -22.79
N ASP A 2 13.28 -5.30 -22.01
CA ASP A 2 13.25 -6.74 -22.31
C ASP A 2 13.00 -7.55 -21.02
N SER A 3 12.84 -8.88 -21.14
CA SER A 3 12.64 -9.81 -20.05
C SER A 3 13.89 -9.91 -19.15
N GLU A 4 13.70 -10.50 -17.97
CA GLU A 4 14.76 -11.08 -17.16
C GLU A 4 14.30 -12.47 -16.76
N LEU A 5 15.21 -13.30 -16.25
CA LEU A 5 14.90 -14.63 -15.75
C LEU A 5 14.02 -14.51 -14.49
N THR A 6 13.30 -15.56 -14.11
CA THR A 6 12.47 -15.60 -12.91
C THR A 6 12.83 -16.79 -12.02
N THR A 7 13.92 -17.50 -12.35
CA THR A 7 14.51 -18.61 -11.61
C THR A 7 13.44 -19.64 -11.19
N GLN A 8 13.74 -20.55 -10.26
CA GLN A 8 12.76 -21.53 -9.79
C GLN A 8 12.88 -21.79 -8.28
N ASP A 9 13.42 -20.82 -7.53
CA ASP A 9 13.52 -20.86 -6.06
C ASP A 9 12.92 -19.61 -5.42
N GLY A 10 11.96 -19.00 -6.12
CA GLY A 10 11.27 -17.78 -5.71
C GLY A 10 11.84 -16.59 -6.48
N GLU A 11 10.95 -15.67 -6.85
CA GLU A 11 11.28 -14.43 -7.52
C GLU A 11 11.95 -13.45 -6.55
N ASP A 12 12.37 -12.27 -7.02
CA ASP A 12 13.10 -11.30 -6.20
C ASP A 12 12.21 -10.14 -5.72
N PHE A 13 12.59 -9.54 -4.58
CA PHE A 13 11.91 -8.39 -4.01
C PHE A 13 12.07 -7.12 -4.87
N LYS A 14 13.13 -7.00 -5.65
CA LYS A 14 13.28 -5.95 -6.66
C LYS A 14 12.47 -6.31 -7.91
N SER A 15 12.49 -7.58 -8.32
CA SER A 15 11.77 -8.06 -9.50
C SER A 15 10.32 -7.60 -9.43
N PHE A 16 9.57 -8.01 -8.40
CA PHE A 16 8.15 -7.71 -8.39
C PHE A 16 7.87 -6.22 -8.18
N LEU A 17 8.80 -5.49 -7.55
CA LEU A 17 8.64 -4.06 -7.33
C LEU A 17 8.50 -3.36 -8.67
N ASP A 18 9.29 -3.75 -9.69
CA ASP A 18 9.14 -3.26 -11.06
C ASP A 18 7.69 -3.35 -11.54
N LYS A 19 7.13 -4.55 -11.68
CA LYS A 19 5.81 -4.71 -12.25
C LYS A 19 4.74 -4.08 -11.37
N PHE A 20 4.96 -3.97 -10.07
CA PHE A 20 4.09 -3.21 -9.20
C PHE A 20 4.13 -1.71 -9.54
N THR A 21 5.31 -1.14 -9.82
CA THR A 21 5.42 0.26 -10.25
C THR A 21 4.96 0.46 -11.70
N SER A 22 5.10 -0.56 -12.56
CA SER A 22 5.09 -0.40 -14.01
C SER A 22 3.81 -0.89 -14.68
N SER A 23 2.82 -1.40 -13.92
CA SER A 23 1.60 -1.96 -14.46
C SER A 23 0.45 -1.65 -13.50
N ALA A 24 -0.73 -1.28 -14.02
CA ALA A 24 -1.95 -1.14 -13.25
C ALA A 24 -2.56 -2.50 -13.02
N ALA A 25 -2.97 -3.16 -14.10
CA ALA A 25 -3.83 -4.33 -14.03
C ALA A 25 -3.12 -5.54 -13.38
N PHE A 26 -1.80 -5.48 -13.24
CA PHE A 26 -0.99 -6.51 -12.63
C PHE A 26 -0.91 -6.40 -11.10
N GLN A 27 -1.18 -5.23 -10.51
CA GLN A 27 -1.08 -5.04 -9.07
C GLN A 27 -2.01 -6.01 -8.33
N TYR A 28 -3.30 -6.01 -8.71
CA TYR A 28 -4.38 -6.84 -8.16
C TYR A 28 -3.94 -8.31 -7.98
N THR A 29 -3.35 -8.91 -9.02
CA THR A 29 -2.96 -10.31 -9.08
C THR A 29 -1.67 -10.61 -8.28
N ARG A 30 -1.27 -9.75 -7.33
CA ARG A 30 -0.18 -9.97 -6.39
C ARG A 30 -0.53 -9.43 -4.99
N VAL A 31 -1.79 -9.50 -4.58
CA VAL A 31 -2.23 -9.12 -3.23
C VAL A 31 -3.03 -10.28 -2.65
N LYS A 32 -2.93 -10.54 -1.35
CA LYS A 32 -3.80 -11.49 -0.64
C LYS A 32 -4.82 -10.70 0.16
N PHE A 33 -5.89 -11.37 0.57
CA PHE A 33 -6.85 -10.83 1.52
C PHE A 33 -7.17 -11.94 2.53
N PRO A 34 -7.57 -11.63 3.78
CA PRO A 34 -7.49 -10.30 4.40
C PRO A 34 -6.06 -9.73 4.45
N LEU A 35 -5.96 -8.46 4.85
CA LEU A 35 -4.73 -7.72 5.11
C LEU A 35 -4.69 -7.42 6.60
N LYS A 36 -3.51 -7.01 7.08
CA LYS A 36 -3.34 -6.76 8.52
C LYS A 36 -4.08 -5.49 8.90
N THR A 37 -4.03 -4.49 8.02
CA THR A 37 -4.71 -3.21 8.17
C THR A 37 -6.00 -3.19 7.33
N PRO A 38 -7.16 -3.66 7.83
CA PRO A 38 -8.43 -3.35 7.18
C PRO A 38 -8.68 -1.83 7.24
N ILE A 39 -9.69 -1.37 6.49
CA ILE A 39 -10.19 -0.01 6.62
C ILE A 39 -10.83 0.07 8.00
N THR A 40 -10.61 1.18 8.71
CA THR A 40 -11.28 1.50 9.96
C THR A 40 -11.85 2.91 9.84
N LEU A 41 -13.01 3.15 10.45
CA LEU A 41 -13.75 4.41 10.40
C LEU A 41 -14.27 4.70 11.79
N LEU A 42 -14.45 5.97 12.12
CA LEU A 42 -15.16 6.42 13.31
C LEU A 42 -16.65 6.27 13.06
N ALA A 43 -17.34 5.56 13.95
CA ALA A 43 -18.78 5.28 13.92
C ALA A 43 -19.57 6.48 14.42
N ASP A 44 -20.89 6.33 14.43
CA ASP A 44 -21.84 7.33 14.95
C ASP A 44 -21.76 7.48 16.47
N ASP A 45 -21.10 6.57 17.17
CA ASP A 45 -20.81 6.72 18.60
C ASP A 45 -19.62 7.63 18.85
N GLY A 46 -18.83 7.97 17.83
CA GLY A 46 -17.67 8.85 17.91
C GLY A 46 -16.51 8.29 18.74
N GLU A 47 -16.62 7.11 19.36
CA GLU A 47 -15.55 6.40 20.06
C GLU A 47 -15.46 4.92 19.69
N THR A 48 -16.40 4.37 18.92
CA THR A 48 -16.35 3.00 18.40
C THR A 48 -15.63 3.00 17.04
N GLU A 49 -14.46 2.40 16.94
CA GLU A 49 -13.82 2.12 15.66
C GLU A 49 -14.55 0.92 15.06
N LYS A 50 -15.14 1.02 13.87
CA LYS A 50 -15.62 -0.15 13.12
C LYS A 50 -14.79 -0.29 11.87
N THR A 51 -14.54 -1.54 11.46
CA THR A 51 -13.78 -1.82 10.25
C THR A 51 -14.71 -1.94 9.04
N PHE A 52 -14.14 -2.03 7.84
CA PHE A 52 -14.84 -2.39 6.60
C PHE A 52 -13.98 -3.34 5.78
N PRO A 53 -14.57 -4.16 4.89
CA PRO A 53 -13.84 -5.12 4.07
C PRO A 53 -12.94 -4.41 3.06
N PHE A 54 -11.64 -4.67 3.15
CA PHE A 54 -10.70 -4.34 2.09
C PHE A 54 -11.00 -5.24 0.90
N THR A 55 -11.39 -4.63 -0.21
CA THR A 55 -11.61 -5.26 -1.50
C THR A 55 -10.81 -4.50 -2.56
N LYS A 56 -10.80 -4.97 -3.81
CA LYS A 56 -10.00 -4.36 -4.87
C LYS A 56 -10.32 -2.88 -5.07
N GLU A 57 -11.55 -2.46 -4.75
CA GLU A 57 -11.94 -1.07 -4.84
C GLU A 57 -11.05 -0.18 -3.97
N LYS A 58 -10.66 -0.66 -2.77
CA LYS A 58 -9.88 0.12 -1.81
C LYS A 58 -8.38 0.08 -2.14
N TRP A 59 -8.02 -0.48 -3.29
CA TRP A 59 -6.66 -0.55 -3.80
C TRP A 59 -6.38 0.64 -4.72
N PRO A 60 -5.92 1.81 -4.22
CA PRO A 60 -5.28 2.77 -5.08
C PRO A 60 -4.01 2.14 -5.69
N LEU A 61 -3.78 2.39 -6.97
CA LEU A 61 -2.49 2.19 -7.62
C LEU A 61 -1.53 3.20 -7.03
N LEU A 62 -0.38 2.74 -6.57
CA LEU A 62 0.76 3.59 -6.20
C LEU A 62 1.78 3.54 -7.35
N ASP A 63 2.80 4.39 -7.30
CA ASP A 63 4.07 4.27 -8.02
C ASP A 63 5.18 4.71 -7.06
N SER A 64 6.38 4.89 -7.60
CA SER A 64 7.60 5.26 -6.92
C SER A 64 7.45 6.60 -6.17
N GLU A 65 6.40 7.38 -6.45
CA GLU A 65 6.01 8.56 -5.70
C GLU A 65 5.63 8.28 -4.25
N THR A 66 5.30 7.04 -3.91
CA THR A 66 5.03 6.61 -2.53
C THR A 66 6.00 5.51 -2.06
N MET A 67 6.92 5.06 -2.92
CA MET A 67 7.91 4.02 -2.61
C MET A 67 9.31 4.59 -2.37
N LYS A 68 9.47 5.92 -2.48
CA LYS A 68 10.77 6.54 -2.20
C LYS A 68 10.99 6.63 -0.69
N GLU A 69 12.24 6.80 -0.30
CA GLU A 69 12.66 7.03 1.06
C GLU A 69 13.19 8.43 1.17
N GLU A 70 12.57 9.26 2.01
CA GLU A 70 13.12 10.55 2.40
C GLU A 70 12.91 10.74 3.91
N ARG A 71 13.49 11.79 4.48
CA ARG A 71 13.38 12.09 5.89
C ARG A 71 13.43 13.61 6.05
N ILE A 72 12.28 14.23 6.25
CA ILE A 72 12.12 15.68 6.38
C ILE A 72 12.26 16.06 7.86
N THR A 73 12.62 17.31 8.12
CA THR A 73 12.69 17.88 9.45
C THR A 73 12.05 19.27 9.44
N GLN A 74 11.06 19.47 10.31
CA GLN A 74 10.21 20.65 10.39
C GLN A 74 10.50 21.36 11.72
N GLU A 75 9.65 22.29 12.15
CA GLU A 75 9.78 22.92 13.46
C GLU A 75 8.41 23.14 14.12
N GLU A 76 7.46 23.58 13.28
CA GLU A 76 6.04 23.66 13.53
C GLU A 76 5.49 22.50 12.69
N GLY A 77 5.71 21.28 13.16
CA GLY A 77 5.47 20.10 12.36
C GLY A 77 5.98 18.86 13.08
N GLY A 78 6.67 17.97 12.37
CA GLY A 78 7.28 16.77 12.90
C GLY A 78 8.35 16.25 11.95
N ILE A 79 8.96 15.14 12.33
CA ILE A 79 9.97 14.48 11.51
C ILE A 79 9.27 13.44 10.64
N TYR A 80 8.93 13.80 9.40
CA TYR A 80 8.35 12.85 8.46
C TYR A 80 9.46 11.90 8.01
N VAL A 81 9.22 10.60 8.06
CA VAL A 81 10.14 9.56 7.62
C VAL A 81 9.42 8.74 6.55
N SER A 82 10.17 8.10 5.66
CA SER A 82 9.70 6.95 4.89
C SER A 82 10.89 6.01 4.75
N LYS A 83 10.90 4.88 5.46
CA LYS A 83 11.95 3.87 5.36
C LYS A 83 11.35 2.47 5.50
N PHE A 84 12.16 1.44 5.27
CA PHE A 84 11.81 0.08 5.66
C PHE A 84 12.09 -0.06 7.16
N THR A 85 11.25 -0.80 7.88
CA THR A 85 11.62 -1.30 9.20
C THR A 85 12.43 -2.59 9.02
N LEU A 86 11.98 -3.49 8.13
CA LEU A 86 12.41 -4.88 8.08
C LEU A 86 13.03 -5.20 6.73
N ASN A 87 14.03 -6.07 6.78
CA ASN A 87 15.12 -6.26 5.86
C ASN A 87 15.45 -7.76 5.78
N GLU A 88 14.41 -8.59 5.66
CA GLU A 88 14.55 -10.04 5.53
C GLU A 88 14.55 -10.41 4.05
N PRO A 89 14.97 -11.65 3.71
CA PRO A 89 15.08 -12.12 2.34
C PRO A 89 13.74 -12.45 1.72
N LYS A 90 12.82 -13.00 2.53
CA LYS A 90 11.56 -13.60 2.08
C LYS A 90 10.32 -12.81 2.55
N HIS A 91 10.54 -11.74 3.34
CA HIS A 91 9.53 -10.90 3.96
C HIS A 91 10.10 -9.47 3.93
N LYS A 92 9.28 -8.43 3.79
CA LYS A 92 9.71 -7.04 3.98
C LYS A 92 8.54 -6.25 4.56
N ILE A 93 8.83 -5.14 5.25
CA ILE A 93 7.86 -4.15 5.73
C ILE A 93 8.44 -2.79 5.34
N PHE A 94 7.55 -1.88 4.94
CA PHE A 94 7.87 -0.51 4.53
C PHE A 94 6.84 0.41 5.18
N GLU A 95 7.31 1.53 5.75
CA GLU A 95 6.47 2.49 6.48
C GLU A 95 6.76 3.91 6.00
N ALA A 96 5.78 4.80 6.17
CA ALA A 96 5.97 6.23 5.98
C ALA A 96 5.03 7.02 6.87
N GLY A 97 5.50 8.20 7.30
CA GLY A 97 4.76 9.19 8.07
C GLY A 97 5.64 9.73 9.19
N TYR A 98 5.06 10.55 10.06
CA TYR A 98 5.78 11.24 11.10
C TYR A 98 6.35 10.27 12.13
N GLU A 99 7.53 10.61 12.65
CA GLU A 99 8.16 9.82 13.70
C GLU A 99 7.40 10.00 15.02
N GLU A 100 6.72 11.14 15.20
CA GLU A 100 6.06 11.57 16.41
C GLU A 100 4.56 11.28 16.31
N SER A 101 3.96 11.74 15.21
CA SER A 101 2.59 11.50 14.81
C SER A 101 2.48 10.17 14.05
N GLU A 102 1.33 9.91 13.45
CA GLU A 102 1.05 8.61 12.85
C GLU A 102 1.66 8.43 11.46
N VAL A 103 1.74 7.18 11.02
CA VAL A 103 2.01 6.78 9.66
C VAL A 103 0.87 7.19 8.72
N ASP A 104 1.18 7.23 7.43
CA ASP A 104 0.25 7.50 6.32
C ASP A 104 0.39 6.48 5.19
N LEU A 105 1.40 5.62 5.27
CA LEU A 105 1.54 4.39 4.47
C LEU A 105 2.17 3.36 5.39
N ARG A 106 1.59 2.16 5.41
CA ARG A 106 2.33 0.96 5.82
C ARG A 106 1.95 -0.13 4.84
N VAL A 107 2.89 -1.01 4.58
CA VAL A 107 2.67 -2.14 3.70
C VAL A 107 3.71 -3.23 4.04
N GLU A 108 3.41 -4.48 3.74
CA GLU A 108 4.25 -5.63 4.07
C GLU A 108 4.15 -6.62 2.89
N PHE A 109 5.24 -7.31 2.59
CA PHE A 109 5.40 -8.13 1.38
C PHE A 109 5.91 -9.50 1.82
N GLU A 110 5.31 -10.58 1.32
CA GLU A 110 5.74 -11.95 1.58
C GLU A 110 5.91 -12.65 0.23
N LEU A 111 6.88 -13.56 0.15
CA LEU A 111 6.95 -14.54 -0.93
C LEU A 111 5.98 -15.68 -0.59
N GLN A 112 5.04 -16.00 -1.48
CA GLN A 112 4.27 -17.25 -1.39
C GLN A 112 5.20 -18.44 -1.61
N ALA A 113 4.77 -19.64 -1.24
CA ALA A 113 5.47 -20.87 -1.61
C ALA A 113 5.33 -21.12 -3.11
N ASP A 114 4.36 -20.49 -3.76
CA ASP A 114 4.17 -20.39 -5.20
C ASP A 114 5.31 -19.57 -5.83
N GLY A 115 6.14 -18.90 -5.02
CA GLY A 115 7.36 -18.23 -5.44
C GLY A 115 7.13 -16.88 -6.12
N LYS A 116 5.91 -16.36 -6.14
CA LYS A 116 5.69 -14.94 -6.45
C LYS A 116 5.76 -14.17 -5.13
N TRP A 117 6.32 -12.97 -5.18
CA TRP A 117 6.11 -11.95 -4.16
C TRP A 117 4.69 -11.42 -4.27
N TYR A 118 4.13 -11.09 -3.12
CA TYR A 118 2.72 -10.93 -2.86
C TYR A 118 2.58 -9.95 -1.68
N VAL A 119 1.67 -8.98 -1.76
CA VAL A 119 1.51 -7.92 -0.77
C VAL A 119 0.46 -8.34 0.26
N VAL A 120 0.81 -8.33 1.54
CA VAL A 120 0.06 -8.90 2.65
C VAL A 120 -0.31 -7.84 3.68
N ASP A 121 -0.16 -6.56 3.33
CA ASP A 121 -0.70 -5.45 4.09
C ASP A 121 -1.04 -4.31 3.16
N CYS A 122 -1.85 -3.33 3.59
CA CYS A 122 -2.00 -2.07 2.89
C CYS A 122 -2.75 -1.08 3.78
N TYR A 123 -2.05 -0.12 4.36
CA TYR A 123 -2.63 1.02 5.06
C TYR A 123 -2.27 2.27 4.28
N THR A 124 -3.24 3.15 4.02
CA THR A 124 -3.02 4.40 3.30
C THR A 124 -3.90 5.48 3.93
N GLY A 125 -3.50 6.75 3.77
CA GLY A 125 -4.32 7.90 4.12
C GLY A 125 -5.68 7.89 3.42
N TRP A 126 -5.77 7.30 2.22
CA TRP A 126 -7.04 7.14 1.50
C TRP A 126 -8.13 6.45 2.31
N TYR A 127 -7.77 5.56 3.24
CA TYR A 127 -8.74 4.80 4.03
C TYR A 127 -8.30 4.90 5.50
N GLY A 128 -7.87 6.10 5.93
CA GLY A 128 -7.29 6.40 7.23
C GLY A 128 -8.30 6.99 8.22
N TYR A 129 -7.84 7.35 9.42
CA TYR A 129 -8.66 7.74 10.56
C TYR A 129 -8.92 9.26 10.56
N ASP A 130 -9.52 9.74 9.48
CA ASP A 130 -9.84 11.16 9.23
C ASP A 130 -11.33 11.30 8.86
N LEU A 131 -11.90 10.34 8.13
CA LEU A 131 -13.24 10.50 7.55
C LEU A 131 -14.24 9.72 8.39
N PRO A 132 -15.48 10.22 8.55
CA PRO A 132 -16.53 9.48 9.23
C PRO A 132 -16.97 8.30 8.36
N ILE A 133 -17.63 7.33 8.98
CA ILE A 133 -18.20 6.12 8.38
C ILE A 133 -19.06 6.38 7.13
N GLY A 134 -19.60 7.59 6.98
CA GLY A 134 -20.47 7.94 5.86
C GLY A 134 -19.70 8.25 4.59
N GLU A 135 -18.66 9.09 4.66
CA GLU A 135 -17.98 9.65 3.49
C GLU A 135 -17.32 8.61 2.59
N LEU A 136 -17.22 7.36 3.06
CA LEU A 136 -16.59 6.23 2.41
C LEU A 136 -16.99 6.15 0.95
N LYS A 137 -18.29 6.25 0.64
CA LYS A 137 -18.82 6.23 -0.72
C LYS A 137 -18.04 7.17 -1.66
N GLN A 138 -17.87 8.43 -1.27
CA GLN A 138 -17.16 9.42 -2.07
C GLN A 138 -15.71 8.97 -2.28
N THR A 139 -15.05 8.49 -1.23
CA THR A 139 -13.67 8.02 -1.28
C THR A 139 -13.51 6.88 -2.31
N ILE A 140 -14.49 5.97 -2.40
CA ILE A 140 -14.43 4.90 -3.39
C ILE A 140 -14.54 5.50 -4.80
N GLN A 141 -15.37 6.54 -4.99
CA GLN A 141 -15.44 7.23 -6.26
C GLN A 141 -14.06 7.78 -6.63
N ASN A 142 -13.43 8.46 -5.68
CA ASN A 142 -12.18 9.18 -5.89
C ASN A 142 -11.05 8.23 -6.33
N VAL A 143 -10.92 7.07 -5.67
CA VAL A 143 -9.77 6.20 -5.90
C VAL A 143 -9.80 5.61 -7.31
N LYS A 144 -10.99 5.43 -7.89
CA LYS A 144 -11.10 4.97 -9.26
C LYS A 144 -10.49 5.96 -10.24
N GLU A 145 -10.33 7.24 -9.88
CA GLU A 145 -9.93 8.32 -10.77
C GLU A 145 -8.43 8.52 -10.72
N GLU A 146 -7.84 8.41 -9.52
CA GLU A 146 -6.41 8.16 -9.37
C GLU A 146 -6.03 6.96 -10.23
N ASN A 147 -6.72 5.83 -10.06
CA ASN A 147 -6.38 4.59 -10.77
C ASN A 147 -6.55 4.73 -12.27
N ALA A 148 -7.53 5.53 -12.72
CA ALA A 148 -7.73 5.82 -14.12
C ALA A 148 -6.50 6.57 -14.65
N ALA A 149 -6.13 7.68 -14.00
CA ALA A 149 -4.99 8.49 -14.41
C ALA A 149 -3.64 7.77 -14.28
N PHE A 150 -3.60 6.57 -13.70
CA PHE A 150 -2.46 5.66 -13.80
C PHE A 150 -2.64 4.77 -15.03
N LYS A 151 -3.71 3.97 -15.10
CA LYS A 151 -3.90 2.96 -16.14
C LYS A 151 -3.95 3.56 -17.54
N GLU A 152 -4.35 4.83 -17.68
CA GLU A 152 -4.39 5.56 -18.94
C GLU A 152 -3.00 5.65 -19.59
N ILE A 153 -1.94 5.34 -18.83
CA ILE A 153 -0.53 5.46 -19.15
C ILE A 153 0.12 4.08 -19.04
N HIS A 154 -0.10 3.40 -17.91
CA HIS A 154 0.52 2.14 -17.51
C HIS A 154 -0.59 1.14 -17.16
N PRO A 155 -1.21 0.49 -18.16
CA PRO A 155 -2.44 -0.30 -18.01
C PRO A 155 -2.21 -1.72 -17.47
N GLY A 1 -0.04 -18.72 -24.16
CA GLY A 1 1.11 -19.07 -23.32
C GLY A 1 0.96 -18.42 -21.96
N ASP A 2 -0.03 -18.87 -21.19
CA ASP A 2 -0.23 -18.42 -19.82
C ASP A 2 1.03 -18.71 -19.00
N SER A 3 1.27 -17.90 -17.97
CA SER A 3 2.53 -17.92 -17.25
C SER A 3 2.72 -19.25 -16.52
N GLU A 4 3.98 -19.58 -16.27
CA GLU A 4 4.37 -20.54 -15.27
C GLU A 4 5.65 -20.07 -14.59
N LEU A 5 5.93 -20.65 -13.44
CA LEU A 5 7.17 -20.56 -12.68
C LEU A 5 8.23 -21.49 -13.30
N THR A 6 9.51 -21.34 -12.94
CA THR A 6 10.60 -22.13 -13.46
C THR A 6 11.73 -22.01 -12.45
N THR A 7 11.82 -22.96 -11.51
CA THR A 7 12.99 -23.29 -10.68
C THR A 7 13.67 -22.10 -9.95
N GLN A 8 12.94 -21.01 -9.70
CA GLN A 8 13.46 -19.82 -9.04
C GLN A 8 13.89 -20.11 -7.60
N ASP A 9 14.77 -19.25 -7.09
CA ASP A 9 14.83 -18.87 -5.68
C ASP A 9 14.91 -17.35 -5.67
N GLY A 10 13.74 -16.72 -5.63
CA GLY A 10 13.56 -15.29 -5.65
C GLY A 10 13.75 -14.68 -7.04
N GLU A 11 12.95 -13.67 -7.34
CA GLU A 11 13.18 -12.66 -8.37
C GLU A 11 13.98 -11.51 -7.73
N ASP A 12 14.59 -10.64 -8.55
CA ASP A 12 15.26 -9.44 -8.06
C ASP A 12 14.24 -8.52 -7.39
N PHE A 13 14.70 -7.71 -6.43
CA PHE A 13 13.90 -6.63 -5.88
C PHE A 13 13.42 -5.71 -7.02
N LYS A 14 14.35 -5.15 -7.78
CA LYS A 14 14.05 -4.18 -8.82
C LYS A 14 13.21 -4.80 -9.94
N SER A 15 13.37 -6.10 -10.19
CA SER A 15 12.66 -6.83 -11.23
C SER A 15 11.17 -6.97 -10.91
N PHE A 16 10.76 -6.92 -9.64
CA PHE A 16 9.35 -6.72 -9.32
C PHE A 16 9.02 -5.23 -9.33
N LEU A 17 9.82 -4.41 -8.63
CA LEU A 17 9.54 -3.00 -8.31
C LEU A 17 9.23 -2.21 -9.59
N ASP A 18 10.09 -2.33 -10.61
CA ASP A 18 9.98 -1.56 -11.84
C ASP A 18 8.68 -1.87 -12.58
N LYS A 19 8.37 -3.15 -12.81
CA LYS A 19 7.11 -3.55 -13.43
C LYS A 19 5.94 -3.10 -12.56
N PHE A 20 6.04 -3.29 -11.25
CA PHE A 20 5.01 -2.93 -10.30
C PHE A 20 4.67 -1.43 -10.45
N THR A 21 5.69 -0.58 -10.54
CA THR A 21 5.52 0.88 -10.67
C THR A 21 5.13 1.29 -12.10
N SER A 22 5.17 0.40 -13.10
CA SER A 22 5.00 0.76 -14.51
C SER A 22 3.82 0.02 -15.19
N SER A 23 3.02 -0.79 -14.47
CA SER A 23 1.86 -1.45 -15.06
C SER A 23 0.73 -1.64 -14.04
N ALA A 24 -0.36 -0.90 -14.14
CA ALA A 24 -1.49 -0.95 -13.22
C ALA A 24 -2.00 -2.38 -13.07
N ALA A 25 -2.28 -3.02 -14.21
CA ALA A 25 -2.92 -4.32 -14.24
C ALA A 25 -2.08 -5.41 -13.56
N PHE A 26 -0.76 -5.22 -13.46
CA PHE A 26 0.12 -6.18 -12.81
C PHE A 26 -0.07 -6.21 -11.30
N GLN A 27 -0.42 -5.09 -10.65
CA GLN A 27 -0.36 -4.98 -9.19
C GLN A 27 -1.26 -6.03 -8.54
N TYR A 28 -2.47 -6.17 -9.06
CA TYR A 28 -3.50 -7.10 -8.61
C TYR A 28 -3.05 -8.56 -8.62
N THR A 29 -2.03 -8.90 -9.40
CA THR A 29 -1.54 -10.27 -9.54
C THR A 29 -0.59 -10.67 -8.41
N ARG A 30 -0.01 -9.70 -7.68
CA ARG A 30 1.09 -9.95 -6.76
C ARG A 30 0.83 -9.27 -5.42
N VAL A 31 -0.25 -9.68 -4.75
CA VAL A 31 -0.63 -9.21 -3.44
C VAL A 31 -1.39 -10.30 -2.69
N LYS A 32 -1.16 -10.44 -1.38
CA LYS A 32 -2.00 -11.29 -0.52
C LYS A 32 -3.05 -10.37 0.10
N PHE A 33 -4.16 -10.92 0.58
CA PHE A 33 -5.25 -10.14 1.17
C PHE A 33 -5.98 -11.01 2.20
N PRO A 34 -6.66 -10.42 3.20
CA PRO A 34 -6.51 -9.03 3.62
C PRO A 34 -5.08 -8.78 4.10
N LEU A 35 -4.76 -7.50 4.23
CA LEU A 35 -3.47 -7.06 4.69
C LEU A 35 -3.47 -6.97 6.20
N LYS A 36 -2.47 -6.29 6.72
CA LYS A 36 -2.21 -6.24 8.17
C LYS A 36 -2.50 -4.91 8.83
N THR A 37 -2.45 -3.78 8.14
CA THR A 37 -3.05 -2.53 8.62
C THR A 37 -4.17 -2.20 7.62
N PRO A 38 -5.37 -2.79 7.77
CA PRO A 38 -6.46 -2.66 6.80
C PRO A 38 -7.08 -1.26 6.86
N ILE A 39 -8.21 -1.09 6.18
CA ILE A 39 -9.14 -0.01 6.50
C ILE A 39 -9.50 -0.17 7.98
N THR A 40 -9.40 0.89 8.77
CA THR A 40 -10.05 1.01 10.06
C THR A 40 -10.65 2.42 10.11
N LEU A 41 -11.98 2.50 10.24
CA LEU A 41 -12.79 3.72 10.27
C LEU A 41 -13.66 3.73 11.52
N LEU A 42 -14.08 4.91 11.96
CA LEU A 42 -14.64 5.14 13.29
C LEU A 42 -16.17 4.95 13.35
N ALA A 43 -16.67 3.94 12.63
CA ALA A 43 -18.09 3.70 12.36
C ALA A 43 -18.84 4.99 11.95
N ASP A 44 -20.17 4.98 11.99
CA ASP A 44 -21.04 6.14 11.66
C ASP A 44 -21.36 6.83 12.99
N ASP A 45 -20.37 6.94 13.90
CA ASP A 45 -20.61 7.30 15.30
C ASP A 45 -19.44 8.09 15.87
N GLY A 46 -18.21 7.59 15.70
CA GLY A 46 -17.02 8.12 16.35
C GLY A 46 -16.59 7.28 17.56
N GLU A 47 -17.14 6.08 17.72
CA GLU A 47 -16.88 5.23 18.88
C GLU A 47 -16.47 3.79 18.56
N THR A 48 -16.41 3.38 17.28
CA THR A 48 -16.16 1.99 16.93
C THR A 48 -15.21 1.91 15.74
N GLU A 49 -13.98 1.47 15.99
CA GLU A 49 -12.92 1.19 15.02
C GLU A 49 -13.25 -0.07 14.23
N LYS A 50 -14.14 0.02 13.24
CA LYS A 50 -14.51 -1.13 12.41
C LYS A 50 -13.54 -1.24 11.26
N THR A 51 -13.24 -2.48 10.90
CA THR A 51 -12.36 -2.84 9.80
C THR A 51 -13.19 -3.27 8.58
N PHE A 52 -12.60 -3.20 7.38
CA PHE A 52 -13.26 -3.49 6.12
C PHE A 52 -12.35 -4.31 5.18
N PRO A 53 -12.91 -5.05 4.20
CA PRO A 53 -12.15 -5.89 3.28
C PRO A 53 -11.34 -5.05 2.28
N PHE A 54 -10.03 -4.99 2.49
CA PHE A 54 -9.10 -4.48 1.51
C PHE A 54 -9.02 -5.50 0.36
N THR A 55 -9.51 -5.16 -0.83
CA THR A 55 -9.37 -5.92 -2.08
C THR A 55 -9.58 -4.95 -3.26
N LYS A 56 -9.76 -5.50 -4.47
CA LYS A 56 -9.84 -4.82 -5.75
C LYS A 56 -10.73 -3.60 -5.71
N GLU A 57 -11.88 -3.69 -5.05
CA GLU A 57 -12.83 -2.60 -4.85
C GLU A 57 -12.12 -1.32 -4.40
N LYS A 58 -11.27 -1.43 -3.39
CA LYS A 58 -10.67 -0.32 -2.66
C LYS A 58 -9.15 -0.44 -2.71
N TRP A 59 -8.64 -0.70 -3.91
CA TRP A 59 -7.21 -0.79 -4.19
C TRP A 59 -6.71 0.45 -4.94
N PRO A 60 -6.28 1.54 -4.27
CA PRO A 60 -5.42 2.51 -4.93
C PRO A 60 -4.18 1.79 -5.47
N LEU A 61 -3.75 2.10 -6.69
CA LEU A 61 -2.42 1.74 -7.16
C LEU A 61 -1.40 2.48 -6.29
N LEU A 62 -0.33 1.81 -5.86
CA LEU A 62 0.80 2.47 -5.21
C LEU A 62 1.91 2.66 -6.22
N ASP A 63 2.65 3.76 -6.11
CA ASP A 63 3.44 4.29 -7.21
C ASP A 63 4.77 4.84 -6.70
N SER A 64 5.62 5.37 -7.58
CA SER A 64 6.86 6.03 -7.18
C SER A 64 6.65 7.24 -6.27
N GLU A 65 5.49 7.89 -6.34
CA GLU A 65 5.13 8.97 -5.43
C GLU A 65 4.85 8.49 -4.00
N THR A 66 4.59 7.19 -3.83
CA THR A 66 4.54 6.52 -2.54
C THR A 66 5.94 6.02 -2.11
N MET A 67 6.96 6.14 -2.96
CA MET A 67 8.23 5.43 -2.82
C MET A 67 9.39 6.42 -2.65
N LYS A 68 9.09 7.65 -2.24
CA LYS A 68 10.11 8.63 -1.90
C LYS A 68 10.45 8.50 -0.42
N GLU A 69 11.72 8.62 -0.06
CA GLU A 69 12.16 8.75 1.30
C GLU A 69 12.48 10.19 1.61
N GLU A 70 12.06 10.62 2.79
CA GLU A 70 12.41 11.89 3.36
C GLU A 70 12.08 11.93 4.85
N ARG A 71 12.57 12.96 5.54
CA ARG A 71 12.35 13.21 6.95
C ARG A 71 12.13 14.70 7.10
N ILE A 72 10.87 15.13 7.06
CA ILE A 72 10.47 16.53 7.13
C ILE A 72 10.37 16.86 8.62
N THR A 73 11.40 17.51 9.16
CA THR A 73 11.36 18.09 10.49
C THR A 73 10.40 19.29 10.42
N GLN A 74 9.44 19.37 11.33
CA GLN A 74 8.51 20.49 11.43
C GLN A 74 8.57 21.09 12.83
N GLU A 75 8.01 22.29 12.98
CA GLU A 75 8.08 23.04 14.23
C GLU A 75 6.73 23.13 14.90
N GLU A 76 5.69 23.30 14.07
CA GLU A 76 4.31 23.36 14.52
C GLU A 76 3.71 21.95 14.69
N GLY A 77 4.24 20.98 13.94
CA GLY A 77 3.68 19.63 13.83
C GLY A 77 4.52 18.62 14.58
N GLY A 78 5.27 17.81 13.84
CA GLY A 78 6.11 16.74 14.34
C GLY A 78 7.15 16.36 13.29
N ILE A 79 7.93 15.31 13.54
CA ILE A 79 8.90 14.85 12.57
C ILE A 79 8.21 13.87 11.64
N TYR A 80 7.83 14.32 10.44
CA TYR A 80 7.30 13.42 9.43
C TYR A 80 8.47 12.61 8.86
N VAL A 81 8.27 11.32 8.65
CA VAL A 81 9.27 10.37 8.17
C VAL A 81 8.64 9.61 7.00
N SER A 82 9.46 9.08 6.10
CA SER A 82 9.07 8.12 5.09
C SER A 82 10.31 7.26 4.83
N LYS A 83 10.47 6.12 5.53
CA LYS A 83 11.65 5.27 5.44
C LYS A 83 11.27 3.80 5.66
N PHE A 84 12.22 2.89 5.45
CA PHE A 84 12.00 1.46 5.70
C PHE A 84 12.24 1.14 7.18
N THR A 85 11.43 0.24 7.74
CA THR A 85 11.62 -0.25 9.12
C THR A 85 12.05 -1.73 9.14
N LEU A 86 12.10 -2.41 7.98
CA LEU A 86 12.61 -3.78 7.89
C LEU A 86 13.56 -3.88 6.71
N ASN A 87 14.65 -4.61 6.89
CA ASN A 87 15.72 -4.80 5.92
C ASN A 87 16.09 -6.28 5.76
N GLU A 88 15.19 -7.18 6.16
CA GLU A 88 15.31 -8.64 6.11
C GLU A 88 15.68 -9.17 4.72
N PRO A 89 16.11 -10.44 4.62
CA PRO A 89 16.45 -11.10 3.38
C PRO A 89 15.29 -11.08 2.39
N LYS A 90 14.11 -11.57 2.78
CA LYS A 90 13.00 -11.83 1.85
C LYS A 90 11.71 -11.06 2.22
N HIS A 91 11.72 -10.29 3.31
CA HIS A 91 10.58 -9.57 3.84
C HIS A 91 10.98 -8.09 3.80
N LYS A 92 10.09 -7.18 3.40
CA LYS A 92 10.43 -5.77 3.16
C LYS A 92 9.26 -4.92 3.65
N ILE A 93 9.51 -3.83 4.39
CA ILE A 93 8.48 -3.04 5.06
C ILE A 93 8.87 -1.57 4.92
N PHE A 94 7.98 -0.73 4.38
CA PHE A 94 8.19 0.69 4.22
C PHE A 94 7.03 1.41 4.92
N GLU A 95 7.36 2.46 5.66
CA GLU A 95 6.45 3.18 6.52
C GLU A 95 6.65 4.67 6.39
N ALA A 96 5.60 5.44 6.65
CA ALA A 96 5.66 6.89 6.64
C ALA A 96 4.54 7.51 7.47
N GLY A 97 4.80 8.72 7.97
CA GLY A 97 3.94 9.48 8.88
C GLY A 97 4.81 10.06 10.00
N TYR A 98 4.21 10.50 11.11
CA TYR A 98 4.94 11.23 12.13
C TYR A 98 5.71 10.28 13.06
N GLU A 99 6.88 10.72 13.53
CA GLU A 99 7.78 9.92 14.35
C GLU A 99 7.13 9.59 15.71
N GLU A 100 6.23 10.45 16.18
CA GLU A 100 5.65 10.43 17.52
C GLU A 100 4.12 10.51 17.45
N SER A 101 3.53 10.21 16.29
CA SER A 101 2.08 10.20 16.06
C SER A 101 1.75 9.08 15.05
N GLU A 102 0.56 9.10 14.44
CA GLU A 102 0.10 8.05 13.54
C GLU A 102 0.91 8.00 12.23
N VAL A 103 0.76 6.89 11.50
CA VAL A 103 1.27 6.74 10.14
C VAL A 103 0.23 7.24 9.12
N ASP A 104 0.69 7.55 7.91
CA ASP A 104 -0.15 7.83 6.73
C ASP A 104 -0.09 6.65 5.75
N LEU A 105 0.98 5.85 5.82
CA LEU A 105 1.29 4.79 4.86
C LEU A 105 2.03 3.67 5.59
N ARG A 106 1.60 2.44 5.33
CA ARG A 106 2.32 1.21 5.68
C ARG A 106 2.18 0.28 4.48
N VAL A 107 3.30 -0.19 3.96
CA VAL A 107 3.42 -1.10 2.82
C VAL A 107 4.46 -2.15 3.10
N GLU A 108 4.15 -3.40 2.76
CA GLU A 108 5.01 -4.53 3.04
C GLU A 108 4.94 -5.48 1.88
N PHE A 109 6.01 -6.25 1.70
CA PHE A 109 6.17 -7.23 0.66
C PHE A 109 6.84 -8.44 1.30
N GLU A 110 6.36 -9.63 0.94
CA GLU A 110 6.98 -10.89 1.27
C GLU A 110 7.27 -11.57 -0.06
N LEU A 111 8.48 -12.11 -0.20
CA LEU A 111 8.81 -13.00 -1.29
C LEU A 111 8.04 -14.29 -1.07
N GLN A 112 7.29 -14.68 -2.09
CA GLN A 112 6.59 -15.94 -2.10
C GLN A 112 7.54 -16.99 -2.65
N ALA A 113 7.41 -18.20 -2.11
CA ALA A 113 8.19 -19.36 -2.49
C ALA A 113 8.19 -19.61 -4.00
N ASP A 114 7.10 -19.21 -4.66
CA ASP A 114 6.87 -19.18 -6.10
C ASP A 114 7.84 -18.27 -6.88
N GLY A 115 8.83 -17.65 -6.21
CA GLY A 115 9.88 -16.87 -6.83
C GLY A 115 9.46 -15.43 -7.04
N LYS A 116 8.29 -15.02 -6.53
CA LYS A 116 7.67 -13.77 -6.88
C LYS A 116 7.39 -12.96 -5.64
N TRP A 117 7.60 -11.66 -5.73
CA TRP A 117 7.40 -10.73 -4.63
C TRP A 117 5.96 -10.23 -4.68
N TYR A 118 5.22 -10.40 -3.58
CA TYR A 118 3.81 -10.04 -3.45
C TYR A 118 3.68 -9.03 -2.31
N VAL A 119 2.66 -8.16 -2.36
CA VAL A 119 2.36 -7.23 -1.26
C VAL A 119 1.79 -8.02 -0.06
N VAL A 120 1.98 -7.52 1.17
CA VAL A 120 1.31 -7.93 2.40
C VAL A 120 0.83 -6.74 3.23
N ASP A 121 0.99 -5.51 2.72
CA ASP A 121 0.40 -4.32 3.34
C ASP A 121 0.12 -3.22 2.32
N CYS A 122 -1.04 -2.57 2.43
CA CYS A 122 -1.47 -1.48 1.55
C CYS A 122 -2.19 -0.35 2.31
N TYR A 123 -1.78 -0.04 3.55
CA TYR A 123 -2.41 1.02 4.33
C TYR A 123 -2.16 2.36 3.64
N THR A 124 -3.16 3.24 3.64
CA THR A 124 -3.05 4.61 3.18
C THR A 124 -4.04 5.47 3.95
N GLY A 125 -3.74 6.77 4.04
CA GLY A 125 -4.61 7.80 4.57
C GLY A 125 -6.05 7.74 4.03
N TRP A 126 -6.24 7.28 2.79
CA TRP A 126 -7.55 7.09 2.15
C TRP A 126 -8.56 6.40 3.07
N TYR A 127 -8.11 5.37 3.80
CA TYR A 127 -9.00 4.52 4.58
C TYR A 127 -8.57 4.49 6.05
N GLY A 128 -7.94 5.57 6.50
CA GLY A 128 -7.65 5.87 7.89
C GLY A 128 -8.84 6.56 8.57
N TYR A 129 -8.59 7.19 9.72
CA TYR A 129 -9.62 7.86 10.51
C TYR A 129 -9.92 9.22 9.88
N ASP A 130 -10.63 9.27 8.75
CA ASP A 130 -11.01 10.55 8.11
C ASP A 130 -12.48 10.54 7.73
N LEU A 131 -12.97 9.42 7.20
CA LEU A 131 -14.37 9.29 6.82
C LEU A 131 -15.01 8.24 7.70
N PRO A 132 -16.30 8.40 8.04
CA PRO A 132 -17.05 7.36 8.71
C PRO A 132 -17.44 6.25 7.74
N ILE A 133 -18.03 5.18 8.28
CA ILE A 133 -18.54 4.03 7.52
C ILE A 133 -19.55 4.43 6.45
N GLY A 134 -20.21 5.58 6.60
CA GLY A 134 -21.22 6.12 5.70
C GLY A 134 -20.61 6.80 4.49
N GLU A 135 -19.56 7.60 4.65
CA GLU A 135 -18.93 8.25 3.50
C GLU A 135 -17.96 7.33 2.77
N LEU A 136 -17.62 6.19 3.38
CA LEU A 136 -16.68 5.20 2.85
C LEU A 136 -16.94 4.91 1.36
N LYS A 137 -18.20 4.73 0.97
CA LYS A 137 -18.53 4.48 -0.43
C LYS A 137 -17.94 5.53 -1.34
N GLN A 138 -18.11 6.81 -1.04
CA GLN A 138 -17.59 7.88 -1.87
C GLN A 138 -16.07 7.83 -1.89
N THR A 139 -15.41 7.51 -0.78
CA THR A 139 -13.96 7.38 -0.74
C THR A 139 -13.48 6.29 -1.73
N ILE A 140 -14.25 5.23 -1.93
CA ILE A 140 -13.92 4.18 -2.90
C ILE A 140 -14.22 4.69 -4.31
N GLN A 141 -15.28 5.49 -4.50
CA GLN A 141 -15.58 6.08 -5.80
C GLN A 141 -14.42 6.99 -6.24
N ASN A 142 -13.95 7.83 -5.33
CA ASN A 142 -12.85 8.78 -5.53
C ASN A 142 -11.59 8.04 -5.98
N VAL A 143 -11.22 6.94 -5.30
CA VAL A 143 -9.97 6.25 -5.56
C VAL A 143 -9.89 5.67 -6.98
N LYS A 144 -11.02 5.35 -7.60
CA LYS A 144 -11.00 4.95 -9.01
C LYS A 144 -10.57 6.09 -9.91
N GLU A 145 -10.93 7.32 -9.57
CA GLU A 145 -10.75 8.49 -10.44
C GLU A 145 -9.26 8.85 -10.45
N GLU A 146 -8.61 8.77 -9.30
CA GLU A 146 -7.16 8.86 -9.17
C GLU A 146 -6.50 7.73 -9.96
N ASN A 147 -6.89 6.47 -9.69
CA ASN A 147 -6.33 5.31 -10.35
C ASN A 147 -6.42 5.41 -11.88
N ALA A 148 -7.43 6.09 -12.42
CA ALA A 148 -7.60 6.23 -13.86
C ALA A 148 -6.40 6.95 -14.48
N ALA A 149 -5.88 8.00 -13.82
CA ALA A 149 -4.73 8.73 -14.32
C ALA A 149 -3.51 7.82 -14.38
N PHE A 150 -3.26 7.07 -13.30
CA PHE A 150 -2.19 6.08 -13.31
C PHE A 150 -2.38 5.09 -14.45
N LYS A 151 -3.54 4.41 -14.52
CA LYS A 151 -3.85 3.45 -15.59
C LYS A 151 -3.72 4.04 -16.99
N GLU A 152 -3.91 5.35 -17.14
CA GLU A 152 -3.81 6.03 -18.43
C GLU A 152 -2.38 5.91 -18.95
N ILE A 153 -1.40 6.24 -18.10
CA ILE A 153 0.03 6.24 -18.41
C ILE A 153 0.54 4.79 -18.39
N HIS A 154 0.19 4.03 -17.36
CA HIS A 154 0.72 2.72 -17.02
C HIS A 154 -0.44 1.73 -16.92
N PRO A 155 -1.02 1.30 -18.06
CA PRO A 155 -2.06 0.28 -18.12
C PRO A 155 -1.52 -1.11 -17.82
N GLY A 1 15.29 -31.01 -7.55
CA GLY A 1 15.85 -30.44 -6.33
C GLY A 1 17.13 -31.15 -5.93
N ASP A 2 17.84 -30.60 -4.94
CA ASP A 2 19.14 -31.08 -4.39
C ASP A 2 20.18 -31.27 -5.51
N SER A 3 19.99 -30.49 -6.57
CA SER A 3 20.63 -30.41 -7.87
C SER A 3 19.82 -29.38 -8.65
N GLU A 4 20.13 -29.20 -9.94
CA GLU A 4 19.45 -28.33 -10.89
C GLU A 4 19.27 -26.88 -10.37
N LEU A 5 20.23 -26.44 -9.55
CA LEU A 5 20.33 -25.08 -9.05
C LEU A 5 20.45 -24.11 -10.23
N THR A 6 19.77 -22.98 -10.14
CA THR A 6 19.95 -21.84 -11.02
C THR A 6 20.00 -20.58 -10.13
N THR A 7 19.86 -19.39 -10.72
CA THR A 7 20.12 -18.12 -10.04
C THR A 7 18.99 -17.10 -10.24
N GLN A 8 17.80 -17.54 -10.69
CA GLN A 8 16.68 -16.67 -11.03
C GLN A 8 15.45 -17.08 -10.25
N ASP A 9 15.59 -17.08 -8.93
CA ASP A 9 14.71 -17.71 -7.95
C ASP A 9 13.68 -16.75 -7.33
N GLY A 10 13.54 -15.55 -7.89
CA GLY A 10 12.61 -14.51 -7.49
C GLY A 10 12.80 -13.30 -8.40
N GLU A 11 11.70 -12.66 -8.79
CA GLU A 11 11.71 -11.46 -9.59
C GLU A 11 12.48 -10.34 -8.87
N ASP A 12 13.10 -9.45 -9.63
CA ASP A 12 13.84 -8.30 -9.12
C ASP A 12 12.94 -7.44 -8.23
N PHE A 13 13.50 -6.91 -7.14
CA PHE A 13 12.80 -5.97 -6.26
C PHE A 13 12.31 -4.72 -7.02
N LYS A 14 13.04 -4.30 -8.05
CA LYS A 14 12.68 -3.11 -8.82
C LYS A 14 11.75 -3.50 -9.97
N SER A 15 12.01 -4.60 -10.68
CA SER A 15 11.15 -5.16 -11.71
C SER A 15 9.71 -5.29 -11.25
N PHE A 16 9.47 -5.72 -10.00
CA PHE A 16 8.10 -5.86 -9.55
C PHE A 16 7.50 -4.50 -9.19
N LEU A 17 8.21 -3.70 -8.38
CA LEU A 17 7.63 -2.51 -7.76
C LEU A 17 7.41 -1.41 -8.78
N ASP A 18 8.38 -1.21 -9.68
CA ASP A 18 8.34 -0.17 -10.71
C ASP A 18 7.06 -0.30 -11.55
N LYS A 19 6.81 -1.51 -12.10
CA LYS A 19 5.63 -1.81 -12.86
C LYS A 19 4.36 -1.62 -12.04
N PHE A 20 4.37 -1.99 -10.75
CA PHE A 20 3.24 -1.74 -9.87
C PHE A 20 2.92 -0.24 -9.85
N THR A 21 3.90 0.66 -9.64
CA THR A 21 3.63 2.09 -9.64
C THR A 21 3.24 2.63 -11.04
N SER A 22 3.77 2.02 -12.10
CA SER A 22 3.77 2.59 -13.44
C SER A 22 2.67 1.99 -14.34
N SER A 23 1.93 0.97 -13.91
CA SER A 23 0.83 0.41 -14.68
C SER A 23 -0.29 -0.06 -13.72
N ALA A 24 -1.44 0.61 -13.82
CA ALA A 24 -2.62 0.49 -12.98
C ALA A 24 -3.29 -0.88 -13.05
N ALA A 25 -2.86 -1.80 -13.90
CA ALA A 25 -3.35 -3.18 -13.97
C ALA A 25 -2.25 -4.21 -13.70
N PHE A 26 -1.02 -3.76 -13.42
CA PHE A 26 0.07 -4.59 -12.91
C PHE A 26 0.06 -4.59 -11.38
N GLN A 27 -0.56 -3.58 -10.76
CA GLN A 27 -0.77 -3.57 -9.32
C GLN A 27 -1.69 -4.73 -8.87
N TYR A 28 -2.88 -4.87 -9.44
CA TYR A 28 -4.00 -5.74 -8.98
C TYR A 28 -3.76 -7.26 -9.13
N THR A 29 -2.55 -7.67 -9.46
CA THR A 29 -2.15 -9.03 -9.80
C THR A 29 -0.96 -9.45 -8.91
N ARG A 30 -0.56 -8.58 -7.96
CA ARG A 30 0.60 -8.74 -7.07
C ARG A 30 0.20 -8.37 -5.64
N VAL A 31 -1.04 -8.70 -5.26
CA VAL A 31 -1.66 -8.35 -3.98
C VAL A 31 -2.41 -9.58 -3.48
N LYS A 32 -2.23 -9.93 -2.21
CA LYS A 32 -2.96 -10.99 -1.51
C LYS A 32 -4.05 -10.37 -0.65
N PHE A 33 -5.03 -11.16 -0.20
CA PHE A 33 -6.02 -10.72 0.78
C PHE A 33 -6.37 -11.90 1.70
N PRO A 34 -6.99 -11.67 2.88
CA PRO A 34 -7.16 -10.36 3.52
C PRO A 34 -5.81 -9.78 3.97
N LEU A 35 -5.78 -8.45 4.17
CA LEU A 35 -4.60 -7.72 4.61
C LEU A 35 -4.47 -7.77 6.13
N LYS A 36 -3.32 -7.32 6.64
CA LYS A 36 -3.02 -7.27 8.08
C LYS A 36 -3.79 -6.12 8.70
N THR A 37 -3.61 -4.96 8.08
CA THR A 37 -4.16 -3.67 8.44
C THR A 37 -5.25 -3.30 7.42
N PRO A 38 -6.45 -3.88 7.49
CA PRO A 38 -7.56 -3.43 6.67
C PRO A 38 -7.90 -1.96 6.97
N ILE A 39 -8.86 -1.42 6.23
CA ILE A 39 -9.53 -0.17 6.55
C ILE A 39 -10.05 -0.30 7.97
N THR A 40 -9.73 0.68 8.80
CA THR A 40 -10.42 0.97 10.04
C THR A 40 -11.24 2.23 9.78
N LEU A 41 -12.33 2.38 10.51
CA LEU A 41 -13.11 3.60 10.64
C LEU A 41 -13.83 3.50 11.99
N LEU A 42 -14.33 4.63 12.50
CA LEU A 42 -15.14 4.59 13.71
C LEU A 42 -16.50 4.04 13.34
N ALA A 43 -16.96 3.10 14.15
CA ALA A 43 -18.32 2.63 14.19
C ALA A 43 -19.28 3.77 14.44
N ASP A 44 -20.56 3.46 14.29
CA ASP A 44 -21.67 4.38 14.46
C ASP A 44 -21.75 4.94 15.89
N ASP A 45 -21.19 4.20 16.84
CA ASP A 45 -21.05 4.54 18.26
C ASP A 45 -19.98 5.61 18.50
N GLY A 46 -18.98 5.69 17.63
CA GLY A 46 -17.86 6.62 17.78
C GLY A 46 -16.84 6.18 18.83
N GLU A 47 -16.91 4.92 19.28
CA GLU A 47 -16.07 4.37 20.35
C GLU A 47 -15.49 3.00 19.97
N THR A 48 -15.88 2.46 18.80
CA THR A 48 -15.39 1.18 18.29
C THR A 48 -14.67 1.49 16.98
N GLU A 49 -13.36 1.37 16.94
CA GLU A 49 -12.67 1.10 15.68
C GLU A 49 -13.24 -0.21 15.13
N LYS A 50 -13.91 -0.21 13.98
CA LYS A 50 -14.29 -1.44 13.31
C LYS A 50 -13.55 -1.52 11.99
N THR A 51 -12.91 -2.64 11.72
CA THR A 51 -12.25 -2.86 10.45
C THR A 51 -13.21 -3.47 9.43
N PHE A 52 -12.84 -3.42 8.15
CA PHE A 52 -13.67 -3.87 7.03
C PHE A 52 -12.92 -4.87 6.14
N PRO A 53 -13.61 -5.61 5.24
CA PRO A 53 -12.99 -6.40 4.19
C PRO A 53 -12.28 -5.49 3.18
N PHE A 54 -10.97 -5.61 2.98
CA PHE A 54 -10.28 -4.88 1.92
C PHE A 54 -10.51 -5.62 0.59
N THR A 55 -11.27 -5.02 -0.32
CA THR A 55 -11.67 -5.64 -1.58
C THR A 55 -11.39 -4.67 -2.74
N LYS A 56 -11.69 -5.06 -3.99
CA LYS A 56 -11.30 -4.33 -5.19
C LYS A 56 -11.80 -2.89 -5.17
N GLU A 57 -12.91 -2.64 -4.49
CA GLU A 57 -13.56 -1.35 -4.38
C GLU A 57 -12.74 -0.30 -3.63
N LYS A 58 -11.81 -0.71 -2.78
CA LYS A 58 -11.14 0.22 -1.86
C LYS A 58 -9.65 0.32 -2.15
N TRP A 59 -9.21 -0.15 -3.31
CA TRP A 59 -7.82 -0.09 -3.75
C TRP A 59 -7.53 1.24 -4.50
N PRO A 60 -7.13 2.34 -3.83
CA PRO A 60 -6.59 3.50 -4.56
C PRO A 60 -5.41 3.06 -5.43
N LEU A 61 -5.31 3.63 -6.61
CA LEU A 61 -4.14 3.59 -7.46
C LEU A 61 -3.11 4.53 -6.88
N LEU A 62 -1.94 3.96 -6.61
CA LEU A 62 -0.75 4.67 -6.13
C LEU A 62 0.22 4.72 -7.30
N ASP A 63 0.73 5.92 -7.61
CA ASP A 63 1.89 6.07 -8.49
C ASP A 63 3.17 6.03 -7.66
N SER A 64 4.28 6.27 -8.32
CA SER A 64 5.61 6.28 -7.73
C SER A 64 5.90 7.58 -6.98
N GLU A 65 5.11 8.62 -7.18
CA GLU A 65 5.17 9.88 -6.43
C GLU A 65 5.11 9.61 -4.92
N THR A 66 4.33 8.62 -4.49
CA THR A 66 4.18 8.23 -3.08
C THR A 66 5.11 7.08 -2.69
N MET A 67 5.98 6.63 -3.58
CA MET A 67 6.92 5.54 -3.36
C MET A 67 8.35 6.05 -3.61
N LYS A 68 8.71 7.11 -2.88
CA LYS A 68 9.98 7.82 -3.01
C LYS A 68 10.63 7.99 -1.65
N GLU A 69 11.73 7.28 -1.48
CA GLU A 69 12.54 7.25 -0.28
C GLU A 69 13.18 8.62 -0.08
N GLU A 70 12.73 9.35 0.94
CA GLU A 70 13.24 10.67 1.29
C GLU A 70 12.91 10.89 2.77
N ARG A 71 13.67 11.75 3.45
CA ARG A 71 13.53 12.09 4.86
C ARG A 71 13.39 13.61 4.96
N ILE A 72 12.19 14.11 4.70
CA ILE A 72 11.85 15.52 4.66
C ILE A 72 11.83 16.04 6.10
N THR A 73 12.86 16.80 6.49
CA THR A 73 12.84 17.52 7.74
C THR A 73 11.88 18.70 7.55
N GLN A 74 10.80 18.73 8.34
CA GLN A 74 9.88 19.85 8.42
C GLN A 74 10.03 20.46 9.81
N GLU A 75 9.09 21.31 10.20
CA GLU A 75 9.11 21.92 11.54
C GLU A 75 7.70 22.07 12.09
N GLU A 76 6.77 22.37 11.21
CA GLU A 76 5.34 22.48 11.54
C GLU A 76 4.64 21.12 11.67
N GLY A 77 5.36 19.99 11.66
CA GLY A 77 4.75 18.68 11.81
C GLY A 77 5.68 17.57 12.27
N GLY A 78 6.97 17.63 11.94
CA GLY A 78 7.90 16.56 12.28
C GLY A 78 8.89 16.30 11.15
N ILE A 79 9.58 15.16 11.22
CA ILE A 79 10.36 14.62 10.13
C ILE A 79 9.47 13.68 9.35
N TYR A 80 8.96 14.10 8.20
CA TYR A 80 8.20 13.21 7.33
C TYR A 80 9.19 12.32 6.60
N VAL A 81 9.02 11.01 6.62
CA VAL A 81 9.95 10.09 6.00
C VAL A 81 9.20 8.85 5.52
N SER A 82 9.69 8.27 4.43
CA SER A 82 9.18 7.04 3.84
C SER A 82 10.42 6.21 3.55
N LYS A 83 10.61 5.10 4.28
CA LYS A 83 11.70 4.15 4.11
C LYS A 83 11.18 2.75 4.41
N PHE A 84 11.94 1.74 3.97
CA PHE A 84 11.78 0.39 4.44
C PHE A 84 12.21 0.33 5.90
N THR A 85 11.55 -0.53 6.65
CA THR A 85 11.90 -0.82 8.03
C THR A 85 12.73 -2.11 8.05
N LEU A 86 12.25 -3.17 7.39
CA LEU A 86 12.89 -4.48 7.39
C LEU A 86 13.79 -4.61 6.16
N ASN A 87 14.99 -5.18 6.36
CA ASN A 87 15.94 -5.46 5.29
C ASN A 87 16.24 -6.95 5.27
N GLU A 88 15.26 -7.76 4.87
CA GLU A 88 15.35 -9.20 4.63
C GLU A 88 15.18 -9.45 3.12
N PRO A 89 15.58 -10.62 2.61
CA PRO A 89 15.54 -10.90 1.18
C PRO A 89 14.11 -11.15 0.72
N LYS A 90 13.39 -12.09 1.33
CA LYS A 90 12.09 -12.60 0.88
C LYS A 90 10.90 -12.00 1.65
N HIS A 91 11.14 -11.15 2.65
CA HIS A 91 10.15 -10.39 3.39
C HIS A 91 10.70 -8.96 3.40
N LYS A 92 9.91 -7.92 3.16
CA LYS A 92 10.38 -6.53 3.14
C LYS A 92 9.20 -5.66 3.55
N ILE A 93 9.43 -4.58 4.32
CA ILE A 93 8.35 -3.81 4.94
C ILE A 93 8.69 -2.33 4.72
N PHE A 94 7.69 -1.49 4.42
CA PHE A 94 7.82 -0.13 3.90
C PHE A 94 6.71 0.71 4.53
N GLU A 95 7.08 1.60 5.46
CA GLU A 95 6.15 2.37 6.29
C GLU A 95 6.55 3.85 6.20
N ALA A 96 5.59 4.76 6.20
CA ALA A 96 5.81 6.17 5.97
C ALA A 96 4.90 7.00 6.85
N GLY A 97 5.45 8.10 7.37
CA GLY A 97 4.79 8.99 8.30
C GLY A 97 5.77 10.02 8.82
N TYR A 98 5.37 10.74 9.86
CA TYR A 98 6.32 11.46 10.69
C TYR A 98 7.10 10.45 11.52
N GLU A 99 8.42 10.64 11.64
CA GLU A 99 9.32 9.67 12.28
C GLU A 99 8.90 9.42 13.74
N GLU A 100 8.32 10.45 14.37
CA GLU A 100 7.88 10.47 15.76
C GLU A 100 6.39 10.88 15.83
N SER A 101 5.58 10.55 14.80
CA SER A 101 4.13 10.68 14.89
C SER A 101 3.45 9.57 14.07
N GLU A 102 2.15 9.74 13.78
CA GLU A 102 1.36 8.75 13.06
C GLU A 102 1.80 8.57 11.60
N VAL A 103 1.54 7.39 11.04
CA VAL A 103 1.76 7.06 9.64
C VAL A 103 0.73 7.71 8.73
N ASP A 104 0.99 7.62 7.43
CA ASP A 104 0.03 7.94 6.36
C ASP A 104 -0.06 6.83 5.31
N LEU A 105 0.92 5.93 5.26
CA LEU A 105 0.99 4.86 4.25
C LEU A 105 1.83 3.72 4.83
N ARG A 106 1.27 2.51 4.92
CA ARG A 106 2.03 1.31 5.30
C ARG A 106 1.78 0.21 4.27
N VAL A 107 2.74 -0.69 4.09
CA VAL A 107 2.74 -1.77 3.12
C VAL A 107 3.60 -2.89 3.74
N GLU A 108 3.39 -4.14 3.35
CA GLU A 108 4.26 -5.29 3.64
C GLU A 108 4.41 -6.09 2.35
N PHE A 109 5.60 -6.62 2.05
CA PHE A 109 5.90 -7.40 0.86
C PHE A 109 6.45 -8.76 1.26
N GLU A 110 6.02 -9.82 0.60
CA GLU A 110 6.62 -11.13 0.75
C GLU A 110 6.73 -11.80 -0.63
N LEU A 111 7.66 -12.75 -0.75
CA LEU A 111 7.69 -13.65 -1.89
C LEU A 111 6.69 -14.79 -1.63
N GLN A 112 6.48 -15.61 -2.66
CA GLN A 112 5.47 -16.64 -2.70
C GLN A 112 6.04 -17.90 -3.29
N ALA A 113 6.00 -17.95 -4.62
CA ALA A 113 6.18 -19.12 -5.44
C ALA A 113 7.49 -19.04 -6.17
N ASP A 114 8.37 -18.24 -5.57
CA ASP A 114 9.77 -18.12 -5.90
C ASP A 114 9.88 -17.68 -7.34
N GLY A 115 9.03 -16.71 -7.66
CA GLY A 115 9.12 -16.01 -8.92
C GLY A 115 8.23 -14.80 -9.11
N LYS A 116 7.25 -14.51 -8.25
CA LYS A 116 6.44 -13.29 -8.30
C LYS A 116 6.27 -12.79 -6.88
N TRP A 117 6.38 -11.48 -6.71
CA TRP A 117 6.23 -10.75 -5.45
C TRP A 117 4.77 -10.41 -5.23
N TYR A 118 4.36 -10.37 -3.96
CA TYR A 118 3.02 -10.04 -3.54
C TYR A 118 3.12 -9.08 -2.33
N VAL A 119 2.20 -8.12 -2.22
CA VAL A 119 2.06 -7.38 -0.96
C VAL A 119 1.12 -8.20 -0.06
N VAL A 120 1.04 -7.88 1.24
CA VAL A 120 0.05 -8.42 2.18
C VAL A 120 -0.55 -7.30 3.04
N ASP A 121 -0.33 -6.03 2.66
CA ASP A 121 -0.77 -4.84 3.38
C ASP A 121 -0.67 -3.63 2.45
N CYS A 122 -1.55 -2.64 2.61
CA CYS A 122 -1.65 -1.36 1.93
C CYS A 122 -2.60 -0.43 2.74
N TYR A 123 -2.12 0.22 3.79
CA TYR A 123 -2.84 1.22 4.57
C TYR A 123 -2.65 2.59 3.92
N THR A 124 -3.61 3.50 4.07
CA THR A 124 -3.54 4.86 3.58
C THR A 124 -4.35 5.80 4.48
N GLY A 125 -3.97 7.07 4.47
CA GLY A 125 -4.75 8.15 5.05
C GLY A 125 -6.03 8.43 4.27
N TRP A 126 -6.23 7.87 3.06
CA TRP A 126 -7.51 7.90 2.36
C TRP A 126 -8.58 7.27 3.25
N TYR A 127 -8.46 5.97 3.49
CA TYR A 127 -9.34 5.20 4.36
C TYR A 127 -8.68 5.16 5.73
N GLY A 128 -8.68 6.31 6.41
CA GLY A 128 -8.07 6.56 7.69
C GLY A 128 -9.13 6.75 8.76
N TYR A 129 -8.69 7.24 9.91
CA TYR A 129 -9.42 7.18 11.17
C TYR A 129 -10.42 8.33 11.36
N ASP A 130 -10.77 9.02 10.28
CA ASP A 130 -11.30 10.39 10.31
C ASP A 130 -12.79 10.44 10.00
N LEU A 131 -13.31 9.45 9.27
CA LEU A 131 -14.71 9.36 8.84
C LEU A 131 -15.39 8.13 9.47
N PRO A 132 -16.72 8.13 9.65
CA PRO A 132 -17.46 7.03 10.28
C PRO A 132 -17.86 5.91 9.31
N ILE A 133 -18.38 4.82 9.87
CA ILE A 133 -18.72 3.56 9.21
C ILE A 133 -19.68 3.70 8.02
N GLY A 134 -20.60 4.67 8.05
CA GLY A 134 -21.52 4.88 6.94
C GLY A 134 -20.83 5.59 5.79
N GLU A 135 -19.96 6.55 6.10
CA GLU A 135 -19.24 7.35 5.11
C GLU A 135 -18.10 6.59 4.44
N LEU A 136 -17.92 5.30 4.76
CA LEU A 136 -17.15 4.38 3.93
C LEU A 136 -17.52 4.52 2.45
N LYS A 137 -18.83 4.56 2.17
CA LYS A 137 -19.34 4.80 0.82
C LYS A 137 -18.73 6.07 0.22
N GLN A 138 -18.79 7.20 0.94
CA GLN A 138 -18.23 8.46 0.51
C GLN A 138 -16.76 8.30 0.13
N THR A 139 -15.94 7.68 0.97
CA THR A 139 -14.52 7.50 0.70
C THR A 139 -14.23 6.45 -0.39
N ILE A 140 -15.22 5.65 -0.78
CA ILE A 140 -15.08 4.83 -1.97
C ILE A 140 -15.22 5.75 -3.17
N GLN A 141 -16.26 6.60 -3.18
CA GLN A 141 -16.55 7.45 -4.33
C GLN A 141 -15.30 8.19 -4.77
N ASN A 142 -14.75 8.96 -3.84
CA ASN A 142 -13.70 9.93 -4.13
C ASN A 142 -12.39 9.30 -4.55
N VAL A 143 -12.15 8.07 -4.12
CA VAL A 143 -10.96 7.30 -4.48
C VAL A 143 -11.16 6.75 -5.89
N LYS A 144 -12.35 6.24 -6.15
CA LYS A 144 -12.71 5.69 -7.44
C LYS A 144 -12.66 6.81 -8.49
N GLU A 145 -13.02 8.06 -8.15
CA GLU A 145 -12.92 9.18 -9.09
C GLU A 145 -11.44 9.48 -9.39
N GLU A 146 -10.54 9.49 -8.38
CA GLU A 146 -9.10 9.55 -8.60
C GLU A 146 -8.65 8.42 -9.53
N ASN A 147 -9.05 7.18 -9.22
CA ASN A 147 -8.60 6.00 -9.93
C ASN A 147 -8.98 6.07 -11.40
N ALA A 148 -10.20 6.50 -11.71
CA ALA A 148 -10.66 6.59 -13.09
C ALA A 148 -9.78 7.57 -13.86
N ALA A 149 -9.53 8.77 -13.31
CA ALA A 149 -8.65 9.77 -13.90
C ALA A 149 -7.24 9.22 -14.10
N PHE A 150 -6.66 8.59 -13.08
CA PHE A 150 -5.35 7.96 -13.16
C PHE A 150 -5.29 7.08 -14.41
N LYS A 151 -6.23 6.14 -14.54
CA LYS A 151 -6.26 5.19 -15.65
C LYS A 151 -6.66 5.85 -16.97
N GLU A 152 -7.20 7.07 -16.94
CA GLU A 152 -7.56 7.83 -18.14
C GLU A 152 -6.30 8.47 -18.73
N ILE A 153 -5.35 8.86 -17.89
CA ILE A 153 -4.12 9.51 -18.29
C ILE A 153 -3.04 8.45 -18.50
N HIS A 154 -2.70 7.67 -17.47
CA HIS A 154 -1.54 6.78 -17.44
C HIS A 154 -1.90 5.40 -16.83
N PRO A 155 -2.70 4.58 -17.52
CA PRO A 155 -3.06 3.24 -17.07
C PRO A 155 -1.94 2.22 -17.25
N GLY A 1 23.14 -15.78 -19.98
CA GLY A 1 23.43 -15.18 -21.29
C GLY A 1 23.89 -13.74 -21.09
N ASP A 2 23.41 -12.78 -21.90
CA ASP A 2 23.45 -11.36 -21.54
C ASP A 2 22.48 -11.17 -20.37
N SER A 3 23.04 -11.29 -19.16
CA SER A 3 22.34 -11.69 -17.94
C SER A 3 21.43 -12.92 -18.20
N GLU A 4 20.48 -13.15 -17.31
CA GLU A 4 19.30 -13.97 -17.53
C GLU A 4 18.20 -13.34 -16.68
N LEU A 5 16.95 -13.50 -17.10
CA LEU A 5 15.77 -13.12 -16.35
C LEU A 5 15.01 -14.41 -16.07
N THR A 6 15.15 -14.96 -14.87
CA THR A 6 14.39 -16.13 -14.43
C THR A 6 13.92 -15.89 -12.98
N THR A 7 13.05 -16.76 -12.48
CA THR A 7 12.43 -16.68 -11.17
C THR A 7 12.42 -18.09 -10.59
N GLN A 8 13.27 -18.36 -9.60
CA GLN A 8 13.26 -19.60 -8.85
C GLN A 8 13.73 -19.30 -7.44
N ASP A 9 13.28 -20.10 -6.47
CA ASP A 9 13.44 -19.86 -5.04
C ASP A 9 12.99 -18.43 -4.66
N GLY A 10 12.01 -17.90 -5.40
CA GLY A 10 11.46 -16.57 -5.36
C GLY A 10 11.47 -15.93 -6.74
N GLU A 11 10.54 -15.01 -6.96
CA GLU A 11 10.73 -13.84 -7.83
C GLU A 11 11.55 -12.82 -7.04
N ASP A 12 12.15 -11.84 -7.73
CA ASP A 12 13.00 -10.81 -7.12
C ASP A 12 12.16 -9.79 -6.34
N PHE A 13 12.75 -9.21 -5.30
CA PHE A 13 12.16 -8.11 -4.53
C PHE A 13 11.99 -6.84 -5.38
N LYS A 14 12.73 -6.68 -6.47
CA LYS A 14 12.58 -5.54 -7.36
C LYS A 14 11.64 -5.91 -8.51
N SER A 15 11.78 -7.12 -9.06
CA SER A 15 10.96 -7.66 -10.14
C SER A 15 9.48 -7.55 -9.86
N PHE A 16 9.05 -7.79 -8.61
CA PHE A 16 7.62 -7.65 -8.34
C PHE A 16 7.21 -6.17 -8.31
N LEU A 17 8.02 -5.33 -7.67
CA LEU A 17 7.68 -3.98 -7.24
C LEU A 17 7.80 -2.99 -8.41
N ASP A 18 8.87 -3.09 -9.20
CA ASP A 18 9.11 -2.27 -10.39
C ASP A 18 7.91 -2.35 -11.33
N LYS A 19 7.44 -3.59 -11.59
CA LYS A 19 6.28 -3.79 -12.44
C LYS A 19 5.04 -3.20 -11.77
N PHE A 20 4.85 -3.47 -10.48
CA PHE A 20 3.68 -3.03 -9.74
C PHE A 20 3.52 -1.49 -9.83
N THR A 21 4.61 -0.75 -9.63
CA THR A 21 4.60 0.72 -9.77
C THR A 21 4.61 1.22 -11.22
N SER A 22 4.66 0.31 -12.21
CA SER A 22 4.68 0.65 -13.62
C SER A 22 3.56 -0.09 -14.36
N SER A 23 2.46 -0.43 -13.67
CA SER A 23 1.25 -1.00 -14.24
C SER A 23 0.07 -0.62 -13.34
N ALA A 24 -1.14 -0.67 -13.87
CA ALA A 24 -2.37 -0.49 -13.11
C ALA A 24 -3.05 -1.85 -12.96
N ALA A 25 -3.44 -2.45 -14.08
CA ALA A 25 -4.20 -3.70 -14.10
C ALA A 25 -3.42 -4.89 -13.55
N PHE A 26 -2.11 -4.76 -13.37
CA PHE A 26 -1.24 -5.80 -12.84
C PHE A 26 -0.96 -5.63 -11.34
N GLN A 27 -1.40 -4.52 -10.73
CA GLN A 27 -1.32 -4.37 -9.28
C GLN A 27 -2.18 -5.42 -8.59
N TYR A 28 -3.43 -5.57 -9.05
CA TYR A 28 -4.48 -6.32 -8.36
C TYR A 28 -4.12 -7.80 -8.13
N THR A 29 -3.44 -8.44 -9.09
CA THR A 29 -3.01 -9.84 -9.04
C THR A 29 -1.98 -10.09 -7.92
N ARG A 30 -1.37 -9.05 -7.34
CA ARG A 30 -0.10 -9.14 -6.61
C ARG A 30 -0.32 -8.97 -5.10
N VAL A 31 -1.52 -9.33 -4.61
CA VAL A 31 -2.03 -8.99 -3.29
C VAL A 31 -2.83 -10.18 -2.72
N LYS A 32 -2.54 -10.57 -1.48
CA LYS A 32 -3.23 -11.54 -0.61
C LYS A 32 -4.41 -10.83 0.05
N PHE A 33 -5.36 -11.59 0.59
CA PHE A 33 -6.46 -11.08 1.42
C PHE A 33 -6.79 -12.13 2.48
N PRO A 34 -7.56 -11.80 3.54
CA PRO A 34 -7.82 -10.44 4.02
C PRO A 34 -6.50 -9.76 4.40
N LEU A 35 -6.53 -8.45 4.62
CA LEU A 35 -5.35 -7.68 5.01
C LEU A 35 -5.42 -7.38 6.49
N LYS A 36 -4.29 -6.96 7.05
CA LYS A 36 -4.14 -6.87 8.52
C LYS A 36 -4.95 -5.71 9.08
N THR A 37 -4.80 -4.56 8.45
CA THR A 37 -5.41 -3.31 8.92
C THR A 37 -6.64 -2.99 8.07
N PRO A 38 -7.86 -3.51 8.39
CA PRO A 38 -9.09 -3.17 7.67
C PRO A 38 -9.41 -1.67 7.77
N ILE A 39 -10.44 -1.20 7.06
CA ILE A 39 -10.77 0.23 6.96
C ILE A 39 -10.87 0.92 8.33
N THR A 40 -11.53 0.30 9.32
CA THR A 40 -11.72 0.82 10.69
C THR A 40 -12.13 2.31 10.68
N LEU A 41 -13.41 2.53 10.46
CA LEU A 41 -14.04 3.85 10.44
C LEU A 41 -14.87 3.99 11.71
N LEU A 42 -15.43 5.18 11.92
CA LEU A 42 -16.40 5.38 12.99
C LEU A 42 -17.81 5.18 12.45
N ALA A 43 -18.61 4.48 13.25
CA ALA A 43 -20.03 4.30 13.07
C ALA A 43 -20.79 5.64 12.99
N ASP A 44 -22.07 5.59 12.62
CA ASP A 44 -22.97 6.74 12.67
C ASP A 44 -22.98 7.29 14.09
N ASP A 45 -22.98 6.40 15.08
CA ASP A 45 -23.02 6.71 16.52
C ASP A 45 -21.75 7.42 16.98
N GLY A 46 -20.63 7.27 16.25
CA GLY A 46 -19.36 7.88 16.57
C GLY A 46 -18.63 7.27 17.77
N GLU A 47 -19.12 6.14 18.32
CA GLU A 47 -18.45 5.41 19.39
C GLU A 47 -18.37 3.91 19.09
N THR A 48 -18.25 3.54 17.82
CA THR A 48 -18.01 2.16 17.42
C THR A 48 -17.10 2.19 16.18
N GLU A 49 -15.85 1.78 16.35
CA GLU A 49 -14.84 1.55 15.33
C GLU A 49 -15.26 0.32 14.51
N LYS A 50 -16.08 0.50 13.48
CA LYS A 50 -16.57 -0.62 12.67
C LYS A 50 -15.52 -0.93 11.61
N THR A 51 -15.03 -2.17 11.58
CA THR A 51 -14.23 -2.63 10.45
C THR A 51 -15.15 -2.88 9.24
N PHE A 52 -14.54 -3.11 8.09
CA PHE A 52 -15.17 -3.49 6.82
C PHE A 52 -14.19 -4.40 6.07
N PRO A 53 -14.63 -5.15 5.04
CA PRO A 53 -13.72 -5.90 4.19
C PRO A 53 -12.91 -4.93 3.31
N PHE A 54 -11.68 -5.30 3.04
CA PHE A 54 -10.84 -4.62 2.06
C PHE A 54 -10.78 -5.48 0.79
N THR A 55 -11.24 -4.94 -0.33
CA THR A 55 -11.21 -5.58 -1.65
C THR A 55 -10.73 -4.58 -2.72
N LYS A 56 -10.60 -4.99 -3.98
CA LYS A 56 -9.95 -4.20 -5.03
C LYS A 56 -10.73 -2.91 -5.34
N GLU A 57 -12.01 -2.94 -5.00
CA GLU A 57 -12.97 -1.85 -4.95
C GLU A 57 -12.39 -0.60 -4.27
N LYS A 58 -11.52 -0.80 -3.28
CA LYS A 58 -10.78 0.23 -2.56
C LYS A 58 -9.28 -0.07 -2.53
N TRP A 59 -8.73 -0.70 -3.56
CA TRP A 59 -7.30 -0.68 -3.83
C TRP A 59 -6.98 0.58 -4.65
N PRO A 60 -6.71 1.75 -4.03
CA PRO A 60 -6.03 2.80 -4.76
C PRO A 60 -4.73 2.25 -5.34
N LEU A 61 -4.42 2.62 -6.57
CA LEU A 61 -3.17 2.31 -7.22
C LEU A 61 -2.08 3.10 -6.53
N LEU A 62 -0.92 2.47 -6.40
CA LEU A 62 0.28 3.11 -5.88
C LEU A 62 1.20 3.38 -7.06
N ASP A 63 2.08 4.35 -6.91
CA ASP A 63 2.96 4.85 -7.95
C ASP A 63 4.37 5.00 -7.43
N SER A 64 5.26 5.37 -8.33
CA SER A 64 6.68 5.59 -8.05
C SER A 64 6.92 6.86 -7.22
N GLU A 65 5.92 7.70 -7.05
CA GLU A 65 5.96 8.92 -6.25
C GLU A 65 5.48 8.69 -4.81
N THR A 66 4.90 7.53 -4.52
CA THR A 66 4.48 7.05 -3.21
C THR A 66 5.28 5.79 -2.82
N MET A 67 6.26 5.41 -3.62
CA MET A 67 7.08 4.21 -3.45
C MET A 67 8.57 4.56 -3.57
N LYS A 68 9.02 5.63 -2.90
CA LYS A 68 10.43 6.00 -2.84
C LYS A 68 10.99 5.82 -1.42
N GLU A 69 12.31 5.74 -1.26
CA GLU A 69 12.99 5.52 0.02
C GLU A 69 13.77 6.77 0.43
N GLU A 70 13.40 7.46 1.52
CA GLU A 70 14.01 8.73 1.95
C GLU A 70 13.90 8.94 3.47
N ARG A 71 14.59 9.97 3.99
CA ARG A 71 14.44 10.55 5.32
C ARG A 71 14.59 12.07 5.22
N ILE A 72 13.54 12.81 4.82
CA ILE A 72 13.58 14.27 4.81
C ILE A 72 13.52 14.73 6.28
N THR A 73 14.63 15.17 6.85
CA THR A 73 14.66 15.84 8.15
C THR A 73 14.43 17.35 7.91
N GLN A 74 13.39 17.93 8.52
CA GLN A 74 13.14 19.37 8.64
C GLN A 74 13.22 19.76 10.12
N GLU A 75 12.83 20.99 10.46
CA GLU A 75 12.69 21.40 11.85
C GLU A 75 11.25 21.86 12.14
N GLU A 76 10.71 22.68 11.24
CA GLU A 76 9.40 23.33 11.34
C GLU A 76 8.38 22.54 10.49
N GLY A 77 8.42 21.22 10.60
CA GLY A 77 7.68 20.29 9.77
C GLY A 77 7.82 18.84 10.23
N GLY A 78 8.94 18.50 10.88
CA GLY A 78 9.20 17.17 11.40
C GLY A 78 10.19 16.43 10.50
N ILE A 79 10.31 15.13 10.72
CA ILE A 79 11.19 14.25 9.98
C ILE A 79 10.30 13.26 9.23
N TYR A 80 10.16 13.37 7.91
CA TYR A 80 9.34 12.47 7.10
C TYR A 80 10.23 11.29 6.67
N VAL A 81 9.88 10.06 7.05
CA VAL A 81 10.75 8.89 6.96
C VAL A 81 9.97 7.77 6.29
N SER A 82 10.54 7.17 5.25
CA SER A 82 9.87 6.17 4.42
C SER A 82 10.93 5.19 3.96
N LYS A 83 11.16 4.12 4.72
CA LYS A 83 12.17 3.10 4.39
C LYS A 83 11.73 1.76 4.98
N PHE A 84 12.41 0.70 4.59
CA PHE A 84 12.25 -0.63 5.19
C PHE A 84 12.70 -0.60 6.67
N THR A 85 11.78 -0.75 7.63
CA THR A 85 12.07 -0.93 9.05
C THR A 85 12.83 -2.25 9.30
N LEU A 86 12.35 -3.35 8.71
CA LEU A 86 12.79 -4.73 8.90
C LEU A 86 13.91 -5.04 7.90
N ASN A 87 14.73 -6.07 8.15
CA ASN A 87 15.88 -6.43 7.31
C ASN A 87 15.90 -7.93 6.99
N GLU A 88 14.73 -8.56 6.88
CA GLU A 88 14.61 -9.99 6.59
C GLU A 88 14.72 -10.26 5.09
N PRO A 89 15.00 -11.51 4.69
CA PRO A 89 15.03 -11.91 3.29
C PRO A 89 13.62 -11.98 2.69
N LYS A 90 12.70 -12.75 3.27
CA LYS A 90 11.40 -13.03 2.66
C LYS A 90 10.31 -12.05 3.12
N HIS A 91 10.62 -11.00 3.90
CA HIS A 91 9.66 -10.18 4.62
C HIS A 91 10.18 -8.74 4.59
N LYS A 92 9.44 -7.81 4.01
CA LYS A 92 9.86 -6.45 3.70
C LYS A 92 8.68 -5.53 4.02
N ILE A 93 8.73 -4.79 5.11
CA ILE A 93 7.67 -3.81 5.43
C ILE A 93 7.99 -2.51 4.69
N PHE A 94 7.00 -1.70 4.30
CA PHE A 94 7.23 -0.37 3.74
C PHE A 94 6.30 0.61 4.47
N GLU A 95 6.83 1.23 5.52
CA GLU A 95 6.13 2.12 6.43
C GLU A 95 6.61 3.54 6.14
N ALA A 96 5.68 4.47 5.91
CA ALA A 96 5.98 5.83 5.47
C ALA A 96 5.16 6.83 6.31
N GLY A 97 5.84 7.56 7.19
CA GLY A 97 5.21 8.56 8.04
C GLY A 97 6.18 9.61 8.51
N TYR A 98 5.63 10.63 9.15
CA TYR A 98 6.45 11.54 9.93
C TYR A 98 6.92 10.83 11.19
N GLU A 99 8.09 11.22 11.67
CA GLU A 99 8.73 10.63 12.84
C GLU A 99 8.00 11.09 14.11
N GLU A 100 7.32 12.24 14.05
CA GLU A 100 6.57 12.85 15.14
C GLU A 100 5.11 13.12 14.76
N SER A 101 4.59 12.50 13.70
CA SER A 101 3.18 12.51 13.34
C SER A 101 2.76 11.07 13.06
N GLU A 102 1.58 10.91 12.46
CA GLU A 102 1.14 9.64 11.91
C GLU A 102 1.89 9.23 10.63
N VAL A 103 1.56 8.04 10.13
CA VAL A 103 1.87 7.60 8.78
C VAL A 103 0.83 8.10 7.79
N ASP A 104 1.22 8.18 6.52
CA ASP A 104 0.31 8.41 5.39
C ASP A 104 0.13 7.11 4.59
N LEU A 105 1.08 6.15 4.72
CA LEU A 105 1.04 4.85 4.06
C LEU A 105 1.77 3.82 4.93
N ARG A 106 1.24 2.60 5.02
CA ARG A 106 1.95 1.43 5.58
C ARG A 106 1.67 0.23 4.68
N VAL A 107 2.38 -0.89 4.90
CA VAL A 107 2.14 -2.20 4.27
C VAL A 107 3.21 -3.21 4.74
N GLU A 108 2.87 -4.50 4.84
CA GLU A 108 3.86 -5.58 4.87
C GLU A 108 3.84 -6.31 3.52
N PHE A 109 5.02 -6.66 3.02
CA PHE A 109 5.23 -7.52 1.86
C PHE A 109 5.88 -8.80 2.39
N GLU A 110 5.37 -9.99 2.06
CA GLU A 110 5.98 -11.25 2.49
C GLU A 110 5.84 -12.27 1.37
N LEU A 111 6.71 -13.29 1.34
CA LEU A 111 6.68 -14.32 0.31
C LEU A 111 5.79 -15.47 0.75
N GLN A 112 5.21 -16.14 -0.24
CA GLN A 112 4.06 -17.02 -0.07
C GLN A 112 4.46 -18.44 0.20
N ALA A 113 5.36 -18.91 -0.64
CA ALA A 113 5.62 -20.31 -0.77
C ALA A 113 7.07 -20.51 -1.08
N ASP A 114 7.36 -20.13 -2.30
CA ASP A 114 8.74 -20.00 -2.75
C ASP A 114 8.74 -19.25 -4.06
N GLY A 115 7.70 -18.44 -4.23
CA GLY A 115 7.22 -18.17 -5.57
C GLY A 115 6.98 -16.73 -5.88
N LYS A 116 5.71 -16.39 -6.04
CA LYS A 116 5.27 -15.07 -6.49
C LYS A 116 4.83 -14.31 -5.25
N TRP A 117 5.09 -13.01 -5.23
CA TRP A 117 4.83 -12.13 -4.10
C TRP A 117 3.36 -11.72 -4.08
N TYR A 118 2.80 -11.59 -2.88
CA TYR A 118 1.42 -11.22 -2.61
C TYR A 118 1.43 -10.32 -1.37
N VAL A 119 1.21 -9.02 -1.56
CA VAL A 119 1.12 -8.04 -0.48
C VAL A 119 0.04 -8.45 0.52
N VAL A 120 0.28 -8.30 1.81
CA VAL A 120 -0.61 -8.77 2.88
C VAL A 120 -1.16 -7.61 3.73
N ASP A 121 -0.89 -6.35 3.36
CA ASP A 121 -1.47 -5.23 4.09
C ASP A 121 -1.75 -4.00 3.22
N CYS A 122 -2.58 -3.08 3.70
CA CYS A 122 -2.82 -1.77 3.10
C CYS A 122 -3.25 -0.80 4.19
N TYR A 123 -2.41 0.19 4.54
CA TYR A 123 -2.82 1.37 5.30
C TYR A 123 -2.64 2.57 4.38
N THR A 124 -3.51 3.56 4.51
CA THR A 124 -3.54 4.77 3.73
C THR A 124 -4.40 5.80 4.47
N GLY A 125 -4.15 7.09 4.20
CA GLY A 125 -4.98 8.20 4.62
C GLY A 125 -6.35 8.26 3.93
N TRP A 126 -6.63 7.36 2.99
CA TRP A 126 -8.00 7.11 2.53
C TRP A 126 -8.83 6.48 3.65
N TYR A 127 -8.30 5.45 4.31
CA TYR A 127 -9.08 4.52 5.13
C TYR A 127 -8.40 4.34 6.50
N GLY A 128 -7.89 5.41 7.12
CA GLY A 128 -7.12 5.36 8.37
C GLY A 128 -7.61 6.40 9.35
N TYR A 129 -8.76 6.12 9.97
CA TYR A 129 -9.49 6.93 10.95
C TYR A 129 -9.70 8.36 10.45
N ASP A 130 -10.67 8.58 9.56
CA ASP A 130 -11.08 9.93 9.20
C ASP A 130 -12.57 9.90 8.94
N LEU A 131 -13.01 9.21 7.88
CA LEU A 131 -14.38 9.35 7.43
C LEU A 131 -15.26 8.34 8.16
N PRO A 132 -16.51 8.70 8.49
CA PRO A 132 -17.45 7.77 9.08
C PRO A 132 -18.04 6.81 8.04
N ILE A 133 -18.81 5.84 8.53
CA ILE A 133 -19.53 4.81 7.79
C ILE A 133 -20.43 5.37 6.67
N GLY A 134 -20.83 6.64 6.79
CA GLY A 134 -21.66 7.36 5.84
C GLY A 134 -20.83 7.94 4.71
N GLU A 135 -19.79 8.72 5.01
CA GLU A 135 -18.91 9.32 3.98
C GLU A 135 -18.09 8.26 3.24
N LEU A 136 -17.97 7.04 3.79
CA LEU A 136 -17.18 5.94 3.23
C LEU A 136 -17.42 5.78 1.72
N LYS A 137 -18.67 5.87 1.27
CA LYS A 137 -19.05 5.94 -0.16
C LYS A 137 -18.15 6.89 -0.93
N GLN A 138 -18.12 8.16 -0.56
CA GLN A 138 -17.34 9.22 -1.19
C GLN A 138 -15.86 8.83 -1.19
N THR A 139 -15.34 8.29 -0.08
CA THR A 139 -13.95 7.82 0.04
C THR A 139 -13.63 6.74 -1.02
N ILE A 140 -14.59 5.87 -1.36
CA ILE A 140 -14.40 4.85 -2.39
C ILE A 140 -14.57 5.51 -3.77
N GLN A 141 -15.43 6.50 -3.90
CA GLN A 141 -15.59 7.23 -5.14
C GLN A 141 -14.30 7.88 -5.58
N ASN A 142 -13.63 8.55 -4.66
CA ASN A 142 -12.46 9.33 -5.03
C ASN A 142 -11.23 8.44 -5.19
N VAL A 143 -11.21 7.26 -4.57
CA VAL A 143 -10.22 6.24 -4.97
C VAL A 143 -10.28 5.97 -6.49
N LYS A 144 -11.45 6.05 -7.12
CA LYS A 144 -11.54 5.87 -8.57
C LYS A 144 -10.96 7.06 -9.34
N GLU A 145 -10.91 8.30 -8.82
CA GLU A 145 -10.43 9.43 -9.60
C GLU A 145 -8.90 9.43 -9.61
N GLU A 146 -8.26 9.09 -8.48
CA GLU A 146 -6.81 8.95 -8.40
C GLU A 146 -6.34 7.88 -9.37
N ASN A 147 -6.98 6.71 -9.31
CA ASN A 147 -6.64 5.56 -10.14
C ASN A 147 -6.77 5.88 -11.62
N ALA A 148 -7.69 6.78 -11.98
CA ALA A 148 -7.96 7.13 -13.36
C ALA A 148 -6.84 7.96 -13.97
N ALA A 149 -6.19 8.82 -13.17
CA ALA A 149 -5.04 9.58 -13.61
C ALA A 149 -3.87 8.65 -13.84
N PHE A 150 -3.49 7.85 -12.84
CA PHE A 150 -2.31 6.99 -12.96
C PHE A 150 -2.47 6.01 -14.14
N LYS A 151 -3.62 5.32 -14.23
CA LYS A 151 -3.83 4.31 -15.26
C LYS A 151 -3.80 4.89 -16.68
N GLU A 152 -3.95 6.21 -16.84
CA GLU A 152 -3.83 6.88 -18.13
C GLU A 152 -2.45 6.62 -18.73
N ILE A 153 -1.40 6.70 -17.89
CA ILE A 153 0.00 6.56 -18.26
C ILE A 153 0.40 5.09 -18.19
N HIS A 154 0.16 4.44 -17.04
CA HIS A 154 0.59 3.09 -16.75
C HIS A 154 -0.66 2.20 -16.58
N PRO A 155 -1.28 1.78 -17.69
CA PRO A 155 -2.41 0.88 -17.66
C PRO A 155 -1.99 -0.51 -17.20
#